data_5OLC
#
_entry.id   5OLC
#
_cell.length_a   85.840
_cell.length_b   154.070
_cell.length_c   150.870
_cell.angle_alpha   90.00
_cell.angle_beta   104.38
_cell.angle_gamma   90.00
#
_symmetry.space_group_name_H-M   'P 1 21 1'
#
loop_
_entity.id
_entity.type
_entity.pdbx_description
1 polymer 'Galactonate dehydratase'
2 non-polymer 'MAGNESIUM ION'
3 water water
#
_entity_poly.entity_id   1
_entity_poly.type   'polypeptide(L)'
_entity_poly.pdbx_seq_one_letter_code
;MHHHHHHGSKIKKIEPYVISHKLDTPFYFSQWQYDTRKICIVKITLDDGTYGWGEGYGPAAVIKSGIDFFTPFLLGKEAI
GHEVLWQEMYRRSMDYARSGVLQAAISAIDVALWDIKGKLLNLPVSVLLGGVKNPIIEPYATGLYFTRTENLEELLVEEA
LLYKSQGFKATKMKVGLGIEQDLKYIAAIRKAIGPDMRLMIDSNHAYCYKEAIELARKAEKFDISWFEEPVSPEDYDGYK
RLRQNTTIPISGGECEYLKYGFKRLFDKDCVDIAQPDICAAGGLTEVKKIATLAQTYNVDLVPHTWGTWIAISAAVHLVA
NLDKNPGRMYNDLPTMELDRTENALRDEVTLHKIKLENGHLEVPCTPGLGVDVDMDKLEHYLDKEIHKDGATKIRS
;
_entity_poly.pdbx_strand_id   A,B,C,D,E,F,G,H
#
loop_
_chem_comp.id
_chem_comp.type
_chem_comp.name
_chem_comp.formula
MG non-polymer 'MAGNESIUM ION' 'Mg 2'
#
# COMPACT_ATOMS: atom_id res chain seq x y z
N SER A 9 -46.89 14.17 -16.40
CA SER A 9 -47.76 13.30 -15.60
C SER A 9 -47.29 13.18 -14.12
N LYS A 10 -47.80 14.10 -13.28
CA LYS A 10 -47.49 14.29 -11.87
C LYS A 10 -48.07 13.21 -10.92
N ILE A 11 -47.44 13.07 -9.72
CA ILE A 11 -47.82 12.17 -8.63
C ILE A 11 -48.96 12.83 -7.85
N LYS A 12 -50.10 12.14 -7.69
CA LYS A 12 -51.21 12.69 -6.91
C LYS A 12 -51.26 12.06 -5.50
N LYS A 13 -51.04 10.71 -5.38
CA LYS A 13 -51.07 10.04 -4.09
C LYS A 13 -50.14 8.80 -3.94
N ILE A 14 -49.22 8.88 -2.92
CA ILE A 14 -48.32 7.78 -2.51
C ILE A 14 -49.05 7.11 -1.31
N GLU A 15 -49.28 5.78 -1.40
CA GLU A 15 -50.00 5.04 -0.35
C GLU A 15 -49.26 3.82 0.19
N PRO A 16 -48.56 3.97 1.35
CA PRO A 16 -47.88 2.81 1.95
C PRO A 16 -48.83 1.89 2.74
N TYR A 17 -48.68 0.58 2.58
CA TYR A 17 -49.51 -0.40 3.28
C TYR A 17 -48.65 -1.44 3.94
N VAL A 18 -48.83 -1.61 5.27
CA VAL A 18 -48.14 -2.60 6.09
C VAL A 18 -49.07 -3.80 6.15
N ILE A 19 -48.62 -4.93 5.60
CA ILE A 19 -49.46 -6.13 5.57
C ILE A 19 -48.86 -7.19 6.49
N SER A 20 -49.69 -7.76 7.38
CA SER A 20 -49.28 -8.75 8.37
C SER A 20 -49.94 -10.14 8.22
N HIS A 21 -49.21 -11.23 8.58
CA HIS A 21 -49.70 -12.62 8.54
C HIS A 21 -48.81 -13.58 9.36
N LYS A 22 -49.42 -14.36 10.29
CA LYS A 22 -48.73 -15.33 11.16
C LYS A 22 -48.94 -16.75 10.63
N LEU A 23 -47.89 -17.61 10.60
CA LEU A 23 -48.05 -18.98 10.10
C LEU A 23 -47.71 -20.05 11.15
N ASP A 24 -46.40 -20.22 11.46
CA ASP A 24 -45.78 -21.15 12.44
C ASP A 24 -44.24 -21.08 12.38
N ASP A 35 -43.41 -17.05 13.54
CA ASP A 35 -44.33 -16.00 14.01
C ASP A 35 -44.98 -15.22 12.84
N THR A 36 -45.09 -13.87 12.95
CA THR A 36 -45.65 -12.98 11.93
C THR A 36 -44.61 -12.55 10.87
N ARG A 37 -45.09 -12.32 9.62
CA ARG A 37 -44.35 -11.78 8.49
C ARG A 37 -45.01 -10.43 8.25
N LYS A 38 -44.32 -9.34 8.59
CA LYS A 38 -44.83 -7.98 8.40
C LYS A 38 -44.00 -7.31 7.30
N ILE A 39 -44.62 -7.08 6.13
CA ILE A 39 -43.93 -6.41 5.03
C ILE A 39 -44.69 -5.13 4.65
N CYS A 40 -43.96 -4.10 4.22
CA CYS A 40 -44.54 -2.83 3.77
C CYS A 40 -44.47 -2.79 2.24
N ILE A 41 -45.53 -2.25 1.59
CA ILE A 41 -45.73 -2.15 0.13
C ILE A 41 -46.22 -0.69 -0.17
N VAL A 42 -45.96 -0.14 -1.37
CA VAL A 42 -46.44 1.20 -1.79
C VAL A 42 -47.20 1.14 -3.10
N LYS A 43 -48.13 2.10 -3.27
CA LYS A 43 -48.87 2.34 -4.50
C LYS A 43 -48.79 3.85 -4.77
N ILE A 44 -48.04 4.21 -5.82
CA ILE A 44 -47.93 5.60 -6.24
C ILE A 44 -48.90 5.69 -7.40
N THR A 45 -49.82 6.67 -7.33
CA THR A 45 -50.79 6.91 -8.37
C THR A 45 -50.66 8.37 -8.86
N LEU A 46 -50.67 8.51 -10.20
CA LEU A 46 -50.56 9.76 -10.93
C LEU A 46 -51.94 10.43 -11.07
N ASP A 47 -51.94 11.74 -11.44
CA ASP A 47 -53.17 12.52 -11.67
C ASP A 47 -54.12 11.79 -12.64
N ASP A 48 -53.55 11.11 -13.65
CA ASP A 48 -54.23 10.34 -14.70
C ASP A 48 -54.60 8.89 -14.27
N GLY A 49 -54.50 8.58 -12.99
CA GLY A 49 -54.88 7.26 -12.52
C GLY A 49 -53.99 6.09 -12.87
N THR A 50 -52.76 6.39 -13.33
CA THR A 50 -51.74 5.39 -13.59
C THR A 50 -51.13 5.10 -12.23
N TYR A 51 -51.21 3.83 -11.80
CA TYR A 51 -50.61 3.44 -10.54
C TYR A 51 -49.37 2.61 -10.79
N GLY A 52 -48.56 2.46 -9.76
CA GLY A 52 -47.33 1.68 -9.74
C GLY A 52 -47.15 1.07 -8.37
N TRP A 53 -46.83 -0.23 -8.33
CA TRP A 53 -46.63 -0.98 -7.07
C TRP A 53 -45.13 -1.15 -6.72
N GLY A 54 -44.80 -0.87 -5.47
CA GLY A 54 -43.45 -0.95 -4.94
C GLY A 54 -43.37 -1.69 -3.63
N GLU A 55 -42.16 -1.97 -3.17
CA GLU A 55 -41.90 -2.72 -1.95
C GLU A 55 -40.55 -2.30 -1.34
N GLY A 56 -40.54 -2.24 -0.01
CA GLY A 56 -39.36 -1.97 0.80
C GLY A 56 -39.01 -3.19 1.62
N TYR A 57 -37.70 -3.46 1.81
CA TYR A 57 -37.25 -4.63 2.57
C TYR A 57 -36.69 -4.23 3.93
N GLY A 58 -37.24 -4.86 4.98
CA GLY A 58 -36.84 -4.61 6.37
C GLY A 58 -38.01 -4.52 7.33
N PRO A 59 -37.93 -3.68 8.40
CA PRO A 59 -39.07 -3.59 9.35
C PRO A 59 -40.21 -2.71 8.83
N ALA A 60 -41.27 -3.39 8.38
CA ALA A 60 -42.47 -2.83 7.77
C ALA A 60 -42.88 -1.43 8.28
N ALA A 61 -43.31 -1.32 9.54
CA ALA A 61 -43.82 -0.08 10.13
C ALA A 61 -42.81 1.08 10.17
N VAL A 62 -41.49 0.75 10.14
CA VAL A 62 -40.40 1.74 10.13
C VAL A 62 -40.22 2.25 8.71
N ILE A 63 -40.38 1.34 7.72
CA ILE A 63 -40.27 1.68 6.29
C ILE A 63 -41.47 2.55 5.90
N LYS A 64 -42.65 2.21 6.44
CA LYS A 64 -43.91 2.87 6.19
C LYS A 64 -43.86 4.34 6.62
N SER A 65 -43.15 4.64 7.70
CA SER A 65 -43.02 6.01 8.17
C SER A 65 -42.02 6.75 7.31
N GLY A 66 -41.06 6.00 6.76
CA GLY A 66 -40.02 6.50 5.88
C GLY A 66 -40.64 7.07 4.63
N ILE A 67 -41.54 6.27 3.98
CA ILE A 67 -42.29 6.68 2.79
C ILE A 67 -43.04 7.98 3.10
N ASP A 68 -43.74 8.03 4.28
CA ASP A 68 -44.47 9.19 4.79
C ASP A 68 -43.57 10.43 4.90
N PHE A 69 -42.25 10.21 5.18
CA PHE A 69 -41.27 11.29 5.30
C PHE A 69 -41.02 11.97 3.97
N PHE A 70 -40.85 11.18 2.90
CA PHE A 70 -40.60 11.67 1.54
C PHE A 70 -41.83 12.09 0.79
N THR A 71 -43.01 11.58 1.21
CA THR A 71 -44.28 11.83 0.51
C THR A 71 -44.50 13.33 0.31
N PRO A 72 -44.32 14.26 1.29
CA PRO A 72 -44.51 15.70 0.99
C PRO A 72 -43.72 16.27 -0.20
N PHE A 73 -42.43 15.84 -0.39
CA PHE A 73 -41.54 16.33 -1.47
C PHE A 73 -41.61 15.52 -2.78
N LEU A 74 -42.63 14.66 -2.92
CA LEU A 74 -42.80 13.83 -4.12
C LEU A 74 -44.11 14.11 -4.86
N LEU A 75 -45.12 14.60 -4.14
CA LEU A 75 -46.45 14.92 -4.67
C LEU A 75 -46.35 16.15 -5.61
N GLY A 76 -47.03 16.05 -6.75
CA GLY A 76 -47.08 17.10 -7.78
C GLY A 76 -45.85 17.14 -8.69
N LYS A 77 -45.13 16.03 -8.73
CA LYS A 77 -43.93 15.87 -9.51
C LYS A 77 -44.10 14.69 -10.43
N GLU A 78 -43.43 14.76 -11.60
CA GLU A 78 -43.45 13.81 -12.71
C GLU A 78 -42.71 12.51 -12.41
N ALA A 79 -43.38 11.40 -12.67
CA ALA A 79 -42.88 10.05 -12.44
C ALA A 79 -41.87 9.44 -13.50
N ILE A 80 -41.86 9.93 -14.79
CA ILE A 80 -40.92 9.43 -15.82
C ILE A 80 -39.47 9.77 -15.47
N GLY A 81 -39.23 11.02 -15.02
CA GLY A 81 -37.93 11.47 -14.56
C GLY A 81 -37.65 10.97 -13.14
N HIS A 82 -37.71 9.63 -12.95
CA HIS A 82 -37.55 8.90 -11.70
C HIS A 82 -36.27 9.24 -10.95
N GLU A 83 -35.19 9.52 -11.71
CA GLU A 83 -33.89 9.89 -11.14
C GLU A 83 -33.92 11.25 -10.47
N VAL A 84 -34.80 12.17 -10.95
CA VAL A 84 -34.95 13.50 -10.36
C VAL A 84 -35.57 13.34 -8.95
N LEU A 85 -36.47 12.35 -8.81
CA LEU A 85 -37.15 12.04 -7.54
C LEU A 85 -36.18 11.35 -6.60
N TRP A 86 -35.38 10.37 -7.12
CA TRP A 86 -34.37 9.61 -6.36
C TRP A 86 -33.37 10.55 -5.77
N GLN A 87 -32.88 11.50 -6.56
CA GLN A 87 -31.94 12.51 -6.08
C GLN A 87 -32.54 13.49 -5.07
N GLU A 88 -33.85 13.77 -5.16
CA GLU A 88 -34.52 14.65 -4.19
C GLU A 88 -34.57 13.93 -2.85
N MET A 89 -35.04 12.65 -2.84
CA MET A 89 -35.12 11.77 -1.69
C MET A 89 -33.76 11.59 -1.07
N TYR A 90 -32.71 11.44 -1.89
CA TYR A 90 -31.32 11.30 -1.42
C TYR A 90 -30.88 12.58 -0.74
N ARG A 91 -30.95 13.75 -1.43
CA ARG A 91 -30.60 15.06 -0.84
C ARG A 91 -31.29 15.28 0.51
N ARG A 92 -32.55 14.81 0.66
CA ARG A 92 -33.31 14.94 1.89
C ARG A 92 -32.85 13.96 3.00
N SER A 93 -32.58 12.68 2.64
CA SER A 93 -32.25 11.63 3.61
C SER A 93 -30.77 11.39 3.97
N MET A 94 -29.81 11.67 3.04
CA MET A 94 -28.35 11.46 3.16
C MET A 94 -27.74 11.68 4.58
N ASP A 95 -28.03 12.84 5.24
CA ASP A 95 -27.57 13.19 6.60
C ASP A 95 -28.05 12.20 7.69
N TYR A 96 -29.23 11.55 7.47
CA TYR A 96 -29.88 10.62 8.39
C TYR A 96 -30.14 9.21 7.78
N ALA A 97 -29.48 8.86 6.67
CA ALA A 97 -29.70 7.56 6.04
C ALA A 97 -28.40 6.79 5.80
N ARG A 98 -27.87 6.76 4.53
CA ARG A 98 -26.65 6.04 4.13
C ARG A 98 -26.89 4.53 4.01
N SER A 99 -27.59 3.95 5.01
CA SER A 99 -27.97 2.54 5.06
C SER A 99 -29.36 2.38 5.70
N GLY A 100 -29.79 1.13 5.79
CA GLY A 100 -31.02 0.69 6.43
C GLY A 100 -32.36 1.18 5.92
N VAL A 101 -33.21 1.54 6.88
CA VAL A 101 -34.62 1.95 6.83
C VAL A 101 -34.91 3.02 5.76
N LEU A 102 -34.34 4.25 5.82
CA LEU A 102 -34.66 5.27 4.78
C LEU A 102 -34.28 4.84 3.36
N GLN A 103 -33.30 3.90 3.20
CA GLN A 103 -32.92 3.36 1.90
C GLN A 103 -34.01 2.42 1.37
N ALA A 104 -34.67 1.65 2.28
CA ALA A 104 -35.77 0.77 1.90
C ALA A 104 -37.07 1.58 1.59
N ALA A 105 -37.20 2.81 2.17
CA ALA A 105 -38.29 3.74 1.86
C ALA A 105 -38.06 4.26 0.44
N ILE A 106 -36.79 4.70 0.12
CA ILE A 106 -36.35 5.19 -1.21
C ILE A 106 -36.48 4.07 -2.25
N SER A 107 -36.12 2.82 -1.87
CA SER A 107 -36.23 1.62 -2.74
C SER A 107 -37.68 1.37 -3.15
N ALA A 108 -38.59 1.33 -2.14
CA ALA A 108 -40.02 1.09 -2.30
C ALA A 108 -40.66 2.06 -3.29
N ILE A 109 -40.41 3.41 -3.14
CA ILE A 109 -40.88 4.45 -4.07
C ILE A 109 -40.28 4.20 -5.47
N ASP A 110 -38.95 3.95 -5.56
CA ASP A 110 -38.26 3.68 -6.82
C ASP A 110 -38.91 2.55 -7.65
N VAL A 111 -39.07 1.34 -7.07
CA VAL A 111 -39.67 0.17 -7.74
C VAL A 111 -41.08 0.51 -8.29
N ALA A 112 -41.89 1.26 -7.53
CA ALA A 112 -43.21 1.72 -8.00
C ALA A 112 -43.08 2.73 -9.17
N LEU A 113 -42.05 3.61 -9.18
CA LEU A 113 -41.82 4.59 -10.28
C LEU A 113 -41.34 3.90 -11.58
N TRP A 114 -40.83 2.66 -11.44
CA TRP A 114 -40.37 1.81 -12.52
C TRP A 114 -41.54 1.01 -13.05
N ASP A 115 -42.57 0.72 -12.20
CA ASP A 115 -43.80 0.05 -12.62
C ASP A 115 -44.60 1.07 -13.40
N ILE A 116 -44.71 2.32 -12.88
CA ILE A 116 -45.38 3.46 -13.52
C ILE A 116 -44.77 3.68 -14.90
N LYS A 117 -43.45 3.88 -15.00
CA LYS A 117 -42.71 4.13 -16.25
C LYS A 117 -42.94 3.04 -17.26
N GLY A 118 -42.88 1.79 -16.79
CA GLY A 118 -43.14 0.62 -17.61
C GLY A 118 -44.51 0.68 -18.24
N LYS A 119 -45.54 0.93 -17.41
CA LYS A 119 -46.93 1.11 -17.82
C LYS A 119 -47.04 2.31 -18.81
N LEU A 120 -46.66 3.52 -18.34
CA LEU A 120 -46.60 4.83 -19.02
C LEU A 120 -46.06 4.72 -20.46
N LEU A 121 -44.90 4.07 -20.65
CA LEU A 121 -44.24 3.92 -21.96
C LEU A 121 -44.57 2.58 -22.63
N ASN A 122 -45.54 1.84 -22.08
CA ASN A 122 -46.06 0.54 -22.55
C ASN A 122 -44.99 -0.50 -22.88
N LEU A 123 -43.99 -0.62 -22.00
CA LEU A 123 -42.88 -1.56 -22.13
C LEU A 123 -42.55 -2.26 -20.80
N PRO A 124 -42.05 -3.52 -20.78
CA PRO A 124 -41.63 -4.10 -19.48
C PRO A 124 -40.42 -3.33 -18.91
N VAL A 125 -40.12 -3.53 -17.61
CA VAL A 125 -39.01 -2.84 -16.93
C VAL A 125 -37.64 -3.25 -17.51
N SER A 126 -37.43 -4.57 -17.83
CA SER A 126 -36.16 -5.06 -18.38
C SER A 126 -35.76 -4.35 -19.66
N VAL A 127 -36.72 -4.15 -20.58
CA VAL A 127 -36.51 -3.44 -21.84
C VAL A 127 -36.20 -1.96 -21.55
N LEU A 128 -36.86 -1.42 -20.52
CA LEU A 128 -36.68 -0.03 -20.11
C LEU A 128 -35.39 0.22 -19.28
N LEU A 129 -34.72 -0.88 -18.82
CA LEU A 129 -33.46 -0.81 -18.08
C LEU A 129 -32.29 -0.84 -19.10
N GLY A 130 -32.62 -1.18 -20.36
CA GLY A 130 -31.65 -1.25 -21.44
C GLY A 130 -31.87 -2.37 -22.44
N GLY A 131 -32.55 -3.44 -22.01
CA GLY A 131 -32.81 -4.57 -22.88
C GLY A 131 -32.79 -5.93 -22.21
N VAL A 132 -33.66 -6.84 -22.68
CA VAL A 132 -33.73 -8.22 -22.16
C VAL A 132 -32.51 -8.97 -22.71
N LYS A 133 -31.57 -9.28 -21.81
CA LYS A 133 -30.35 -9.99 -22.16
C LYS A 133 -30.59 -11.48 -22.00
N ASN A 134 -31.45 -11.84 -21.02
CA ASN A 134 -31.82 -13.21 -20.66
C ASN A 134 -33.35 -13.33 -20.59
N PRO A 135 -34.01 -13.88 -21.64
CA PRO A 135 -35.47 -13.99 -21.62
C PRO A 135 -35.97 -15.10 -20.69
N ILE A 136 -35.08 -16.02 -20.36
CA ILE A 136 -35.32 -17.16 -19.48
C ILE A 136 -34.25 -17.11 -18.40
N ILE A 137 -34.66 -17.29 -17.14
CA ILE A 137 -33.79 -17.30 -15.97
C ILE A 137 -34.17 -18.55 -15.12
N GLU A 138 -33.18 -19.22 -14.49
CA GLU A 138 -33.43 -20.41 -13.69
C GLU A 138 -33.21 -20.12 -12.19
N PRO A 139 -34.28 -19.76 -11.45
CA PRO A 139 -34.07 -19.38 -10.04
C PRO A 139 -33.81 -20.54 -9.09
N TYR A 140 -33.33 -20.23 -7.88
CA TYR A 140 -33.07 -21.23 -6.85
C TYR A 140 -34.15 -21.20 -5.76
N ALA A 141 -34.43 -22.37 -5.17
CA ALA A 141 -35.43 -22.53 -4.14
C ALA A 141 -34.80 -22.35 -2.75
N THR A 142 -35.31 -21.40 -1.93
CA THR A 142 -34.82 -21.17 -0.56
C THR A 142 -35.70 -21.92 0.46
N GLY A 143 -35.07 -22.74 1.32
CA GLY A 143 -35.76 -23.56 2.31
C GLY A 143 -35.07 -23.74 3.66
N LEU A 144 -35.34 -22.78 4.58
CA LEU A 144 -34.81 -22.73 5.97
C LEU A 144 -35.52 -23.66 6.94
N TYR A 145 -34.87 -23.99 8.09
CA TYR A 145 -35.42 -24.83 9.15
C TYR A 145 -36.23 -23.98 10.15
N LEU A 152 -39.03 -33.48 12.63
CA LEU A 152 -37.78 -32.72 12.76
C LEU A 152 -36.61 -33.35 11.99
N GLU A 153 -35.73 -32.50 11.38
CA GLU A 153 -34.52 -32.82 10.59
C GLU A 153 -34.79 -33.55 9.26
N GLU A 154 -35.52 -34.67 9.28
CA GLU A 154 -35.88 -35.47 8.09
C GLU A 154 -36.88 -34.73 7.19
N LEU A 155 -37.52 -33.67 7.75
CA LEU A 155 -38.48 -32.82 7.04
C LEU A 155 -37.76 -31.96 6.01
N LEU A 156 -36.49 -31.56 6.30
CA LEU A 156 -35.64 -30.76 5.42
C LEU A 156 -35.33 -31.51 4.12
N VAL A 157 -35.06 -32.83 4.23
CA VAL A 157 -34.78 -33.77 3.13
C VAL A 157 -35.98 -33.84 2.17
N GLU A 158 -37.20 -33.90 2.74
CA GLU A 158 -38.46 -33.95 2.00
C GLU A 158 -38.73 -32.66 1.21
N GLU A 159 -38.48 -31.48 1.86
CA GLU A 159 -38.64 -30.14 1.28
C GLU A 159 -37.71 -29.99 0.07
N ALA A 160 -36.48 -30.52 0.18
CA ALA A 160 -35.46 -30.53 -0.87
C ALA A 160 -35.88 -31.42 -2.03
N LEU A 161 -36.34 -32.67 -1.73
CA LEU A 161 -36.80 -33.64 -2.73
C LEU A 161 -37.98 -33.10 -3.53
N LEU A 162 -38.84 -32.28 -2.87
CA LEU A 162 -39.99 -31.61 -3.47
C LEU A 162 -39.50 -30.63 -4.54
N TYR A 163 -38.47 -29.81 -4.21
CA TYR A 163 -37.88 -28.82 -5.11
C TYR A 163 -37.26 -29.46 -6.35
N LYS A 164 -36.50 -30.57 -6.17
CA LYS A 164 -35.89 -31.32 -7.29
C LYS A 164 -36.99 -31.84 -8.23
N SER A 165 -38.10 -32.35 -7.65
CA SER A 165 -39.29 -32.85 -8.35
C SER A 165 -40.02 -31.73 -9.09
N GLN A 166 -40.01 -30.52 -8.50
CA GLN A 166 -40.63 -29.31 -9.07
C GLN A 166 -39.85 -28.71 -10.25
N GLY A 167 -38.71 -29.34 -10.59
CA GLY A 167 -37.86 -28.94 -11.72
C GLY A 167 -36.64 -28.09 -11.39
N PHE A 168 -36.57 -27.50 -10.17
CA PHE A 168 -35.47 -26.64 -9.73
C PHE A 168 -34.09 -27.22 -9.96
N LYS A 169 -33.17 -26.38 -10.47
CA LYS A 169 -31.80 -26.74 -10.82
C LYS A 169 -30.82 -26.47 -9.67
N ALA A 170 -31.26 -25.66 -8.69
CA ALA A 170 -30.47 -25.25 -7.52
C ALA A 170 -31.36 -24.99 -6.31
N THR A 171 -30.79 -25.18 -5.09
CA THR A 171 -31.50 -24.92 -3.85
C THR A 171 -30.59 -24.32 -2.78
N LYS A 172 -31.08 -23.29 -2.06
CA LYS A 172 -30.32 -22.63 -0.98
C LYS A 172 -30.85 -22.98 0.40
N MET A 173 -29.98 -23.60 1.19
CA MET A 173 -30.29 -24.05 2.56
C MET A 173 -29.72 -23.13 3.64
N LYS A 174 -30.44 -23.01 4.77
CA LYS A 174 -30.01 -22.17 5.89
C LYS A 174 -29.20 -22.97 6.88
N VAL A 175 -28.02 -22.43 7.24
CA VAL A 175 -27.07 -23.00 8.19
C VAL A 175 -26.84 -22.00 9.35
N GLY A 176 -26.33 -22.51 10.47
CA GLY A 176 -26.09 -21.73 11.69
C GLY A 176 -26.52 -22.46 12.95
N LEU A 177 -26.89 -23.74 12.80
CA LEU A 177 -27.34 -24.66 13.85
C LEU A 177 -26.16 -25.34 14.57
N GLY A 178 -24.93 -25.00 14.18
CA GLY A 178 -23.69 -25.56 14.71
C GLY A 178 -22.89 -26.24 13.62
N ILE A 179 -21.56 -26.05 13.61
CA ILE A 179 -20.67 -26.62 12.60
C ILE A 179 -20.93 -28.13 12.41
N GLU A 180 -20.94 -28.93 13.50
CA GLU A 180 -21.19 -30.37 13.38
C GLU A 180 -22.63 -30.73 13.02
N GLN A 181 -23.61 -29.88 13.41
CA GLN A 181 -25.03 -30.08 13.12
C GLN A 181 -25.32 -29.83 11.62
N ASP A 182 -24.72 -28.75 11.08
CA ASP A 182 -24.85 -28.34 9.68
C ASP A 182 -24.23 -29.37 8.77
N LEU A 183 -22.96 -29.76 9.00
CA LEU A 183 -22.24 -30.78 8.23
C LEU A 183 -23.00 -32.11 8.17
N LYS A 184 -23.81 -32.40 9.22
CA LYS A 184 -24.66 -33.57 9.33
C LYS A 184 -25.87 -33.44 8.37
N TYR A 185 -26.46 -32.22 8.30
CA TYR A 185 -27.61 -31.90 7.47
C TYR A 185 -27.27 -31.66 5.99
N ILE A 186 -26.12 -30.98 5.72
CA ILE A 186 -25.60 -30.70 4.37
C ILE A 186 -25.32 -32.04 3.67
N ALA A 187 -24.80 -33.02 4.43
CA ALA A 187 -24.53 -34.37 3.96
C ALA A 187 -25.84 -35.07 3.55
N ALA A 188 -26.91 -34.89 4.36
CA ALA A 188 -28.23 -35.49 4.16
C ALA A 188 -28.94 -34.95 2.93
N ILE A 189 -28.93 -33.61 2.74
CA ILE A 189 -29.58 -32.95 1.60
C ILE A 189 -28.86 -33.30 0.30
N ARG A 190 -27.50 -33.30 0.29
CA ARG A 190 -26.69 -33.65 -0.88
C ARG A 190 -26.95 -35.10 -1.30
N LYS A 191 -27.16 -36.02 -0.31
CA LYS A 191 -27.48 -37.43 -0.53
C LYS A 191 -28.84 -37.59 -1.23
N ALA A 192 -29.82 -36.75 -0.83
CA ALA A 192 -31.17 -36.75 -1.40
C ALA A 192 -31.24 -36.17 -2.81
N ILE A 193 -30.69 -34.95 -3.01
CA ILE A 193 -30.70 -34.22 -4.29
C ILE A 193 -29.77 -34.83 -5.35
N GLY A 194 -28.79 -35.62 -4.90
CA GLY A 194 -27.82 -36.25 -5.79
C GLY A 194 -26.73 -35.28 -6.23
N PRO A 195 -25.96 -35.63 -7.27
CA PRO A 195 -24.88 -34.72 -7.71
C PRO A 195 -25.27 -33.66 -8.74
N ASP A 196 -26.36 -33.88 -9.49
CA ASP A 196 -26.79 -33.01 -10.58
C ASP A 196 -27.37 -31.66 -10.15
N MET A 197 -28.01 -31.59 -8.98
CA MET A 197 -28.60 -30.33 -8.51
C MET A 197 -27.61 -29.50 -7.71
N ARG A 198 -27.55 -28.17 -7.98
CA ARG A 198 -26.67 -27.23 -7.25
C ARG A 198 -27.21 -26.96 -5.85
N LEU A 199 -26.32 -26.74 -4.89
CA LEU A 199 -26.69 -26.49 -3.50
C LEU A 199 -25.82 -25.38 -2.89
N MET A 200 -26.47 -24.39 -2.24
CA MET A 200 -25.79 -23.25 -1.59
C MET A 200 -26.14 -23.18 -0.11
N ILE A 201 -25.20 -22.70 0.74
CA ILE A 201 -25.39 -22.57 2.19
C ILE A 201 -25.44 -21.08 2.61
N ASP A 202 -26.36 -20.73 3.54
CA ASP A 202 -26.56 -19.38 4.04
C ASP A 202 -26.49 -19.35 5.57
N SER A 203 -25.44 -18.71 6.10
CA SER A 203 -25.20 -18.59 7.54
C SER A 203 -26.09 -17.57 8.21
N ASN A 204 -26.30 -16.39 7.57
CA ASN A 204 -27.01 -15.22 8.08
C ASN A 204 -26.15 -14.61 9.17
N HIS A 205 -24.84 -14.39 8.85
CA HIS A 205 -23.78 -13.84 9.72
C HIS A 205 -23.77 -14.46 11.14
N ALA A 206 -24.29 -15.71 11.26
CA ALA A 206 -24.38 -16.51 12.48
C ALA A 206 -23.04 -17.18 12.84
N TYR A 207 -22.00 -16.91 12.03
CA TYR A 207 -20.67 -17.46 12.24
C TYR A 207 -19.57 -16.41 12.21
N CYS A 208 -18.45 -16.72 12.89
CA CYS A 208 -17.24 -15.90 12.96
C CYS A 208 -16.23 -16.56 12.04
N TYR A 209 -15.16 -15.83 11.67
CA TYR A 209 -14.12 -16.33 10.76
C TYR A 209 -13.65 -17.77 11.05
N LYS A 210 -13.32 -18.08 12.32
CA LYS A 210 -12.86 -19.43 12.75
C LYS A 210 -13.96 -20.50 12.55
N GLU A 211 -15.22 -20.12 12.81
CA GLU A 211 -16.38 -20.99 12.69
C GLU A 211 -16.77 -21.20 11.21
N ALA A 212 -16.54 -20.15 10.38
CA ALA A 212 -16.86 -20.14 8.96
C ALA A 212 -15.94 -21.05 8.14
N ILE A 213 -14.60 -20.97 8.33
CA ILE A 213 -13.65 -21.84 7.59
C ILE A 213 -13.76 -23.28 8.05
N GLU A 214 -14.11 -23.50 9.34
CA GLU A 214 -14.32 -24.85 9.87
C GLU A 214 -15.44 -25.52 9.06
N LEU A 215 -16.54 -24.78 8.83
CA LEU A 215 -17.71 -25.23 8.06
C LEU A 215 -17.39 -25.32 6.60
N ALA A 216 -16.71 -24.29 6.04
CA ALA A 216 -16.31 -24.22 4.63
C ALA A 216 -15.43 -25.42 4.24
N ARG A 217 -14.27 -25.60 4.92
CA ARG A 217 -13.32 -26.71 4.69
C ARG A 217 -13.97 -28.10 4.77
N LYS A 218 -14.89 -28.28 5.73
CA LYS A 218 -15.59 -29.54 5.94
C LYS A 218 -16.70 -29.79 4.91
N ALA A 219 -17.42 -28.73 4.50
CA ALA A 219 -18.53 -28.81 3.54
C ALA A 219 -18.12 -28.80 2.05
N GLU A 220 -16.83 -28.57 1.77
CA GLU A 220 -16.26 -28.53 0.41
C GLU A 220 -16.60 -29.80 -0.40
N LYS A 221 -16.47 -30.99 0.25
CA LYS A 221 -16.75 -32.32 -0.31
C LYS A 221 -18.17 -32.53 -0.84
N PHE A 222 -19.12 -31.67 -0.42
CA PHE A 222 -20.52 -31.74 -0.82
C PHE A 222 -20.88 -30.82 -2.00
N ASP A 223 -19.84 -30.32 -2.75
CA ASP A 223 -19.96 -29.43 -3.91
C ASP A 223 -20.93 -28.26 -3.64
N ILE A 224 -20.47 -27.28 -2.85
CA ILE A 224 -21.29 -26.12 -2.53
C ILE A 224 -21.06 -25.02 -3.55
N SER A 225 -22.14 -24.58 -4.22
CA SER A 225 -22.10 -23.54 -5.24
C SER A 225 -21.67 -22.18 -4.69
N TRP A 226 -22.07 -21.84 -3.45
CA TRP A 226 -21.63 -20.63 -2.77
C TRP A 226 -22.02 -20.58 -1.28
N PHE A 227 -21.30 -19.75 -0.51
CA PHE A 227 -21.54 -19.51 0.91
C PHE A 227 -22.01 -18.06 1.07
N GLU A 228 -23.32 -17.92 1.39
CA GLU A 228 -24.01 -16.65 1.57
C GLU A 228 -23.87 -16.12 2.99
N GLU A 229 -23.57 -14.81 3.10
CA GLU A 229 -23.36 -14.06 4.35
C GLU A 229 -22.59 -14.91 5.43
N PRO A 230 -21.35 -15.40 5.13
CA PRO A 230 -20.65 -16.28 6.11
C PRO A 230 -20.26 -15.65 7.44
N VAL A 231 -19.87 -14.37 7.45
CA VAL A 231 -19.51 -13.62 8.64
C VAL A 231 -20.30 -12.29 8.68
N SER A 232 -20.06 -11.45 9.70
CA SER A 232 -20.69 -10.15 9.88
C SER A 232 -20.47 -9.25 8.63
N PRO A 233 -21.52 -8.55 8.11
CA PRO A 233 -21.32 -7.65 6.95
C PRO A 233 -20.29 -6.55 7.21
N GLU A 234 -19.87 -6.43 8.47
CA GLU A 234 -18.90 -5.49 9.00
C GLU A 234 -17.48 -6.06 8.98
N ASP A 235 -17.35 -7.41 8.96
CA ASP A 235 -16.09 -8.17 8.94
C ASP A 235 -15.57 -8.35 7.51
N TYR A 236 -15.16 -7.23 6.86
CA TYR A 236 -14.62 -7.27 5.49
C TYR A 236 -13.35 -8.10 5.38
N ASP A 237 -12.42 -7.95 6.36
CA ASP A 237 -11.17 -8.70 6.43
C ASP A 237 -11.44 -10.20 6.61
N GLY A 238 -12.55 -10.52 7.26
CA GLY A 238 -12.97 -11.90 7.48
C GLY A 238 -13.42 -12.57 6.20
N TYR A 239 -14.20 -11.85 5.39
CA TYR A 239 -14.72 -12.27 4.09
C TYR A 239 -13.52 -12.60 3.18
N LYS A 240 -12.61 -11.60 2.99
CA LYS A 240 -11.39 -11.70 2.18
C LYS A 240 -10.55 -12.93 2.53
N ARG A 241 -10.27 -13.14 3.86
CA ARG A 241 -9.50 -14.27 4.39
C ARG A 241 -10.19 -15.60 4.07
N LEU A 242 -11.52 -15.66 4.29
CA LEU A 242 -12.33 -16.85 4.05
C LEU A 242 -12.27 -17.27 2.59
N ARG A 243 -12.34 -16.27 1.69
CA ARG A 243 -12.24 -16.43 0.23
C ARG A 243 -10.87 -17.05 -0.13
N GLN A 244 -9.80 -16.63 0.57
CA GLN A 244 -8.42 -17.11 0.39
C GLN A 244 -8.21 -18.53 0.91
N ASN A 245 -8.96 -18.92 1.97
CA ASN A 245 -8.80 -20.21 2.63
C ASN A 245 -9.84 -21.29 2.24
N THR A 246 -10.84 -20.97 1.37
CA THR A 246 -11.81 -21.96 0.91
C THR A 246 -12.04 -21.89 -0.62
N THR A 247 -12.43 -23.03 -1.20
CA THR A 247 -12.73 -23.16 -2.63
C THR A 247 -14.15 -22.69 -2.94
N ILE A 248 -15.07 -22.83 -1.95
CA ILE A 248 -16.49 -22.43 -2.06
C ILE A 248 -16.62 -20.91 -2.28
N PRO A 249 -17.25 -20.45 -3.39
CA PRO A 249 -17.40 -19.00 -3.63
C PRO A 249 -18.15 -18.28 -2.52
N ILE A 250 -17.70 -17.07 -2.18
CA ILE A 250 -18.22 -16.26 -1.08
C ILE A 250 -19.21 -15.21 -1.58
N SER A 251 -20.44 -15.26 -1.04
CA SER A 251 -21.55 -14.36 -1.34
C SER A 251 -21.76 -13.40 -0.20
N GLY A 252 -22.24 -12.20 -0.54
CA GLY A 252 -22.51 -11.18 0.47
C GLY A 252 -22.95 -9.85 -0.09
N GLY A 253 -23.57 -9.03 0.74
CA GLY A 253 -24.03 -7.72 0.35
C GLY A 253 -25.48 -7.49 0.65
N GLU A 254 -26.20 -8.52 1.21
CA GLU A 254 -27.60 -8.41 1.61
C GLU A 254 -27.76 -7.08 2.34
N CYS A 255 -26.91 -6.88 3.37
CA CYS A 255 -26.83 -5.75 4.29
C CYS A 255 -26.01 -4.55 3.74
N GLU A 256 -25.67 -4.57 2.44
CA GLU A 256 -24.95 -3.45 1.80
C GLU A 256 -25.92 -2.54 1.05
N TYR A 257 -25.76 -1.23 1.25
CA TYR A 257 -26.64 -0.21 0.70
C TYR A 257 -25.88 0.84 -0.10
N LEU A 258 -26.46 1.24 -1.25
CA LEU A 258 -25.98 2.24 -2.20
C LEU A 258 -24.74 1.82 -3.00
N LYS A 259 -24.44 2.61 -4.04
CA LYS A 259 -23.26 2.45 -4.91
C LYS A 259 -21.98 2.59 -4.06
N TYR A 260 -22.02 3.51 -3.08
CA TYR A 260 -20.89 3.80 -2.20
C TYR A 260 -20.55 2.64 -1.29
N GLY A 261 -21.60 1.97 -0.82
CA GLY A 261 -21.48 0.79 0.03
C GLY A 261 -20.89 -0.37 -0.74
N PHE A 262 -21.39 -0.58 -1.97
CA PHE A 262 -20.88 -1.64 -2.81
C PHE A 262 -19.50 -1.39 -3.38
N LYS A 263 -19.08 -0.12 -3.54
CA LYS A 263 -17.72 0.23 -3.99
C LYS A 263 -16.74 -0.19 -2.89
N ARG A 264 -17.06 0.11 -1.60
CA ARG A 264 -16.24 -0.25 -0.45
C ARG A 264 -16.17 -1.77 -0.27
N LEU A 265 -17.25 -2.52 -0.57
CA LEU A 265 -17.23 -3.97 -0.49
C LEU A 265 -16.29 -4.56 -1.55
N PHE A 266 -16.39 -4.05 -2.78
CA PHE A 266 -15.58 -4.50 -3.91
C PHE A 266 -14.10 -4.11 -3.80
N ASP A 267 -13.81 -2.94 -3.16
CA ASP A 267 -12.45 -2.43 -3.00
C ASP A 267 -11.63 -3.34 -2.13
N LYS A 268 -12.31 -4.10 -1.27
CA LYS A 268 -11.67 -5.00 -0.32
C LYS A 268 -11.66 -6.47 -0.78
N ASP A 269 -12.00 -6.74 -2.07
CA ASP A 269 -12.02 -8.09 -2.69
C ASP A 269 -12.71 -9.17 -1.80
N CYS A 270 -13.84 -8.79 -1.16
CA CYS A 270 -14.63 -9.61 -0.21
C CYS A 270 -15.36 -10.77 -0.84
N VAL A 271 -16.19 -10.47 -1.86
CA VAL A 271 -17.08 -11.45 -2.45
C VAL A 271 -16.76 -11.86 -3.89
N ASP A 272 -17.23 -13.07 -4.24
CA ASP A 272 -17.21 -13.67 -5.57
C ASP A 272 -18.54 -13.25 -6.24
N ILE A 273 -19.64 -13.17 -5.44
CA ILE A 273 -21.01 -12.79 -5.86
C ILE A 273 -21.53 -11.70 -4.96
N ALA A 274 -22.01 -10.58 -5.55
CA ALA A 274 -22.60 -9.47 -4.80
C ALA A 274 -24.12 -9.66 -4.79
N GLN A 275 -24.76 -9.58 -3.61
CA GLN A 275 -26.19 -9.83 -3.50
C GLN A 275 -26.98 -8.62 -2.98
N PRO A 276 -27.12 -7.51 -3.76
CA PRO A 276 -27.95 -6.39 -3.25
C PRO A 276 -29.44 -6.71 -3.35
N ASP A 277 -30.23 -6.26 -2.37
CA ASP A 277 -31.68 -6.44 -2.43
C ASP A 277 -32.23 -5.15 -3.03
N ILE A 278 -32.97 -5.26 -4.15
CA ILE A 278 -33.53 -4.11 -4.87
C ILE A 278 -34.33 -3.22 -3.94
N CYS A 279 -35.18 -3.85 -3.10
CA CYS A 279 -36.10 -3.26 -2.12
C CYS A 279 -35.41 -2.67 -0.88
N ALA A 280 -34.09 -2.78 -0.80
CA ALA A 280 -33.32 -2.27 0.34
C ALA A 280 -32.17 -1.32 -0.06
N ALA A 281 -31.33 -1.73 -1.05
CA ALA A 281 -30.11 -1.04 -1.51
C ALA A 281 -30.29 0.34 -2.22
N GLY A 282 -31.51 0.63 -2.68
CA GLY A 282 -31.81 1.88 -3.37
C GLY A 282 -32.71 1.75 -4.59
N GLY A 283 -33.44 0.64 -4.68
CA GLY A 283 -34.38 0.34 -5.75
C GLY A 283 -33.75 -0.15 -7.03
N LEU A 284 -34.52 -0.11 -8.14
CA LEU A 284 -34.01 -0.56 -9.43
C LEU A 284 -32.95 0.38 -9.98
N THR A 285 -33.12 1.71 -9.73
CA THR A 285 -32.17 2.74 -10.14
C THR A 285 -30.84 2.47 -9.53
N GLU A 286 -30.75 2.24 -8.21
CA GLU A 286 -29.44 2.02 -7.59
C GLU A 286 -28.89 0.65 -7.83
N VAL A 287 -29.71 -0.44 -7.76
CA VAL A 287 -29.17 -1.78 -8.06
C VAL A 287 -28.60 -1.82 -9.48
N LYS A 288 -29.16 -1.02 -10.41
CA LYS A 288 -28.59 -0.91 -11.78
C LYS A 288 -27.23 -0.22 -11.71
N LYS A 289 -27.09 0.82 -10.88
CA LYS A 289 -25.81 1.53 -10.72
C LYS A 289 -24.77 0.63 -10.06
N ILE A 290 -25.22 -0.17 -9.07
CA ILE A 290 -24.42 -1.22 -8.39
C ILE A 290 -24.03 -2.28 -9.46
N ALA A 291 -24.91 -2.58 -10.43
CA ALA A 291 -24.63 -3.54 -11.50
C ALA A 291 -23.48 -3.07 -12.42
N THR A 292 -23.40 -1.74 -12.72
CA THR A 292 -22.34 -1.08 -13.49
C THR A 292 -20.99 -1.24 -12.76
N LEU A 293 -21.01 -0.99 -11.44
CA LEU A 293 -19.88 -1.11 -10.55
C LEU A 293 -19.41 -2.55 -10.49
N ALA A 294 -20.33 -3.50 -10.20
CA ALA A 294 -20.04 -4.93 -10.14
C ALA A 294 -19.30 -5.34 -11.39
N GLN A 295 -19.78 -4.87 -12.56
CA GLN A 295 -19.23 -5.09 -13.91
C GLN A 295 -17.80 -4.60 -14.04
N THR A 296 -17.56 -3.33 -13.67
CA THR A 296 -16.24 -2.69 -13.68
C THR A 296 -15.28 -3.50 -12.79
N TYR A 297 -15.72 -3.94 -11.61
CA TYR A 297 -14.92 -4.75 -10.69
C TYR A 297 -14.88 -6.21 -11.08
N ASN A 298 -15.58 -6.60 -12.14
CA ASN A 298 -15.64 -7.98 -12.63
C ASN A 298 -16.06 -9.00 -11.51
N VAL A 299 -17.15 -8.68 -10.81
CA VAL A 299 -17.78 -9.46 -9.74
C VAL A 299 -19.19 -9.74 -10.18
N ASP A 300 -19.64 -11.00 -10.03
CA ASP A 300 -20.99 -11.45 -10.37
C ASP A 300 -22.02 -10.80 -9.47
N LEU A 301 -23.27 -10.66 -9.97
CA LEU A 301 -24.41 -10.10 -9.26
C LEU A 301 -25.59 -11.04 -9.34
N VAL A 302 -26.08 -11.47 -8.17
CA VAL A 302 -27.28 -12.28 -8.04
C VAL A 302 -28.01 -11.49 -6.98
N PRO A 303 -29.14 -10.82 -7.27
CA PRO A 303 -29.77 -10.02 -6.21
C PRO A 303 -30.40 -10.84 -5.09
N HIS A 304 -30.62 -10.19 -3.94
CA HIS A 304 -31.29 -10.82 -2.82
C HIS A 304 -32.77 -10.49 -2.96
N THR A 305 -33.65 -11.52 -2.84
CA THR A 305 -35.12 -11.35 -2.94
C THR A 305 -35.84 -12.17 -1.88
N TRP A 306 -36.58 -11.48 -0.98
CA TRP A 306 -37.32 -12.10 0.11
C TRP A 306 -38.56 -11.29 0.51
N GLY A 307 -39.49 -11.16 -0.43
CA GLY A 307 -40.74 -10.44 -0.23
C GLY A 307 -41.91 -10.98 -1.02
N THR A 308 -42.76 -10.06 -1.54
CA THR A 308 -43.92 -10.43 -2.35
C THR A 308 -43.51 -10.47 -3.82
N TRP A 309 -44.46 -10.63 -4.75
CA TRP A 309 -44.11 -10.64 -6.16
C TRP A 309 -43.76 -9.26 -6.67
N ILE A 310 -44.05 -8.16 -5.89
CA ILE A 310 -43.61 -6.82 -6.30
C ILE A 310 -42.08 -6.83 -6.33
N ALA A 311 -41.46 -7.39 -5.25
CA ALA A 311 -40.02 -7.59 -5.04
C ALA A 311 -39.47 -8.60 -6.03
N ILE A 312 -40.11 -9.80 -6.17
CA ILE A 312 -39.63 -10.82 -7.11
C ILE A 312 -39.61 -10.28 -8.54
N SER A 313 -40.68 -9.57 -8.95
CA SER A 313 -40.80 -8.95 -10.28
C SER A 313 -39.61 -8.04 -10.61
N ALA A 314 -39.24 -7.13 -9.67
CA ALA A 314 -38.11 -6.21 -9.81
C ALA A 314 -36.81 -6.99 -10.11
N ALA A 315 -36.60 -8.15 -9.43
CA ALA A 315 -35.46 -9.04 -9.66
C ALA A 315 -35.58 -9.72 -11.01
N VAL A 316 -36.79 -10.19 -11.39
CA VAL A 316 -37.00 -10.81 -12.71
C VAL A 316 -36.50 -9.86 -13.79
N HIS A 317 -36.95 -8.60 -13.72
CA HIS A 317 -36.59 -7.57 -14.67
C HIS A 317 -35.15 -7.13 -14.55
N LEU A 318 -34.55 -7.22 -13.34
CA LEU A 318 -33.13 -6.84 -13.22
C LEU A 318 -32.20 -7.92 -13.77
N VAL A 319 -32.37 -9.22 -13.40
CA VAL A 319 -31.49 -10.29 -13.92
C VAL A 319 -31.71 -10.45 -15.46
N ALA A 320 -32.90 -10.09 -15.97
CA ALA A 320 -33.16 -10.12 -17.42
C ALA A 320 -32.18 -9.14 -18.09
N ASN A 321 -32.04 -7.91 -17.56
CA ASN A 321 -31.17 -6.83 -18.05
C ASN A 321 -29.69 -7.04 -17.70
N LEU A 322 -29.39 -7.91 -16.72
CA LEU A 322 -28.01 -8.24 -16.31
C LEU A 322 -27.33 -9.04 -17.41
N ASP A 323 -25.98 -8.91 -17.54
CA ASP A 323 -25.13 -9.61 -18.53
C ASP A 323 -23.88 -10.22 -17.89
N LEU A 333 -27.45 -19.48 -18.50
CA LEU A 333 -28.69 -19.11 -17.81
C LEU A 333 -28.48 -18.51 -16.42
N PRO A 334 -28.98 -17.28 -16.15
CA PRO A 334 -28.80 -16.68 -14.81
C PRO A 334 -29.76 -17.23 -13.76
N THR A 335 -29.47 -16.97 -12.46
CA THR A 335 -30.32 -17.35 -11.32
C THR A 335 -30.74 -16.10 -10.51
N MET A 336 -31.77 -16.27 -9.66
CA MET A 336 -32.28 -15.25 -8.75
C MET A 336 -32.92 -15.91 -7.53
N GLU A 337 -33.14 -15.15 -6.44
CA GLU A 337 -33.72 -15.71 -5.23
C GLU A 337 -35.24 -15.87 -5.32
N LEU A 338 -35.69 -17.13 -5.35
CA LEU A 338 -37.11 -17.44 -5.36
C LEU A 338 -37.52 -18.10 -4.04
N ASP A 339 -38.05 -17.28 -3.09
CA ASP A 339 -38.52 -17.72 -1.78
C ASP A 339 -39.64 -18.76 -1.93
N ARG A 340 -39.39 -20.01 -1.49
CA ARG A 340 -40.40 -21.08 -1.63
C ARG A 340 -41.09 -21.46 -0.30
N THR A 341 -40.85 -20.65 0.76
CA THR A 341 -41.43 -20.86 2.09
C THR A 341 -42.93 -20.50 2.09
N GLU A 342 -43.58 -20.64 3.26
CA GLU A 342 -45.00 -20.32 3.44
C GLU A 342 -45.16 -18.81 3.52
N ASN A 343 -45.86 -18.24 2.52
CA ASN A 343 -46.08 -16.80 2.47
C ASN A 343 -47.40 -16.43 1.80
N ALA A 344 -48.39 -16.15 2.64
CA ALA A 344 -49.72 -15.76 2.21
C ALA A 344 -49.73 -14.33 1.69
N LEU A 345 -48.83 -13.45 2.18
CA LEU A 345 -48.79 -12.05 1.70
C LEU A 345 -48.21 -11.98 0.30
N ARG A 346 -47.28 -12.87 0.00
CA ARG A 346 -46.66 -12.98 -1.31
C ARG A 346 -47.61 -13.65 -2.30
N ASP A 347 -48.23 -14.77 -1.91
CA ASP A 347 -49.10 -15.52 -2.82
C ASP A 347 -50.57 -15.04 -2.90
N GLU A 348 -51.08 -14.31 -1.89
CA GLU A 348 -52.46 -13.82 -1.91
C GLU A 348 -52.59 -12.33 -2.20
N VAL A 349 -51.84 -11.47 -1.48
CA VAL A 349 -51.95 -10.02 -1.67
C VAL A 349 -51.42 -9.58 -3.04
N THR A 350 -50.34 -10.22 -3.55
CA THR A 350 -49.76 -9.85 -4.85
C THR A 350 -50.03 -10.88 -5.94
N LEU A 351 -50.42 -10.34 -7.10
CA LEU A 351 -50.77 -11.03 -8.32
C LEU A 351 -49.68 -10.85 -9.38
N HIS A 352 -49.07 -11.96 -9.79
CA HIS A 352 -48.03 -11.98 -10.80
C HIS A 352 -48.55 -12.59 -12.12
N LYS A 353 -47.91 -12.23 -13.24
CA LYS A 353 -48.25 -12.74 -14.57
C LYS A 353 -47.20 -13.79 -15.03
N ILE A 354 -45.98 -13.73 -14.44
CA ILE A 354 -44.80 -14.55 -14.75
C ILE A 354 -45.10 -16.08 -14.68
N LYS A 355 -44.40 -16.86 -15.52
CA LYS A 355 -44.58 -18.29 -15.66
C LYS A 355 -43.34 -19.11 -15.30
N LEU A 356 -43.51 -20.16 -14.49
CA LEU A 356 -42.43 -21.05 -14.07
C LEU A 356 -42.80 -22.52 -14.29
N GLU A 357 -42.04 -23.19 -15.16
CA GLU A 357 -42.24 -24.62 -15.45
C GLU A 357 -40.91 -25.33 -15.67
N ASN A 358 -40.64 -26.33 -14.81
CA ASN A 358 -39.44 -27.17 -14.78
C ASN A 358 -38.16 -26.33 -14.60
N GLY A 359 -38.07 -25.70 -13.43
CA GLY A 359 -36.93 -24.88 -13.01
C GLY A 359 -36.68 -23.58 -13.76
N HIS A 360 -37.32 -23.40 -14.92
CA HIS A 360 -37.13 -22.21 -15.74
C HIS A 360 -38.26 -21.22 -15.61
N LEU A 361 -37.90 -19.96 -15.36
CA LEU A 361 -38.76 -18.79 -15.21
C LEU A 361 -38.66 -18.00 -16.50
N GLU A 362 -39.77 -17.40 -16.95
CA GLU A 362 -39.82 -16.65 -18.20
C GLU A 362 -40.19 -15.21 -17.94
N VAL A 363 -39.29 -14.31 -18.35
CA VAL A 363 -39.43 -12.86 -18.18
C VAL A 363 -40.72 -12.39 -18.87
N PRO A 364 -41.61 -11.63 -18.19
CA PRO A 364 -42.84 -11.15 -18.85
C PRO A 364 -42.59 -9.96 -19.80
N CYS A 365 -43.50 -9.78 -20.77
CA CYS A 365 -43.46 -8.72 -21.79
C CYS A 365 -44.46 -7.61 -21.51
N THR A 366 -45.29 -7.79 -20.46
CA THR A 366 -46.33 -6.88 -19.98
C THR A 366 -45.76 -5.52 -19.53
N PRO A 367 -46.46 -4.38 -19.72
CA PRO A 367 -45.91 -3.07 -19.29
C PRO A 367 -45.69 -2.95 -17.79
N GLY A 368 -44.48 -2.53 -17.41
CA GLY A 368 -44.08 -2.40 -16.02
C GLY A 368 -43.56 -3.71 -15.47
N LEU A 369 -43.63 -3.87 -14.14
CA LEU A 369 -43.15 -5.09 -13.46
C LEU A 369 -43.99 -6.32 -13.80
N GLY A 370 -45.25 -6.09 -14.12
CA GLY A 370 -46.19 -7.15 -14.49
C GLY A 370 -46.87 -7.72 -13.27
N VAL A 371 -47.16 -6.81 -12.31
CA VAL A 371 -47.80 -7.13 -11.03
C VAL A 371 -48.93 -6.21 -10.63
N ASP A 372 -49.88 -6.80 -9.88
CA ASP A 372 -51.02 -6.15 -9.28
C ASP A 372 -51.25 -6.64 -7.84
N VAL A 373 -52.05 -5.89 -7.08
CA VAL A 373 -52.41 -6.20 -5.70
C VAL A 373 -53.94 -6.42 -5.61
N ASP A 374 -54.37 -7.59 -5.07
CA ASP A 374 -55.77 -7.94 -4.82
C ASP A 374 -56.17 -7.04 -3.64
N MET A 375 -56.94 -5.97 -3.92
CA MET A 375 -57.32 -4.96 -2.92
C MET A 375 -58.21 -5.48 -1.77
N ASP A 376 -58.83 -6.68 -1.95
CA ASP A 376 -59.63 -7.32 -0.92
C ASP A 376 -58.72 -8.06 0.05
N LYS A 377 -57.69 -8.77 -0.48
CA LYS A 377 -56.69 -9.47 0.32
C LYS A 377 -55.72 -8.49 0.98
N LEU A 378 -55.62 -7.26 0.41
CA LEU A 378 -54.84 -6.14 0.92
C LEU A 378 -55.57 -5.63 2.17
N GLU A 379 -56.88 -5.30 2.06
CA GLU A 379 -57.71 -4.82 3.20
C GLU A 379 -57.80 -5.84 4.33
N HIS A 380 -57.81 -7.14 3.96
CA HIS A 380 -57.87 -8.24 4.92
C HIS A 380 -56.61 -8.38 5.74
N TYR A 381 -55.43 -8.38 5.09
CA TYR A 381 -54.15 -8.59 5.76
C TYR A 381 -53.50 -7.36 6.38
N LEU A 382 -54.06 -6.15 6.17
CA LEU A 382 -53.58 -4.87 6.73
C LEU A 382 -53.36 -4.89 8.28
N ASP A 383 -52.53 -3.97 8.78
CA ASP A 383 -52.17 -3.85 10.19
C ASP A 383 -52.75 -2.58 10.83
N LYS A 384 -53.02 -2.63 12.17
CA LYS A 384 -53.57 -1.54 12.95
C LYS A 384 -52.50 -0.54 13.46
N SER B 9 48.99 2.56 16.48
CA SER B 9 49.43 1.39 15.73
C SER B 9 48.99 1.54 14.23
N LYS B 10 49.79 2.34 13.48
CA LYS B 10 49.52 2.78 12.11
C LYS B 10 49.88 1.74 11.02
N ILE B 11 49.18 1.82 9.85
CA ILE B 11 49.37 0.95 8.68
C ILE B 11 50.64 1.37 7.95
N LYS B 12 51.53 0.40 7.63
CA LYS B 12 52.73 0.69 6.84
C LYS B 12 52.65 -0.01 5.44
N LYS B 13 52.13 -1.27 5.37
CA LYS B 13 52.06 -1.97 4.09
C LYS B 13 50.88 -2.95 3.90
N ILE B 14 49.95 -2.61 2.97
CA ILE B 14 48.83 -3.47 2.54
C ILE B 14 49.37 -4.26 1.33
N GLU B 15 49.31 -5.62 1.38
CA GLU B 15 49.84 -6.46 0.31
C GLU B 15 48.83 -7.46 -0.26
N PRO B 16 48.19 -7.14 -1.40
CA PRO B 16 47.28 -8.11 -2.04
C PRO B 16 48.00 -9.19 -2.85
N TYR B 17 47.56 -10.45 -2.74
CA TYR B 17 48.17 -11.57 -3.46
C TYR B 17 47.09 -12.36 -4.16
N VAL B 18 47.22 -12.54 -5.49
CA VAL B 18 46.30 -13.33 -6.31
C VAL B 18 46.92 -14.73 -6.40
N ILE B 19 46.22 -15.73 -5.89
CA ILE B 19 46.76 -17.08 -5.89
C ILE B 19 45.92 -17.96 -6.82
N SER B 20 46.59 -18.68 -7.73
CA SER B 20 45.97 -19.52 -8.75
C SER B 20 46.34 -21.02 -8.65
N HIS B 21 45.41 -21.91 -9.07
CA HIS B 21 45.58 -23.37 -9.08
C HIS B 21 44.49 -24.07 -9.93
N LYS B 22 44.90 -24.95 -10.87
CA LYS B 22 43.99 -25.72 -11.74
C LYS B 22 43.90 -27.16 -11.24
N LEU B 23 42.71 -27.78 -11.22
CA LEU B 23 42.57 -29.16 -10.76
C LEU B 23 41.99 -30.11 -11.82
N ASP B 24 40.67 -30.00 -12.10
CA ASP B 24 39.86 -30.75 -13.08
C ASP B 24 38.37 -30.34 -13.03
N ASP B 35 38.39 -26.21 -14.01
CA ASP B 35 39.48 -25.35 -14.48
C ASP B 35 40.31 -24.77 -13.31
N THR B 36 40.67 -23.47 -13.37
CA THR B 36 41.44 -22.75 -12.34
C THR B 36 40.54 -22.15 -11.23
N ARG B 37 41.11 -22.05 -10.00
CA ARG B 37 40.56 -21.39 -8.80
C ARG B 37 41.51 -20.20 -8.63
N LYS B 38 41.01 -18.99 -8.84
CA LYS B 38 41.80 -17.77 -8.70
C LYS B 38 41.16 -16.93 -7.59
N ILE B 39 41.81 -16.87 -6.42
CA ILE B 39 41.30 -16.08 -5.30
C ILE B 39 42.35 -15.01 -4.91
N CYS B 40 41.88 -13.86 -4.43
CA CYS B 40 42.74 -12.77 -3.97
C CYS B 40 42.69 -12.76 -2.44
N ILE B 41 43.85 -12.49 -1.80
CA ILE B 41 44.08 -12.46 -0.33
C ILE B 41 44.88 -11.17 0.01
N VAL B 42 44.73 -10.60 1.23
CA VAL B 42 45.50 -9.42 1.68
C VAL B 42 46.24 -9.67 2.99
N LYS B 43 47.36 -8.95 3.18
CA LYS B 43 48.12 -8.92 4.41
C LYS B 43 48.39 -7.43 4.73
N ILE B 44 47.73 -6.93 5.78
CA ILE B 44 47.93 -5.56 6.24
C ILE B 44 48.88 -5.71 7.37
N THR B 45 49.98 -4.97 7.29
CA THR B 45 51.04 -4.97 8.29
C THR B 45 51.22 -3.51 8.82
N LEU B 46 51.32 -3.40 10.16
CA LEU B 46 51.47 -2.15 10.91
C LEU B 46 52.96 -1.76 11.10
N ASP B 47 53.24 -0.56 11.67
CA ASP B 47 54.61 -0.09 11.90
C ASP B 47 55.41 -1.09 12.76
N ASP B 48 54.74 -1.66 13.78
CA ASP B 48 55.29 -2.62 14.75
C ASP B 48 55.30 -4.09 14.27
N GLY B 49 55.07 -4.30 12.98
CA GLY B 49 55.10 -5.64 12.42
C GLY B 49 53.95 -6.55 12.76
N THR B 50 52.82 -5.98 13.21
CA THR B 50 51.60 -6.72 13.49
C THR B 50 50.94 -6.88 12.14
N TYR B 51 50.72 -8.12 11.74
CA TYR B 51 50.04 -8.36 10.48
C TYR B 51 48.67 -8.90 10.72
N GLY B 52 47.83 -8.84 9.69
CA GLY B 52 46.46 -9.32 9.65
C GLY B 52 46.15 -9.84 8.26
N TRP B 53 45.54 -11.03 8.19
CA TRP B 53 45.17 -11.68 6.93
C TRP B 53 43.68 -11.48 6.57
N GLY B 54 43.43 -11.07 5.33
CA GLY B 54 42.10 -10.83 4.80
C GLY B 54 41.87 -11.52 3.47
N GLU B 55 40.62 -11.53 3.02
CA GLU B 55 40.19 -12.17 1.79
C GLU B 55 38.97 -11.45 1.20
N GLY B 56 38.98 -11.35 -0.13
CA GLY B 56 37.90 -10.78 -0.93
C GLY B 56 37.28 -11.89 -1.77
N TYR B 57 35.96 -11.85 -1.98
CA TYR B 57 35.27 -12.87 -2.78
C TYR B 57 34.83 -12.32 -4.13
N GLY B 58 35.21 -13.01 -5.20
CA GLY B 58 34.87 -12.66 -6.58
C GLY B 58 36.03 -12.81 -7.54
N PRO B 59 36.14 -11.94 -8.59
CA PRO B 59 37.26 -12.07 -9.54
C PRO B 59 38.58 -11.50 -8.99
N ALA B 60 39.45 -12.42 -8.57
CA ALA B 60 40.74 -12.17 -7.95
C ALA B 60 41.46 -10.89 -8.42
N ALA B 61 41.92 -10.85 -9.69
CA ALA B 61 42.70 -9.74 -10.26
C ALA B 61 41.99 -8.38 -10.24
N VAL B 62 40.64 -8.38 -10.21
CA VAL B 62 39.80 -7.19 -10.17
C VAL B 62 39.73 -6.69 -8.75
N ILE B 63 39.66 -7.63 -7.79
CA ILE B 63 39.65 -7.32 -6.34
C ILE B 63 41.04 -6.76 -5.93
N LYS B 64 42.12 -7.34 -6.51
CA LYS B 64 43.49 -6.96 -6.25
C LYS B 64 43.68 -5.47 -6.58
N SER B 65 43.15 -5.03 -7.71
CA SER B 65 43.30 -3.65 -8.13
C SER B 65 42.48 -2.73 -7.24
N GLY B 66 41.38 -3.28 -6.70
CA GLY B 66 40.49 -2.58 -5.79
C GLY B 66 41.23 -2.20 -4.54
N ILE B 67 41.93 -3.19 -3.91
CA ILE B 67 42.76 -2.98 -2.72
C ILE B 67 43.79 -1.89 -3.00
N ASP B 68 44.47 -1.98 -4.18
CA ASP B 68 45.45 -1.03 -4.73
C ASP B 68 44.87 0.41 -4.81
N PHE B 69 43.52 0.50 -5.00
CA PHE B 69 42.82 1.78 -5.11
C PHE B 69 42.72 2.47 -3.77
N PHE B 70 42.35 1.72 -2.71
CA PHE B 70 42.20 2.24 -1.34
C PHE B 70 43.49 2.38 -0.54
N THR B 71 44.56 1.65 -0.95
CA THR B 71 45.84 1.65 -0.26
C THR B 71 46.36 3.07 -0.03
N PRO B 72 46.53 4.01 -1.02
CA PRO B 72 47.03 5.37 -0.70
C PRO B 72 46.32 6.11 0.45
N PHE B 73 44.99 5.94 0.61
CA PHE B 73 44.25 6.63 1.69
C PHE B 73 44.17 5.83 2.98
N LEU B 74 44.90 4.71 3.06
CA LEU B 74 44.92 3.83 4.23
C LEU B 74 46.29 3.80 4.89
N LEU B 75 47.32 4.17 4.15
CA LEU B 75 48.68 4.21 4.66
C LEU B 75 48.84 5.34 5.72
N GLY B 76 49.42 4.99 6.88
CA GLY B 76 49.70 5.90 8.01
C GLY B 76 48.54 6.20 8.95
N LYS B 77 47.50 5.37 8.87
CA LYS B 77 46.28 5.43 9.66
C LYS B 77 46.23 4.21 10.58
N GLU B 78 45.55 4.36 11.72
CA GLU B 78 45.39 3.42 12.83
C GLU B 78 44.43 2.27 12.52
N ALA B 79 44.85 1.04 12.80
CA ALA B 79 44.06 -0.17 12.54
C ALA B 79 42.94 -0.55 13.59
N ILE B 80 43.03 -0.09 14.89
CA ILE B 80 42.01 -0.39 15.93
C ILE B 80 40.68 0.27 15.59
N GLY B 81 40.73 1.54 15.15
CA GLY B 81 39.56 2.29 14.70
C GLY B 81 39.16 1.90 13.29
N HIS B 82 38.93 0.58 13.07
CA HIS B 82 38.61 -0.08 11.80
C HIS B 82 37.44 0.57 11.06
N GLU B 83 36.44 1.08 11.82
CA GLU B 83 35.25 1.73 11.27
C GLU B 83 35.59 3.07 10.63
N VAL B 84 36.65 3.75 11.14
CA VAL B 84 37.11 5.02 10.57
C VAL B 84 37.68 4.76 9.16
N LEU B 85 38.35 3.60 8.98
CA LEU B 85 38.93 3.17 7.71
C LEU B 85 37.83 2.73 6.75
N TRP B 86 36.83 1.95 7.26
CA TRP B 86 35.68 1.44 6.48
C TRP B 86 34.91 2.62 5.91
N GLN B 87 34.65 3.63 6.72
CA GLN B 87 33.98 4.84 6.27
C GLN B 87 34.81 5.67 5.27
N GLU B 88 36.15 5.65 5.37
CA GLU B 88 37.02 6.35 4.42
C GLU B 88 36.91 5.65 3.06
N MET B 89 37.06 4.32 3.04
CA MET B 89 36.93 3.48 1.85
C MET B 89 35.55 3.63 1.23
N TYR B 90 34.50 3.71 2.06
CA TYR B 90 33.14 3.93 1.57
C TYR B 90 33.02 5.30 0.91
N ARG B 91 33.35 6.40 1.63
CA ARG B 91 33.34 7.77 1.09
C ARG B 91 34.13 7.87 -0.23
N ARG B 92 35.30 7.18 -0.30
CA ARG B 92 36.15 7.19 -1.48
C ARG B 92 35.60 6.30 -2.64
N SER B 93 34.60 5.41 -2.40
CA SER B 93 34.08 4.58 -3.50
C SER B 93 32.53 4.43 -3.55
N MET B 94 31.78 5.35 -2.93
CA MET B 94 30.30 5.34 -2.90
C MET B 94 29.65 5.66 -4.27
N ASP B 95 30.42 6.31 -5.16
CA ASP B 95 29.99 6.75 -6.50
C ASP B 95 30.20 5.64 -7.57
N TYR B 96 31.09 4.66 -7.30
CA TYR B 96 31.47 3.60 -8.25
C TYR B 96 31.41 2.16 -7.69
N ALA B 97 30.76 1.94 -6.54
CA ALA B 97 30.67 0.57 -5.98
C ALA B 97 29.22 0.14 -5.75
N ARG B 98 28.70 0.28 -4.51
CA ARG B 98 27.34 -0.13 -4.10
C ARG B 98 27.23 -1.66 -4.03
N SER B 99 27.80 -2.34 -5.05
CA SER B 99 27.86 -3.79 -5.15
C SER B 99 29.18 -4.23 -5.77
N GLY B 100 29.34 -5.55 -5.88
CA GLY B 100 30.45 -6.24 -6.52
C GLY B 100 31.84 -6.07 -6.00
N VAL B 101 32.76 -5.86 -6.96
CA VAL B 101 34.21 -5.77 -6.90
C VAL B 101 34.74 -4.82 -5.81
N LEU B 102 34.44 -3.49 -5.83
CA LEU B 102 34.99 -2.60 -4.79
C LEU B 102 34.52 -2.97 -3.36
N GLN B 103 33.37 -3.68 -3.24
CA GLN B 103 32.85 -4.16 -1.95
C GLN B 103 33.70 -5.31 -1.43
N ALA B 104 34.16 -6.19 -2.35
CA ALA B 104 35.04 -7.30 -2.00
C ALA B 104 36.48 -6.79 -1.67
N ALA B 105 36.86 -5.61 -2.22
CA ALA B 105 38.11 -4.93 -1.92
C ALA B 105 38.01 -4.41 -0.47
N ILE B 106 36.86 -3.74 -0.13
CA ILE B 106 36.58 -3.18 1.22
C ILE B 106 36.45 -4.32 2.22
N SER B 107 35.80 -5.43 1.80
CA SER B 107 35.62 -6.66 2.63
C SER B 107 36.99 -7.24 3.05
N ALA B 108 37.88 -7.51 2.06
CA ALA B 108 39.23 -8.03 2.21
C ALA B 108 40.04 -7.25 3.24
N ILE B 109 40.12 -5.89 3.09
CA ILE B 109 40.81 -5.01 4.05
C ILE B 109 40.17 -5.14 5.44
N ASP B 110 38.82 -5.08 5.54
CA ASP B 110 38.08 -5.20 6.81
C ASP B 110 38.47 -6.47 7.60
N VAL B 111 38.35 -7.68 6.99
CA VAL B 111 38.67 -8.96 7.63
C VAL B 111 40.10 -8.96 8.19
N ALA B 112 41.07 -8.39 7.45
CA ALA B 112 42.46 -8.26 7.92
C ALA B 112 42.58 -7.27 9.11
N LEU B 113 41.77 -6.18 9.16
CA LEU B 113 41.77 -5.21 10.28
C LEU B 113 41.15 -5.79 11.55
N TRP B 114 40.37 -6.87 11.37
CA TRP B 114 39.72 -7.63 12.45
C TRP B 114 40.66 -8.70 12.95
N ASP B 115 41.59 -9.21 12.08
CA ASP B 115 42.63 -10.16 12.48
C ASP B 115 43.71 -9.39 13.25
N ILE B 116 44.06 -8.15 12.81
CA ILE B 116 44.96 -7.21 13.46
C ILE B 116 44.43 -6.90 14.85
N LYS B 117 43.18 -6.41 14.96
CA LYS B 117 42.54 -6.01 16.22
C LYS B 117 42.51 -7.15 17.20
N GLY B 118 42.15 -8.32 16.68
CA GLY B 118 42.12 -9.56 17.44
C GLY B 118 43.45 -9.78 18.11
N LYS B 119 44.54 -9.80 17.29
CA LYS B 119 45.93 -9.95 17.72
C LYS B 119 46.33 -8.84 18.70
N LEU B 120 46.25 -7.56 18.27
CA LEU B 120 46.49 -6.29 18.98
C LEU B 120 45.94 -6.31 20.42
N LEU B 121 44.65 -6.67 20.59
CA LEU B 121 43.98 -6.69 21.90
C LEU B 121 43.99 -8.09 22.54
N ASN B 122 44.76 -9.01 21.97
CA ASN B 122 44.97 -10.39 22.41
C ASN B 122 43.70 -11.17 22.74
N LEU B 123 42.69 -11.04 21.85
CA LEU B 123 41.39 -11.69 21.95
C LEU B 123 40.92 -12.27 20.62
N PRO B 124 40.13 -13.38 20.57
CA PRO B 124 39.58 -13.82 19.27
C PRO B 124 38.59 -12.76 18.72
N VAL B 125 38.25 -12.85 17.42
CA VAL B 125 37.32 -11.92 16.75
C VAL B 125 35.90 -12.01 17.33
N SER B 126 35.42 -13.25 17.61
CA SER B 126 34.07 -13.45 18.18
C SER B 126 33.86 -12.62 19.44
N VAL B 127 34.78 -12.74 20.40
CA VAL B 127 34.73 -12.00 21.66
C VAL B 127 34.77 -10.49 21.41
N LEU B 128 35.55 -10.10 20.41
CA LEU B 128 35.71 -8.70 20.00
C LEU B 128 34.52 -8.14 19.19
N LEU B 129 33.60 -9.04 18.71
CA LEU B 129 32.38 -8.67 17.97
C LEU B 129 31.23 -8.45 19.00
N GLY B 130 31.48 -8.87 20.23
CA GLY B 130 30.51 -8.73 21.32
C GLY B 130 30.45 -9.89 22.29
N GLY B 131 30.86 -11.08 21.85
CA GLY B 131 30.85 -12.27 22.71
C GLY B 131 30.53 -13.56 22.01
N VAL B 132 31.16 -14.67 22.45
CA VAL B 132 30.93 -16.02 21.91
C VAL B 132 29.57 -16.48 22.42
N LYS B 133 28.59 -16.54 21.52
CA LYS B 133 27.23 -16.96 21.85
C LYS B 133 27.12 -18.47 21.65
N ASN B 134 27.88 -19.00 20.67
CA ASN B 134 27.93 -20.40 20.28
C ASN B 134 29.39 -20.87 20.19
N PRO B 135 29.90 -21.56 21.24
CA PRO B 135 31.30 -22.03 21.22
C PRO B 135 31.54 -23.20 20.26
N ILE B 136 30.45 -23.90 19.90
CA ILE B 136 30.45 -25.03 18.98
C ILE B 136 29.42 -24.70 17.91
N ILE B 137 29.79 -24.95 16.65
CA ILE B 137 28.94 -24.76 15.47
C ILE B 137 29.01 -26.05 14.63
N GLU B 138 27.91 -26.45 13.97
CA GLU B 138 27.87 -27.66 13.16
C GLU B 138 27.75 -27.29 11.66
N PRO B 139 28.88 -27.17 10.93
CA PRO B 139 28.78 -26.73 9.52
C PRO B 139 28.26 -27.78 8.55
N TYR B 140 27.89 -27.34 7.34
CA TYR B 140 27.40 -28.24 6.29
C TYR B 140 28.46 -28.43 5.21
N ALA B 141 28.47 -29.63 4.60
CA ALA B 141 29.41 -29.99 3.54
C ALA B 141 28.84 -29.66 2.17
N THR B 142 29.56 -28.83 1.37
CA THR B 142 29.13 -28.46 0.01
C THR B 142 29.82 -29.38 -1.03
N GLY B 143 29.03 -30.01 -1.90
CA GLY B 143 29.51 -30.95 -2.91
C GLY B 143 28.78 -30.95 -4.25
N LEU B 144 29.25 -30.07 -5.16
CA LEU B 144 28.76 -29.87 -6.54
C LEU B 144 29.23 -30.94 -7.53
N TYR B 145 28.51 -31.10 -8.67
CA TYR B 145 28.86 -32.04 -9.74
C TYR B 145 29.84 -31.39 -10.74
N LEU B 152 30.33 -41.42 -13.42
CA LEU B 152 29.28 -40.40 -13.59
C LEU B 152 28.01 -40.69 -12.77
N GLU B 153 27.38 -39.62 -12.18
CA GLU B 153 26.15 -39.63 -11.35
C GLU B 153 26.24 -40.38 -10.01
N GLU B 154 26.70 -41.66 -10.02
CA GLU B 154 26.88 -42.52 -8.83
C GLU B 154 28.03 -42.01 -7.96
N LEU B 155 28.88 -41.11 -8.52
CA LEU B 155 30.02 -40.48 -7.84
C LEU B 155 29.52 -39.50 -6.77
N LEU B 156 28.39 -38.83 -7.04
CA LEU B 156 27.73 -37.87 -6.14
C LEU B 156 27.28 -38.57 -4.84
N VAL B 157 26.71 -39.79 -4.97
CA VAL B 157 26.22 -40.65 -3.88
C VAL B 157 27.39 -41.00 -2.94
N GLU B 158 28.57 -41.33 -3.51
CA GLU B 158 29.78 -41.68 -2.79
C GLU B 158 30.33 -40.49 -1.98
N GLU B 159 30.37 -39.29 -2.61
CA GLU B 159 30.82 -38.04 -2.00
C GLU B 159 29.94 -37.70 -0.77
N ALA B 160 28.61 -37.94 -0.90
CA ALA B 160 27.62 -37.73 0.15
C ALA B 160 27.82 -38.71 1.30
N LEU B 161 27.98 -40.02 0.97
CA LEU B 161 28.19 -41.09 1.96
C LEU B 161 29.46 -40.86 2.78
N LEU B 162 30.48 -40.26 2.14
CA LEU B 162 31.76 -39.87 2.74
C LEU B 162 31.50 -38.82 3.84
N TYR B 163 30.69 -37.79 3.51
CA TYR B 163 30.33 -36.71 4.42
C TYR B 163 29.56 -37.21 5.64
N LYS B 164 28.57 -38.11 5.45
CA LYS B 164 27.79 -38.71 6.55
C LYS B 164 28.73 -39.48 7.49
N SER B 165 29.69 -40.24 6.91
CA SER B 165 30.72 -41.03 7.61
C SER B 165 31.69 -40.12 8.36
N GLN B 166 31.97 -38.91 7.79
CA GLN B 166 32.86 -37.90 8.37
C GLN B 166 32.23 -37.14 9.56
N GLY B 167 30.99 -37.49 9.90
CA GLY B 167 30.26 -36.93 11.02
C GLY B 167 29.27 -35.82 10.72
N PHE B 168 29.35 -35.20 9.52
CA PHE B 168 28.48 -34.09 9.08
C PHE B 168 27.02 -34.33 9.32
N LYS B 169 26.32 -33.31 9.84
CA LYS B 169 24.89 -33.38 10.18
C LYS B 169 24.01 -32.86 9.03
N ALA B 170 24.62 -32.16 8.07
CA ALA B 170 23.95 -31.56 6.91
C ALA B 170 24.88 -31.49 5.70
N THR B 171 24.29 -31.53 4.49
CA THR B 171 25.04 -31.41 3.24
C THR B 171 24.28 -30.61 2.18
N LYS B 172 25.00 -29.72 1.46
CA LYS B 172 24.42 -28.87 0.41
C LYS B 172 24.84 -29.31 -0.99
N MET B 173 23.85 -29.71 -1.79
CA MET B 173 24.05 -30.18 -3.16
C MET B 173 23.71 -29.13 -4.22
N LYS B 174 24.44 -29.16 -5.35
CA LYS B 174 24.20 -28.23 -6.45
C LYS B 174 23.22 -28.81 -7.46
N VAL B 175 22.20 -28.00 -7.81
CA VAL B 175 21.15 -28.34 -8.77
C VAL B 175 21.15 -27.30 -9.91
N GLY B 176 20.56 -27.66 -11.05
CA GLY B 176 20.51 -26.84 -12.25
C GLY B 176 20.75 -27.63 -13.52
N LEU B 177 20.81 -28.96 -13.38
CA LEU B 177 21.04 -29.94 -14.44
C LEU B 177 19.72 -30.32 -15.17
N GLY B 178 18.60 -29.71 -14.76
CA GLY B 178 17.27 -29.95 -15.30
C GLY B 178 16.33 -30.46 -14.23
N ILE B 179 15.07 -29.97 -14.21
CA ILE B 179 14.08 -30.34 -13.19
C ILE B 179 13.98 -31.88 -13.02
N GLU B 180 13.81 -32.63 -14.12
CA GLU B 180 13.71 -34.09 -14.02
C GLU B 180 15.04 -34.78 -13.69
N GLN B 181 16.18 -34.16 -14.07
CA GLN B 181 17.53 -34.69 -13.80
C GLN B 181 17.88 -34.53 -12.31
N ASP B 182 17.53 -33.36 -11.73
CA ASP B 182 17.76 -33.02 -10.33
C ASP B 182 16.94 -33.90 -9.44
N LEU B 183 15.60 -33.99 -9.67
CA LEU B 183 14.67 -34.84 -8.91
C LEU B 183 15.12 -36.31 -8.88
N LYS B 184 15.84 -36.75 -9.94
CA LYS B 184 16.42 -38.09 -10.08
C LYS B 184 17.63 -38.23 -9.12
N TYR B 185 18.46 -37.18 -9.03
CA TYR B 185 19.67 -37.14 -8.19
C TYR B 185 19.38 -36.85 -6.71
N ILE B 186 18.41 -35.95 -6.42
CA ILE B 186 17.99 -35.58 -5.06
C ILE B 186 17.42 -36.84 -4.39
N ALA B 187 16.69 -37.67 -5.18
CA ALA B 187 16.12 -38.92 -4.72
C ALA B 187 17.23 -39.91 -4.32
N ALA B 188 18.31 -39.96 -5.14
CA ALA B 188 19.46 -40.84 -4.94
C ALA B 188 20.27 -40.50 -3.68
N ILE B 189 20.57 -39.20 -3.48
CA ILE B 189 21.35 -38.70 -2.34
C ILE B 189 20.56 -38.89 -1.04
N ARG B 190 19.25 -38.59 -1.04
CA ARG B 190 18.38 -38.76 0.12
C ARG B 190 18.30 -40.24 0.53
N LYS B 191 18.29 -41.16 -0.46
CA LYS B 191 18.28 -42.62 -0.25
C LYS B 191 19.57 -43.07 0.45
N ALA B 192 20.72 -42.48 0.08
CA ALA B 192 22.03 -42.80 0.64
C ALA B 192 22.22 -42.26 2.06
N ILE B 193 21.95 -40.96 2.28
CA ILE B 193 22.12 -40.27 3.56
C ILE B 193 21.04 -40.66 4.60
N GLY B 194 19.92 -41.19 4.14
CA GLY B 194 18.81 -41.57 5.00
C GLY B 194 17.98 -40.37 5.44
N PRO B 195 17.12 -40.50 6.45
CA PRO B 195 16.30 -39.35 6.88
C PRO B 195 16.90 -38.44 7.96
N ASP B 196 17.88 -38.95 8.72
CA ASP B 196 18.49 -38.24 9.85
C ASP B 196 19.40 -37.08 9.45
N MET B 197 20.06 -37.15 8.29
CA MET B 197 20.94 -36.08 7.83
C MET B 197 20.18 -35.02 7.03
N ARG B 198 20.43 -33.72 7.33
CA ARG B 198 19.79 -32.60 6.62
C ARG B 198 20.40 -32.44 5.22
N LEU B 199 19.57 -32.03 4.25
CA LEU B 199 20.00 -31.85 2.86
C LEU B 199 19.40 -30.57 2.27
N MET B 200 20.25 -29.74 1.64
CA MET B 200 19.85 -28.47 1.02
C MET B 200 20.21 -28.45 -0.47
N ILE B 201 19.41 -27.75 -1.31
CA ILE B 201 19.61 -27.63 -2.76
C ILE B 201 20.00 -26.20 -3.16
N ASP B 202 20.97 -26.06 -4.08
CA ASP B 202 21.47 -24.77 -4.55
C ASP B 202 21.42 -24.68 -6.09
N SER B 203 20.54 -23.82 -6.61
CA SER B 203 20.33 -23.63 -8.04
C SER B 203 21.43 -22.83 -8.70
N ASN B 204 21.90 -21.74 -8.04
CA ASN B 204 22.87 -20.76 -8.53
C ASN B 204 22.16 -19.94 -9.61
N HIS B 205 20.94 -19.43 -9.28
CA HIS B 205 20.02 -18.63 -10.13
C HIS B 205 19.87 -19.21 -11.57
N ALA B 206 20.11 -20.55 -11.71
CA ALA B 206 20.02 -21.32 -12.95
C ALA B 206 18.56 -21.66 -13.31
N TYR B 207 17.61 -21.19 -12.49
CA TYR B 207 16.19 -21.43 -12.71
C TYR B 207 15.35 -20.16 -12.65
N CYS B 208 14.19 -20.19 -13.32
CA CYS B 208 13.20 -19.11 -13.38
C CYS B 208 12.07 -19.53 -12.45
N TYR B 209 11.18 -18.59 -12.07
CA TYR B 209 10.08 -18.86 -11.16
C TYR B 209 9.28 -20.15 -11.48
N LYS B 210 8.89 -20.37 -12.75
CA LYS B 210 8.13 -21.55 -13.19
C LYS B 210 8.96 -22.84 -13.01
N GLU B 211 10.27 -22.77 -13.27
CA GLU B 211 11.21 -23.88 -13.16
C GLU B 211 11.55 -24.19 -11.71
N ALA B 212 11.55 -23.14 -10.85
CA ALA B 212 11.86 -23.22 -9.43
C ALA B 212 10.77 -23.90 -8.63
N ILE B 213 9.47 -23.51 -8.81
CA ILE B 213 8.35 -24.16 -8.09
C ILE B 213 8.14 -25.58 -8.58
N GLU B 214 8.42 -25.86 -9.87
CA GLU B 214 8.32 -27.21 -10.43
C GLU B 214 9.26 -28.13 -9.64
N LEU B 215 10.52 -27.68 -9.40
CA LEU B 215 11.51 -28.42 -8.63
C LEU B 215 11.14 -28.45 -7.17
N ALA B 216 10.79 -27.27 -6.58
CA ALA B 216 10.40 -27.15 -5.18
C ALA B 216 9.28 -28.13 -4.82
N ARG B 217 8.11 -28.04 -5.50
CA ARG B 217 6.95 -28.91 -5.31
C ARG B 217 7.27 -30.41 -5.41
N LYS B 218 8.13 -30.77 -6.37
CA LYS B 218 8.52 -32.15 -6.60
C LYS B 218 9.55 -32.67 -5.57
N ALA B 219 10.49 -31.80 -5.13
CA ALA B 219 11.55 -32.14 -4.19
C ALA B 219 11.15 -32.07 -2.71
N GLU B 220 9.93 -31.56 -2.41
CA GLU B 220 9.39 -31.42 -1.05
C GLU B 220 9.41 -32.73 -0.26
N LYS B 221 9.02 -33.85 -0.92
CA LYS B 221 8.98 -35.22 -0.39
C LYS B 221 10.34 -35.74 0.13
N PHE B 222 11.45 -35.12 -0.27
CA PHE B 222 12.80 -35.51 0.13
C PHE B 222 13.34 -34.72 1.32
N ASP B 223 12.45 -34.01 2.07
CA ASP B 223 12.78 -33.19 3.24
C ASP B 223 13.98 -32.27 2.99
N ILE B 224 13.74 -31.19 2.22
CA ILE B 224 14.82 -30.25 1.91
C ILE B 224 14.84 -29.15 2.95
N SER B 225 15.99 -28.98 3.62
CA SER B 225 16.18 -27.98 4.66
C SER B 225 16.07 -26.55 4.14
N TRP B 226 16.54 -26.28 2.91
CA TRP B 226 16.39 -24.99 2.24
C TRP B 226 16.79 -25.02 0.77
N PHE B 227 16.26 -24.04 -0.01
CA PHE B 227 16.56 -23.82 -1.41
C PHE B 227 17.35 -22.51 -1.55
N GLU B 228 18.65 -22.65 -1.86
CA GLU B 228 19.62 -21.57 -2.03
C GLU B 228 19.60 -21.01 -3.43
N GLU B 229 19.61 -19.66 -3.53
CA GLU B 229 19.56 -18.86 -4.75
C GLU B 229 18.63 -19.49 -5.84
N PRO B 230 17.32 -19.69 -5.56
CA PRO B 230 16.44 -20.37 -6.55
C PRO B 230 16.21 -19.64 -7.87
N VAL B 231 16.12 -18.30 -7.84
CA VAL B 231 15.93 -17.46 -9.03
C VAL B 231 16.99 -16.35 -9.04
N SER B 232 16.93 -15.45 -10.03
CA SER B 232 17.85 -14.32 -10.17
C SER B 232 17.84 -13.44 -8.91
N PRO B 233 19.03 -13.01 -8.36
CA PRO B 233 19.03 -12.12 -7.18
C PRO B 233 18.28 -10.79 -7.39
N GLU B 234 17.90 -10.55 -8.64
CA GLU B 234 17.19 -9.39 -9.13
C GLU B 234 15.67 -9.61 -9.14
N ASP B 235 15.24 -10.90 -9.17
CA ASP B 235 13.84 -11.35 -9.17
C ASP B 235 13.28 -11.44 -7.74
N TYR B 236 13.14 -10.28 -7.06
CA TYR B 236 12.62 -10.23 -5.69
C TYR B 236 11.18 -10.76 -5.60
N ASP B 237 10.32 -10.38 -6.58
CA ASP B 237 8.94 -10.82 -6.66
C ASP B 237 8.85 -12.33 -6.87
N GLY B 238 9.86 -12.90 -7.52
CA GLY B 238 9.96 -14.33 -7.79
C GLY B 238 10.24 -15.10 -6.53
N TYR B 239 11.17 -14.59 -5.69
CA TYR B 239 11.56 -15.15 -4.39
C TYR B 239 10.32 -15.22 -3.49
N LYS B 240 9.66 -14.05 -3.29
CA LYS B 240 8.44 -13.90 -2.47
C LYS B 240 7.35 -14.88 -2.86
N ARG B 241 7.05 -15.01 -4.19
CA ARG B 241 6.04 -15.91 -4.74
C ARG B 241 6.40 -17.37 -4.45
N LEU B 242 7.68 -17.72 -4.69
CA LEU B 242 8.20 -19.08 -4.47
C LEU B 242 8.05 -19.49 -3.01
N ARG B 243 8.33 -18.56 -2.08
CA ARG B 243 8.19 -18.73 -0.64
C ARG B 243 6.72 -19.03 -0.28
N GLN B 244 5.78 -18.36 -0.98
CA GLN B 244 4.33 -18.50 -0.80
C GLN B 244 3.81 -19.83 -1.36
N ASN B 245 4.44 -20.37 -2.42
CA ASN B 245 4.00 -21.58 -3.10
C ASN B 245 4.76 -22.88 -2.74
N THR B 246 5.80 -22.81 -1.88
CA THR B 246 6.51 -24.01 -1.42
C THR B 246 6.73 -24.02 0.12
N THR B 247 6.87 -25.24 0.67
CA THR B 247 7.12 -25.46 2.09
C THR B 247 8.62 -25.34 2.40
N ILE B 248 9.50 -25.65 1.42
CA ILE B 248 10.97 -25.60 1.53
C ILE B 248 11.43 -24.15 1.78
N PRO B 249 12.16 -23.87 2.89
CA PRO B 249 12.62 -22.49 3.15
C PRO B 249 13.53 -21.93 2.06
N ILE B 250 13.36 -20.63 1.76
CA ILE B 250 14.07 -19.96 0.67
C ILE B 250 15.25 -19.16 1.19
N SER B 251 16.45 -19.48 0.65
CA SER B 251 17.74 -18.85 0.96
C SER B 251 18.15 -17.93 -0.17
N GLY B 252 18.88 -16.87 0.17
CA GLY B 252 19.37 -15.92 -0.82
C GLY B 252 20.09 -14.74 -0.22
N GLY B 253 20.89 -14.07 -1.03
CA GLY B 253 21.66 -12.92 -0.58
C GLY B 253 23.14 -13.07 -0.82
N GLU B 254 23.57 -14.17 -1.54
CA GLU B 254 24.97 -14.40 -1.91
C GLU B 254 25.46 -13.14 -2.63
N CYS B 255 24.70 -12.73 -3.67
CA CYS B 255 24.90 -11.60 -4.58
C CYS B 255 24.41 -10.25 -4.02
N GLU B 256 24.07 -10.20 -2.71
CA GLU B 256 23.60 -8.97 -2.04
C GLU B 256 24.70 -8.28 -1.21
N TYR B 257 24.85 -6.97 -1.40
CA TYR B 257 25.92 -6.19 -0.80
C TYR B 257 25.43 -5.02 0.00
N LEU B 258 25.95 -4.90 1.22
CA LEU B 258 25.72 -3.84 2.20
C LEU B 258 24.40 -3.96 2.93
N LYS B 259 24.36 -3.24 4.07
CA LYS B 259 23.21 -3.11 4.96
C LYS B 259 22.03 -2.60 4.12
N TYR B 260 22.30 -1.59 3.21
CA TYR B 260 21.33 -0.96 2.32
C TYR B 260 20.77 -1.98 1.37
N GLY B 261 21.64 -2.87 0.92
CA GLY B 261 21.27 -3.96 0.03
C GLY B 261 20.33 -4.89 0.74
N PHE B 262 20.76 -5.40 1.90
CA PHE B 262 20.00 -6.34 2.71
C PHE B 262 18.68 -5.82 3.27
N LYS B 263 18.56 -4.51 3.48
CA LYS B 263 17.31 -3.87 3.94
C LYS B 263 16.26 -4.05 2.86
N ARG B 264 16.65 -3.87 1.58
CA ARG B 264 15.77 -4.02 0.44
C ARG B 264 15.33 -5.49 0.34
N LEU B 265 16.26 -6.47 0.42
CA LEU B 265 15.91 -7.89 0.35
C LEU B 265 14.92 -8.32 1.45
N PHE B 266 15.02 -7.72 2.64
CA PHE B 266 14.13 -8.02 3.76
C PHE B 266 12.79 -7.28 3.66
N ASP B 267 12.78 -6.06 3.05
CA ASP B 267 11.58 -5.24 2.90
C ASP B 267 10.57 -5.89 2.02
N LYS B 268 11.03 -6.79 1.14
CA LYS B 268 10.19 -7.49 0.19
C LYS B 268 9.86 -8.92 0.62
N ASP B 269 10.12 -9.30 1.88
CA ASP B 269 9.83 -10.64 2.46
C ASP B 269 10.26 -11.83 1.55
N CYS B 270 11.46 -11.70 0.92
CA CYS B 270 12.04 -12.65 -0.03
C CYS B 270 12.50 -13.97 0.57
N VAL B 271 13.36 -13.89 1.59
CA VAL B 271 14.02 -15.06 2.16
C VAL B 271 13.61 -15.42 3.59
N ASP B 272 13.80 -16.70 3.92
CA ASP B 272 13.65 -17.30 5.23
C ASP B 272 15.04 -17.22 5.91
N ILE B 273 16.12 -17.36 5.10
CA ILE B 273 17.56 -17.30 5.51
C ILE B 273 18.31 -16.34 4.61
N ALA B 274 19.03 -15.35 5.22
CA ALA B 274 19.86 -14.39 4.48
C ALA B 274 21.30 -14.92 4.46
N GLN B 275 21.93 -14.98 3.28
CA GLN B 275 23.28 -15.54 3.15
C GLN B 275 24.32 -14.53 2.65
N PRO B 276 24.72 -13.50 3.46
CA PRO B 276 25.76 -12.59 2.99
C PRO B 276 27.15 -13.24 3.07
N ASP B 277 28.03 -12.96 2.10
CA ASP B 277 29.40 -13.47 2.16
C ASP B 277 30.23 -12.35 2.79
N ILE B 278 30.91 -12.65 3.92
CA ILE B 278 31.70 -11.67 4.67
C ILE B 278 32.71 -10.97 3.76
N CYS B 279 33.39 -11.76 2.91
CA CYS B 279 34.42 -11.39 1.95
C CYS B 279 33.89 -10.64 0.72
N ALA B 280 32.57 -10.45 0.63
CA ALA B 280 31.96 -9.76 -0.51
C ALA B 280 31.03 -8.58 -0.11
N ALA B 281 30.08 -8.82 0.85
CA ALA B 281 29.06 -7.88 1.32
C ALA B 281 29.57 -6.61 2.11
N GLY B 282 30.82 -6.58 2.57
CA GLY B 282 31.39 -5.44 3.31
C GLY B 282 32.24 -5.77 4.53
N GLY B 283 32.71 -7.02 4.59
CA GLY B 283 33.55 -7.55 5.66
C GLY B 283 32.81 -7.92 6.92
N LEU B 284 33.57 -8.08 8.03
CA LEU B 284 32.99 -8.42 9.32
C LEU B 284 32.16 -7.28 9.89
N THR B 285 32.63 -6.02 9.68
CA THR B 285 31.95 -4.79 10.10
C THR B 285 30.57 -4.74 9.48
N GLU B 286 30.45 -4.92 8.15
CA GLU B 286 29.13 -4.83 7.54
C GLU B 286 28.28 -6.04 7.76
N VAL B 287 28.82 -7.29 7.66
CA VAL B 287 27.98 -8.48 7.92
C VAL B 287 27.41 -8.41 9.36
N LYS B 288 28.15 -7.77 10.31
CA LYS B 288 27.62 -7.56 11.68
C LYS B 288 26.43 -6.58 11.62
N LYS B 289 26.54 -5.52 10.80
CA LYS B 289 25.47 -4.54 10.67
C LYS B 289 24.23 -5.18 9.99
N ILE B 290 24.49 -6.03 8.98
CA ILE B 290 23.48 -6.85 8.29
C ILE B 290 22.86 -7.82 9.35
N ALA B 291 23.66 -8.31 10.31
CA ALA B 291 23.16 -9.21 11.36
C ALA B 291 22.14 -8.53 12.28
N THR B 292 22.36 -7.23 12.59
CA THR B 292 21.47 -6.35 13.40
C THR B 292 20.12 -6.18 12.67
N LEU B 293 20.19 -5.92 11.35
CA LEU B 293 19.06 -5.76 10.45
C LEU B 293 18.29 -7.06 10.37
N ALA B 294 18.97 -8.19 10.06
CA ALA B 294 18.36 -9.51 9.96
C ALA B 294 17.55 -9.77 11.21
N GLN B 295 18.14 -9.43 12.40
CA GLN B 295 17.54 -9.56 13.74
C GLN B 295 16.27 -8.76 13.88
N THR B 296 16.32 -7.48 13.54
CA THR B 296 15.19 -6.56 13.57
C THR B 296 14.04 -7.11 12.69
N TYR B 297 14.37 -7.61 11.48
CA TYR B 297 13.41 -8.19 10.54
C TYR B 297 13.04 -9.62 10.91
N ASN B 298 13.67 -10.18 11.95
CA ASN B 298 13.41 -11.56 12.41
C ASN B 298 13.58 -12.62 11.28
N VAL B 299 14.73 -12.52 10.58
CA VAL B 299 15.16 -13.41 9.48
C VAL B 299 16.48 -14.02 9.91
N ASP B 300 16.64 -15.34 9.71
CA ASP B 300 17.86 -16.08 10.04
C ASP B 300 19.01 -15.64 9.14
N LEU B 301 20.25 -15.79 9.63
CA LEU B 301 21.49 -15.49 8.92
C LEU B 301 22.43 -16.68 8.99
N VAL B 302 22.79 -17.19 7.83
CA VAL B 302 23.77 -18.26 7.65
C VAL B 302 24.67 -17.63 6.61
N PRO B 303 25.91 -17.24 6.91
CA PRO B 303 26.73 -16.59 5.87
C PRO B 303 27.16 -17.51 4.73
N HIS B 304 27.52 -16.91 3.59
CA HIS B 304 28.02 -17.64 2.44
C HIS B 304 29.54 -17.67 2.60
N THR B 305 30.17 -18.86 2.46
CA THR B 305 31.64 -19.03 2.56
C THR B 305 32.17 -19.97 1.49
N TRP B 306 33.04 -19.44 0.60
CA TRP B 306 33.62 -20.20 -0.51
C TRP B 306 35.02 -19.70 -0.90
N GLY B 307 35.95 -19.81 0.06
CA GLY B 307 37.34 -19.41 -0.13
C GLY B 307 38.34 -20.22 0.67
N THR B 308 39.38 -19.53 1.20
CA THR B 308 40.42 -20.17 2.00
C THR B 308 40.01 -20.14 3.47
N TRP B 309 40.91 -20.53 4.37
CA TRP B 309 40.60 -20.50 5.79
C TRP B 309 40.57 -19.09 6.35
N ILE B 310 41.05 -18.05 5.59
CA ILE B 310 40.92 -16.65 6.04
C ILE B 310 39.43 -16.32 6.07
N ALA B 311 38.71 -16.70 4.97
CA ALA B 311 37.27 -16.57 4.76
C ALA B 311 36.47 -17.40 5.73
N ILE B 312 36.81 -18.70 5.90
CA ILE B 312 36.07 -19.58 6.81
C ILE B 312 36.20 -19.08 8.24
N SER B 313 37.40 -18.61 8.62
CA SER B 313 37.69 -18.06 9.97
C SER B 313 36.72 -16.97 10.31
N ALA B 314 36.58 -15.97 9.42
CA ALA B 314 35.68 -14.84 9.56
C ALA B 314 34.22 -15.31 9.83
N ALA B 315 33.78 -16.39 9.13
CA ALA B 315 32.46 -16.98 9.34
C ALA B 315 32.41 -17.70 10.68
N VAL B 316 33.48 -18.44 11.06
CA VAL B 316 33.55 -19.13 12.37
C VAL B 316 33.28 -18.11 13.46
N HIS B 317 34.00 -16.98 13.41
CA HIS B 317 33.91 -15.91 14.38
C HIS B 317 32.64 -15.08 14.23
N LEU B 318 31.97 -15.09 13.06
CA LEU B 318 30.69 -14.39 12.96
C LEU B 318 29.54 -15.22 13.52
N VAL B 319 29.39 -16.52 13.08
CA VAL B 319 28.30 -17.36 13.61
C VAL B 319 28.46 -17.60 15.14
N ALA B 320 29.73 -17.59 15.63
CA ALA B 320 30.00 -17.69 17.07
C ALA B 320 29.26 -16.55 17.80
N ASN B 321 29.39 -15.26 17.31
CA ASN B 321 28.77 -14.02 17.83
C ASN B 321 27.28 -13.84 17.47
N LEU B 322 26.79 -14.61 16.48
CA LEU B 322 25.38 -14.60 16.05
C LEU B 322 24.52 -15.25 17.15
N ASP B 323 23.24 -14.83 17.27
CA ASP B 323 22.25 -15.34 18.23
C ASP B 323 20.89 -15.60 17.55
N LEU B 333 22.22 -25.48 17.94
CA LEU B 333 23.53 -25.37 17.29
C LEU B 333 23.47 -24.71 15.91
N PRO B 334 24.23 -23.63 15.67
CA PRO B 334 24.20 -22.98 14.34
C PRO B 334 25.03 -23.71 13.28
N THR B 335 24.81 -23.37 11.98
CA THR B 335 25.57 -23.92 10.84
C THR B 335 26.26 -22.80 10.07
N MET B 336 27.22 -23.17 9.20
CA MET B 336 27.95 -22.28 8.31
C MET B 336 28.45 -23.06 7.09
N GLU B 337 28.83 -22.33 6.02
CA GLU B 337 29.29 -22.98 4.79
C GLU B 337 30.72 -23.48 4.87
N LEU B 338 30.88 -24.82 4.86
CA LEU B 338 32.19 -25.44 4.88
C LEU B 338 32.44 -26.15 3.53
N ASP B 339 33.13 -25.46 2.59
CA ASP B 339 33.47 -25.97 1.25
C ASP B 339 34.37 -27.22 1.34
N ARG B 340 33.84 -28.39 0.96
CA ARG B 340 34.59 -29.64 1.07
C ARG B 340 35.16 -30.15 -0.28
N THR B 341 35.11 -29.28 -1.32
CA THR B 341 35.60 -29.57 -2.66
C THR B 341 37.13 -29.60 -2.70
N GLU B 342 37.70 -29.88 -3.89
CA GLU B 342 39.14 -29.95 -4.12
C GLU B 342 39.67 -28.50 -4.17
N ASN B 343 40.46 -28.10 -3.14
CA ASN B 343 41.01 -26.73 -3.09
C ASN B 343 42.39 -26.65 -2.39
N ALA B 344 43.43 -26.54 -3.21
CA ALA B 344 44.81 -26.44 -2.78
C ALA B 344 45.12 -25.05 -2.22
N LEU B 345 44.42 -24.00 -2.68
CA LEU B 345 44.69 -22.64 -2.18
C LEU B 345 44.19 -22.49 -0.74
N ARG B 346 43.07 -23.18 -0.43
CA ARG B 346 42.47 -23.18 0.89
C ARG B 346 43.29 -24.08 1.83
N ASP B 347 43.51 -25.36 1.46
CA ASP B 347 44.21 -26.32 2.29
C ASP B 347 45.75 -26.17 2.40
N GLU B 348 46.40 -25.51 1.43
CA GLU B 348 47.87 -25.38 1.47
C GLU B 348 48.35 -23.96 1.78
N VAL B 349 47.81 -22.94 1.10
CA VAL B 349 48.26 -21.57 1.30
C VAL B 349 47.87 -21.04 2.70
N THR B 350 46.68 -21.44 3.21
CA THR B 350 46.22 -20.98 4.52
C THR B 350 46.24 -22.07 5.59
N LEU B 351 46.75 -21.66 6.75
CA LEU B 351 46.93 -22.44 7.95
C LEU B 351 45.90 -22.03 9.01
N HIS B 352 45.04 -23.00 9.40
CA HIS B 352 44.01 -22.80 10.40
C HIS B 352 44.37 -23.54 11.70
N LYS B 353 43.82 -23.05 12.83
CA LYS B 353 44.02 -23.65 14.15
C LYS B 353 42.77 -24.44 14.58
N ILE B 354 41.60 -24.08 14.01
CA ILE B 354 40.25 -24.62 14.30
C ILE B 354 40.19 -26.16 14.20
N LYS B 355 39.36 -26.77 15.06
CA LYS B 355 39.20 -28.22 15.18
C LYS B 355 37.82 -28.73 14.82
N LEU B 356 37.76 -29.78 13.98
CA LEU B 356 36.49 -30.40 13.57
C LEU B 356 36.51 -31.89 13.78
N GLU B 357 35.60 -32.39 14.63
CA GLU B 357 35.47 -33.81 14.91
C GLU B 357 34.01 -34.23 15.09
N ASN B 358 33.54 -35.12 14.21
CA ASN B 358 32.18 -35.67 14.14
C ASN B 358 31.11 -34.57 13.99
N GLY B 359 31.18 -33.87 12.85
CA GLY B 359 30.26 -32.82 12.44
C GLY B 359 30.18 -31.57 13.28
N HIS B 360 31.07 -31.42 14.27
CA HIS B 360 31.06 -30.24 15.14
C HIS B 360 32.39 -29.50 15.12
N LEU B 361 32.32 -28.23 14.72
CA LEU B 361 33.43 -27.30 14.65
C LEU B 361 33.50 -26.58 15.98
N GLU B 362 34.71 -26.24 16.44
CA GLU B 362 34.93 -25.56 17.71
C GLU B 362 35.61 -24.23 17.48
N VAL B 363 34.94 -23.15 17.90
CA VAL B 363 35.42 -21.77 17.78
C VAL B 363 36.78 -21.63 18.50
N PRO B 364 37.83 -21.10 17.82
CA PRO B 364 39.13 -20.95 18.50
C PRO B 364 39.17 -19.75 19.46
N CYS B 365 40.08 -19.80 20.44
CA CYS B 365 40.26 -18.79 21.49
C CYS B 365 41.52 -17.94 21.24
N THR B 366 42.28 -18.29 20.17
CA THR B 366 43.50 -17.64 19.71
C THR B 366 43.26 -16.17 19.28
N PRO B 367 44.22 -15.24 19.50
CA PRO B 367 43.98 -13.83 19.10
C PRO B 367 43.81 -13.63 17.59
N GLY B 368 42.74 -12.93 17.22
CA GLY B 368 42.38 -12.69 15.82
C GLY B 368 41.56 -13.83 15.26
N LEU B 369 41.60 -13.97 13.92
CA LEU B 369 40.85 -15.01 13.20
C LEU B 369 41.37 -16.41 13.52
N GLY B 370 42.65 -16.49 13.86
CA GLY B 370 43.32 -17.75 14.19
C GLY B 370 43.85 -18.43 12.96
N VAL B 371 44.36 -17.60 12.02
CA VAL B 371 44.91 -18.03 10.73
C VAL B 371 46.22 -17.38 10.36
N ASP B 372 47.01 -18.16 9.60
CA ASP B 372 48.28 -17.77 9.01
C ASP B 372 48.40 -18.26 7.57
N VAL B 373 49.35 -17.69 6.82
CA VAL B 373 49.63 -18.05 5.43
C VAL B 373 51.07 -18.60 5.32
N ASP B 374 51.21 -19.84 4.76
CA ASP B 374 52.50 -20.49 4.48
C ASP B 374 53.07 -19.68 3.32
N MET B 375 54.05 -18.82 3.60
CA MET B 375 54.64 -17.91 2.61
C MET B 375 55.39 -18.61 1.45
N ASP B 376 55.73 -19.90 1.61
CA ASP B 376 56.40 -20.71 0.59
C ASP B 376 55.35 -21.22 -0.38
N LYS B 377 54.20 -21.70 0.15
CA LYS B 377 53.08 -22.16 -0.67
C LYS B 377 52.35 -20.98 -1.31
N LEU B 378 52.45 -19.77 -0.69
CA LEU B 378 51.93 -18.49 -1.19
C LEU B 378 52.73 -18.20 -2.45
N GLU B 379 54.08 -18.09 -2.35
CA GLU B 379 54.99 -17.84 -3.50
C GLU B 379 54.85 -18.84 -4.64
N HIS B 380 54.65 -20.13 -4.29
CA HIS B 380 54.48 -21.21 -5.25
C HIS B 380 53.20 -21.07 -6.05
N TYR B 381 52.08 -20.68 -5.40
CA TYR B 381 50.77 -20.55 -6.02
C TYR B 381 50.41 -19.17 -6.55
N LEU B 382 51.30 -18.18 -6.48
CA LEU B 382 51.01 -16.84 -7.00
C LEU B 382 50.65 -16.81 -8.52
N ASP B 383 50.26 -15.64 -9.03
CA ASP B 383 49.90 -15.47 -10.44
C ASP B 383 50.78 -14.39 -11.08
N LYS B 384 51.06 -14.56 -12.40
CA LYS B 384 51.88 -13.67 -13.21
C LYS B 384 51.02 -12.67 -14.01
N SER C 9 17.31 6.67 -48.54
CA SER C 9 16.34 5.64 -48.94
C SER C 9 14.96 5.99 -48.37
N LYS C 10 14.27 6.90 -49.08
CA LYS C 10 12.97 7.44 -48.71
C LYS C 10 11.79 6.55 -49.16
N ILE C 11 10.65 6.63 -48.45
CA ILE C 11 9.42 5.87 -48.75
C ILE C 11 8.74 6.53 -49.95
N LYS C 12 8.47 5.75 -51.03
CA LYS C 12 7.75 6.31 -52.18
C LYS C 12 6.26 5.84 -52.20
N LYS C 13 6.00 4.55 -51.85
CA LYS C 13 4.63 4.05 -51.82
C LYS C 13 4.36 2.95 -50.76
N ILE C 14 3.37 3.23 -49.85
CA ILE C 14 2.83 2.28 -48.86
C ILE C 14 1.58 1.68 -49.52
N GLU C 15 1.48 0.34 -49.61
CA GLU C 15 0.35 -0.33 -50.26
C GLU C 15 -0.34 -1.38 -49.39
N PRO C 16 -1.48 -1.01 -48.74
CA PRO C 16 -2.22 -2.01 -47.95
C PRO C 16 -3.12 -2.92 -48.80
N TYR C 17 -3.15 -4.24 -48.50
CA TYR C 17 -3.94 -5.25 -49.22
C TYR C 17 -4.80 -6.11 -48.28
N VAL C 18 -6.15 -5.99 -48.37
CA VAL C 18 -7.06 -6.83 -47.57
C VAL C 18 -7.26 -8.13 -48.33
N ILE C 19 -6.96 -9.25 -47.71
CA ILE C 19 -7.06 -10.49 -48.46
C ILE C 19 -8.03 -11.47 -47.75
N SER C 20 -9.14 -11.80 -48.46
CA SER C 20 -10.30 -12.62 -48.06
C SER C 20 -10.28 -14.09 -48.54
N HIS C 21 -10.81 -15.03 -47.72
CA HIS C 21 -10.91 -16.47 -48.04
C HIS C 21 -11.84 -17.24 -47.05
N LYS C 22 -12.84 -17.97 -47.58
CA LYS C 22 -13.79 -18.77 -46.80
C LYS C 22 -13.41 -20.25 -46.87
N LEU C 23 -13.50 -21.00 -45.74
CA LEU C 23 -13.14 -22.43 -45.76
C LEU C 23 -14.32 -23.34 -45.36
N ASP C 24 -14.69 -23.34 -44.04
CA ASP C 24 -15.78 -24.08 -43.39
C ASP C 24 -15.79 -23.84 -41.87
N ASP C 35 -16.36 -19.69 -41.35
CA ASP C 35 -16.69 -18.66 -42.34
C ASP C 35 -15.43 -18.11 -43.07
N THR C 36 -15.37 -16.77 -43.29
CA THR C 36 -14.26 -16.07 -43.94
C THR C 36 -13.13 -15.70 -42.97
N ARG C 37 -11.90 -15.70 -43.48
CA ARG C 37 -10.69 -15.25 -42.81
C ARG C 37 -10.21 -14.07 -43.66
N LYS C 38 -10.29 -12.87 -43.08
CA LYS C 38 -9.92 -11.61 -43.72
C LYS C 38 -8.74 -10.96 -42.95
N ILE C 39 -7.56 -10.90 -43.57
CA ILE C 39 -6.44 -10.24 -42.91
C ILE C 39 -5.89 -9.13 -43.83
N CYS C 40 -5.27 -8.11 -43.24
CA CYS C 40 -4.69 -6.99 -43.98
C CYS C 40 -3.17 -7.11 -43.93
N ILE C 41 -2.48 -6.76 -45.04
CA ILE C 41 -1.02 -6.87 -45.26
C ILE C 41 -0.53 -5.55 -45.91
N VAL C 42 0.73 -5.14 -45.70
CA VAL C 42 1.32 -3.93 -46.32
C VAL C 42 2.59 -4.23 -47.08
N LYS C 43 2.87 -3.41 -48.11
CA LYS C 43 4.10 -3.40 -48.86
C LYS C 43 4.57 -1.94 -48.93
N ILE C 44 5.67 -1.64 -48.22
CA ILE C 44 6.25 -0.31 -48.26
C ILE C 44 7.40 -0.45 -49.22
N THR C 45 7.43 0.43 -50.24
CA THR C 45 8.50 0.47 -51.23
C THR C 45 9.17 1.87 -51.23
N LEU C 46 10.52 1.85 -51.23
CA LEU C 46 11.39 3.02 -51.26
C LEU C 46 11.60 3.52 -52.69
N ASP C 47 12.06 4.78 -52.85
CA ASP C 47 12.39 5.40 -54.14
C ASP C 47 13.26 4.44 -54.99
N ASP C 48 14.19 3.72 -54.34
CA ASP C 48 15.13 2.76 -54.95
C ASP C 48 14.53 1.35 -55.21
N GLY C 49 13.21 1.20 -55.03
CA GLY C 49 12.56 -0.07 -55.30
C GLY C 49 12.82 -1.18 -54.30
N THR C 50 13.30 -0.82 -53.11
CA THR C 50 13.46 -1.78 -52.02
C THR C 50 12.09 -1.84 -51.37
N TYR C 51 11.49 -3.05 -51.34
CA TYR C 51 10.21 -3.23 -50.70
C TYR C 51 10.38 -3.97 -49.40
N GLY C 52 9.34 -3.91 -48.57
CA GLY C 52 9.25 -4.55 -47.26
C GLY C 52 7.81 -4.96 -47.03
N TRP C 53 7.60 -6.22 -46.57
CA TRP C 53 6.27 -6.76 -46.29
C TRP C 53 5.92 -6.73 -44.77
N GLY C 54 4.73 -6.24 -44.46
CA GLY C 54 4.22 -6.12 -43.10
C GLY C 54 2.82 -6.67 -42.95
N GLU C 55 2.35 -6.78 -41.71
CA GLU C 55 1.06 -7.34 -41.37
C GLU C 55 0.52 -6.72 -40.09
N GLY C 56 -0.79 -6.50 -40.08
CA GLY C 56 -1.56 -5.99 -38.94
C GLY C 56 -2.51 -7.07 -38.46
N TYR C 57 -2.74 -7.16 -37.13
CA TYR C 57 -3.66 -8.17 -36.57
C TYR C 57 -4.94 -7.53 -36.07
N GLY C 58 -6.08 -8.07 -36.53
CA GLY C 58 -7.41 -7.63 -36.16
C GLY C 58 -8.36 -7.53 -37.33
N PRO C 59 -9.33 -6.57 -37.34
CA PRO C 59 -10.26 -6.47 -38.46
C PRO C 59 -9.64 -5.79 -39.70
N ALA C 60 -9.27 -6.64 -40.68
CA ALA C 60 -8.61 -6.29 -41.93
C ALA C 60 -8.95 -4.88 -42.48
N ALA C 61 -10.19 -4.66 -42.93
CA ALA C 61 -10.66 -3.42 -43.56
C ALA C 61 -10.51 -2.16 -42.68
N VAL C 62 -10.49 -2.35 -41.34
CA VAL C 62 -10.34 -1.27 -40.36
C VAL C 62 -8.88 -0.92 -40.23
N ILE C 63 -8.01 -1.94 -40.29
CA ILE C 63 -6.56 -1.78 -40.23
C ILE C 63 -6.07 -1.10 -41.53
N LYS C 64 -6.68 -1.49 -42.66
CA LYS C 64 -6.37 -1.00 -43.99
C LYS C 64 -6.60 0.51 -44.10
N SER C 65 -7.63 1.02 -43.40
CA SER C 65 -7.94 2.44 -43.41
C SER C 65 -6.95 3.18 -42.52
N GLY C 66 -6.50 2.46 -41.48
CA GLY C 66 -5.54 2.95 -40.50
C GLY C 66 -4.25 3.29 -41.20
N ILE C 67 -3.73 2.33 -42.02
CA ILE C 67 -2.49 2.50 -42.81
C ILE C 67 -2.65 3.75 -43.69
N ASP C 68 -3.82 3.87 -44.38
CA ASP C 68 -4.18 5.02 -45.22
C ASP C 68 -4.14 6.34 -44.43
N PHE C 69 -4.43 6.28 -43.10
CA PHE C 69 -4.41 7.46 -42.25
C PHE C 69 -3.00 8.00 -42.07
N PHE C 70 -2.03 7.10 -41.81
CA PHE C 70 -0.62 7.45 -41.61
C PHE C 70 0.16 7.66 -42.88
N THR C 71 -0.34 7.08 -44.00
CA THR C 71 0.38 7.12 -45.28
C THR C 71 0.76 8.55 -45.65
N PRO C 72 -0.10 9.59 -45.60
CA PRO C 72 0.37 10.97 -45.95
C PRO C 72 1.62 11.48 -45.22
N PHE C 73 1.78 11.18 -43.89
CA PHE C 73 2.92 11.63 -43.07
C PHE C 73 4.10 10.65 -43.05
N LEU C 74 4.10 9.68 -43.98
CA LEU C 74 5.17 8.67 -44.05
C LEU C 74 5.97 8.71 -45.34
N LEU C 75 5.32 9.17 -46.39
CA LEU C 75 5.89 9.28 -47.72
C LEU C 75 6.98 10.36 -47.75
N GLY C 76 8.12 10.02 -48.37
CA GLY C 76 9.28 10.89 -48.52
C GLY C 76 10.18 10.96 -47.30
N LYS C 77 10.05 9.96 -46.42
CA LYS C 77 10.77 9.81 -45.17
C LYS C 77 11.59 8.52 -45.24
N GLU C 78 12.78 8.56 -44.62
CA GLU C 78 13.79 7.50 -44.59
C GLU C 78 13.32 6.30 -43.77
N ALA C 79 13.45 5.11 -44.34
CA ALA C 79 13.04 3.85 -43.71
C ALA C 79 14.02 3.23 -42.64
N ILE C 80 15.36 3.56 -42.68
CA ILE C 80 16.34 3.02 -41.70
C ILE C 80 16.05 3.56 -40.30
N GLY C 81 15.77 4.86 -40.18
CA GLY C 81 15.39 5.51 -38.92
C GLY C 81 13.93 5.24 -38.58
N HIS C 82 13.55 3.93 -38.53
CA HIS C 82 12.22 3.38 -38.30
C HIS C 82 11.54 3.95 -37.06
N GLU C 83 12.32 4.23 -36.00
CA GLU C 83 11.82 4.79 -34.74
C GLU C 83 11.34 6.21 -34.91
N VAL C 84 11.93 6.96 -35.85
CA VAL C 84 11.50 8.33 -36.15
C VAL C 84 10.07 8.31 -36.77
N LEU C 85 9.79 7.27 -37.58
CA LEU C 85 8.50 7.04 -38.22
C LEU C 85 7.50 6.57 -37.18
N TRP C 86 7.90 5.62 -36.28
CA TRP C 86 7.06 5.06 -35.21
C TRP C 86 6.58 6.18 -34.31
N GLN C 87 7.50 7.06 -33.91
CA GLN C 87 7.17 8.22 -33.09
C GLN C 87 6.26 9.25 -33.81
N GLU C 88 6.38 9.37 -35.14
CA GLU C 88 5.52 10.29 -35.90
C GLU C 88 4.09 9.73 -35.88
N MET C 89 3.94 8.43 -36.20
CA MET C 89 2.67 7.69 -36.19
C MET C 89 2.03 7.74 -34.81
N TYR C 90 2.86 7.60 -33.75
CA TYR C 90 2.38 7.67 -32.37
C TYR C 90 1.87 9.07 -32.07
N ARG C 91 2.69 10.13 -32.26
CA ARG C 91 2.28 11.52 -32.05
C ARG C 91 0.93 11.86 -32.74
N ARG C 92 0.70 11.36 -33.98
CA ARG C 92 -0.52 11.59 -34.76
C ARG C 92 -1.77 10.83 -34.27
N SER C 93 -1.59 9.60 -33.73
CA SER C 93 -2.71 8.75 -33.30
C SER C 93 -2.93 8.63 -31.79
N MET C 94 -1.94 9.01 -30.94
CA MET C 94 -1.97 8.91 -29.47
C MET C 94 -3.33 9.18 -28.84
N ASP C 95 -3.90 10.37 -29.14
CA ASP C 95 -5.19 10.87 -28.69
C ASP C 95 -6.38 9.99 -29.08
N TYR C 96 -6.28 9.26 -30.22
CA TYR C 96 -7.33 8.39 -30.78
C TYR C 96 -6.95 6.90 -30.92
N ALA C 97 -5.89 6.46 -30.23
CA ALA C 97 -5.45 5.07 -30.31
C ALA C 97 -5.31 4.41 -28.92
N ARG C 98 -4.06 4.26 -28.40
CA ARG C 98 -3.72 3.63 -27.11
C ARG C 98 -3.81 2.10 -27.20
N SER C 99 -4.90 1.59 -27.81
CA SER C 99 -5.14 0.18 -28.05
C SER C 99 -5.81 -0.04 -29.43
N GLY C 100 -6.12 -1.30 -29.73
CA GLY C 100 -6.82 -1.77 -30.92
C GLY C 100 -6.22 -1.53 -32.29
N VAL C 101 -7.12 -1.08 -33.18
CA VAL C 101 -7.01 -0.85 -34.63
C VAL C 101 -5.82 0.04 -35.04
N LEU C 102 -5.72 1.32 -34.60
CA LEU C 102 -4.59 2.17 -35.02
C LEU C 102 -3.21 1.59 -34.61
N GLN C 103 -3.17 0.74 -33.54
CA GLN C 103 -1.94 0.06 -33.09
C GLN C 103 -1.53 -1.01 -34.07
N ALA C 104 -2.53 -1.73 -34.65
CA ALA C 104 -2.27 -2.76 -35.66
C ALA C 104 -1.88 -2.12 -37.02
N ALA C 105 -2.30 -0.85 -37.25
CA ALA C 105 -1.92 -0.04 -38.42
C ALA C 105 -0.46 0.35 -38.28
N ILE C 106 -0.04 0.79 -37.04
CA ILE C 106 1.35 1.16 -36.69
C ILE C 106 2.24 -0.09 -36.70
N SER C 107 1.72 -1.22 -36.19
CA SER C 107 2.43 -2.50 -36.20
C SER C 107 2.80 -2.94 -37.63
N ALA C 108 1.77 -3.05 -38.51
CA ALA C 108 1.88 -3.43 -39.91
C ALA C 108 2.99 -2.66 -40.64
N ILE C 109 3.00 -1.30 -40.54
CA ILE C 109 4.04 -0.43 -41.12
C ILE C 109 5.41 -0.79 -40.49
N ASP C 110 5.48 -0.92 -39.15
CA ASP C 110 6.73 -1.25 -38.44
C ASP C 110 7.39 -2.55 -38.97
N VAL C 111 6.65 -3.68 -39.00
CA VAL C 111 7.15 -4.98 -39.46
C VAL C 111 7.74 -4.86 -40.90
N ALA C 112 7.08 -4.10 -41.79
CA ALA C 112 7.57 -3.84 -43.15
C ALA C 112 8.86 -2.97 -43.14
N LEU C 113 9.00 -2.01 -42.20
CA LEU C 113 10.21 -1.17 -42.09
C LEU C 113 11.42 -1.97 -41.54
N TRP C 114 11.13 -3.10 -40.90
CA TRP C 114 12.11 -4.04 -40.35
C TRP C 114 12.52 -5.02 -41.42
N ASP C 115 11.62 -5.31 -42.41
CA ASP C 115 11.93 -6.16 -43.57
C ASP C 115 12.82 -5.34 -44.48
N ILE C 116 12.46 -4.04 -44.72
CA ILE C 116 13.24 -3.06 -45.49
C ILE C 116 14.65 -2.97 -44.92
N LYS C 117 14.79 -2.66 -43.63
CA LYS C 117 16.07 -2.49 -42.94
C LYS C 117 16.94 -3.72 -43.05
N GLY C 118 16.32 -4.88 -42.86
CA GLY C 118 16.97 -6.18 -42.99
C GLY C 118 17.57 -6.34 -44.36
N LYS C 119 16.76 -6.09 -45.39
CA LYS C 119 17.18 -6.12 -46.79
C LYS C 119 18.31 -5.07 -47.04
N LEU C 120 18.01 -3.77 -46.80
CA LEU C 120 18.84 -2.58 -46.89
C LEU C 120 20.27 -2.82 -46.34
N LEU C 121 20.39 -3.35 -45.11
CA LEU C 121 21.68 -3.60 -44.44
C LEU C 121 22.17 -5.03 -44.63
N ASN C 122 21.49 -5.79 -45.50
CA ASN C 122 21.80 -7.18 -45.88
C ASN C 122 22.02 -8.14 -44.70
N LEU C 123 21.15 -8.03 -43.69
CA LEU C 123 21.18 -8.85 -42.48
C LEU C 123 19.79 -9.34 -42.09
N PRO C 124 19.62 -10.52 -41.44
CA PRO C 124 18.26 -10.88 -40.96
C PRO C 124 17.80 -9.92 -39.85
N VAL C 125 16.50 -9.91 -39.53
CA VAL C 125 15.91 -9.02 -38.50
C VAL C 125 16.48 -9.34 -37.10
N SER C 126 16.61 -10.65 -36.79
CA SER C 126 17.11 -11.09 -35.50
C SER C 126 18.42 -10.40 -35.17
N VAL C 127 19.42 -10.51 -36.07
CA VAL C 127 20.77 -9.93 -35.94
C VAL C 127 20.68 -8.40 -35.80
N LEU C 128 19.72 -7.80 -36.51
CA LEU C 128 19.47 -6.37 -36.49
C LEU C 128 18.72 -5.89 -35.25
N LEU C 129 18.13 -6.82 -34.46
CA LEU C 129 17.42 -6.54 -33.20
C LEU C 129 18.44 -6.57 -32.05
N GLY C 130 19.62 -7.09 -32.33
CA GLY C 130 20.69 -7.21 -31.33
C GLY C 130 21.55 -8.46 -31.44
N GLY C 131 21.00 -9.53 -31.99
CA GLY C 131 21.74 -10.78 -32.14
C GLY C 131 20.91 -12.03 -31.98
N VAL C 132 21.27 -13.09 -32.75
CA VAL C 132 20.59 -14.39 -32.69
C VAL C 132 21.04 -15.08 -31.41
N LYS C 133 20.11 -15.18 -30.44
CA LYS C 133 20.38 -15.80 -29.14
C LYS C 133 20.04 -17.27 -29.23
N ASN C 134 19.01 -17.60 -30.04
CA ASN C 134 18.48 -18.94 -30.24
C ASN C 134 18.37 -19.21 -31.76
N PRO C 135 19.35 -19.94 -32.35
CA PRO C 135 19.28 -20.23 -33.80
C PRO C 135 18.21 -21.27 -34.16
N ILE C 136 17.79 -22.04 -33.17
CA ILE C 136 16.75 -23.06 -33.29
C ILE C 136 15.67 -22.76 -32.25
N ILE C 137 14.41 -22.84 -32.67
CA ILE C 137 13.21 -22.63 -31.85
C ILE C 137 12.32 -23.88 -31.99
N GLU C 138 11.54 -24.23 -30.96
CA GLU C 138 10.61 -25.36 -31.06
C GLU C 138 9.17 -24.86 -30.89
N PRO C 139 8.46 -24.52 -31.99
CA PRO C 139 7.10 -23.95 -31.83
C PRO C 139 6.03 -24.96 -31.44
N TYR C 140 4.86 -24.44 -31.02
CA TYR C 140 3.71 -25.28 -30.66
C TYR C 140 2.63 -25.23 -31.75
N ALA C 141 1.89 -26.33 -31.89
CA ALA C 141 0.82 -26.45 -32.86
C ALA C 141 -0.53 -26.05 -32.25
N THR C 142 -1.23 -25.06 -32.86
CA THR C 142 -2.55 -24.61 -32.40
C THR C 142 -3.67 -25.31 -33.18
N GLY C 143 -4.62 -25.94 -32.46
CA GLY C 143 -5.72 -26.70 -33.05
C GLY C 143 -7.07 -26.65 -32.35
N LEU C 144 -7.87 -25.62 -32.70
CA LEU C 144 -9.24 -25.35 -32.19
C LEU C 144 -10.32 -26.24 -32.80
N TYR C 145 -11.48 -26.37 -32.10
CA TYR C 145 -12.63 -27.15 -32.56
C TYR C 145 -13.57 -26.31 -33.45
N LEU C 152 -17.32 -35.83 -35.02
CA LEU C 152 -17.34 -34.92 -33.87
C LEU C 152 -16.57 -35.47 -32.64
N GLU C 153 -15.85 -34.56 -31.91
CA GLU C 153 -15.04 -34.81 -30.70
C GLU C 153 -13.79 -35.68 -30.90
N GLU C 154 -13.95 -36.89 -31.50
CA GLU C 154 -12.87 -37.83 -31.79
C GLU C 154 -11.92 -37.29 -32.87
N LEU C 155 -12.37 -36.26 -33.62
CA LEU C 155 -11.61 -35.60 -34.68
C LEU C 155 -10.45 -34.80 -34.08
N LEU C 156 -10.66 -34.22 -32.87
CA LEU C 156 -9.67 -33.43 -32.11
C LEU C 156 -8.46 -34.31 -31.73
N VAL C 157 -8.72 -35.56 -31.31
CA VAL C 157 -7.74 -36.59 -30.93
C VAL C 157 -6.83 -36.90 -32.13
N GLU C 158 -7.42 -37.03 -33.33
CA GLU C 158 -6.71 -37.30 -34.59
C GLU C 158 -5.79 -36.15 -34.99
N GLU C 159 -6.27 -34.89 -34.88
CA GLU C 159 -5.54 -33.65 -35.17
C GLU C 159 -4.30 -33.56 -34.28
N ALA C 160 -4.45 -33.94 -32.99
CA ALA C 160 -3.39 -33.96 -31.99
C ALA C 160 -2.36 -35.03 -32.32
N LEU C 161 -2.82 -36.27 -32.63
CA LEU C 161 -1.95 -37.39 -32.97
C LEU C 161 -1.12 -37.10 -34.21
N LEU C 162 -1.68 -36.30 -35.15
CA LEU C 162 -1.02 -35.84 -36.38
C LEU C 162 0.17 -34.94 -36.00
N TYR C 163 -0.04 -33.99 -35.07
CA TYR C 163 0.98 -33.06 -34.59
C TYR C 163 2.14 -33.78 -33.91
N LYS C 164 1.84 -34.78 -33.03
CA LYS C 164 2.85 -35.59 -32.34
C LYS C 164 3.71 -36.34 -33.37
N SER C 165 3.05 -36.90 -34.41
CA SER C 165 3.68 -37.61 -35.53
C SER C 165 4.54 -36.69 -36.39
N GLN C 166 4.11 -35.42 -36.56
CA GLN C 166 4.84 -34.40 -37.33
C GLN C 166 6.14 -33.91 -36.64
N GLY C 167 6.33 -34.32 -35.37
CA GLY C 167 7.52 -33.99 -34.58
C GLY C 167 7.33 -32.99 -33.45
N PHE C 168 6.19 -32.24 -33.45
CA PHE C 168 5.88 -31.21 -32.45
C PHE C 168 6.05 -31.67 -31.02
N LYS C 169 6.67 -30.80 -30.20
CA LYS C 169 6.99 -31.05 -28.80
C LYS C 169 5.90 -30.55 -27.85
N ALA C 170 5.01 -29.68 -28.38
CA ALA C 170 3.92 -29.05 -27.64
C ALA C 170 2.73 -28.72 -28.54
N THR C 171 1.52 -28.71 -27.96
CA THR C 171 0.29 -28.37 -28.70
C THR C 171 -0.68 -27.55 -27.85
N LYS C 172 -1.28 -26.51 -28.45
CA LYS C 172 -2.24 -25.64 -27.77
C LYS C 172 -3.67 -25.89 -28.25
N MET C 173 -4.53 -26.31 -27.31
CA MET C 173 -5.95 -26.62 -27.56
C MET C 173 -6.89 -25.51 -27.09
N LYS C 174 -8.01 -25.34 -27.80
CA LYS C 174 -9.01 -24.33 -27.47
C LYS C 174 -10.08 -24.90 -26.56
N VAL C 175 -10.35 -24.20 -25.46
CA VAL C 175 -11.35 -24.53 -24.45
C VAL C 175 -12.37 -23.38 -24.33
N GLY C 176 -13.54 -23.69 -23.78
CA GLY C 176 -14.65 -22.75 -23.62
C GLY C 176 -15.99 -23.36 -23.95
N LEU C 177 -16.00 -24.68 -24.18
CA LEU C 177 -17.16 -25.50 -24.52
C LEU C 177 -17.94 -25.96 -23.27
N GLY C 178 -17.48 -25.53 -22.09
CA GLY C 178 -18.06 -25.87 -20.79
C GLY C 178 -17.07 -26.61 -19.93
N ILE C 179 -17.02 -26.29 -18.62
CA ILE C 179 -16.06 -26.88 -17.69
C ILE C 179 -16.06 -28.42 -17.78
N GLU C 180 -17.22 -29.08 -17.71
CA GLU C 180 -17.28 -30.54 -17.78
C GLU C 180 -17.01 -31.09 -19.19
N GLN C 181 -17.30 -30.31 -20.24
CA GLN C 181 -17.06 -30.70 -21.64
C GLN C 181 -15.55 -30.66 -21.97
N ASP C 182 -14.87 -29.60 -21.48
CA ASP C 182 -13.43 -29.38 -21.65
C ASP C 182 -12.64 -30.44 -20.93
N LEU C 183 -12.91 -30.65 -19.63
CA LEU C 183 -12.25 -31.67 -18.80
C LEU C 183 -12.37 -33.09 -19.41
N LYS C 184 -13.45 -33.33 -20.17
CA LYS C 184 -13.73 -34.57 -20.89
C LYS C 184 -12.77 -34.68 -22.10
N TYR C 185 -12.56 -33.55 -22.83
CA TYR C 185 -11.71 -33.47 -24.02
C TYR C 185 -10.21 -33.38 -23.69
N ILE C 186 -9.84 -32.62 -22.64
CA ILE C 186 -8.46 -32.46 -22.16
C ILE C 186 -7.93 -33.84 -21.74
N ALA C 187 -8.79 -34.65 -21.11
CA ALA C 187 -8.48 -36.02 -20.69
C ALA C 187 -8.18 -36.91 -21.91
N ALA C 188 -8.98 -36.75 -22.98
CA ALA C 188 -8.88 -37.51 -24.23
C ALA C 188 -7.59 -37.20 -24.99
N ILE C 189 -7.24 -35.90 -25.14
CA ILE C 189 -6.05 -35.45 -25.86
C ILE C 189 -4.78 -35.87 -25.11
N ARG C 190 -4.76 -35.74 -23.77
CA ARG C 190 -3.63 -36.14 -22.93
C ARG C 190 -3.37 -37.64 -23.03
N LYS C 191 -4.46 -38.44 -23.13
CA LYS C 191 -4.41 -39.90 -23.29
C LYS C 191 -3.75 -40.27 -24.63
N ALA C 192 -4.07 -39.51 -25.70
CA ALA C 192 -3.53 -39.73 -27.04
C ALA C 192 -2.06 -39.33 -27.19
N ILE C 193 -1.71 -38.09 -26.76
CA ILE C 193 -0.35 -37.52 -26.86
C ILE C 193 0.65 -38.16 -25.87
N GLY C 194 0.13 -38.78 -24.81
CA GLY C 194 0.96 -39.40 -23.79
C GLY C 194 1.55 -38.39 -22.82
N PRO C 195 2.58 -38.76 -22.04
CA PRO C 195 3.14 -37.80 -21.06
C PRO C 195 4.27 -36.90 -21.54
N ASP C 196 4.98 -37.32 -22.60
CA ASP C 196 6.15 -36.61 -23.12
C ASP C 196 5.85 -35.30 -23.86
N MET C 197 4.67 -35.19 -24.51
CA MET C 197 4.32 -33.97 -25.22
C MET C 197 3.63 -32.95 -24.32
N ARG C 198 4.05 -31.66 -24.40
CA ARG C 198 3.47 -30.55 -23.63
C ARG C 198 2.11 -30.18 -24.21
N LEU C 199 1.19 -29.76 -23.35
CA LEU C 199 -0.17 -29.38 -23.74
C LEU C 199 -0.64 -28.13 -23.00
N MET C 200 -1.16 -27.13 -23.74
CA MET C 200 -1.65 -25.85 -23.19
C MET C 200 -3.12 -25.63 -23.55
N ILE C 201 -3.88 -24.96 -22.66
CA ILE C 201 -5.31 -24.66 -22.85
C ILE C 201 -5.55 -23.15 -23.07
N ASP C 202 -6.44 -22.80 -24.02
CA ASP C 202 -6.78 -21.42 -24.36
C ASP C 202 -8.29 -21.18 -24.29
N SER C 203 -8.73 -20.37 -23.33
CA SER C 203 -10.14 -20.06 -23.09
C SER C 203 -10.70 -19.06 -24.08
N ASN C 204 -9.91 -18.01 -24.42
CA ASN C 204 -10.28 -16.86 -25.27
C ASN C 204 -11.27 -16.02 -24.48
N HIS C 205 -10.90 -15.70 -23.20
CA HIS C 205 -11.68 -14.93 -22.20
C HIS C 205 -13.18 -15.36 -22.14
N ALA C 206 -13.46 -16.65 -22.51
CA ALA C 206 -14.78 -17.29 -22.52
C ALA C 206 -15.22 -17.73 -21.12
N TYR C 207 -14.38 -17.48 -20.11
CA TYR C 207 -14.66 -17.84 -18.73
C TYR C 207 -14.52 -16.66 -17.78
N CYS C 208 -15.10 -16.82 -16.59
CA CYS C 208 -15.07 -15.89 -15.49
C CYS C 208 -14.21 -16.53 -14.40
N TYR C 209 -13.74 -15.75 -13.42
CA TYR C 209 -12.88 -16.24 -12.34
C TYR C 209 -13.35 -17.57 -11.71
N LYS C 210 -14.64 -17.70 -11.35
CA LYS C 210 -15.22 -18.92 -10.76
C LYS C 210 -15.16 -20.11 -11.73
N GLU C 211 -15.39 -19.85 -13.01
CA GLU C 211 -15.38 -20.85 -14.08
C GLU C 211 -13.96 -21.27 -14.45
N ALA C 212 -13.01 -20.32 -14.33
CA ALA C 212 -11.60 -20.51 -14.64
C ALA C 212 -10.89 -21.41 -13.64
N ILE C 213 -11.04 -21.15 -12.30
CA ILE C 213 -10.41 -22.00 -11.28
C ILE C 213 -11.03 -23.37 -11.23
N GLU C 214 -12.34 -23.48 -11.55
CA GLU C 214 -13.04 -24.75 -11.61
C GLU C 214 -12.33 -25.64 -12.63
N LEU C 215 -12.04 -25.08 -13.84
CA LEU C 215 -11.33 -25.77 -14.91
C LEU C 215 -9.88 -26.00 -14.53
N ALA C 216 -9.18 -24.94 -14.05
CA ALA C 216 -7.78 -25.01 -13.66
C ALA C 216 -7.53 -26.13 -12.66
N ARG C 217 -8.22 -26.11 -11.48
CA ARG C 217 -8.11 -27.13 -10.42
C ARG C 217 -8.38 -28.55 -10.91
N LYS C 218 -9.36 -28.71 -11.81
CA LYS C 218 -9.73 -30.01 -12.36
C LYS C 218 -8.76 -30.50 -13.44
N ALA C 219 -8.23 -29.58 -14.27
CA ALA C 219 -7.31 -29.90 -15.37
C ALA C 219 -5.84 -30.05 -14.96
N GLU C 220 -5.50 -29.71 -13.70
CA GLU C 220 -4.14 -29.77 -13.15
C GLU C 220 -3.49 -31.15 -13.34
N LYS C 221 -4.27 -32.22 -13.06
CA LYS C 221 -3.87 -33.64 -13.18
C LYS C 221 -3.40 -34.06 -14.59
N PHE C 222 -3.73 -33.28 -15.62
CA PHE C 222 -3.38 -33.55 -17.01
C PHE C 222 -2.10 -32.82 -17.47
N ASP C 223 -1.28 -32.32 -16.52
CA ASP C 223 -0.03 -31.60 -16.75
C ASP C 223 -0.17 -30.52 -17.83
N ILE C 224 -0.81 -29.40 -17.46
CA ILE C 224 -1.01 -28.31 -18.41
C ILE C 224 0.14 -27.33 -18.29
N SER C 225 0.84 -27.10 -19.42
CA SER C 225 1.99 -26.21 -19.50
C SER C 225 1.63 -24.74 -19.21
N TRP C 226 0.42 -24.29 -19.64
CA TRP C 226 -0.09 -22.95 -19.33
C TRP C 226 -1.57 -22.78 -19.73
N PHE C 227 -2.23 -21.80 -19.09
CA PHE C 227 -3.60 -21.41 -19.37
C PHE C 227 -3.59 -19.99 -19.99
N GLU C 228 -3.91 -19.95 -21.30
CA GLU C 228 -3.95 -18.75 -22.13
C GLU C 228 -5.29 -18.04 -22.05
N GLU C 229 -5.25 -16.70 -21.89
CA GLU C 229 -6.38 -15.79 -21.75
C GLU C 229 -7.54 -16.41 -20.91
N PRO C 230 -7.31 -16.80 -19.63
CA PRO C 230 -8.36 -17.46 -18.84
C PRO C 230 -9.61 -16.64 -18.52
N VAL C 231 -9.46 -15.33 -18.28
CA VAL C 231 -10.55 -14.40 -17.99
C VAL C 231 -10.42 -13.16 -18.90
N SER C 232 -11.32 -12.18 -18.75
CA SER C 232 -11.34 -10.94 -19.52
C SER C 232 -9.99 -10.20 -19.40
N PRO C 233 -9.39 -9.70 -20.52
CA PRO C 233 -8.12 -8.93 -20.41
C PRO C 233 -8.22 -7.70 -19.51
N GLU C 234 -9.46 -7.38 -19.12
CA GLU C 234 -9.84 -6.27 -18.26
C GLU C 234 -9.88 -6.68 -16.77
N ASP C 235 -10.04 -8.00 -16.50
CA ASP C 235 -10.11 -8.61 -15.17
C ASP C 235 -8.70 -8.93 -14.63
N TYR C 236 -7.90 -7.87 -14.34
CA TYR C 236 -6.54 -8.02 -13.82
C TYR C 236 -6.53 -8.73 -12.46
N ASP C 237 -7.46 -8.35 -11.56
CA ASP C 237 -7.60 -8.95 -10.23
C ASP C 237 -7.97 -10.42 -10.33
N GLY C 238 -8.68 -10.79 -11.39
CA GLY C 238 -9.07 -12.16 -11.66
C GLY C 238 -7.90 -13.03 -12.04
N TYR C 239 -7.02 -12.50 -12.91
CA TYR C 239 -5.79 -13.15 -13.37
C TYR C 239 -4.90 -13.44 -12.14
N LYS C 240 -4.58 -12.39 -11.34
CA LYS C 240 -3.76 -12.47 -10.13
C LYS C 240 -4.27 -13.53 -9.16
N ARG C 241 -5.59 -13.55 -8.87
CA ARG C 241 -6.24 -14.51 -7.98
C ARG C 241 -6.09 -15.93 -8.52
N LEU C 242 -6.33 -16.12 -9.83
CA LEU C 242 -6.25 -17.41 -10.51
C LEU C 242 -4.85 -17.98 -10.41
N ARG C 243 -3.84 -17.13 -10.57
CA ARG C 243 -2.42 -17.46 -10.46
C ARG C 243 -2.11 -17.97 -9.05
N GLN C 244 -2.74 -17.34 -8.02
CA GLN C 244 -2.61 -17.67 -6.60
C GLN C 244 -3.28 -19.00 -6.24
N ASN C 245 -4.38 -19.34 -6.92
CA ASN C 245 -5.19 -20.52 -6.63
C ASN C 245 -4.94 -21.76 -7.54
N THR C 246 -4.07 -21.64 -8.56
CA THR C 246 -3.74 -22.80 -9.41
C THR C 246 -2.22 -22.94 -9.64
N THR C 247 -1.79 -24.18 -9.93
CA THR C 247 -0.39 -24.52 -10.21
C THR C 247 -0.05 -24.23 -11.67
N ILE C 248 -1.06 -24.35 -12.58
CA ILE C 248 -0.93 -24.11 -14.03
C ILE C 248 -0.53 -22.65 -14.32
N PRO C 249 0.61 -22.40 -15.00
CA PRO C 249 1.02 -21.03 -15.30
C PRO C 249 -0.01 -20.25 -16.13
N ILE C 250 -0.18 -18.97 -15.82
CA ILE C 250 -1.18 -18.10 -16.44
C ILE C 250 -0.57 -17.22 -17.52
N SER C 251 -1.11 -17.34 -18.74
CA SER C 251 -0.73 -16.60 -19.94
C SER C 251 -1.75 -15.52 -20.25
N GLY C 252 -1.29 -14.44 -20.85
CA GLY C 252 -2.17 -13.33 -21.23
C GLY C 252 -1.44 -12.13 -21.79
N GLY C 253 -2.18 -11.29 -22.49
CA GLY C 253 -1.64 -10.09 -23.09
C GLY C 253 -1.92 -9.98 -24.57
N GLU C 254 -2.62 -11.00 -25.16
CA GLU C 254 -3.02 -10.99 -26.58
C GLU C 254 -3.58 -9.61 -26.87
N CYS C 255 -4.58 -9.19 -26.06
CA CYS C 255 -5.33 -7.96 -26.09
C CYS C 255 -4.62 -6.75 -25.42
N GLU C 256 -3.32 -6.89 -25.06
CA GLU C 256 -2.56 -5.81 -24.46
C GLU C 256 -1.73 -5.09 -25.52
N TYR C 257 -1.80 -3.74 -25.52
CA TYR C 257 -1.18 -2.87 -26.53
C TYR C 257 -0.28 -1.80 -25.95
N LEU C 258 0.99 -1.75 -26.42
CA LEU C 258 2.10 -0.81 -26.08
C LEU C 258 2.85 -1.17 -24.80
N LYS C 259 3.99 -0.49 -24.59
CA LYS C 259 4.84 -0.64 -23.40
C LYS C 259 4.04 -0.27 -22.14
N TYR C 260 3.17 0.76 -22.26
CA TYR C 260 2.36 1.28 -21.17
C TYR C 260 1.32 0.29 -20.71
N GLY C 261 0.77 -0.45 -21.65
CA GLY C 261 -0.21 -1.47 -21.38
C GLY C 261 0.40 -2.66 -20.70
N PHE C 262 1.59 -3.08 -21.18
CA PHE C 262 2.26 -4.22 -20.58
C PHE C 262 2.83 -3.89 -19.21
N LYS C 263 3.23 -2.62 -18.99
CA LYS C 263 3.72 -2.18 -17.68
C LYS C 263 2.59 -2.36 -16.65
N ARG C 264 1.34 -1.95 -17.01
CA ARG C 264 0.17 -2.05 -16.15
C ARG C 264 -0.18 -3.52 -15.92
N LEU C 265 0.01 -4.40 -16.91
CA LEU C 265 -0.24 -5.83 -16.73
C LEU C 265 0.76 -6.44 -15.72
N PHE C 266 2.05 -6.12 -15.87
CA PHE C 266 3.13 -6.63 -15.01
C PHE C 266 3.08 -6.05 -13.60
N ASP C 267 2.62 -4.78 -13.43
CA ASP C 267 2.51 -4.10 -12.14
C ASP C 267 1.51 -4.78 -11.23
N LYS C 268 0.57 -5.51 -11.82
CA LYS C 268 -0.48 -6.19 -11.09
C LYS C 268 -0.20 -7.70 -10.95
N ASP C 269 1.03 -8.17 -11.23
CA ASP C 269 1.47 -9.57 -11.11
C ASP C 269 0.46 -10.61 -11.69
N CYS C 270 -0.14 -10.28 -12.87
CA CYS C 270 -1.18 -11.04 -13.56
C CYS C 270 -0.71 -12.36 -14.16
N VAL C 271 0.33 -12.29 -15.00
CA VAL C 271 0.79 -13.40 -15.81
C VAL C 271 2.18 -13.94 -15.45
N ASP C 272 2.37 -15.23 -15.78
CA ASP C 272 3.61 -15.98 -15.70
C ASP C 272 4.32 -15.80 -17.07
N ILE C 273 3.52 -15.75 -18.17
CA ILE C 273 3.96 -15.57 -19.57
C ILE C 273 3.18 -14.44 -20.21
N ALA C 274 3.89 -13.45 -20.80
CA ALA C 274 3.27 -12.32 -21.51
C ALA C 274 3.22 -12.67 -23.00
N GLN C 275 2.06 -12.51 -23.64
CA GLN C 275 1.90 -12.89 -25.04
C GLN C 275 1.52 -11.72 -25.95
N PRO C 276 2.42 -10.74 -26.20
CA PRO C 276 2.06 -9.66 -27.14
C PRO C 276 2.10 -10.14 -28.59
N ASP C 277 1.16 -9.67 -29.42
CA ASP C 277 1.15 -10.00 -30.83
C ASP C 277 1.90 -8.86 -31.52
N ILE C 278 2.99 -9.19 -32.25
CA ILE C 278 3.85 -8.20 -32.91
C ILE C 278 3.03 -7.29 -33.81
N CYS C 279 2.11 -7.90 -34.58
CA CYS C 279 1.19 -7.32 -35.55
C CYS C 279 0.05 -6.48 -34.94
N ALA C 280 0.01 -6.37 -33.61
CA ALA C 280 -1.02 -5.54 -32.98
C ALA C 280 -0.47 -4.60 -31.90
N ALA C 281 0.38 -5.13 -30.97
CA ALA C 281 0.95 -4.40 -29.82
C ALA C 281 1.84 -3.16 -30.15
N GLY C 282 2.31 -3.05 -31.40
CA GLY C 282 3.16 -1.93 -31.82
C GLY C 282 4.34 -2.28 -32.71
N GLY C 283 4.27 -3.48 -33.31
CA GLY C 283 5.28 -4.00 -34.23
C GLY C 283 6.50 -4.58 -33.56
N LEU C 284 7.59 -4.75 -34.33
CA LEU C 284 8.84 -5.28 -33.79
C LEU C 284 9.52 -4.33 -32.84
N THR C 285 9.44 -3.01 -33.15
CA THR C 285 9.97 -1.93 -32.31
C THR C 285 9.35 -1.97 -30.95
N GLU C 286 8.00 -2.02 -30.84
CA GLU C 286 7.40 -2.03 -29.52
C GLU C 286 7.48 -3.36 -28.83
N VAL C 287 7.24 -4.51 -29.51
CA VAL C 287 7.39 -5.82 -28.84
C VAL C 287 8.79 -5.97 -28.28
N LYS C 288 9.81 -5.37 -28.92
CA LYS C 288 11.20 -5.35 -28.37
C LYS C 288 11.23 -4.52 -27.07
N LYS C 289 10.53 -3.38 -27.04
CA LYS C 289 10.49 -2.54 -25.84
C LYS C 289 9.73 -3.24 -24.73
N ILE C 290 8.63 -3.95 -25.09
CA ILE C 290 7.85 -4.81 -24.19
C ILE C 290 8.78 -5.96 -23.68
N ALA C 291 9.69 -6.45 -24.53
CA ALA C 291 10.63 -7.50 -24.16
C ALA C 291 11.62 -7.05 -23.07
N THR C 292 12.06 -5.78 -23.11
CA THR C 292 12.94 -5.11 -22.13
C THR C 292 12.22 -5.04 -20.77
N LEU C 293 10.92 -4.64 -20.82
CA LEU C 293 10.04 -4.52 -19.67
C LEU C 293 9.81 -5.88 -19.06
N ALA C 294 9.40 -6.88 -19.88
CA ALA C 294 9.17 -8.25 -19.43
C ALA C 294 10.36 -8.73 -18.67
N GLN C 295 11.58 -8.46 -19.20
CA GLN C 295 12.90 -8.80 -18.63
C GLN C 295 13.10 -8.18 -17.28
N THR C 296 12.90 -6.87 -17.17
CA THR C 296 13.02 -6.11 -15.92
C THR C 296 12.05 -6.68 -14.86
N TYR C 297 10.82 -7.01 -15.25
CA TYR C 297 9.83 -7.60 -14.36
C TYR C 297 10.02 -9.10 -14.17
N ASN C 298 11.02 -9.69 -14.85
CA ASN C 298 11.35 -11.12 -14.78
C ASN C 298 10.12 -12.03 -15.09
N VAL C 299 9.43 -11.71 -16.19
CA VAL C 299 8.25 -12.42 -16.73
C VAL C 299 8.65 -12.91 -18.12
N ASP C 300 8.33 -14.18 -18.43
CA ASP C 300 8.59 -14.82 -19.73
C ASP C 300 7.76 -14.17 -20.81
N LEU C 301 8.27 -14.23 -22.06
CA LEU C 301 7.60 -13.70 -23.25
C LEU C 301 7.55 -14.76 -24.33
N VAL C 302 6.35 -15.10 -24.77
CA VAL C 302 6.08 -16.01 -25.88
C VAL C 302 5.11 -15.18 -26.69
N PRO C 303 5.47 -14.64 -27.87
CA PRO C 303 4.51 -13.80 -28.59
C PRO C 303 3.28 -14.54 -29.12
N HIS C 304 2.22 -13.77 -29.41
CA HIS C 304 1.01 -14.32 -29.99
C HIS C 304 1.16 -14.17 -31.52
N THR C 305 0.90 -15.26 -32.28
CA THR C 305 1.00 -15.26 -33.75
C THR C 305 -0.16 -16.01 -34.39
N TRP C 306 -0.98 -15.30 -35.18
CA TRP C 306 -2.16 -15.85 -35.85
C TRP C 306 -2.47 -15.12 -37.17
N GLY C 307 -1.52 -15.19 -38.11
CA GLY C 307 -1.64 -14.59 -39.43
C GLY C 307 -0.93 -15.36 -40.53
N THR C 308 -0.30 -14.62 -41.48
CA THR C 308 0.45 -15.22 -42.59
C THR C 308 1.91 -15.41 -42.17
N TRP C 309 2.79 -15.79 -43.12
CA TRP C 309 4.21 -15.95 -42.82
C TRP C 309 4.91 -14.59 -42.67
N ILE C 310 4.24 -13.44 -42.95
CA ILE C 310 4.84 -12.12 -42.67
C ILE C 310 4.86 -11.98 -41.15
N ALA C 311 3.73 -12.34 -40.47
CA ALA C 311 3.51 -12.36 -39.02
C ALA C 311 4.38 -13.40 -38.34
N ILE C 312 4.38 -14.66 -38.87
CA ILE C 312 5.18 -15.74 -38.27
C ILE C 312 6.67 -15.38 -38.31
N SER C 313 7.16 -14.84 -39.45
CA SER C 313 8.55 -14.41 -39.62
C SER C 313 9.00 -13.43 -38.56
N ALA C 314 8.20 -12.37 -38.29
CA ALA C 314 8.47 -11.35 -37.25
C ALA C 314 8.67 -12.03 -35.88
N ALA C 315 7.87 -13.07 -35.56
CA ALA C 315 8.00 -13.85 -34.32
C ALA C 315 9.25 -14.71 -34.37
N VAL C 316 9.55 -15.34 -35.51
CA VAL C 316 10.78 -16.15 -35.66
C VAL C 316 11.99 -15.29 -35.27
N HIS C 317 12.06 -14.10 -35.86
CA HIS C 317 13.14 -13.15 -35.60
C HIS C 317 13.10 -12.55 -34.21
N LEU C 318 11.89 -12.43 -33.60
CA LEU C 318 11.83 -11.89 -32.23
C LEU C 318 12.28 -12.92 -31.19
N VAL C 319 11.74 -14.17 -31.22
CA VAL C 319 12.15 -15.19 -30.23
C VAL C 319 13.65 -15.56 -30.43
N ALA C 320 14.20 -15.41 -31.65
CA ALA C 320 15.62 -15.64 -31.91
C ALA C 320 16.43 -14.66 -31.05
N ASN C 321 16.06 -13.36 -31.05
CA ASN C 321 16.68 -12.27 -30.29
C ASN C 321 16.33 -12.26 -28.78
N LEU C 322 15.27 -12.97 -28.39
CA LEU C 322 14.84 -13.10 -26.99
C LEU C 322 15.84 -13.95 -26.23
N ASP C 323 15.99 -13.73 -24.90
CA ASP C 323 16.90 -14.47 -23.99
C ASP C 323 16.17 -14.84 -22.68
N LEU C 333 15.51 -24.44 -25.19
CA LEU C 333 14.92 -24.06 -26.48
C LEU C 333 13.61 -23.27 -26.35
N PRO C 334 13.51 -22.07 -26.97
CA PRO C 334 12.26 -21.29 -26.87
C PRO C 334 11.13 -21.80 -27.76
N THR C 335 9.87 -21.35 -27.51
CA THR C 335 8.68 -21.68 -28.33
C THR C 335 8.03 -20.41 -28.88
N MET C 336 7.14 -20.58 -29.88
CA MET C 336 6.35 -19.53 -30.51
C MET C 336 5.05 -20.11 -31.08
N GLU C 337 4.06 -19.24 -31.37
CA GLU C 337 2.77 -19.70 -31.89
C GLU C 337 2.82 -20.03 -33.37
N LEU C 338 2.68 -21.32 -33.69
CA LEU C 338 2.64 -21.78 -35.08
C LEU C 338 1.24 -22.31 -35.43
N ASP C 339 0.40 -21.44 -36.05
CA ASP C 339 -0.97 -21.76 -36.47
C ASP C 339 -0.96 -22.91 -37.46
N ARG C 340 -1.55 -24.07 -37.08
CA ARG C 340 -1.56 -25.25 -37.95
C ARG C 340 -2.93 -25.54 -38.58
N THR C 341 -3.89 -24.59 -38.43
CA THR C 341 -5.24 -24.70 -38.96
C THR C 341 -5.24 -24.53 -40.49
N GLU C 342 -6.44 -24.63 -41.10
CA GLU C 342 -6.65 -24.50 -42.55
C GLU C 342 -6.48 -23.03 -42.92
N ASN C 343 -5.38 -22.68 -43.63
CA ASN C 343 -5.14 -21.29 -44.00
C ASN C 343 -4.47 -21.11 -45.37
N ALA C 344 -5.30 -20.94 -46.40
CA ALA C 344 -4.90 -20.73 -47.79
C ALA C 344 -4.29 -19.33 -47.92
N LEU C 345 -4.86 -18.38 -47.18
CA LEU C 345 -4.44 -16.99 -47.10
C LEU C 345 -2.96 -16.89 -46.68
N ARG C 346 -2.55 -17.74 -45.70
CA ARG C 346 -1.17 -17.82 -45.21
C ARG C 346 -0.28 -18.66 -46.13
N ASP C 347 -0.65 -19.94 -46.38
CA ASP C 347 0.11 -20.90 -47.16
C ASP C 347 0.29 -20.59 -48.67
N GLU C 348 -0.58 -19.76 -49.26
CA GLU C 348 -0.49 -19.44 -50.70
C GLU C 348 -0.04 -18.01 -50.99
N VAL C 349 -0.62 -17.00 -50.32
CA VAL C 349 -0.27 -15.60 -50.57
C VAL C 349 1.16 -15.28 -50.11
N THR C 350 1.61 -15.87 -48.97
CA THR C 350 2.95 -15.61 -48.45
C THR C 350 3.90 -16.79 -48.60
N LEU C 351 5.10 -16.44 -49.05
CA LEU C 351 6.23 -17.31 -49.33
C LEU C 351 7.31 -17.15 -48.25
N HIS C 352 7.57 -18.23 -47.53
CA HIS C 352 8.60 -18.27 -46.48
C HIS C 352 9.82 -19.09 -46.92
N LYS C 353 10.99 -18.79 -46.33
CA LYS C 353 12.25 -19.49 -46.59
C LYS C 353 12.59 -20.47 -45.44
N ILE C 354 12.03 -20.22 -44.23
CA ILE C 354 12.24 -20.94 -42.97
C ILE C 354 11.99 -22.47 -43.11
N LYS C 355 12.76 -23.26 -42.35
CA LYS C 355 12.74 -24.72 -42.38
C LYS C 355 12.28 -25.36 -41.07
N LEU C 356 11.31 -26.29 -41.15
CA LEU C 356 10.80 -27.01 -39.97
C LEU C 356 10.83 -28.52 -40.17
N GLU C 357 11.62 -29.22 -39.34
CA GLU C 357 11.74 -30.68 -39.38
C GLU C 357 11.89 -31.26 -37.98
N ASN C 358 10.92 -32.11 -37.61
CA ASN C 358 10.78 -32.81 -36.33
C ASN C 358 10.71 -31.83 -35.14
N GLY C 359 9.64 -31.03 -35.12
CA GLY C 359 9.32 -30.05 -34.08
C GLY C 359 10.24 -28.85 -33.96
N HIS C 360 11.41 -28.88 -34.61
CA HIS C 360 12.37 -27.78 -34.54
C HIS C 360 12.36 -26.93 -35.79
N LEU C 361 12.27 -25.61 -35.57
CA LEU C 361 12.26 -24.53 -36.56
C LEU C 361 13.65 -23.91 -36.53
N GLU C 362 14.15 -23.48 -37.69
CA GLU C 362 15.48 -22.91 -37.82
C GLU C 362 15.39 -21.48 -38.33
N VAL C 363 15.89 -20.54 -37.52
CA VAL C 363 15.91 -19.10 -37.83
C VAL C 363 16.66 -18.87 -39.16
N PRO C 364 16.05 -18.13 -40.13
CA PRO C 364 16.75 -17.87 -41.40
C PRO C 364 17.83 -16.78 -41.28
N CYS C 365 18.81 -16.82 -42.19
CA CYS C 365 19.96 -15.92 -42.26
C CYS C 365 19.81 -14.90 -43.40
N THR C 366 18.72 -15.03 -44.20
CA THR C 366 18.34 -14.20 -45.34
C THR C 366 18.06 -12.74 -44.91
N PRO C 367 18.37 -11.72 -45.75
CA PRO C 367 18.13 -10.31 -45.34
C PRO C 367 16.65 -9.98 -45.13
N GLY C 368 16.35 -9.39 -43.99
CA GLY C 368 14.99 -9.04 -43.59
C GLY C 368 14.29 -10.21 -42.93
N LEU C 369 12.95 -10.21 -42.99
CA LEU C 369 12.13 -11.26 -42.39
C LEU C 369 12.32 -12.61 -43.10
N GLY C 370 12.66 -12.56 -44.38
CA GLY C 370 12.88 -13.76 -45.20
C GLY C 370 11.59 -14.23 -45.81
N VAL C 371 10.74 -13.26 -46.22
CA VAL C 371 9.42 -13.49 -46.81
C VAL C 371 9.13 -12.64 -48.02
N ASP C 372 8.29 -13.23 -48.89
CA ASP C 372 7.75 -12.62 -50.10
C ASP C 372 6.27 -12.96 -50.27
N VAL C 373 5.59 -12.20 -51.14
CA VAL C 373 4.17 -12.38 -51.46
C VAL C 373 4.03 -12.74 -52.96
N ASP C 374 3.36 -13.88 -53.26
CA ASP C 374 3.04 -14.32 -54.63
C ASP C 374 1.98 -13.35 -55.10
N MET C 375 2.36 -12.40 -55.98
CA MET C 375 1.49 -11.32 -56.45
C MET C 375 0.28 -11.78 -57.29
N ASP C 376 0.31 -13.03 -57.79
CA ASP C 376 -0.81 -13.63 -58.54
C ASP C 376 -1.84 -14.17 -57.55
N LYS C 377 -1.37 -14.83 -56.48
CA LYS C 377 -2.24 -15.33 -55.42
C LYS C 377 -2.77 -14.18 -54.56
N LEU C 378 -2.06 -13.04 -54.56
CA LEU C 378 -2.44 -11.80 -53.88
C LEU C 378 -3.62 -11.21 -54.64
N GLU C 379 -3.50 -11.03 -55.99
CA GLU C 379 -4.58 -10.52 -56.86
C GLU C 379 -5.83 -11.41 -56.82
N HIS C 380 -5.62 -12.74 -56.74
CA HIS C 380 -6.70 -13.72 -56.70
C HIS C 380 -7.46 -13.67 -55.41
N TYR C 381 -6.74 -13.64 -54.28
CA TYR C 381 -7.30 -13.65 -52.92
C TYR C 381 -7.66 -12.26 -52.38
N LEU C 382 -7.49 -11.19 -53.16
CA LEU C 382 -7.86 -9.85 -52.72
C LEU C 382 -9.38 -9.69 -52.44
N ASP C 383 -9.80 -8.54 -51.86
CA ASP C 383 -11.20 -8.28 -51.52
C ASP C 383 -11.72 -6.99 -52.20
N LYS C 384 -13.05 -6.97 -52.50
CA LYS C 384 -13.73 -5.84 -53.13
C LYS C 384 -14.28 -4.82 -52.11
N SER D 9 -15.48 9.19 48.52
CA SER D 9 -14.77 7.96 48.91
C SER D 9 -13.29 7.97 48.44
N LYS D 10 -12.50 8.87 49.06
CA LYS D 10 -11.10 9.15 48.84
C LYS D 10 -10.18 8.00 49.31
N ILE D 11 -8.99 7.84 48.65
CA ILE D 11 -7.97 6.81 48.94
C ILE D 11 -7.16 7.29 50.14
N LYS D 12 -7.04 6.46 51.20
CA LYS D 12 -6.18 6.85 52.33
C LYS D 12 -4.85 6.03 52.34
N LYS D 13 -4.90 4.72 51.99
CA LYS D 13 -3.69 3.90 51.95
C LYS D 13 -3.65 2.78 50.85
N ILE D 14 -2.63 2.87 49.96
CA ILE D 14 -2.33 1.84 48.93
C ILE D 14 -1.23 0.97 49.57
N GLU D 15 -1.44 -0.38 49.63
CA GLU D 15 -0.48 -1.30 50.25
C GLU D 15 -0.05 -2.45 49.35
N PRO D 16 1.14 -2.33 48.69
CA PRO D 16 1.63 -3.45 47.85
C PRO D 16 2.31 -4.57 48.65
N TYR D 17 2.05 -5.84 48.28
CA TYR D 17 2.57 -7.00 48.99
C TYR D 17 3.21 -8.06 48.07
N VAL D 18 4.56 -8.19 48.13
CA VAL D 18 5.29 -9.23 47.37
C VAL D 18 5.26 -10.51 48.21
N ILE D 19 4.68 -11.58 47.66
CA ILE D 19 4.49 -12.85 48.36
C ILE D 19 5.26 -13.99 47.64
N SER D 20 6.21 -14.66 48.34
CA SER D 20 7.08 -15.71 47.77
C SER D 20 6.65 -17.14 48.16
N HIS D 21 7.02 -18.16 47.33
CA HIS D 21 6.75 -19.61 47.51
C HIS D 21 7.55 -20.53 46.53
N LYS D 22 8.42 -21.43 47.06
CA LYS D 22 9.19 -22.40 46.24
C LYS D 22 8.54 -23.77 46.33
N LEU D 23 8.36 -24.48 45.19
CA LEU D 23 7.71 -25.81 45.22
C LEU D 23 8.62 -26.95 44.72
N ASP D 24 8.86 -27.00 43.37
CA ASP D 24 9.70 -27.96 42.62
C ASP D 24 9.64 -27.68 41.10
N ASP D 35 11.21 -23.77 40.70
CA ASP D 35 11.81 -22.84 41.65
C ASP D 35 10.74 -22.04 42.44
N THR D 36 10.96 -20.72 42.66
CA THR D 36 10.07 -19.80 43.38
C THR D 36 8.99 -19.17 42.47
N ARG D 37 7.86 -18.81 43.09
CA ARG D 37 6.73 -18.09 42.50
C ARG D 37 6.53 -16.83 43.35
N LYS D 38 6.99 -15.70 42.82
CA LYS D 38 6.91 -14.37 43.45
C LYS D 38 5.92 -13.50 42.63
N ILE D 39 4.74 -13.18 43.21
CA ILE D 39 3.73 -12.33 42.57
C ILE D 39 3.45 -11.12 43.47
N CYS D 40 3.25 -9.92 42.91
CA CYS D 40 2.92 -8.74 43.71
C CYS D 40 1.40 -8.59 43.72
N ILE D 41 0.85 -7.95 44.76
CA ILE D 41 -0.59 -7.76 45.01
C ILE D 41 -0.76 -6.35 45.63
N VAL D 42 -1.97 -5.74 45.54
CA VAL D 42 -2.26 -4.46 46.20
C VAL D 42 -3.56 -4.49 46.96
N LYS D 43 -3.64 -3.66 48.02
CA LYS D 43 -4.84 -3.39 48.78
C LYS D 43 -4.98 -1.87 48.88
N ILE D 44 -5.98 -1.32 48.19
CA ILE D 44 -6.23 0.11 48.27
C ILE D 44 -7.39 0.21 49.22
N THR D 45 -7.24 1.06 50.25
CA THR D 45 -8.28 1.30 51.25
C THR D 45 -8.60 2.81 51.31
N LEU D 46 -9.92 3.13 51.30
CA LEU D 46 -10.47 4.47 51.34
C LEU D 46 -10.61 5.01 52.78
N ASP D 47 -10.81 6.34 52.96
CA ASP D 47 -11.00 6.98 54.26
C ASP D 47 -12.04 6.21 55.10
N ASP D 48 -13.10 5.69 54.45
CA ASP D 48 -14.22 4.95 55.03
C ASP D 48 -13.92 3.43 55.27
N GLY D 49 -12.67 3.02 55.12
CA GLY D 49 -12.30 1.63 55.35
C GLY D 49 -12.78 0.62 54.33
N THR D 50 -13.23 1.10 53.14
CA THR D 50 -13.61 0.23 52.02
C THR D 50 -12.29 -0.13 51.37
N TYR D 51 -12.00 -1.44 51.29
CA TYR D 51 -10.78 -1.90 50.64
C TYR D 51 -11.10 -2.55 49.31
N GLY D 52 -10.07 -2.70 48.48
CA GLY D 52 -10.11 -3.31 47.16
C GLY D 52 -8.80 -4.03 46.90
N TRP D 53 -8.88 -5.24 46.36
CA TRP D 53 -7.72 -6.07 46.03
C TRP D 53 -7.36 -6.04 44.54
N GLY D 54 -6.09 -5.90 44.28
CA GLY D 54 -5.55 -5.85 42.93
C GLY D 54 -4.31 -6.70 42.77
N GLU D 55 -3.89 -6.90 41.53
CA GLU D 55 -2.75 -7.72 41.18
C GLU D 55 -2.07 -7.21 39.92
N GLY D 56 -0.73 -7.29 39.93
CA GLY D 56 0.17 -6.98 38.82
C GLY D 56 0.83 -8.24 38.27
N TYR D 57 0.97 -8.36 36.94
CA TYR D 57 1.62 -9.52 36.33
C TYR D 57 3.02 -9.19 35.83
N GLY D 58 4.01 -9.97 36.28
CA GLY D 58 5.41 -9.81 35.91
C GLY D 58 6.37 -9.97 37.08
N PRO D 59 7.50 -9.22 37.11
CA PRO D 59 8.45 -9.36 38.24
C PRO D 59 7.99 -8.61 39.49
N ALA D 60 7.47 -9.39 40.45
CA ALA D 60 6.88 -8.93 41.70
C ALA D 60 7.53 -7.64 42.30
N ALA D 61 8.78 -7.72 42.76
CA ALA D 61 9.50 -6.63 43.42
C ALA D 61 9.65 -5.34 42.58
N VAL D 62 9.60 -5.49 41.22
CA VAL D 62 9.71 -4.38 40.28
C VAL D 62 8.37 -3.70 40.14
N ILE D 63 7.28 -4.50 40.16
CA ILE D 63 5.89 -3.98 40.12
C ILE D 63 5.63 -3.22 41.45
N LYS D 64 6.07 -3.82 42.56
CA LYS D 64 5.89 -3.31 43.90
C LYS D 64 6.46 -1.91 44.06
N SER D 65 7.57 -1.63 43.38
CA SER D 65 8.19 -0.31 43.43
C SER D 65 7.42 0.65 42.56
N GLY D 66 6.82 0.10 41.50
CA GLY D 66 6.00 0.81 40.54
C GLY D 66 4.82 1.41 41.25
N ILE D 67 4.08 0.58 42.04
CA ILE D 67 2.92 1.00 42.83
C ILE D 67 3.35 2.16 43.75
N ASP D 68 4.52 1.98 44.45
CA ASP D 68 5.13 2.99 45.31
C ASP D 68 5.40 4.32 44.57
N PHE D 69 5.67 4.24 43.24
CA PHE D 69 5.92 5.42 42.41
C PHE D 69 4.66 6.25 42.24
N PHE D 70 3.51 5.60 41.96
CA PHE D 70 2.23 6.26 41.76
C PHE D 70 1.51 6.61 43.06
N THR D 71 1.86 5.91 44.17
CA THR D 71 1.17 6.07 45.44
C THR D 71 1.11 7.55 45.84
N PRO D 72 2.19 8.38 45.81
CA PRO D 72 2.03 9.80 46.18
C PRO D 72 0.92 10.59 45.49
N PHE D 73 0.70 10.37 44.16
CA PHE D 73 -0.30 11.07 43.34
C PHE D 73 -1.69 10.39 43.29
N LEU D 74 -1.94 9.41 44.17
CA LEU D 74 -3.22 8.69 44.21
C LEU D 74 -3.98 8.86 45.53
N LEU D 75 -3.24 9.12 46.60
CA LEU D 75 -3.76 9.33 47.94
C LEU D 75 -4.58 10.64 48.00
N GLY D 76 -5.74 10.57 48.67
CA GLY D 76 -6.66 11.69 48.86
C GLY D 76 -7.52 12.00 47.66
N LYS D 77 -7.66 10.97 46.80
CA LYS D 77 -8.40 11.02 45.55
C LYS D 77 -9.47 9.94 45.57
N GLU D 78 -10.62 10.27 44.94
CA GLU D 78 -11.84 9.48 44.82
C GLU D 78 -11.65 8.22 43.97
N ALA D 79 -12.06 7.08 44.51
CA ALA D 79 -11.97 5.78 43.85
C ALA D 79 -13.03 5.46 42.74
N ILE D 80 -14.28 6.04 42.80
CA ILE D 80 -15.34 5.78 41.80
C ILE D 80 -14.92 6.27 40.40
N GLY D 81 -14.34 7.46 40.33
CA GLY D 81 -13.80 8.04 39.10
C GLY D 81 -12.45 7.44 38.75
N HIS D 82 -12.38 6.10 38.65
CA HIS D 82 -11.21 5.27 38.39
C HIS D 82 -10.41 5.71 37.16
N GLU D 83 -11.11 6.20 36.11
CA GLU D 83 -10.49 6.67 34.87
C GLU D 83 -9.70 7.94 35.09
N VAL D 84 -10.11 8.78 36.07
CA VAL D 84 -9.38 10.01 36.41
C VAL D 84 -8.00 9.64 36.99
N LEU D 85 -7.96 8.54 37.77
CA LEU D 85 -6.75 8.01 38.40
C LEU D 85 -5.86 7.35 37.35
N TRP D 86 -6.48 6.55 36.43
CA TRP D 86 -5.79 5.84 35.33
C TRP D 86 -5.07 6.83 34.46
N GLN D 87 -5.76 7.91 34.08
CA GLN D 87 -5.17 8.99 33.29
C GLN D 87 -4.07 9.78 34.04
N GLU D 88 -4.16 9.90 35.38
CA GLU D 88 -3.12 10.57 36.16
C GLU D 88 -1.86 9.72 36.11
N MET D 89 -1.98 8.39 36.41
CA MET D 89 -0.92 7.39 36.37
C MET D 89 -0.29 7.33 35.00
N TYR D 90 -1.12 7.40 33.93
CA TYR D 90 -0.65 7.41 32.56
C TYR D 90 0.16 8.67 32.29
N ARG D 91 -0.41 9.88 32.50
CA ARG D 91 0.29 11.16 32.33
C ARG D 91 1.64 11.18 33.05
N ARG D 92 1.74 10.54 34.23
CA ARG D 92 2.98 10.43 35.01
C ARG D 92 4.00 9.44 34.40
N SER D 93 3.55 8.26 33.88
CA SER D 93 4.42 7.20 33.33
C SER D 93 4.55 7.10 31.77
N MET D 94 3.79 7.91 30.98
CA MET D 94 3.73 7.88 29.50
C MET D 94 5.10 8.09 28.80
N ASP D 95 6.08 8.70 29.50
CA ASP D 95 7.44 8.96 29.04
C ASP D 95 8.40 7.81 29.39
N TYR D 96 8.13 7.07 30.49
CA TYR D 96 8.97 5.96 31.01
C TYR D 96 8.27 4.58 31.09
N ALA D 97 7.15 4.40 30.38
CA ALA D 97 6.42 3.14 30.45
C ALA D 97 6.13 2.56 29.06
N ARG D 98 4.86 2.71 28.54
CA ARG D 98 4.40 2.20 27.23
C ARG D 98 4.14 0.69 27.27
N SER D 99 5.07 -0.07 27.86
CA SER D 99 4.97 -1.51 28.06
C SER D 99 5.58 -1.90 29.43
N GLY D 100 5.52 -3.19 29.70
CA GLY D 100 6.09 -3.86 30.86
C GLY D 100 5.62 -3.49 32.25
N VAL D 101 6.62 -3.33 33.15
CA VAL D 101 6.58 -3.09 34.59
C VAL D 101 5.62 -1.98 35.02
N LEU D 102 5.80 -0.70 34.60
CA LEU D 102 4.89 0.37 35.06
C LEU D 102 3.42 0.14 34.63
N GLN D 103 3.19 -0.67 33.55
CA GLN D 103 1.85 -1.03 33.09
C GLN D 103 1.20 -2.02 34.05
N ALA D 104 2.01 -2.95 34.61
CA ALA D 104 1.54 -3.93 35.59
C ALA D 104 1.30 -3.24 36.97
N ALA D 105 2.00 -2.11 37.24
CA ALA D 105 1.77 -1.28 38.43
C ALA D 105 0.43 -0.54 38.26
N ILE D 106 0.15 0.01 37.03
CA ILE D 106 -1.12 0.70 36.69
C ILE D 106 -2.27 -0.32 36.68
N SER D 107 -2.03 -1.56 36.15
CA SER D 107 -3.01 -2.65 36.12
C SER D 107 -3.47 -3.05 37.53
N ALA D 108 -2.49 -3.31 38.44
CA ALA D 108 -2.67 -3.70 39.82
C ALA D 108 -3.58 -2.71 40.56
N ILE D 109 -3.28 -1.39 40.49
CA ILE D 109 -4.10 -0.32 41.09
C ILE D 109 -5.52 -0.34 40.47
N ASP D 110 -5.63 -0.42 39.12
CA ASP D 110 -6.90 -0.46 38.40
C ASP D 110 -7.83 -1.57 38.92
N VAL D 111 -7.37 -2.84 38.92
CA VAL D 111 -8.16 -4.00 39.36
C VAL D 111 -8.71 -3.79 40.80
N ALA D 112 -7.88 -3.22 41.70
CA ALA D 112 -8.32 -2.89 43.07
C ALA D 112 -9.37 -1.75 43.09
N LEU D 113 -9.29 -0.76 42.17
CA LEU D 113 -10.29 0.33 42.08
C LEU D 113 -11.65 -0.16 41.52
N TRP D 114 -11.62 -1.32 40.85
CA TRP D 114 -12.78 -1.98 40.28
C TRP D 114 -13.41 -2.88 41.35
N ASP D 115 -12.59 -3.38 42.32
CA ASP D 115 -13.09 -4.17 43.45
C ASP D 115 -13.78 -3.19 44.39
N ILE D 116 -13.13 -2.02 44.66
CA ILE D 116 -13.68 -0.91 45.45
C ILE D 116 -15.02 -0.49 44.88
N LYS D 117 -15.09 -0.12 43.60
CA LYS D 117 -16.30 0.35 42.91
C LYS D 117 -17.41 -0.66 42.99
N GLY D 118 -17.07 -1.93 42.77
CA GLY D 118 -17.99 -3.05 42.88
C GLY D 118 -18.64 -3.11 44.25
N LYS D 119 -17.79 -3.07 45.28
CA LYS D 119 -18.21 -3.04 46.69
C LYS D 119 -19.07 -1.77 46.97
N LEU D 120 -18.48 -0.55 46.75
CA LEU D 120 -19.04 0.80 46.87
C LEU D 120 -20.48 0.90 46.33
N LEU D 121 -20.70 0.42 45.08
CA LEU D 121 -22.02 0.48 44.40
C LEU D 121 -22.81 -0.81 44.56
N ASN D 122 -22.34 -1.71 45.40
CA ASN D 122 -22.95 -3.01 45.76
C ASN D 122 -23.38 -3.85 44.55
N LEU D 123 -22.50 -3.93 43.55
CA LEU D 123 -22.71 -4.70 42.32
C LEU D 123 -21.47 -5.47 41.91
N PRO D 124 -21.56 -6.66 41.24
CA PRO D 124 -20.32 -7.30 40.74
C PRO D 124 -19.65 -6.44 39.65
N VAL D 125 -18.37 -6.71 39.33
CA VAL D 125 -17.60 -5.95 38.32
C VAL D 125 -18.19 -6.12 36.91
N SER D 126 -18.59 -7.36 36.54
CA SER D 126 -19.17 -7.60 35.22
C SER D 126 -20.32 -6.64 34.95
N VAL D 127 -21.34 -6.60 35.85
CA VAL D 127 -22.52 -5.73 35.74
C VAL D 127 -22.09 -4.25 35.65
N LEU D 128 -21.02 -3.90 36.36
CA LEU D 128 -20.47 -2.56 36.38
C LEU D 128 -19.61 -2.22 35.16
N LEU D 129 -19.26 -3.26 34.34
CA LEU D 129 -18.48 -3.10 33.08
C LEU D 129 -19.49 -2.88 31.93
N GLY D 130 -20.77 -3.14 32.20
CA GLY D 130 -21.84 -2.98 31.22
C GLY D 130 -22.96 -3.99 31.28
N GLY D 131 -22.65 -5.18 31.81
CA GLY D 131 -23.65 -6.24 31.94
C GLY D 131 -23.12 -7.63 31.73
N VAL D 132 -23.69 -8.59 32.46
CA VAL D 132 -23.34 -10.01 32.35
C VAL D 132 -23.91 -10.54 31.04
N LYS D 133 -23.02 -10.82 30.08
CA LYS D 133 -23.42 -11.35 28.77
C LYS D 133 -23.42 -12.86 28.81
N ASN D 134 -22.50 -13.43 29.62
CA ASN D 134 -22.30 -14.86 29.80
C ASN D 134 -22.26 -15.18 31.31
N PRO D 135 -23.39 -15.68 31.87
CA PRO D 135 -23.41 -16.00 33.32
C PRO D 135 -22.62 -17.26 33.68
N ILE D 136 -22.35 -18.10 32.67
CA ILE D 136 -21.59 -19.33 32.76
C ILE D 136 -20.48 -19.24 31.71
N ILE D 137 -19.26 -19.62 32.12
CA ILE D 137 -18.06 -19.66 31.30
C ILE D 137 -17.46 -21.08 31.43
N GLU D 138 -16.78 -21.60 30.40
CA GLU D 138 -16.13 -22.91 30.48
C GLU D 138 -14.61 -22.75 30.33
N PRO D 139 -13.84 -22.59 31.44
CA PRO D 139 -12.40 -22.35 31.30
C PRO D 139 -11.57 -23.56 30.89
N TYR D 140 -10.32 -23.33 30.47
CA TYR D 140 -9.39 -24.39 30.09
C TYR D 140 -8.34 -24.61 31.18
N ALA D 141 -7.86 -25.85 31.28
CA ALA D 141 -6.85 -26.24 32.26
C ALA D 141 -5.45 -26.15 31.66
N THR D 142 -4.55 -25.35 32.28
CA THR D 142 -3.16 -25.20 31.82
C THR D 142 -2.22 -26.17 32.60
N GLY D 143 -1.44 -26.97 31.86
CA GLY D 143 -0.55 -27.97 32.46
C GLY D 143 0.78 -28.19 31.75
N LEU D 144 1.79 -27.39 32.13
CA LEU D 144 3.17 -27.40 31.64
C LEU D 144 4.03 -28.52 32.24
N TYR D 145 5.13 -28.90 31.54
CA TYR D 145 6.07 -29.93 32.00
C TYR D 145 7.15 -29.33 32.91
N LEU D 152 8.62 -39.32 34.39
CA LEU D 152 8.85 -38.47 33.22
C LEU D 152 8.01 -38.86 31.98
N GLU D 153 7.53 -37.84 31.22
CA GLU D 153 6.72 -37.91 29.98
C GLU D 153 5.30 -38.48 30.16
N GLU D 154 5.18 -39.69 30.75
CA GLU D 154 3.91 -40.38 31.00
C GLU D 154 3.09 -39.66 32.08
N LEU D 155 3.74 -38.76 32.85
CA LEU D 155 3.14 -37.96 33.91
C LEU D 155 2.21 -36.92 33.31
N LEU D 156 2.55 -36.38 32.10
CA LEU D 156 1.77 -35.39 31.36
C LEU D 156 0.40 -35.96 30.96
N VAL D 157 0.37 -37.24 30.52
CA VAL D 157 -0.81 -38.00 30.11
C VAL D 157 -1.79 -38.12 31.29
N GLU D 158 -1.25 -38.41 32.50
CA GLU D 158 -2.01 -38.55 33.74
C GLU D 158 -2.65 -37.23 34.18
N GLU D 159 -1.89 -36.11 34.09
CA GLU D 159 -2.32 -34.74 34.42
C GLU D 159 -3.51 -34.34 33.51
N ALA D 160 -3.43 -34.72 32.22
CA ALA D 160 -4.46 -34.48 31.22
C ALA D 160 -5.72 -35.30 31.53
N LEU D 161 -5.56 -36.61 31.80
CA LEU D 161 -6.66 -37.52 32.13
C LEU D 161 -7.42 -37.07 33.38
N LEU D 162 -6.69 -36.44 34.33
CA LEU D 162 -7.23 -35.87 35.56
C LEU D 162 -8.19 -34.73 35.20
N TYR D 163 -7.75 -33.82 34.30
CA TYR D 163 -8.53 -32.67 33.83
C TYR D 163 -9.81 -33.09 33.13
N LYS D 164 -9.75 -34.12 32.24
CA LYS D 164 -10.92 -34.65 31.52
C LYS D 164 -11.95 -35.21 32.53
N SER D 165 -11.44 -35.93 33.56
CA SER D 165 -12.21 -36.51 34.67
C SER D 165 -12.84 -35.42 35.53
N GLN D 166 -12.12 -34.28 35.71
CA GLN D 166 -12.57 -33.11 36.48
C GLN D 166 -13.67 -32.28 35.77
N GLY D 167 -14.06 -32.71 34.57
CA GLY D 167 -15.11 -32.07 33.78
C GLY D 167 -14.70 -31.12 32.70
N PHE D 168 -13.41 -30.67 32.70
CA PHE D 168 -12.86 -29.71 31.74
C PHE D 168 -13.13 -30.09 30.28
N LYS D 169 -13.53 -29.09 29.49
CA LYS D 169 -13.90 -29.23 28.07
C LYS D 169 -12.71 -28.95 27.15
N ALA D 170 -11.66 -28.31 27.69
CA ALA D 170 -10.45 -27.94 26.98
C ALA D 170 -9.22 -27.92 27.89
N THR D 171 -8.03 -28.18 27.32
CA THR D 171 -6.77 -28.14 28.06
C THR D 171 -5.63 -27.55 27.23
N LYS D 172 -4.80 -26.68 27.85
CA LYS D 172 -3.67 -26.02 27.18
C LYS D 172 -2.33 -26.58 27.66
N MET D 173 -1.59 -27.17 26.71
CA MET D 173 -0.29 -27.79 26.96
C MET D 173 0.89 -26.92 26.52
N LYS D 174 2.01 -27.00 27.25
CA LYS D 174 3.22 -26.25 26.93
C LYS D 174 4.14 -27.05 26.02
N VAL D 175 4.57 -26.39 24.94
CA VAL D 175 5.47 -26.94 23.91
C VAL D 175 6.73 -26.06 23.82
N GLY D 176 7.81 -26.62 23.28
CA GLY D 176 9.09 -25.95 23.16
C GLY D 176 10.27 -26.85 23.49
N LEU D 177 9.97 -28.15 23.68
CA LEU D 177 10.90 -29.22 24.02
C LEU D 177 11.56 -29.82 22.75
N GLY D 178 11.22 -29.28 21.58
CA GLY D 178 11.73 -29.71 20.29
C GLY D 178 10.60 -30.18 19.40
N ILE D 179 10.63 -29.84 18.10
CA ILE D 179 9.57 -30.18 17.14
C ILE D 179 9.23 -31.68 17.19
N GLU D 180 10.23 -32.58 17.13
CA GLU D 180 9.97 -34.02 17.17
C GLU D 180 9.54 -34.53 18.55
N GLN D 181 10.00 -33.85 19.63
CA GLN D 181 9.65 -34.20 21.02
C GLN D 181 8.19 -33.83 21.32
N ASP D 182 7.77 -32.63 20.87
CA ASP D 182 6.42 -32.10 21.05
C ASP D 182 5.42 -32.94 20.29
N LEU D 183 5.65 -33.18 18.98
CA LEU D 183 4.78 -34.00 18.12
C LEU D 183 4.56 -35.42 18.70
N LYS D 184 5.55 -35.92 19.46
CA LYS D 184 5.53 -37.20 20.15
C LYS D 184 4.57 -37.13 21.35
N TYR D 185 4.61 -36.00 22.10
CA TYR D 185 3.80 -35.76 23.29
C TYR D 185 2.37 -35.31 22.97
N ILE D 186 2.18 -34.47 21.93
CA ILE D 186 0.88 -33.97 21.45
C ILE D 186 0.05 -35.18 20.99
N ALA D 187 0.71 -36.16 20.34
CA ALA D 187 0.10 -37.40 19.89
C ALA D 187 -0.40 -38.23 21.08
N ALA D 188 0.40 -38.28 22.17
CA ALA D 188 0.11 -39.02 23.40
C ALA D 188 -1.06 -38.46 24.18
N ILE D 189 -1.10 -37.11 24.35
CA ILE D 189 -2.18 -36.41 25.08
C ILE D 189 -3.51 -36.52 24.31
N ARG D 190 -3.48 -36.36 22.97
CA ARG D 190 -4.67 -36.48 22.11
C ARG D 190 -5.26 -37.88 22.19
N LYS D 191 -4.38 -38.91 22.27
CA LYS D 191 -4.76 -40.32 22.41
C LYS D 191 -5.49 -40.57 23.73
N ALA D 192 -5.03 -39.91 24.81
CA ALA D 192 -5.61 -40.04 26.15
C ALA D 192 -6.95 -39.31 26.30
N ILE D 193 -7.01 -38.02 25.91
CA ILE D 193 -8.20 -37.16 26.02
C ILE D 193 -9.31 -37.54 25.01
N GLY D 194 -8.93 -38.23 23.93
CA GLY D 194 -9.87 -38.63 22.88
C GLY D 194 -10.20 -37.48 21.95
N PRO D 195 -11.28 -37.58 21.14
CA PRO D 195 -11.58 -36.50 20.19
C PRO D 195 -12.49 -35.38 20.69
N ASP D 196 -13.28 -35.65 21.73
CA ASP D 196 -14.28 -34.72 22.27
C ASP D 196 -13.71 -33.53 23.03
N MET D 197 -12.54 -33.70 23.69
CA MET D 197 -11.94 -32.61 24.45
C MET D 197 -11.02 -31.75 23.57
N ARG D 198 -11.14 -30.41 23.69
CA ARG D 198 -10.32 -29.43 22.95
C ARG D 198 -8.91 -29.39 23.54
N LEU D 199 -7.92 -29.16 22.68
CA LEU D 199 -6.52 -29.12 23.09
C LEU D 199 -5.77 -27.98 22.37
N MET D 200 -5.03 -27.15 23.13
CA MET D 200 -4.27 -26.01 22.60
C MET D 200 -2.78 -26.14 22.96
N ILE D 201 -1.89 -25.63 22.09
CA ILE D 201 -0.43 -25.67 22.29
C ILE D 201 0.14 -24.25 22.54
N ASP D 202 1.09 -24.13 23.49
CA ASP D 202 1.73 -22.87 23.87
C ASP D 202 3.26 -22.99 23.80
N SER D 203 3.87 -22.27 22.85
CA SER D 203 5.32 -22.28 22.62
C SER D 203 6.09 -21.47 23.64
N ASN D 204 5.57 -20.27 23.99
CA ASN D 204 6.19 -19.24 24.85
C ASN D 204 7.34 -18.63 24.07
N HIS D 205 7.06 -18.22 22.81
CA HIS D 205 7.99 -17.63 21.82
C HIS D 205 9.35 -18.40 21.73
N ALA D 206 9.33 -19.70 22.10
CA ALA D 206 10.47 -20.62 22.10
C ALA D 206 10.77 -21.15 20.70
N TYR D 207 10.01 -20.68 19.69
CA TYR D 207 10.17 -21.08 18.30
C TYR D 207 10.25 -19.90 17.34
N CYS D 208 10.92 -20.13 16.20
CA CYS D 208 11.08 -19.17 15.11
C CYS D 208 10.13 -19.61 14.00
N TYR D 209 9.85 -18.72 13.03
CA TYR D 209 8.90 -18.99 11.95
C TYR D 209 9.05 -20.38 11.30
N LYS D 210 10.29 -20.80 10.95
CA LYS D 210 10.60 -22.10 10.33
C LYS D 210 10.26 -23.27 11.28
N GLU D 211 10.54 -23.08 12.58
CA GLU D 211 10.30 -24.08 13.63
C GLU D 211 8.82 -24.18 13.98
N ALA D 212 8.10 -23.04 13.88
CA ALA D 212 6.68 -22.90 14.18
C ALA D 212 5.80 -23.61 13.16
N ILE D 213 6.01 -23.37 11.83
CA ILE D 213 5.20 -24.04 10.79
C ILE D 213 5.51 -25.52 10.72
N GLU D 214 6.76 -25.91 11.04
CA GLU D 214 7.16 -27.32 11.08
C GLU D 214 6.26 -28.04 12.09
N LEU D 215 6.09 -27.45 13.31
CA LEU D 215 5.24 -27.98 14.36
C LEU D 215 3.78 -27.86 13.99
N ALA D 216 3.34 -26.68 13.52
CA ALA D 216 1.96 -26.42 13.11
C ALA D 216 1.47 -27.45 12.09
N ARG D 217 2.14 -27.58 10.93
CA ARG D 217 1.78 -28.54 9.88
C ARG D 217 1.71 -29.99 10.38
N LYS D 218 2.68 -30.38 11.23
CA LYS D 218 2.76 -31.73 11.79
C LYS D 218 1.69 -32.00 12.86
N ALA D 219 1.36 -31.00 13.69
CA ALA D 219 0.37 -31.11 14.75
C ALA D 219 -1.09 -30.90 14.34
N GLU D 220 -1.33 -30.46 13.08
CA GLU D 220 -2.68 -30.21 12.53
C GLU D 220 -3.63 -31.41 12.70
N LYS D 221 -3.11 -32.64 12.43
CA LYS D 221 -3.80 -33.93 12.52
C LYS D 221 -4.38 -34.27 13.88
N PHE D 222 -3.88 -33.66 14.97
CA PHE D 222 -4.37 -33.96 16.32
C PHE D 222 -5.38 -32.90 16.82
N ASP D 223 -6.05 -32.17 15.87
CA ASP D 223 -7.10 -31.14 16.07
C ASP D 223 -6.73 -30.13 17.17
N ILE D 224 -5.85 -29.18 16.81
CA ILE D 224 -5.43 -28.16 17.78
C ILE D 224 -6.32 -26.95 17.67
N SER D 225 -6.95 -26.59 18.81
CA SER D 225 -7.87 -25.45 18.90
C SER D 225 -7.18 -24.11 18.64
N TRP D 226 -5.92 -23.96 19.09
CA TRP D 226 -5.10 -22.77 18.81
C TRP D 226 -3.63 -22.93 19.21
N PHE D 227 -2.76 -22.11 18.60
CA PHE D 227 -1.34 -22.05 18.87
C PHE D 227 -1.03 -20.69 19.52
N GLU D 228 -0.72 -20.74 20.83
CA GLU D 228 -0.40 -19.60 21.68
C GLU D 228 1.06 -19.21 21.61
N GLU D 229 1.31 -17.89 21.47
CA GLU D 229 2.64 -17.25 21.36
C GLU D 229 3.63 -18.11 20.51
N PRO D 230 3.31 -18.40 19.22
CA PRO D 230 4.19 -19.28 18.41
C PRO D 230 5.59 -18.75 18.11
N VAL D 231 5.73 -17.43 17.89
CA VAL D 231 7.00 -16.77 17.62
C VAL D 231 7.16 -15.56 18.56
N SER D 232 8.26 -14.80 18.42
CA SER D 232 8.55 -13.61 19.21
C SER D 232 7.40 -12.58 19.11
N PRO D 233 6.94 -11.98 20.23
CA PRO D 233 5.89 -10.93 20.15
C PRO D 233 6.29 -9.72 19.27
N GLU D 234 7.55 -9.70 18.87
CA GLU D 234 8.19 -8.70 18.03
C GLU D 234 8.11 -9.08 16.54
N ASP D 235 7.97 -10.39 16.24
CA ASP D 235 7.89 -10.98 14.90
C ASP D 235 6.46 -10.95 14.36
N TYR D 236 5.92 -9.74 14.10
CA TYR D 236 4.55 -9.57 13.57
C TYR D 236 4.39 -10.23 12.19
N ASP D 237 5.40 -10.05 11.29
CA ASP D 237 5.40 -10.63 9.95
C ASP D 237 5.41 -12.16 10.02
N GLY D 238 6.02 -12.70 11.09
CA GLY D 238 6.10 -14.13 11.33
C GLY D 238 4.76 -14.71 11.69
N TYR D 239 4.01 -14.01 12.57
CA TYR D 239 2.66 -14.37 13.02
C TYR D 239 1.76 -14.44 11.79
N LYS D 240 1.68 -13.32 11.00
CA LYS D 240 0.87 -13.20 9.77
C LYS D 240 1.13 -14.34 8.78
N ARG D 241 2.41 -14.64 8.50
CA ARG D 241 2.85 -15.72 7.58
C ARG D 241 2.38 -17.09 8.11
N LEU D 242 2.57 -17.34 9.42
CA LEU D 242 2.20 -18.59 10.08
C LEU D 242 0.71 -18.83 9.96
N ARG D 243 -0.09 -17.77 10.14
CA ARG D 243 -1.55 -17.77 10.02
C ARG D 243 -1.95 -18.18 8.59
N GLN D 244 -1.19 -17.70 7.58
CA GLN D 244 -1.39 -17.97 6.16
C GLN D 244 -1.02 -19.41 5.77
N ASN D 245 -0.02 -19.99 6.46
CA ASN D 245 0.52 -21.32 6.15
C ASN D 245 -0.01 -22.48 7.05
N THR D 246 -0.85 -22.19 8.07
CA THR D 246 -1.44 -23.25 8.90
C THR D 246 -2.95 -23.05 9.12
N THR D 247 -3.65 -24.17 9.38
CA THR D 247 -5.09 -24.19 9.65
C THR D 247 -5.38 -23.87 11.13
N ILE D 248 -4.43 -24.22 12.03
CA ILE D 248 -4.50 -24.00 13.49
C ILE D 248 -4.56 -22.47 13.80
N PRO D 249 -5.62 -22.00 14.50
CA PRO D 249 -5.73 -20.56 14.81
C PRO D 249 -4.57 -20.06 15.66
N ILE D 250 -4.10 -18.84 15.36
CA ILE D 250 -2.94 -18.22 15.99
C ILE D 250 -3.34 -17.26 17.10
N SER D 251 -2.83 -17.52 18.31
CA SER D 251 -3.06 -16.73 19.53
C SER D 251 -1.82 -15.92 19.86
N GLY D 252 -2.02 -14.76 20.49
CA GLY D 252 -0.93 -13.90 20.88
C GLY D 252 -1.36 -12.59 21.49
N GLY D 253 -0.44 -11.96 22.21
CA GLY D 253 -0.71 -10.68 22.84
C GLY D 253 -0.42 -10.66 24.31
N GLU D 254 0.04 -11.82 24.88
CA GLU D 254 0.41 -11.94 26.29
C GLU D 254 1.28 -10.72 26.61
N CYS D 255 2.34 -10.52 25.78
CA CYS D 255 3.38 -9.49 25.85
C CYS D 255 2.97 -8.14 25.22
N GLU D 256 1.66 -7.98 24.88
CA GLU D 256 1.15 -6.72 24.32
C GLU D 256 0.51 -5.87 25.40
N TYR D 257 0.84 -4.58 25.40
CA TYR D 257 0.39 -3.62 26.41
C TYR D 257 -0.30 -2.42 25.78
N LEU D 258 -1.42 -1.99 26.41
CA LEU D 258 -2.27 -0.83 26.06
C LEU D 258 -3.07 -1.01 24.77
N LYS D 259 -4.02 -0.08 24.57
CA LYS D 259 -4.89 -0.01 23.38
C LYS D 259 -4.01 0.20 22.13
N TYR D 260 -2.93 1.01 22.28
CA TYR D 260 -2.01 1.34 21.19
C TYR D 260 -1.23 0.14 20.71
N GLY D 261 -0.87 -0.71 21.65
CA GLY D 261 -0.15 -1.95 21.38
C GLY D 261 -1.02 -2.94 20.66
N PHE D 262 -2.29 -3.09 21.09
CA PHE D 262 -3.19 -4.03 20.45
C PHE D 262 -3.68 -3.54 19.11
N LYS D 263 -3.74 -2.22 18.91
CA LYS D 263 -4.13 -1.64 17.62
C LYS D 263 -3.05 -2.05 16.57
N ARG D 264 -1.73 -1.96 16.92
CA ARG D 264 -0.65 -2.33 16.01
C ARG D 264 -0.62 -3.82 15.78
N LEU D 265 -1.04 -4.63 16.77
CA LEU D 265 -1.10 -6.08 16.57
C LEU D 265 -2.20 -6.43 15.54
N PHE D 266 -3.39 -5.82 15.70
CA PHE D 266 -4.55 -6.03 14.84
C PHE D 266 -4.37 -5.46 13.44
N ASP D 267 -3.64 -4.33 13.30
CA ASP D 267 -3.41 -3.67 12.02
C ASP D 267 -2.61 -4.53 11.09
N LYS D 268 -1.84 -5.47 11.66
CA LYS D 268 -0.97 -6.36 10.91
C LYS D 268 -1.57 -7.77 10.72
N ASP D 269 -2.88 -7.95 11.01
CA ASP D 269 -3.61 -9.22 10.85
C ASP D 269 -2.85 -10.48 11.40
N CYS D 270 -2.19 -10.31 12.59
CA CYS D 270 -1.36 -11.30 13.25
C CYS D 270 -2.11 -12.49 13.85
N VAL D 271 -3.11 -12.20 14.69
CA VAL D 271 -3.81 -13.19 15.47
C VAL D 271 -5.28 -13.41 15.11
N ASP D 272 -5.76 -14.62 15.41
CA ASP D 272 -7.13 -15.08 15.31
C ASP D 272 -7.79 -14.76 16.68
N ILE D 273 -7.00 -14.91 17.78
CA ILE D 273 -7.39 -14.66 19.18
C ILE D 273 -6.38 -13.73 19.85
N ALA D 274 -6.84 -12.63 20.47
CA ALA D 274 -6.00 -11.69 21.20
C ALA D 274 -6.03 -12.07 22.68
N GLN D 275 -4.85 -12.21 23.32
CA GLN D 275 -4.79 -12.64 24.71
C GLN D 275 -4.17 -11.60 25.65
N PRO D 276 -4.82 -10.44 25.93
CA PRO D 276 -4.23 -9.49 26.89
C PRO D 276 -4.37 -9.99 28.33
N ASP D 277 -3.36 -9.74 29.18
CA ASP D 277 -3.45 -10.10 30.59
C ASP D 277 -3.92 -8.82 31.30
N ILE D 278 -5.06 -8.91 32.02
CA ILE D 278 -5.67 -7.76 32.71
C ILE D 278 -4.66 -7.08 33.63
N CYS D 279 -3.91 -7.89 34.38
CA CYS D 279 -2.90 -7.54 35.38
C CYS D 279 -1.60 -6.99 34.78
N ALA D 280 -1.51 -6.95 33.45
CA ALA D 280 -0.31 -6.45 32.77
C ALA D 280 -0.59 -5.34 31.74
N ALA D 281 -1.60 -5.54 30.84
CA ALA D 281 -1.97 -4.68 29.72
C ALA D 281 -2.54 -3.26 30.07
N GLY D 282 -3.00 -3.06 31.32
CA GLY D 282 -3.57 -1.79 31.77
C GLY D 282 -4.80 -1.88 32.65
N GLY D 283 -5.01 -3.08 33.23
CA GLY D 283 -6.11 -3.38 34.13
C GLY D 283 -7.42 -3.67 33.45
N LEU D 284 -8.52 -3.58 34.22
CA LEU D 284 -9.86 -3.83 33.67
C LEU D 284 -10.30 -2.72 32.72
N THR D 285 -9.93 -1.46 33.07
CA THR D 285 -10.20 -0.27 32.27
C THR D 285 -9.60 -0.43 30.89
N GLU D 286 -8.30 -0.79 30.77
CA GLU D 286 -7.71 -0.91 29.46
C GLU D 286 -8.08 -2.17 28.75
N VAL D 287 -8.12 -3.35 29.40
CA VAL D 287 -8.55 -4.58 28.70
C VAL D 287 -9.97 -4.40 28.13
N LYS D 288 -10.83 -3.58 28.79
CA LYS D 288 -12.16 -3.25 28.24
C LYS D 288 -11.99 -2.41 26.96
N LYS D 289 -11.06 -1.46 26.96
CA LYS D 289 -10.83 -0.63 25.79
C LYS D 289 -10.24 -1.47 24.63
N ILE D 290 -9.33 -2.41 24.99
CA ILE D 290 -8.77 -3.41 24.07
C ILE D 290 -9.93 -4.31 23.54
N ALA D 291 -10.95 -4.61 24.37
CA ALA D 291 -12.11 -5.40 23.97
C ALA D 291 -12.96 -4.72 22.90
N THR D 292 -13.09 -3.36 22.97
CA THR D 292 -13.79 -2.48 22.01
C THR D 292 -13.07 -2.55 20.65
N LEU D 293 -11.72 -2.46 20.71
CA LEU D 293 -10.82 -2.52 19.56
C LEU D 293 -10.92 -3.88 18.91
N ALA D 294 -10.75 -4.96 19.72
CA ALA D 294 -10.82 -6.34 19.23
C ALA D 294 -12.07 -6.53 18.44
N GLN D 295 -13.22 -5.99 18.98
CA GLN D 295 -14.57 -6.01 18.41
C GLN D 295 -14.61 -5.34 17.05
N THR D 296 -14.13 -4.11 16.98
CA THR D 296 -14.07 -3.31 15.76
C THR D 296 -13.27 -4.08 14.67
N TYR D 297 -12.12 -4.68 15.04
CA TYR D 297 -11.28 -5.46 14.15
C TYR D 297 -11.82 -6.88 13.92
N ASN D 298 -12.90 -7.25 14.60
CA ASN D 298 -13.54 -8.57 14.49
C ASN D 298 -12.54 -9.73 14.77
N VAL D 299 -11.81 -9.60 15.89
CA VAL D 299 -10.84 -10.56 16.42
C VAL D 299 -11.34 -10.97 17.79
N ASP D 300 -11.31 -12.29 18.08
CA ASP D 300 -11.73 -12.86 19.36
C ASP D 300 -10.77 -12.43 20.46
N LEU D 301 -11.27 -12.39 21.70
CA LEU D 301 -10.52 -12.05 22.92
C LEU D 301 -10.73 -13.12 23.98
N VAL D 302 -9.63 -13.74 24.40
CA VAL D 302 -9.59 -14.71 25.49
C VAL D 302 -8.46 -14.13 26.31
N PRO D 303 -8.68 -13.58 27.52
CA PRO D 303 -7.57 -12.99 28.24
C PRO D 303 -6.54 -13.99 28.77
N HIS D 304 -5.34 -13.50 29.06
CA HIS D 304 -4.28 -14.33 29.63
C HIS D 304 -4.42 -14.16 31.16
N THR D 305 -4.41 -15.30 31.90
CA THR D 305 -4.52 -15.31 33.37
C THR D 305 -3.56 -16.31 33.99
N TRP D 306 -2.60 -15.80 34.80
CA TRP D 306 -1.58 -16.63 35.46
C TRP D 306 -1.11 -16.02 36.78
N GLY D 307 -2.05 -15.90 37.73
CA GLY D 307 -1.77 -15.36 39.05
C GLY D 307 -2.63 -15.96 40.15
N THR D 308 -3.07 -15.12 41.11
CA THR D 308 -3.94 -15.55 42.20
C THR D 308 -5.40 -15.39 41.78
N TRP D 309 -6.35 -15.59 42.71
CA TRP D 309 -7.77 -15.41 42.37
C TRP D 309 -8.14 -13.95 42.20
N ILE D 310 -7.26 -12.97 42.61
CA ILE D 310 -7.53 -11.55 42.35
C ILE D 310 -7.54 -11.37 40.85
N ALA D 311 -6.51 -11.96 40.16
CA ALA D 311 -6.30 -12.01 38.70
C ALA D 311 -7.39 -12.84 38.02
N ILE D 312 -7.66 -14.07 38.52
CA ILE D 312 -8.68 -14.92 37.91
C ILE D 312 -10.06 -14.24 37.96
N SER D 313 -10.42 -13.64 39.11
CA SER D 313 -11.68 -12.90 39.29
C SER D 313 -11.88 -11.81 38.26
N ALA D 314 -10.86 -10.94 38.00
CA ALA D 314 -10.89 -9.88 37.00
C ALA D 314 -11.25 -10.46 35.61
N ALA D 315 -10.68 -11.66 35.26
CA ALA D 315 -10.98 -12.35 34.00
C ALA D 315 -12.40 -12.91 34.02
N VAL D 316 -12.85 -13.48 35.17
CA VAL D 316 -14.23 -13.99 35.29
C VAL D 316 -15.20 -12.88 34.92
N HIS D 317 -15.01 -11.70 35.53
CA HIS D 317 -15.83 -10.53 35.30
C HIS D 317 -15.63 -9.93 33.92
N LEU D 318 -14.44 -10.06 33.32
CA LEU D 318 -14.25 -9.53 31.97
C LEU D 318 -14.92 -10.40 30.89
N VAL D 319 -14.67 -11.76 30.89
CA VAL D 319 -15.29 -12.63 29.88
C VAL D 319 -16.84 -12.65 30.07
N ALA D 320 -17.33 -12.39 31.30
CA ALA D 320 -18.78 -12.32 31.54
C ALA D 320 -19.33 -11.16 30.71
N ASN D 321 -18.68 -9.97 30.74
CA ASN D 321 -19.05 -8.75 30.01
C ASN D 321 -18.69 -8.78 28.50
N LEU D 322 -17.82 -9.72 28.09
CA LEU D 322 -17.41 -9.90 26.69
C LEU D 322 -18.58 -10.50 25.92
N ASP D 323 -18.67 -10.20 24.59
CA ASP D 323 -19.71 -10.70 23.67
C ASP D 323 -19.10 -11.22 22.35
N LEU D 333 -20.62 -20.82 24.59
CA LEU D 333 -19.99 -20.58 25.90
C LEU D 333 -18.53 -20.10 25.79
N PRO D 334 -18.16 -18.98 26.43
CA PRO D 334 -16.77 -18.50 26.35
C PRO D 334 -15.80 -19.28 27.23
N THR D 335 -14.46 -19.11 27.00
CA THR D 335 -13.39 -19.72 27.82
C THR D 335 -12.48 -18.64 28.40
N MET D 336 -11.66 -19.03 29.40
CA MET D 336 -10.65 -18.18 30.05
C MET D 336 -9.52 -19.05 30.62
N GLU D 337 -8.36 -18.44 30.93
CA GLU D 337 -7.22 -19.19 31.44
C GLU D 337 -7.34 -19.54 32.91
N LEU D 338 -7.49 -20.83 33.20
CA LEU D 338 -7.57 -21.32 34.58
C LEU D 338 -6.33 -22.15 34.91
N ASP D 339 -5.31 -21.51 35.54
CA ASP D 339 -4.05 -22.15 35.97
C ASP D 339 -4.31 -23.31 36.92
N ARG D 340 -4.01 -24.55 36.51
CA ARG D 340 -4.26 -25.72 37.35
C ARG D 340 -2.99 -26.34 37.96
N THR D 341 -1.85 -25.62 37.83
CA THR D 341 -0.55 -26.04 38.36
C THR D 341 -0.51 -25.95 39.89
N GLU D 342 0.62 -26.38 40.48
CA GLU D 342 0.89 -26.37 41.92
C GLU D 342 1.08 -24.92 42.34
N ASN D 343 0.08 -24.34 43.03
CA ASN D 343 0.14 -22.94 43.43
C ASN D 343 -0.58 -22.68 44.74
N ALA D 344 0.19 -22.68 45.82
CA ALA D 344 -0.32 -22.41 47.16
C ALA D 344 -0.50 -20.89 47.32
N LEU D 345 0.28 -20.08 46.61
CA LEU D 345 0.17 -18.62 46.69
C LEU D 345 -1.20 -18.13 46.20
N ARG D 346 -1.73 -18.79 45.17
CA ARG D 346 -3.05 -18.49 44.64
C ARG D 346 -4.12 -19.14 45.53
N ASP D 347 -4.01 -20.47 45.75
CA ASP D 347 -4.98 -21.24 46.54
C ASP D 347 -5.06 -20.92 48.05
N GLU D 348 -4.00 -20.36 48.66
CA GLU D 348 -4.00 -20.09 50.10
C GLU D 348 -4.12 -18.62 50.45
N VAL D 349 -3.31 -17.74 49.82
CA VAL D 349 -3.34 -16.30 50.14
C VAL D 349 -4.66 -15.65 49.70
N THR D 350 -5.22 -16.07 48.53
CA THR D 350 -6.48 -15.50 48.04
C THR D 350 -7.67 -16.45 48.14
N LEU D 351 -8.77 -15.88 48.63
CA LEU D 351 -10.06 -16.50 48.88
C LEU D 351 -11.08 -16.05 47.84
N HIS D 352 -11.59 -17.03 47.07
CA HIS D 352 -12.58 -16.80 46.03
C HIS D 352 -13.96 -17.34 46.46
N LYS D 353 -15.03 -16.77 45.87
CA LYS D 353 -16.41 -17.16 46.13
C LYS D 353 -16.96 -18.01 44.96
N ILE D 354 -16.36 -17.86 43.76
CA ILE D 354 -16.75 -18.49 42.49
C ILE D 354 -16.86 -20.04 42.59
N LYS D 355 -17.80 -20.61 41.81
CA LYS D 355 -18.12 -22.04 41.82
C LYS D 355 -17.83 -22.73 40.49
N LEU D 356 -17.10 -23.87 40.54
CA LEU D 356 -16.76 -24.66 39.35
C LEU D 356 -17.16 -26.12 39.51
N GLU D 357 -18.07 -26.61 38.66
CA GLU D 357 -18.52 -28.00 38.68
C GLU D 357 -18.77 -28.51 37.26
N ASN D 358 -18.01 -29.55 36.88
CA ASN D 358 -18.02 -30.22 35.57
C ASN D 358 -17.73 -29.26 34.40
N GLY D 359 -16.50 -28.73 34.40
CA GLY D 359 -15.98 -27.82 33.39
C GLY D 359 -16.57 -26.43 33.30
N HIS D 360 -17.74 -26.21 33.94
CA HIS D 360 -18.43 -24.92 33.90
C HIS D 360 -18.22 -24.11 35.15
N LEU D 361 -17.89 -22.84 34.95
CA LEU D 361 -17.61 -21.83 35.96
C LEU D 361 -18.75 -20.83 35.97
N GLU D 362 -19.22 -20.44 37.15
CA GLU D 362 -20.36 -19.56 37.29
C GLU D 362 -19.94 -18.20 37.83
N VAL D 363 -20.23 -17.15 37.06
CA VAL D 363 -19.92 -15.76 37.39
C VAL D 363 -20.57 -15.39 38.74
N PRO D 364 -19.82 -14.84 39.72
CA PRO D 364 -20.43 -14.46 41.00
C PRO D 364 -21.24 -13.15 40.93
N CYS D 365 -22.21 -12.99 41.84
CA CYS D 365 -23.13 -11.86 41.94
C CYS D 365 -22.76 -10.93 43.10
N THR D 366 -21.73 -11.32 43.88
CA THR D 366 -21.18 -10.61 45.04
C THR D 366 -20.57 -9.24 44.65
N PRO D 367 -20.66 -8.19 45.51
CA PRO D 367 -20.09 -6.87 45.12
C PRO D 367 -18.57 -6.87 44.93
N GLY D 368 -18.12 -6.33 43.79
CA GLY D 368 -16.72 -6.29 43.41
C GLY D 368 -16.30 -7.56 42.73
N LEU D 369 -15.00 -7.87 42.77
CA LEU D 369 -14.43 -9.07 42.15
C LEU D 369 -14.91 -10.36 42.81
N GLY D 370 -15.23 -10.27 44.09
CA GLY D 370 -15.71 -11.40 44.87
C GLY D 370 -14.58 -12.18 45.47
N VAL D 371 -13.53 -11.43 45.89
CA VAL D 371 -12.30 -11.96 46.48
C VAL D 371 -11.84 -11.24 47.73
N ASP D 372 -11.17 -12.04 48.60
CA ASP D 372 -10.52 -11.63 49.82
C ASP D 372 -9.16 -12.30 49.99
N VAL D 373 -8.33 -11.76 50.91
CA VAL D 373 -6.99 -12.26 51.23
C VAL D 373 -6.94 -12.70 52.71
N ASP D 374 -6.50 -13.95 52.94
CA ASP D 374 -6.28 -14.53 54.28
C ASP D 374 -5.02 -13.82 54.79
N MET D 375 -5.19 -12.85 55.70
CA MET D 375 -4.10 -12.01 56.20
C MET D 375 -3.02 -12.75 57.01
N ASP D 376 -3.32 -13.99 57.45
CA ASP D 376 -2.38 -14.85 58.18
C ASP D 376 -1.49 -15.54 57.17
N LYS D 377 -2.08 -16.05 56.07
CA LYS D 377 -1.34 -16.69 54.99
C LYS D 377 -0.57 -15.66 54.17
N LEU D 378 -1.02 -14.38 54.20
CA LEU D 378 -0.38 -13.22 53.58
C LEU D 378 0.91 -12.96 54.35
N GLU D 379 0.83 -12.80 55.69
CA GLU D 379 2.00 -12.56 56.56
C GLU D 379 3.01 -13.70 56.47
N HIS D 380 2.51 -14.96 56.38
CA HIS D 380 3.33 -16.17 56.31
C HIS D 380 4.12 -16.26 55.03
N TYR D 381 3.48 -15.93 53.89
CA TYR D 381 4.07 -16.03 52.57
C TYR D 381 4.82 -14.80 52.05
N LEU D 382 4.80 -13.67 52.80
CA LEU D 382 5.48 -12.42 52.41
C LEU D 382 7.01 -12.56 52.14
N ASP D 383 7.58 -11.57 51.44
CA ASP D 383 9.00 -11.53 51.10
C ASP D 383 9.74 -10.46 51.93
N LYS D 384 11.04 -10.72 52.22
CA LYS D 384 11.91 -9.82 52.99
C LYS D 384 12.59 -8.72 52.14
N SER E 9 -39.66 -2.16 -33.82
CA SER E 9 -39.18 -2.03 -35.20
C SER E 9 -37.67 -2.23 -35.28
N LYS E 10 -37.27 -3.20 -36.10
CA LYS E 10 -35.90 -3.67 -36.35
C LYS E 10 -35.06 -2.70 -37.22
N ILE E 11 -33.71 -2.86 -37.18
CA ILE E 11 -32.75 -2.04 -37.94
C ILE E 11 -32.77 -2.52 -39.37
N LYS E 12 -33.07 -1.59 -40.30
CA LYS E 12 -33.12 -1.87 -41.75
C LYS E 12 -31.76 -1.52 -42.44
N LYS E 13 -31.24 -0.29 -42.18
CA LYS E 13 -30.01 0.16 -42.79
C LYS E 13 -29.19 1.14 -41.94
N ILE E 14 -27.91 0.77 -41.66
CA ILE E 14 -26.93 1.64 -40.98
C ILE E 14 -26.13 2.31 -42.12
N GLU E 15 -26.06 3.66 -42.12
CA GLU E 15 -25.36 4.38 -43.19
C GLU E 15 -24.29 5.37 -42.67
N PRO E 16 -23.00 4.95 -42.67
CA PRO E 16 -21.94 5.88 -42.26
C PRO E 16 -21.54 6.87 -43.36
N TYR E 17 -21.34 8.14 -43.01
CA TYR E 17 -20.95 9.17 -43.96
C TYR E 17 -19.77 9.92 -43.43
N VAL E 18 -18.71 10.05 -44.25
CA VAL E 18 -17.51 10.84 -43.91
C VAL E 18 -17.76 12.22 -44.53
N ILE E 19 -17.89 13.24 -43.71
CA ILE E 19 -18.19 14.61 -44.17
C ILE E 19 -16.97 15.50 -43.91
N SER E 20 -16.42 16.05 -44.98
CA SER E 20 -15.19 16.87 -44.98
C SER E 20 -15.40 18.35 -45.36
N HIS E 21 -14.48 19.22 -44.85
CA HIS E 21 -14.49 20.67 -45.12
C HIS E 21 -13.11 21.32 -44.84
N LYS E 22 -12.45 21.87 -45.88
CA LYS E 22 -11.18 22.59 -45.69
C LYS E 22 -11.49 24.06 -45.54
N LEU E 23 -10.88 24.75 -44.54
CA LEU E 23 -11.15 26.19 -44.32
C LEU E 23 -9.90 27.07 -44.49
N ASP E 24 -8.95 27.01 -43.53
CA ASP E 24 -7.65 27.74 -43.47
C ASP E 24 -6.85 27.39 -42.21
N ASP E 35 -6.33 23.26 -42.12
CA ASP E 35 -6.53 22.22 -43.13
C ASP E 35 -8.02 21.74 -43.23
N THR E 36 -8.24 20.42 -43.39
CA THR E 36 -9.55 19.77 -43.47
C THR E 36 -10.12 19.37 -42.09
N ARG E 37 -11.46 19.44 -41.95
CA ARG E 37 -12.25 18.95 -40.80
C ARG E 37 -12.81 17.65 -41.37
N LYS E 38 -12.45 16.51 -40.82
CA LYS E 38 -12.91 15.25 -41.40
C LYS E 38 -13.60 14.38 -40.34
N ILE E 39 -14.94 14.54 -40.25
CA ILE E 39 -15.84 13.90 -39.29
C ILE E 39 -16.62 12.75 -39.94
N CYS E 40 -16.85 11.65 -39.19
CA CYS E 40 -17.72 10.55 -39.63
C CYS E 40 -19.02 10.64 -38.82
N ILE E 41 -20.18 10.38 -39.48
CA ILE E 41 -21.55 10.48 -38.96
C ILE E 41 -22.33 9.21 -39.37
N VAL E 42 -23.30 8.74 -38.58
CA VAL E 42 -24.15 7.59 -38.95
C VAL E 42 -25.64 7.92 -38.93
N LYS E 43 -26.40 7.18 -39.76
CA LYS E 43 -27.84 7.23 -39.79
C LYS E 43 -28.32 5.78 -39.74
N ILE E 44 -28.94 5.38 -38.62
CA ILE E 44 -29.50 4.05 -38.50
C ILE E 44 -30.98 4.28 -38.74
N THR E 45 -31.56 3.65 -39.78
CA THR E 45 -33.00 3.75 -40.06
C THR E 45 -33.63 2.34 -39.89
N LEU E 46 -34.82 2.34 -39.27
CA LEU E 46 -35.60 1.17 -38.97
C LEU E 46 -36.55 0.84 -40.13
N ASP E 47 -37.02 -0.42 -40.19
CA ASP E 47 -37.96 -0.92 -41.20
C ASP E 47 -39.07 0.11 -41.52
N ASP E 48 -39.57 0.81 -40.49
CA ASP E 48 -40.65 1.84 -40.53
C ASP E 48 -40.18 3.25 -40.94
N GLY E 49 -38.94 3.34 -41.42
CA GLY E 49 -38.34 4.58 -41.84
C GLY E 49 -38.00 5.53 -40.71
N THR E 50 -37.97 5.02 -39.43
CA THR E 50 -37.61 5.77 -38.23
C THR E 50 -36.08 5.75 -38.16
N TYR E 51 -35.49 6.91 -38.36
CA TYR E 51 -34.06 7.06 -38.37
C TYR E 51 -33.57 7.67 -37.06
N GLY E 52 -32.25 7.57 -36.87
CA GLY E 52 -31.50 8.07 -35.74
C GLY E 52 -30.13 8.51 -36.20
N TRP E 53 -29.71 9.72 -35.78
CA TRP E 53 -28.41 10.27 -36.15
C TRP E 53 -27.36 10.11 -35.04
N GLY E 54 -26.18 9.63 -35.42
CA GLY E 54 -25.05 9.39 -34.52
C GLY E 54 -23.76 9.99 -35.05
N GLU E 55 -22.74 9.99 -34.19
CA GLU E 55 -21.43 10.53 -34.50
C GLU E 55 -20.34 9.78 -33.71
N GLY E 56 -19.19 9.60 -34.36
CA GLY E 56 -17.98 8.99 -33.82
C GLY E 56 -16.88 10.04 -33.79
N TYR E 57 -16.01 10.03 -32.75
CA TYR E 57 -14.90 10.99 -32.64
C TYR E 57 -13.57 10.34 -32.94
N GLY E 58 -12.80 11.00 -33.79
CA GLY E 58 -11.45 10.57 -34.19
C GLY E 58 -11.20 10.63 -35.69
N PRO E 59 -10.40 9.70 -36.24
CA PRO E 59 -10.15 9.71 -37.69
C PRO E 59 -11.33 9.13 -38.49
N ALA E 60 -12.10 10.04 -39.09
CA ALA E 60 -13.32 9.78 -39.86
C ALA E 60 -13.34 8.44 -40.63
N ALA E 61 -12.47 8.28 -41.65
CA ALA E 61 -12.41 7.11 -42.52
C ALA E 61 -12.13 5.78 -41.81
N VAL E 62 -11.49 5.85 -40.63
CA VAL E 62 -11.16 4.68 -39.80
C VAL E 62 -12.38 4.29 -39.00
N ILE E 63 -13.13 5.31 -38.52
CA ILE E 63 -14.36 5.10 -37.77
C ILE E 63 -15.45 4.53 -38.69
N LYS E 64 -15.49 5.05 -39.94
CA LYS E 64 -16.42 4.67 -40.99
C LYS E 64 -16.30 3.17 -41.32
N SER E 65 -15.08 2.63 -41.27
CA SER E 65 -14.87 1.22 -41.56
C SER E 65 -15.28 0.39 -40.37
N GLY E 66 -15.16 1.00 -39.18
CA GLY E 66 -15.51 0.39 -37.91
C GLY E 66 -17.00 0.08 -37.90
N ILE E 67 -17.82 1.10 -38.24
CA ILE E 67 -19.28 0.96 -38.35
C ILE E 67 -19.62 -0.18 -39.33
N ASP E 68 -18.94 -0.22 -40.49
CA ASP E 68 -19.09 -1.26 -41.51
C ASP E 68 -18.79 -2.65 -40.95
N PHE E 69 -17.88 -2.73 -39.96
CA PHE E 69 -17.50 -3.99 -39.32
C PHE E 69 -18.66 -4.56 -38.52
N PHE E 70 -19.35 -3.70 -37.72
CA PHE E 70 -20.48 -4.11 -36.88
C PHE E 70 -21.80 -4.19 -37.61
N THR E 71 -21.92 -3.50 -38.76
CA THR E 71 -23.17 -3.42 -39.52
C THR E 71 -23.74 -4.83 -39.78
N PRO E 72 -22.99 -5.86 -40.24
CA PRO E 72 -23.61 -7.19 -40.42
C PRO E 72 -24.35 -7.78 -39.21
N PHE E 73 -23.80 -7.61 -37.97
CA PHE E 73 -24.40 -8.15 -36.75
C PHE E 73 -25.40 -7.20 -36.04
N LEU E 74 -25.86 -6.14 -36.73
CA LEU E 74 -26.81 -5.18 -36.14
C LEU E 74 -28.14 -5.11 -36.89
N LEU E 75 -28.10 -5.45 -38.20
CA LEU E 75 -29.24 -5.43 -39.11
C LEU E 75 -30.25 -6.52 -38.70
N GLY E 76 -31.54 -6.17 -38.74
CA GLY E 76 -32.65 -7.06 -38.39
C GLY E 76 -32.83 -7.29 -36.91
N LYS E 77 -32.17 -6.46 -36.09
CA LYS E 77 -32.20 -6.51 -34.63
C LYS E 77 -32.95 -5.28 -34.16
N GLU E 78 -33.58 -5.35 -32.99
CA GLU E 78 -34.40 -4.32 -32.36
C GLU E 78 -33.58 -3.20 -31.74
N ALA E 79 -33.93 -1.96 -32.03
CA ALA E 79 -33.23 -0.75 -31.58
C ALA E 79 -33.54 -0.26 -30.12
N ILE E 80 -34.73 -0.63 -29.52
CA ILE E 80 -35.11 -0.20 -28.15
C ILE E 80 -34.18 -0.82 -27.09
N GLY E 81 -33.90 -2.13 -27.24
CA GLY E 81 -32.97 -2.85 -26.38
C GLY E 81 -31.54 -2.58 -26.80
N HIS E 82 -31.16 -1.27 -26.82
CA HIS E 82 -29.87 -0.71 -27.24
C HIS E 82 -28.67 -1.37 -26.55
N GLU E 83 -28.84 -1.77 -25.27
CA GLU E 83 -27.80 -2.42 -24.49
C GLU E 83 -27.50 -3.82 -25.01
N VAL E 84 -28.51 -4.49 -25.60
CA VAL E 84 -28.31 -5.81 -26.19
C VAL E 84 -27.39 -5.69 -27.44
N LEU E 85 -27.51 -4.56 -28.16
CA LEU E 85 -26.71 -4.26 -29.34
C LEU E 85 -25.30 -3.86 -28.93
N TRP E 86 -25.17 -3.02 -27.87
CA TRP E 86 -23.90 -2.55 -27.32
C TRP E 86 -23.08 -3.72 -26.88
N GLN E 87 -23.70 -4.66 -26.17
CA GLN E 87 -23.02 -5.88 -25.72
C GLN E 87 -22.65 -6.82 -26.88
N GLU E 88 -23.41 -6.83 -27.98
CA GLU E 88 -23.08 -7.65 -29.15
C GLU E 88 -21.81 -7.09 -29.78
N MET E 89 -21.80 -5.75 -30.05
CA MET E 89 -20.68 -4.99 -30.61
C MET E 89 -19.44 -5.16 -29.74
N TYR E 90 -19.61 -5.12 -28.40
CA TYR E 90 -18.51 -5.32 -27.45
C TYR E 90 -17.98 -6.73 -27.57
N ARG E 91 -18.83 -7.77 -27.39
CA ARG E 91 -18.42 -9.18 -27.52
C ARG E 91 -17.64 -9.44 -28.82
N ARG E 92 -18.04 -8.78 -29.92
CA ARG E 92 -17.38 -8.88 -31.24
C ARG E 92 -16.00 -8.21 -31.29
N SER E 93 -15.86 -6.97 -30.78
CA SER E 93 -14.62 -6.22 -30.87
C SER E 93 -13.71 -6.26 -29.65
N MET E 94 -14.17 -6.81 -28.52
CA MET E 94 -13.47 -6.89 -27.23
C MET E 94 -11.96 -7.09 -27.39
N ASP E 95 -11.61 -8.19 -28.08
CA ASP E 95 -10.28 -8.70 -28.39
C ASP E 95 -9.41 -7.75 -29.23
N TYR E 96 -10.04 -6.91 -30.08
CA TYR E 96 -9.37 -5.98 -31.02
C TYR E 96 -9.75 -4.49 -30.80
N ALA E 97 -10.26 -4.14 -29.62
CA ALA E 97 -10.63 -2.75 -29.35
C ALA E 97 -10.05 -2.24 -28.05
N ARG E 98 -10.86 -2.16 -26.96
CA ARG E 98 -10.48 -1.64 -25.62
C ARG E 98 -10.41 -0.11 -25.61
N SER E 99 -9.76 0.48 -26.62
CA SER E 99 -9.63 1.92 -26.79
C SER E 99 -9.73 2.28 -28.28
N GLY E 100 -9.63 3.59 -28.53
CA GLY E 100 -9.61 4.21 -29.85
C GLY E 100 -10.79 4.03 -30.79
N VAL E 101 -10.43 3.71 -32.05
CA VAL E 101 -11.24 3.61 -33.26
C VAL E 101 -12.52 2.73 -33.11
N LEU E 102 -12.42 1.42 -32.76
CA LEU E 102 -13.64 0.61 -32.65
C LEU E 102 -14.61 1.10 -31.55
N GLN E 103 -14.10 1.85 -30.54
CA GLN E 103 -14.96 2.42 -29.51
C GLN E 103 -15.73 3.62 -30.05
N ALA E 104 -15.12 4.39 -30.97
CA ALA E 104 -15.81 5.52 -31.62
C ALA E 104 -16.84 5.00 -32.66
N ALA E 105 -16.62 3.76 -33.15
CA ALA E 105 -17.50 3.00 -34.03
C ALA E 105 -18.73 2.50 -33.23
N ILE E 106 -18.52 2.05 -31.98
CA ILE E 106 -19.59 1.62 -31.07
C ILE E 106 -20.34 2.85 -30.54
N SER E 107 -19.60 3.96 -30.29
CA SER E 107 -20.18 5.23 -29.79
C SER E 107 -21.19 5.82 -30.78
N ALA E 108 -20.79 5.91 -32.09
CA ALA E 108 -21.57 6.45 -33.22
C ALA E 108 -22.90 5.71 -33.38
N ILE E 109 -22.86 4.36 -33.36
CA ILE E 109 -24.06 3.52 -33.42
C ILE E 109 -24.93 3.78 -32.17
N ASP E 110 -24.33 3.77 -30.96
CA ASP E 110 -25.03 4.03 -29.69
C ASP E 110 -25.85 5.33 -29.72
N VAL E 111 -25.20 6.50 -29.99
CA VAL E 111 -25.86 7.81 -30.03
C VAL E 111 -27.07 7.80 -30.99
N ALA E 112 -26.93 7.17 -32.18
CA ALA E 112 -28.05 7.02 -33.11
C ALA E 112 -29.18 6.11 -32.55
N LEU E 113 -28.86 5.04 -31.76
CA LEU E 113 -29.87 4.17 -31.14
C LEU E 113 -30.64 4.88 -29.99
N TRP E 114 -30.04 5.97 -29.48
CA TRP E 114 -30.59 6.80 -28.42
C TRP E 114 -31.47 7.88 -29.06
N ASP E 115 -31.16 8.28 -30.34
CA ASP E 115 -32.00 9.23 -31.08
C ASP E 115 -33.25 8.47 -31.50
N ILE E 116 -33.09 7.22 -32.01
CA ILE E 116 -34.17 6.29 -32.38
C ILE E 116 -35.09 6.09 -31.20
N LYS E 117 -34.56 5.66 -30.05
CA LYS E 117 -35.33 5.39 -28.82
C LYS E 117 -36.11 6.59 -28.36
N GLY E 118 -35.46 7.75 -28.40
CA GLY E 118 -36.06 9.03 -28.06
C GLY E 118 -37.28 9.30 -28.92
N LYS E 119 -37.11 9.16 -30.23
CA LYS E 119 -38.17 9.31 -31.23
C LYS E 119 -39.28 8.27 -30.98
N LEU E 120 -38.93 6.96 -31.06
CA LEU E 120 -39.71 5.75 -30.83
C LEU E 120 -40.66 5.86 -29.58
N LEU E 121 -40.10 6.26 -28.42
CA LEU E 121 -40.87 6.40 -27.17
C LEU E 121 -41.35 7.83 -26.92
N ASN E 122 -41.24 8.68 -27.94
CA ASN E 122 -41.67 10.08 -27.97
C ASN E 122 -41.24 10.92 -26.75
N LEU E 123 -39.98 10.77 -26.35
CA LEU E 123 -39.39 11.50 -25.22
C LEU E 123 -37.98 12.01 -25.55
N PRO E 124 -37.49 13.15 -24.99
CA PRO E 124 -36.07 13.51 -25.24
C PRO E 124 -35.13 12.47 -24.61
N VAL E 125 -33.85 12.45 -24.99
CA VAL E 125 -32.84 11.51 -24.47
C VAL E 125 -32.60 11.69 -22.96
N SER E 126 -32.53 12.96 -22.48
CA SER E 126 -32.30 13.25 -21.07
C SER E 126 -33.35 12.56 -20.18
N VAL E 127 -34.63 12.71 -20.52
CA VAL E 127 -35.73 12.10 -19.78
C VAL E 127 -35.61 10.55 -19.85
N LEU E 128 -35.12 10.05 -20.98
CA LEU E 128 -34.95 8.62 -21.21
C LEU E 128 -33.69 8.03 -20.56
N LEU E 129 -32.76 8.93 -20.10
CA LEU E 129 -31.51 8.53 -19.39
C LEU E 129 -31.85 8.45 -17.89
N GLY E 130 -33.00 8.99 -17.49
CA GLY E 130 -33.45 8.99 -16.11
C GLY E 130 -34.19 10.23 -15.66
N GLY E 131 -33.96 11.37 -16.33
CA GLY E 131 -34.63 12.62 -15.98
C GLY E 131 -33.81 13.88 -16.16
N VAL E 132 -34.45 15.00 -16.57
CA VAL E 132 -33.79 16.31 -16.72
C VAL E 132 -33.52 16.87 -15.33
N LYS E 133 -32.24 16.89 -14.93
CA LYS E 133 -31.83 17.37 -13.62
C LYS E 133 -31.51 18.87 -13.72
N ASN E 134 -31.02 19.30 -14.91
CA ASN E 134 -30.63 20.67 -15.23
C ASN E 134 -31.26 21.07 -16.57
N PRO E 135 -32.39 21.84 -16.52
CA PRO E 135 -33.06 22.25 -17.77
C PRO E 135 -32.31 23.34 -18.54
N ILE E 136 -31.41 24.02 -17.86
CA ILE E 136 -30.57 25.08 -18.39
C ILE E 136 -29.13 24.71 -18.05
N ILE E 137 -28.24 24.88 -19.03
CA ILE E 137 -26.80 24.63 -18.93
C ILE E 137 -26.09 25.91 -19.40
N GLU E 138 -24.89 26.20 -18.88
CA GLU E 138 -24.11 27.35 -19.33
C GLU E 138 -22.77 26.86 -19.96
N PRO E 139 -22.71 26.64 -21.29
CA PRO E 139 -21.48 26.07 -21.87
C PRO E 139 -20.33 27.07 -21.99
N TYR E 140 -19.11 26.54 -22.23
CA TYR E 140 -17.92 27.37 -22.41
C TYR E 140 -17.52 27.42 -23.88
N ALA E 141 -16.92 28.56 -24.28
CA ALA E 141 -16.47 28.80 -25.65
C ALA E 141 -15.01 28.37 -25.82
N THR E 142 -14.73 27.47 -26.78
CA THR E 142 -13.37 27.00 -27.07
C THR E 142 -12.77 27.82 -28.24
N GLY E 143 -11.58 28.41 -28.04
CA GLY E 143 -10.90 29.24 -29.02
C GLY E 143 -9.39 29.16 -29.08
N LEU E 144 -8.88 28.19 -29.89
CA LEU E 144 -7.46 27.89 -30.16
C LEU E 144 -6.79 28.85 -31.14
N TYR E 145 -5.45 28.95 -31.11
CA TYR E 145 -4.64 29.77 -32.02
C TYR E 145 -4.30 29.01 -33.34
N LEU E 152 -1.59 38.67 -35.75
CA LEU E 152 -1.09 37.64 -34.84
C LEU E 152 -1.13 38.08 -33.35
N GLU E 153 -1.43 37.12 -32.43
CA GLU E 153 -1.51 37.28 -30.96
C GLU E 153 -2.65 38.16 -30.45
N GLU E 154 -2.77 39.41 -30.95
CA GLU E 154 -3.81 40.38 -30.59
C GLU E 154 -5.21 39.93 -31.09
N LEU E 155 -5.22 38.98 -32.05
CA LEU E 155 -6.42 38.39 -32.63
C LEU E 155 -7.13 37.51 -31.61
N LEU E 156 -6.35 36.83 -30.72
CA LEU E 156 -6.85 35.97 -29.63
C LEU E 156 -7.69 36.77 -28.63
N VAL E 157 -7.23 37.99 -28.28
CA VAL E 157 -7.87 38.94 -27.38
C VAL E 157 -9.26 39.34 -27.92
N GLU E 158 -9.34 39.58 -29.25
CA GLU E 158 -10.58 39.94 -29.95
C GLU E 158 -11.60 38.81 -29.95
N GLU E 159 -11.14 37.55 -30.21
CA GLU E 159 -11.95 36.32 -30.20
C GLU E 159 -12.58 36.12 -28.81
N ALA E 160 -11.79 36.39 -27.75
CA ALA E 160 -12.21 36.29 -26.35
C ALA E 160 -13.25 37.35 -26.02
N LEU E 161 -12.99 38.63 -26.41
CA LEU E 161 -13.90 39.76 -26.18
C LEU E 161 -15.24 39.55 -26.88
N LEU E 162 -15.22 38.85 -28.03
CA LEU E 162 -16.41 38.48 -28.81
C LEU E 162 -17.28 37.54 -27.97
N TYR E 163 -16.64 36.51 -27.35
CA TYR E 163 -17.31 35.52 -26.50
C TYR E 163 -17.97 36.16 -25.27
N LYS E 164 -17.26 37.09 -24.59
CA LYS E 164 -17.79 37.82 -23.42
C LYS E 164 -19.04 38.63 -23.83
N SER E 165 -18.98 39.28 -25.01
CA SER E 165 -20.05 40.06 -25.63
C SER E 165 -21.23 39.18 -26.00
N GLN E 166 -20.95 37.91 -26.42
CA GLN E 166 -21.94 36.90 -26.81
C GLN E 166 -22.67 36.26 -25.61
N GLY E 167 -22.35 36.72 -24.41
CA GLY E 167 -22.98 36.29 -23.17
C GLY E 167 -22.28 35.21 -22.38
N PHE E 168 -21.29 34.50 -22.99
CA PHE E 168 -20.54 33.39 -22.38
C PHE E 168 -20.00 33.72 -21.02
N LYS E 169 -20.15 32.78 -20.07
CA LYS E 169 -19.72 32.91 -18.68
C LYS E 169 -18.31 32.35 -18.45
N ALA E 170 -17.84 31.55 -19.42
CA ALA E 170 -16.53 30.88 -19.37
C ALA E 170 -15.95 30.67 -20.77
N THR E 171 -14.61 30.64 -20.88
CA THR E 171 -13.93 30.38 -22.15
C THR E 171 -12.68 29.49 -21.96
N LYS E 172 -12.48 28.52 -22.86
CA LYS E 172 -11.33 27.60 -22.83
C LYS E 172 -10.30 27.93 -23.93
N MET E 173 -9.09 28.28 -23.51
CA MET E 173 -8.00 28.64 -24.40
C MET E 173 -6.98 27.52 -24.57
N LYS E 174 -6.37 27.44 -25.77
CA LYS E 174 -5.36 26.43 -26.06
C LYS E 174 -3.96 26.94 -25.77
N VAL E 175 -3.19 26.14 -25.03
CA VAL E 175 -1.82 26.41 -24.62
C VAL E 175 -0.89 25.28 -25.13
N GLY E 176 0.41 25.57 -25.21
CA GLY E 176 1.42 24.63 -25.70
C GLY E 176 2.44 25.29 -26.61
N LEU E 177 2.38 26.63 -26.69
CA LEU E 177 3.23 27.49 -27.49
C LEU E 177 4.54 27.85 -26.73
N GLY E 178 4.71 27.31 -25.52
CA GLY E 178 5.85 27.57 -24.65
C GLY E 178 5.42 28.20 -23.35
N ILE E 179 6.02 27.76 -22.22
CA ILE E 179 5.67 28.26 -20.87
C ILE E 179 5.65 29.80 -20.82
N GLU E 180 6.72 30.47 -21.28
CA GLU E 180 6.76 31.94 -21.24
C GLU E 180 5.83 32.60 -22.28
N GLN E 181 5.54 31.91 -23.41
CA GLN E 181 4.66 32.41 -24.47
C GLN E 181 3.19 32.36 -24.01
N ASP E 182 2.81 31.25 -23.35
CA ASP E 182 1.48 31.02 -22.82
C ASP E 182 1.17 32.01 -21.70
N LEU E 183 2.05 32.12 -20.69
CA LEU E 183 1.91 33.05 -19.56
C LEU E 183 1.76 34.51 -20.02
N LYS E 184 2.33 34.84 -21.20
CA LYS E 184 2.24 36.15 -21.86
C LYS E 184 0.81 36.34 -22.42
N TYR E 185 0.25 35.28 -23.05
CA TYR E 185 -1.08 35.28 -23.66
C TYR E 185 -2.23 35.13 -22.64
N ILE E 186 -2.05 34.27 -21.60
CA ILE E 186 -3.01 34.04 -20.51
C ILE E 186 -3.23 35.37 -19.77
N ALA E 187 -2.14 36.15 -19.60
CA ALA E 187 -2.16 37.46 -18.96
C ALA E 187 -3.00 38.44 -19.78
N ALA E 188 -2.85 38.40 -21.13
CA ALA E 188 -3.55 39.25 -22.09
C ALA E 188 -5.06 39.00 -22.14
N ILE E 189 -5.45 37.71 -22.21
CA ILE E 189 -6.86 37.29 -22.27
C ILE E 189 -7.58 37.62 -20.95
N ARG E 190 -6.92 37.37 -19.78
CA ARG E 190 -7.47 37.67 -18.46
C ARG E 190 -7.71 39.19 -18.31
N LYS E 191 -6.79 40.01 -18.87
CA LYS E 191 -6.88 41.47 -18.86
C LYS E 191 -8.11 41.95 -19.65
N ALA E 192 -8.40 41.28 -20.78
CA ALA E 192 -9.53 41.60 -21.65
C ALA E 192 -10.88 41.19 -21.07
N ILE E 193 -11.01 39.91 -20.64
CA ILE E 193 -12.25 39.32 -20.10
C ILE E 193 -12.60 39.85 -18.69
N GLY E 194 -11.60 40.38 -17.98
CA GLY E 194 -11.78 40.88 -16.62
C GLY E 194 -11.79 39.75 -15.61
N PRO E 195 -12.23 39.99 -14.36
CA PRO E 195 -12.20 38.92 -13.36
C PRO E 195 -13.45 38.04 -13.25
N ASP E 196 -14.59 38.55 -13.73
CA ASP E 196 -15.89 37.90 -13.62
C ASP E 196 -16.09 36.70 -14.54
N MET E 197 -15.43 36.69 -15.72
CA MET E 197 -15.56 35.56 -16.65
C MET E 197 -14.53 34.46 -16.33
N ARG E 198 -14.98 33.19 -16.30
CA ARG E 198 -14.12 32.03 -16.03
C ARG E 198 -13.23 31.73 -17.23
N LEU E 199 -12.00 31.24 -16.97
CA LEU E 199 -11.03 30.94 -18.02
C LEU E 199 -10.30 29.63 -17.70
N MET E 200 -10.21 28.72 -18.70
CA MET E 200 -9.56 27.40 -18.58
C MET E 200 -8.47 27.25 -19.63
N ILE E 201 -7.39 26.50 -19.30
CA ILE E 201 -6.25 26.26 -20.20
C ILE E 201 -6.18 24.78 -20.65
N ASP E 202 -5.89 24.55 -21.94
CA ASP E 202 -5.81 23.21 -22.54
C ASP E 202 -4.46 23.00 -23.25
N SER E 203 -3.62 22.12 -22.70
CA SER E 203 -2.30 21.81 -23.23
C SER E 203 -2.33 20.92 -24.46
N ASN E 204 -3.20 19.89 -24.46
CA ASN E 204 -3.33 18.83 -25.47
C ASN E 204 -2.09 17.95 -25.35
N HIS E 205 -1.77 17.51 -24.09
CA HIS E 205 -0.63 16.67 -23.67
C HIS E 205 0.71 17.12 -24.29
N ALA E 206 0.80 18.43 -24.65
CA ALA E 206 1.97 19.10 -25.26
C ALA E 206 3.00 19.46 -24.21
N TYR E 207 2.72 19.15 -22.93
CA TYR E 207 3.60 19.43 -21.80
C TYR E 207 3.86 18.22 -20.92
N CYS E 208 5.08 18.15 -20.37
CA CYS E 208 5.55 17.11 -19.47
C CYS E 208 5.40 17.64 -18.04
N TYR E 209 5.46 16.76 -17.03
CA TYR E 209 5.26 17.13 -15.63
C TYR E 209 5.99 18.41 -15.20
N LYS E 210 7.29 18.52 -15.53
CA LYS E 210 8.13 19.69 -15.18
C LYS E 210 7.63 20.98 -15.89
N GLU E 211 7.16 20.84 -17.13
CA GLU E 211 6.68 21.93 -17.96
C GLU E 211 5.29 22.35 -17.57
N ALA E 212 4.49 21.38 -17.04
CA ALA E 212 3.12 21.56 -16.60
C ALA E 212 3.03 22.34 -15.30
N ILE E 213 3.81 21.96 -14.24
CA ILE E 213 3.79 22.70 -12.97
C ILE E 213 4.41 24.08 -13.12
N GLU E 214 5.38 24.24 -14.04
CA GLU E 214 6.01 25.53 -14.31
C GLU E 214 4.90 26.50 -14.78
N LEU E 215 4.04 26.05 -15.71
CA LEU E 215 2.92 26.82 -16.24
C LEU E 215 1.84 26.97 -15.18
N ALA E 216 1.44 25.86 -14.52
CA ALA E 216 0.42 25.86 -13.47
C ALA E 216 0.74 26.88 -12.40
N ARG E 217 1.91 26.76 -11.71
CA ARG E 217 2.37 27.68 -10.67
C ARG E 217 2.40 29.15 -11.09
N LYS E 218 2.82 29.42 -12.33
CA LYS E 218 2.91 30.77 -12.86
C LYS E 218 1.54 31.33 -13.29
N ALA E 219 0.64 30.48 -13.83
CA ALA E 219 -0.69 30.88 -14.28
C ALA E 219 -1.77 30.95 -13.20
N GLU E 220 -1.45 30.49 -11.97
CA GLU E 220 -2.36 30.48 -10.82
C GLU E 220 -2.97 31.86 -10.55
N LYS E 221 -2.12 32.93 -10.59
CA LYS E 221 -2.49 34.33 -10.38
C LYS E 221 -3.59 34.88 -11.32
N PHE E 222 -3.83 34.18 -12.44
CA PHE E 222 -4.83 34.57 -13.43
C PHE E 222 -6.19 33.86 -13.24
N ASP E 223 -6.43 33.26 -12.05
CA ASP E 223 -7.65 32.52 -11.68
C ASP E 223 -8.08 31.53 -12.77
N ILE E 224 -7.37 30.41 -12.89
CA ILE E 224 -7.70 29.41 -13.90
C ILE E 224 -8.67 28.40 -13.32
N SER E 225 -9.84 28.25 -13.98
CA SER E 225 -10.89 27.34 -13.55
C SER E 225 -10.47 25.88 -13.63
N TRP E 226 -9.65 25.49 -14.63
CA TRP E 226 -9.08 24.14 -14.74
C TRP E 226 -8.00 24.03 -15.82
N PHE E 227 -7.14 23.01 -15.69
CA PHE E 227 -6.09 22.68 -16.64
C PHE E 227 -6.45 21.33 -17.31
N GLU E 228 -6.80 21.40 -18.60
CA GLU E 228 -7.21 20.28 -19.44
C GLU E 228 -6.03 19.61 -20.09
N GLU E 229 -6.03 18.26 -20.05
CA GLU E 229 -5.00 17.37 -20.60
C GLU E 229 -3.55 17.94 -20.38
N PRO E 230 -3.12 18.20 -19.12
CA PRO E 230 -1.80 18.82 -18.90
C PRO E 230 -0.59 17.99 -19.33
N VAL E 231 -0.64 16.66 -19.14
CA VAL E 231 0.43 15.72 -19.51
C VAL E 231 -0.14 14.59 -20.35
N SER E 232 0.71 13.62 -20.74
CA SER E 232 0.32 12.44 -21.52
C SER E 232 -0.83 11.66 -20.82
N PRO E 233 -1.90 11.25 -21.53
CA PRO E 233 -2.96 10.44 -20.88
C PRO E 233 -2.45 9.13 -20.27
N GLU E 234 -1.18 8.80 -20.57
CA GLU E 234 -0.44 7.64 -20.13
C GLU E 234 0.33 7.91 -18.81
N ASP E 235 0.62 9.21 -18.53
CA ASP E 235 1.33 9.72 -17.34
C ASP E 235 0.36 9.94 -16.16
N TYR E 236 -0.19 8.83 -15.62
CA TYR E 236 -1.11 8.89 -14.49
C TYR E 236 -0.46 9.49 -13.24
N ASP E 237 0.78 9.05 -12.93
CA ASP E 237 1.54 9.55 -11.79
C ASP E 237 1.85 11.04 -11.95
N GLY E 238 1.94 11.51 -13.18
CA GLY E 238 2.19 12.91 -13.49
C GLY E 238 0.98 13.77 -13.15
N TYR E 239 -0.23 13.28 -13.49
CA TYR E 239 -1.51 13.95 -13.23
C TYR E 239 -1.74 14.09 -11.72
N LYS E 240 -1.50 12.98 -10.96
CA LYS E 240 -1.62 12.93 -9.50
C LYS E 240 -0.68 13.93 -8.82
N ARG E 241 0.61 13.94 -9.22
CA ARG E 241 1.64 14.85 -8.69
C ARG E 241 1.27 16.33 -8.96
N LEU E 242 0.85 16.62 -10.21
CA LEU E 242 0.47 17.96 -10.64
C LEU E 242 -0.68 18.50 -9.80
N ARG E 243 -1.67 17.63 -9.52
CA ARG E 243 -2.84 17.92 -8.69
C ARG E 243 -2.37 18.30 -7.27
N GLN E 244 -1.33 17.59 -6.75
CA GLN E 244 -0.74 17.80 -5.42
C GLN E 244 0.05 19.08 -5.33
N ASN E 245 0.67 19.52 -6.45
CA ASN E 245 1.55 20.70 -6.51
C ASN E 245 0.91 22.00 -7.05
N THR E 246 -0.35 21.94 -7.54
CA THR E 246 -1.03 23.15 -8.02
C THR E 246 -2.47 23.28 -7.45
N THR E 247 -2.95 24.54 -7.37
CA THR E 247 -4.29 24.86 -6.87
C THR E 247 -5.33 24.70 -7.98
N ILE E 248 -4.91 24.93 -9.26
CA ILE E 248 -5.74 24.83 -10.47
C ILE E 248 -6.25 23.37 -10.65
N PRO E 249 -7.59 23.18 -10.70
CA PRO E 249 -8.13 21.81 -10.88
C PRO E 249 -7.67 21.15 -12.18
N ILE E 250 -7.38 19.85 -12.11
CA ILE E 250 -6.83 19.06 -13.21
C ILE E 250 -7.93 18.28 -13.92
N SER E 251 -8.04 18.51 -15.23
CA SER E 251 -9.00 17.88 -16.14
C SER E 251 -8.27 16.86 -17.02
N GLY E 252 -9.00 15.82 -17.42
CA GLY E 252 -8.43 14.78 -18.28
C GLY E 252 -9.36 13.62 -18.52
N GLY E 253 -9.06 12.86 -19.55
CA GLY E 253 -9.88 11.70 -19.89
C GLY E 253 -10.39 11.74 -21.32
N GLU E 254 -10.06 12.82 -22.09
CA GLU E 254 -10.41 12.95 -23.50
C GLU E 254 -10.11 11.60 -24.15
N CYS E 255 -8.84 11.14 -23.96
CA CYS E 255 -8.22 9.93 -24.47
C CYS E 255 -8.54 8.65 -23.66
N GLU E 256 -9.49 8.74 -22.71
CA GLU E 256 -9.89 7.58 -21.91
C GLU E 256 -11.17 6.95 -22.46
N TYR E 257 -11.17 5.61 -22.56
CA TYR E 257 -12.24 4.80 -23.16
C TYR E 257 -12.76 3.72 -22.21
N LEU E 258 -14.10 3.57 -22.18
CA LEU E 258 -14.87 2.61 -21.41
C LEU E 258 -14.87 2.85 -19.90
N LYS E 259 -15.76 2.12 -19.20
CA LYS E 259 -15.90 2.15 -17.74
C LYS E 259 -14.57 1.66 -17.09
N TYR E 260 -13.91 0.67 -17.73
CA TYR E 260 -12.66 0.07 -17.28
C TYR E 260 -11.50 1.04 -17.32
N GLY E 261 -11.48 1.87 -18.34
CA GLY E 261 -10.48 2.90 -18.52
C GLY E 261 -10.64 4.00 -17.51
N PHE E 262 -11.88 4.43 -17.24
CA PHE E 262 -12.12 5.50 -16.26
C PHE E 262 -11.96 5.03 -14.84
N LYS E 263 -12.21 3.73 -14.59
CA LYS E 263 -12.01 3.16 -13.26
C LYS E 263 -10.52 3.26 -12.93
N ARG E 264 -9.64 2.91 -13.89
CA ARG E 264 -8.18 2.95 -13.73
C ARG E 264 -7.70 4.41 -13.55
N LEU E 265 -8.34 5.39 -14.24
CA LEU E 265 -8.01 6.80 -14.09
C LEU E 265 -8.34 7.30 -12.68
N PHE E 266 -9.56 6.96 -12.18
CA PHE E 266 -10.05 7.35 -10.86
C PHE E 266 -9.34 6.64 -9.71
N ASP E 267 -8.86 5.38 -9.92
CA ASP E 267 -8.15 4.58 -8.91
C ASP E 267 -6.81 5.22 -8.58
N LYS E 268 -6.31 6.05 -9.47
CA LYS E 268 -5.03 6.72 -9.30
C LYS E 268 -5.18 8.20 -8.90
N ASP E 269 -6.39 8.64 -8.51
CA ASP E 269 -6.69 10.02 -8.06
C ASP E 269 -6.08 11.13 -8.97
N CYS E 270 -6.15 10.91 -10.32
CA CYS E 270 -5.57 11.76 -11.36
C CYS E 270 -6.24 13.11 -11.55
N VAL E 271 -7.57 13.09 -11.76
CA VAL E 271 -8.33 14.27 -12.13
C VAL E 271 -9.34 14.74 -11.09
N ASP E 272 -9.65 16.05 -11.17
CA ASP E 272 -10.67 16.76 -10.41
C ASP E 272 -11.95 16.68 -11.23
N ILE E 273 -11.82 16.75 -12.58
CA ILE E 273 -12.89 16.69 -13.57
C ILE E 273 -12.56 15.63 -14.62
N ALA E 274 -13.48 14.66 -14.85
CA ALA E 274 -13.31 13.63 -15.87
C ALA E 274 -13.99 14.11 -17.14
N GLN E 275 -13.28 14.07 -18.29
CA GLN E 275 -13.85 14.57 -19.55
C GLN E 275 -14.00 13.48 -20.62
N PRO E 276 -14.94 12.50 -20.47
CA PRO E 276 -15.12 11.52 -21.56
C PRO E 276 -15.87 12.13 -22.75
N ASP E 277 -15.50 11.74 -23.97
CA ASP E 277 -16.22 12.20 -25.17
C ASP E 277 -17.24 11.12 -25.48
N ILE E 278 -18.54 11.49 -25.53
CA ILE E 278 -19.63 10.54 -25.75
C ILE E 278 -19.39 9.71 -27.03
N CYS E 279 -18.98 10.40 -28.10
CA CYS E 279 -18.69 9.91 -29.44
C CYS E 279 -17.40 9.07 -29.54
N ALA E 280 -16.66 8.93 -28.43
CA ALA E 280 -15.41 8.17 -28.40
C ALA E 280 -15.37 7.07 -27.33
N ALA E 281 -15.77 7.41 -26.06
CA ALA E 281 -15.69 6.55 -24.88
C ALA E 281 -16.63 5.28 -24.84
N GLY E 282 -17.68 5.29 -25.66
CA GLY E 282 -18.65 4.19 -25.71
C GLY E 282 -20.09 4.60 -25.84
N GLY E 283 -20.30 5.85 -26.29
CA GLY E 283 -21.61 6.42 -26.51
C GLY E 283 -22.32 6.90 -25.28
N LEU E 284 -23.65 7.10 -25.39
CA LEU E 284 -24.44 7.56 -24.26
C LEU E 284 -24.56 6.52 -23.19
N THR E 285 -24.71 5.25 -23.59
CA THR E 285 -24.78 4.08 -22.71
C THR E 285 -23.56 4.02 -21.84
N GLU E 286 -22.33 4.10 -22.42
CA GLU E 286 -21.13 4.01 -21.58
C GLU E 286 -20.81 5.27 -20.84
N VAL E 287 -20.93 6.48 -21.45
CA VAL E 287 -20.68 7.72 -20.69
C VAL E 287 -21.62 7.81 -19.48
N LYS E 288 -22.85 7.24 -19.58
CA LYS E 288 -23.76 7.15 -18.42
C LYS E 288 -23.17 6.23 -17.37
N LYS E 289 -22.59 5.07 -17.78
CA LYS E 289 -21.98 4.13 -16.84
C LYS E 289 -20.74 4.75 -16.20
N ILE E 290 -19.94 5.52 -17.00
CA ILE E 290 -18.79 6.30 -16.54
C ILE E 290 -19.31 7.39 -15.53
N ALA E 291 -20.51 7.94 -15.77
CA ALA E 291 -21.12 8.93 -14.89
C ALA E 291 -21.44 8.38 -13.48
N THR E 292 -21.90 7.09 -13.43
CA THR E 292 -22.19 6.32 -12.20
C THR E 292 -20.89 6.13 -11.40
N LEU E 293 -19.81 5.76 -12.12
CA LEU E 293 -18.46 5.55 -11.59
C LEU E 293 -17.92 6.86 -11.06
N ALA E 294 -17.98 7.98 -11.87
CA ALA E 294 -17.55 9.34 -11.50
C ALA E 294 -18.20 9.77 -10.18
N GLN E 295 -19.47 9.39 -10.03
CA GLN E 295 -20.29 9.64 -8.85
C GLN E 295 -19.77 8.87 -7.62
N THR E 296 -19.58 7.57 -7.76
CA THR E 296 -19.08 6.66 -6.73
C THR E 296 -17.71 7.15 -6.25
N TYR E 297 -16.83 7.55 -7.18
CA TYR E 297 -15.49 8.10 -6.88
C TYR E 297 -15.52 9.57 -6.49
N ASN E 298 -16.70 10.18 -6.47
CA ASN E 298 -16.89 11.59 -6.09
C ASN E 298 -15.98 12.57 -6.90
N VAL E 299 -15.97 12.38 -8.24
CA VAL E 299 -15.24 13.16 -9.24
C VAL E 299 -16.27 13.77 -10.18
N ASP E 300 -16.11 15.06 -10.52
CA ASP E 300 -16.99 15.79 -11.44
C ASP E 300 -16.82 15.26 -12.84
N LEU E 301 -17.86 15.42 -13.66
CA LEU E 301 -17.90 15.04 -15.07
C LEU E 301 -18.37 16.20 -15.93
N VAL E 302 -17.52 16.61 -16.88
CA VAL E 302 -17.81 17.63 -17.88
C VAL E 302 -17.40 16.89 -19.13
N PRO E 303 -18.32 16.49 -20.03
CA PRO E 303 -17.87 15.72 -21.20
C PRO E 303 -17.06 16.52 -22.22
N HIS E 304 -16.30 15.81 -23.06
CA HIS E 304 -15.55 16.43 -24.13
C HIS E 304 -16.45 16.42 -25.35
N THR E 305 -16.58 17.58 -26.06
CA THR E 305 -17.40 17.70 -27.28
C THR E 305 -16.70 18.52 -28.35
N TRP E 306 -16.40 17.89 -29.51
CA TRP E 306 -15.72 18.53 -30.63
C TRP E 306 -16.10 17.94 -32.00
N GLY E 307 -17.37 18.09 -32.34
CA GLY E 307 -17.90 17.63 -33.62
C GLY E 307 -19.06 18.46 -34.14
N THR E 308 -20.12 17.79 -34.66
CA THR E 308 -21.31 18.46 -35.17
C THR E 308 -22.36 18.58 -34.05
N TRP E 309 -23.59 19.04 -34.36
CA TRP E 309 -24.65 19.11 -33.34
C TRP E 309 -25.17 17.74 -32.94
N ILE E 310 -24.86 16.65 -33.71
CA ILE E 310 -25.23 15.30 -33.29
C ILE E 310 -24.50 15.01 -31.99
N ALA E 311 -23.17 15.33 -31.95
CA ALA E 311 -22.26 15.23 -30.82
C ALA E 311 -22.65 16.19 -29.71
N ILE E 312 -22.89 17.50 -30.04
CA ILE E 312 -23.27 18.49 -29.04
C ILE E 312 -24.58 18.10 -28.37
N SER E 313 -25.59 17.65 -29.14
CA SER E 313 -26.89 17.19 -28.62
C SER E 313 -26.76 16.09 -27.57
N ALA E 314 -25.94 15.04 -27.84
CA ALA E 314 -25.69 13.93 -26.91
C ALA E 314 -25.18 14.47 -25.57
N ALA E 315 -24.28 15.50 -25.60
CA ALA E 315 -23.75 16.17 -24.38
C ALA E 315 -24.83 16.98 -23.73
N VAL E 316 -25.67 17.71 -24.52
CA VAL E 316 -26.78 18.51 -23.95
C VAL E 316 -27.64 17.58 -23.09
N HIS E 317 -28.04 16.44 -23.66
CA HIS E 317 -28.85 15.45 -22.99
C HIS E 317 -28.12 14.73 -21.88
N LEU E 318 -26.80 14.58 -21.96
CA LEU E 318 -26.08 13.94 -20.87
C LEU E 318 -25.92 14.87 -19.66
N VAL E 319 -25.42 16.14 -19.84
CA VAL E 319 -25.25 17.06 -18.71
C VAL E 319 -26.65 17.42 -18.08
N ALA E 320 -27.74 17.38 -18.89
CA ALA E 320 -29.09 17.59 -18.38
C ALA E 320 -29.39 16.51 -17.32
N ASN E 321 -29.11 15.21 -17.64
CA ASN E 321 -29.31 14.04 -16.79
C ASN E 321 -28.25 13.89 -15.67
N LEU E 322 -27.12 14.60 -15.78
CA LEU E 322 -26.04 14.59 -14.80
C LEU E 322 -26.52 15.35 -13.55
N ASP E 323 -26.02 14.98 -12.34
CA ASP E 323 -26.35 15.60 -11.05
C ASP E 323 -25.09 15.95 -10.23
N LEU E 333 -25.35 25.97 -11.90
CA LEU E 333 -25.54 25.63 -13.32
C LEU E 333 -24.37 24.85 -13.94
N PRO E 334 -24.63 23.69 -14.61
CA PRO E 334 -23.53 22.93 -15.21
C PRO E 334 -22.98 23.53 -16.52
N THR E 335 -21.77 23.09 -16.96
CA THR E 335 -21.16 23.51 -18.24
C THR E 335 -20.90 22.29 -19.13
N MET E 336 -20.62 22.56 -20.43
CA MET E 336 -20.27 21.55 -21.44
C MET E 336 -19.42 22.21 -22.52
N GLU E 337 -18.72 21.39 -23.33
CA GLU E 337 -17.86 21.92 -24.39
C GLU E 337 -18.63 22.38 -25.63
N LEU E 338 -18.62 23.70 -25.88
CA LEU E 338 -19.28 24.27 -27.05
C LEU E 338 -18.22 24.86 -27.99
N ASP E 339 -17.80 24.05 -29.02
CA ASP E 339 -16.81 24.45 -30.02
C ASP E 339 -17.29 25.69 -30.78
N ARG E 340 -16.57 26.82 -30.65
CA ARG E 340 -16.96 28.08 -31.32
C ARG E 340 -16.06 28.45 -32.52
N THR E 341 -15.20 27.50 -32.94
CA THR E 341 -14.29 27.68 -34.07
C THR E 341 -15.06 27.61 -35.40
N GLU E 342 -14.34 27.73 -36.53
CA GLU E 342 -14.90 27.65 -37.89
C GLU E 342 -15.16 26.16 -38.23
N ASN E 343 -16.45 25.78 -38.39
CA ASN E 343 -16.87 24.43 -38.73
C ASN E 343 -18.24 24.46 -39.38
N ALA E 344 -18.30 24.14 -40.69
CA ALA E 344 -19.51 24.12 -41.50
C ALA E 344 -20.10 22.71 -41.52
N LEU E 345 -19.37 21.73 -40.99
CA LEU E 345 -19.90 20.37 -40.88
C LEU E 345 -20.90 20.34 -39.72
N ARG E 346 -20.68 21.21 -38.73
CA ARG E 346 -21.52 21.43 -37.57
C ARG E 346 -22.63 22.45 -37.92
N ASP E 347 -22.24 23.67 -38.32
CA ASP E 347 -23.13 24.79 -38.63
C ASP E 347 -23.94 24.69 -39.95
N GLU E 348 -23.70 23.66 -40.80
CA GLU E 348 -24.44 23.51 -42.05
C GLU E 348 -25.03 22.10 -42.27
N VAL E 349 -24.20 21.07 -42.11
CA VAL E 349 -24.65 19.69 -42.30
C VAL E 349 -25.67 19.28 -41.23
N THR E 350 -25.48 19.73 -39.97
CA THR E 350 -26.39 19.36 -38.87
C THR E 350 -27.27 20.49 -38.39
N LEU E 351 -28.55 20.14 -38.24
CA LEU E 351 -29.67 20.99 -37.84
C LEU E 351 -30.09 20.70 -36.39
N HIS E 352 -29.94 21.71 -35.52
CA HIS E 352 -30.29 21.61 -34.12
C HIS E 352 -31.55 22.41 -33.81
N LYS E 353 -32.25 22.03 -32.74
CA LYS E 353 -33.47 22.71 -32.27
C LYS E 353 -33.16 23.57 -31.04
N ILE E 354 -32.07 23.23 -30.32
CA ILE E 354 -31.59 23.84 -29.08
C ILE E 354 -31.39 25.39 -29.20
N LYS E 355 -31.63 26.10 -28.11
CA LYS E 355 -31.59 27.56 -28.06
C LYS E 355 -30.49 28.08 -27.13
N LEU E 356 -29.68 29.03 -27.63
CA LEU E 356 -28.63 29.67 -26.84
C LEU E 356 -28.73 31.19 -26.88
N GLU E 357 -28.99 31.81 -25.72
CA GLU E 357 -29.07 33.26 -25.60
C GLU E 357 -28.51 33.74 -24.26
N ASN E 358 -27.46 34.57 -24.33
CA ASN E 358 -26.70 35.16 -23.22
C ASN E 358 -26.07 34.09 -22.31
N GLY E 359 -25.14 33.33 -22.90
CA GLY E 359 -24.39 32.29 -22.23
C GLY E 359 -25.15 31.05 -21.78
N HIS E 360 -26.49 31.12 -21.75
CA HIS E 360 -27.32 30.00 -21.30
C HIS E 360 -27.93 29.24 -22.45
N LEU E 361 -27.78 27.91 -22.39
CA LEU E 361 -28.28 26.92 -23.33
C LEU E 361 -29.50 26.26 -22.66
N GLU E 362 -30.52 25.92 -23.44
CA GLU E 362 -31.75 25.32 -22.92
C GLU E 362 -31.97 23.94 -23.52
N VAL E 363 -32.04 22.93 -22.65
CA VAL E 363 -32.24 21.53 -23.03
C VAL E 363 -33.55 21.38 -23.83
N PRO E 364 -33.53 20.72 -25.01
CA PRO E 364 -34.79 20.56 -25.78
C PRO E 364 -35.69 19.43 -25.23
N CYS E 365 -37.00 19.53 -25.51
CA CYS E 365 -38.05 18.61 -25.07
C CYS E 365 -38.52 17.69 -26.20
N THR E 366 -38.00 17.92 -27.41
CA THR E 366 -38.28 17.18 -28.66
C THR E 366 -37.85 15.70 -28.56
N PRO E 367 -38.58 14.73 -29.18
CA PRO E 367 -38.18 13.31 -29.07
C PRO E 367 -36.81 13.02 -29.68
N GLY E 368 -35.98 12.33 -28.92
CA GLY E 368 -34.62 11.99 -29.31
C GLY E 368 -33.65 13.12 -28.98
N LEU E 369 -32.51 13.16 -29.68
CA LEU E 369 -31.48 14.17 -29.47
C LEU E 369 -31.96 15.57 -29.86
N GLY E 370 -32.90 15.61 -30.81
CA GLY E 370 -33.45 16.85 -31.31
C GLY E 370 -32.62 17.44 -32.42
N VAL E 371 -32.10 16.54 -33.28
CA VAL E 371 -31.25 16.87 -34.41
C VAL E 371 -31.60 16.13 -35.69
N ASP E 372 -31.29 16.84 -36.81
CA ASP E 372 -31.41 16.38 -38.17
C ASP E 372 -30.20 16.77 -39.02
N VAL E 373 -30.06 16.12 -40.20
CA VAL E 373 -28.98 16.38 -41.16
C VAL E 373 -29.59 16.86 -42.50
N ASP E 374 -29.17 18.05 -42.97
CA ASP E 374 -29.55 18.60 -44.29
C ASP E 374 -28.84 17.70 -45.32
N MET E 375 -29.59 16.80 -45.98
CA MET E 375 -29.01 15.82 -46.89
C MET E 375 -28.37 16.40 -48.19
N ASP E 376 -28.70 17.68 -48.51
CA ASP E 376 -28.14 18.42 -49.64
C ASP E 376 -26.76 18.94 -49.24
N LYS E 377 -26.66 19.51 -48.02
CA LYS E 377 -25.41 19.95 -47.42
C LYS E 377 -24.52 18.73 -47.08
N LEU E 378 -25.13 17.52 -46.84
CA LEU E 378 -24.38 16.27 -46.62
C LEU E 378 -23.70 15.91 -47.94
N GLU E 379 -24.47 15.83 -49.06
CA GLU E 379 -23.90 15.49 -50.37
C GLU E 379 -22.82 16.46 -50.82
N HIS E 380 -23.01 17.77 -50.54
CA HIS E 380 -22.06 18.82 -50.91
C HIS E 380 -20.72 18.65 -50.21
N TYR E 381 -20.77 18.33 -48.89
CA TYR E 381 -19.64 18.14 -47.99
C TYR E 381 -19.19 16.70 -47.82
N LEU E 382 -19.79 15.74 -48.55
CA LEU E 382 -19.33 14.35 -48.45
C LEU E 382 -17.88 14.24 -49.00
N ASP E 383 -17.17 13.13 -48.71
CA ASP E 383 -15.80 12.87 -49.16
C ASP E 383 -15.79 11.78 -50.25
N LYS E 384 -14.81 11.86 -51.20
CA LYS E 384 -14.66 10.91 -52.30
C LYS E 384 -13.84 9.66 -51.95
N SER F 9 38.07 -11.03 35.85
CA SER F 9 37.42 -11.07 34.53
C SER F 9 35.91 -11.36 34.65
N LYS F 10 35.49 -11.90 35.80
CA LYS F 10 34.11 -12.27 36.15
C LYS F 10 33.47 -11.25 37.12
N ILE F 11 32.14 -11.08 37.04
CA ILE F 11 31.38 -10.13 37.84
C ILE F 11 31.29 -10.63 39.25
N LYS F 12 31.73 -9.81 40.25
CA LYS F 12 31.60 -10.21 41.67
C LYS F 12 30.41 -9.46 42.36
N LYS F 13 30.26 -8.12 42.14
CA LYS F 13 29.16 -7.38 42.77
C LYS F 13 28.58 -6.20 41.95
N ILE F 14 27.28 -6.32 41.57
CA ILE F 14 26.52 -5.26 40.90
C ILE F 14 25.89 -4.42 42.05
N GLU F 15 26.12 -3.10 42.08
CA GLU F 15 25.60 -2.25 43.17
C GLU F 15 24.80 -1.04 42.70
N PRO F 16 23.45 -1.15 42.68
CA PRO F 16 22.64 0.01 42.29
C PRO F 16 22.45 1.02 43.43
N TYR F 17 22.53 2.32 43.12
CA TYR F 17 22.38 3.40 44.09
C TYR F 17 21.42 4.42 43.59
N VAL F 18 20.40 4.74 44.42
CA VAL F 18 19.41 5.77 44.11
C VAL F 18 19.90 7.04 44.77
N ILE F 19 20.26 8.03 43.96
CA ILE F 19 20.80 9.29 44.44
C ILE F 19 19.77 10.38 44.23
N SER F 20 19.63 11.26 45.24
CA SER F 20 18.65 12.32 45.24
C SER F 20 19.12 13.62 45.89
N HIS F 21 18.35 14.69 45.64
CA HIS F 21 18.46 16.03 46.22
C HIS F 21 17.36 16.95 45.69
N LYS F 22 16.86 17.82 46.57
CA LYS F 22 15.84 18.81 46.23
C LYS F 22 16.52 20.15 46.06
N LEU F 23 16.12 20.97 45.05
CA LEU F 23 16.76 22.29 44.84
C LEU F 23 15.77 23.45 44.96
N ASP F 24 14.85 23.60 43.97
CA ASP F 24 13.76 24.61 43.89
C ASP F 24 12.89 24.44 42.63
N ASP F 35 11.37 20.54 42.53
CA ASP F 35 11.35 19.50 43.56
C ASP F 35 12.67 18.69 43.64
N THR F 36 12.59 17.35 43.82
CA THR F 36 13.72 16.41 43.90
C THR F 36 14.15 15.88 42.50
N ARG F 37 15.44 15.47 42.34
CA ARG F 37 16.01 14.82 41.14
C ARG F 37 16.39 13.43 41.63
N LYS F 38 15.70 12.36 41.22
CA LYS F 38 16.00 11.00 41.72
C LYS F 38 16.55 10.13 40.61
N ILE F 39 17.87 9.83 40.66
CA ILE F 39 18.59 9.05 39.64
C ILE F 39 19.03 7.69 40.17
N CYS F 40 18.95 6.62 39.34
CA CYS F 40 19.51 5.31 39.70
C CYS F 40 20.85 5.13 38.96
N ILE F 41 21.92 4.73 39.69
CA ILE F 41 23.30 4.61 39.19
C ILE F 41 23.90 3.28 39.60
N VAL F 42 24.53 2.57 38.68
CA VAL F 42 25.15 1.26 39.03
C VAL F 42 26.66 1.32 39.01
N LYS F 43 27.25 0.35 39.72
CA LYS F 43 28.66 0.06 39.77
C LYS F 43 28.76 -1.47 39.71
N ILE F 44 29.33 -2.00 38.61
CA ILE F 44 29.59 -3.44 38.47
C ILE F 44 31.06 -3.58 38.70
N THR F 45 31.48 -4.43 39.68
CA THR F 45 32.89 -4.67 39.95
C THR F 45 33.21 -6.18 39.78
N LEU F 46 34.36 -6.41 39.14
CA LEU F 46 34.92 -7.70 38.82
C LEU F 46 35.76 -8.23 39.95
N ASP F 47 35.91 -9.59 40.04
CA ASP F 47 36.72 -10.30 41.03
C ASP F 47 38.07 -9.60 41.33
N ASP F 48 38.66 -8.94 40.32
CA ASP F 48 39.96 -8.23 40.37
C ASP F 48 39.90 -6.79 40.87
N GLY F 49 38.71 -6.28 41.11
CA GLY F 49 38.52 -4.93 41.62
C GLY F 49 38.18 -3.92 40.56
N THR F 50 38.31 -4.35 39.29
CA THR F 50 37.94 -3.54 38.12
C THR F 50 36.42 -3.30 38.15
N TYR F 51 36.08 -2.05 38.39
CA TYR F 51 34.71 -1.61 38.41
C TYR F 51 34.37 -0.86 37.11
N GLY F 52 33.07 -0.63 36.92
CA GLY F 52 32.46 0.06 35.78
C GLY F 52 31.21 0.82 36.21
N TRP F 53 31.06 2.05 35.70
CA TRP F 53 29.91 2.91 36.02
C TRP F 53 28.87 3.00 34.89
N GLY F 54 27.62 2.83 35.25
CA GLY F 54 26.47 2.90 34.35
C GLY F 54 25.29 3.58 34.99
N GLU F 55 24.33 4.00 34.15
CA GLU F 55 23.12 4.71 34.56
C GLU F 55 21.88 4.24 33.79
N GLY F 56 20.75 4.29 34.47
CA GLY F 56 19.43 3.97 33.94
C GLY F 56 18.57 5.22 33.95
N TYR F 57 17.72 5.42 32.91
CA TYR F 57 16.86 6.61 32.80
C TYR F 57 15.40 6.27 33.02
N GLY F 58 14.77 7.04 33.93
CA GLY F 58 13.36 6.92 34.31
C GLY F 58 13.16 7.05 35.81
N PRO F 59 12.18 6.31 36.39
CA PRO F 59 11.96 6.39 37.84
C PRO F 59 12.99 5.57 38.64
N ALA F 60 13.93 6.30 39.28
CA ALA F 60 15.08 5.79 40.04
C ALA F 60 14.84 4.47 40.76
N ALA F 61 13.94 4.47 41.78
CA ALA F 61 13.63 3.32 42.63
C ALA F 61 13.05 2.09 41.90
N VAL F 62 12.43 2.31 40.73
CA VAL F 62 11.85 1.25 39.88
C VAL F 62 12.95 0.62 39.07
N ILE F 63 13.90 1.45 38.62
CA ILE F 63 15.06 1.00 37.85
C ILE F 63 16.00 0.17 38.75
N LYS F 64 16.14 0.63 40.02
CA LYS F 64 16.98 0.05 41.04
C LYS F 64 16.54 -1.37 41.35
N SER F 65 15.23 -1.63 41.32
CA SER F 65 14.69 -2.96 41.57
C SER F 65 14.90 -3.84 40.35
N GLY F 66 14.93 -3.20 39.17
CA GLY F 66 15.14 -3.85 37.90
C GLY F 66 16.52 -4.49 37.87
N ILE F 67 17.54 -3.68 38.24
CA ILE F 67 18.94 -4.14 38.31
C ILE F 67 19.01 -5.35 39.26
N ASP F 68 18.35 -5.25 40.43
CA ASP F 68 18.25 -6.31 41.43
C ASP F 68 17.65 -7.60 40.84
N PHE F 69 16.75 -7.45 39.85
CA PHE F 69 16.10 -8.58 39.19
C PHE F 69 17.12 -9.38 38.38
N PHE F 70 17.98 -8.69 37.60
CA PHE F 70 18.98 -9.32 36.74
C PHE F 70 20.25 -9.72 37.47
N THR F 71 20.52 -9.09 38.63
CA THR F 71 21.74 -9.31 39.37
C THR F 71 21.99 -10.82 39.60
N PRO F 72 21.02 -11.66 40.05
CA PRO F 72 21.32 -13.10 40.20
C PRO F 72 21.90 -13.81 38.97
N PHE F 73 21.41 -13.47 37.75
CA PHE F 73 21.87 -14.10 36.51
C PHE F 73 23.08 -13.45 35.84
N LEU F 74 23.77 -12.54 36.54
CA LEU F 74 24.91 -11.84 35.95
C LEU F 74 26.22 -12.08 36.71
N LEU F 75 26.11 -12.40 38.01
CA LEU F 75 27.21 -12.68 38.91
C LEU F 75 27.98 -13.96 38.49
N GLY F 76 29.32 -13.85 38.51
CA GLY F 76 30.26 -14.90 38.13
C GLY F 76 30.42 -15.15 36.63
N LYS F 77 29.77 -14.31 35.79
CA LYS F 77 29.83 -14.38 34.33
C LYS F 77 30.81 -13.34 33.84
N GLU F 78 31.38 -13.54 32.61
CA GLU F 78 32.41 -12.69 32.01
C GLU F 78 31.90 -11.36 31.42
N ALA F 79 32.52 -10.23 31.84
CA ALA F 79 32.16 -8.86 31.43
C ALA F 79 32.59 -8.42 29.99
N ILE F 80 33.66 -9.04 29.38
CA ILE F 80 34.11 -8.69 27.99
C ILE F 80 33.08 -9.08 26.93
N GLY F 81 32.51 -10.28 27.04
CA GLY F 81 31.43 -10.75 26.18
C GLY F 81 30.11 -10.18 26.64
N HIS F 82 30.03 -8.83 26.68
CA HIS F 82 28.89 -8.00 27.14
C HIS F 82 27.58 -8.36 26.44
N GLU F 83 27.65 -8.75 25.14
CA GLU F 83 26.49 -9.13 24.34
C GLU F 83 25.89 -10.45 24.83
N VAL F 84 26.71 -11.34 25.42
CA VAL F 84 26.22 -12.60 25.98
C VAL F 84 25.35 -12.29 27.24
N LEU F 85 25.73 -11.25 27.98
CA LEU F 85 25.01 -10.81 29.17
C LEU F 85 23.72 -10.08 28.77
N TRP F 86 23.80 -9.20 27.73
CA TRP F 86 22.67 -8.44 27.18
C TRP F 86 21.61 -9.38 26.72
N GLN F 87 21.99 -10.43 26.00
CA GLN F 87 21.06 -11.45 25.53
C GLN F 87 20.47 -12.30 26.67
N GLU F 88 21.22 -12.50 27.76
CA GLU F 88 20.69 -13.24 28.92
C GLU F 88 19.59 -12.41 29.56
N MET F 89 19.88 -11.11 29.86
CA MET F 89 18.96 -10.12 30.43
C MET F 89 17.73 -9.98 29.56
N TYR F 90 17.91 -9.96 28.22
CA TYR F 90 16.79 -9.88 27.27
C TYR F 90 15.94 -11.13 27.38
N ARG F 91 16.52 -12.34 27.17
CA ARG F 91 15.80 -13.62 27.29
C ARG F 91 14.99 -13.72 28.58
N ARG F 92 15.52 -13.18 29.69
CA ARG F 92 14.86 -13.15 30.99
C ARG F 92 13.68 -12.17 31.07
N SER F 93 13.85 -10.93 30.55
CA SER F 93 12.83 -9.90 30.68
C SER F 93 11.96 -9.63 29.46
N MET F 94 12.21 -10.29 28.34
CA MET F 94 11.49 -10.12 27.07
C MET F 94 9.97 -10.03 27.28
N ASP F 95 9.40 -11.08 27.91
CA ASP F 95 7.98 -11.30 28.22
C ASP F 95 7.35 -10.20 29.08
N TYR F 96 8.16 -9.53 29.95
CA TYR F 96 7.73 -8.49 30.90
C TYR F 96 8.42 -7.12 30.70
N ALA F 97 9.00 -6.87 29.52
CA ALA F 97 9.67 -5.60 29.27
C ALA F 97 9.24 -4.95 27.97
N ARG F 98 10.08 -5.01 26.90
CA ARG F 98 9.85 -4.38 25.58
C ARG F 98 10.08 -2.86 25.62
N SER F 99 9.30 -2.15 26.43
CA SER F 99 9.45 -0.70 26.63
C SER F 99 9.54 -0.49 28.15
N GLY F 100 9.79 0.76 28.55
CA GLY F 100 9.85 1.15 29.96
C GLY F 100 11.04 0.74 30.81
N VAL F 101 10.73 0.56 32.12
CA VAL F 101 11.59 0.31 33.28
C VAL F 101 12.67 -0.80 33.10
N LEU F 102 12.31 -2.07 32.77
CA LEU F 102 13.35 -3.13 32.66
C LEU F 102 14.41 -2.84 31.58
N GLN F 103 14.09 -2.00 30.57
CA GLN F 103 15.05 -1.61 29.55
C GLN F 103 16.06 -0.62 30.15
N ALA F 104 15.61 0.23 31.10
CA ALA F 104 16.50 1.17 31.78
C ALA F 104 17.45 0.39 32.73
N ALA F 105 16.93 -0.74 33.27
CA ALA F 105 17.70 -1.68 34.09
C ALA F 105 18.78 -2.36 33.24
N ILE F 106 18.43 -2.83 32.02
CA ILE F 106 19.39 -3.44 31.05
C ILE F 106 20.40 -2.40 30.54
N SER F 107 19.96 -1.15 30.30
CA SER F 107 20.83 -0.06 29.81
C SER F 107 21.92 0.32 30.81
N ALA F 108 21.53 0.40 32.13
CA ALA F 108 22.34 0.75 33.29
C ALA F 108 23.48 -0.22 33.46
N ILE F 109 23.19 -1.57 33.40
CA ILE F 109 24.18 -2.66 33.44
C ILE F 109 25.07 -2.57 32.19
N ASP F 110 24.47 -2.42 30.97
CA ASP F 110 25.22 -2.30 29.71
C ASP F 110 26.32 -1.20 29.76
N VAL F 111 25.93 0.07 30.04
CA VAL F 111 26.87 1.21 30.14
C VAL F 111 28.01 0.95 31.10
N ALA F 112 27.75 0.21 32.20
CA ALA F 112 28.83 -0.15 33.11
C ALA F 112 29.74 -1.21 32.47
N LEU F 113 29.19 -2.25 31.79
CA LEU F 113 29.98 -3.30 31.12
C LEU F 113 30.88 -2.76 29.99
N TRP F 114 30.53 -1.57 29.49
CA TRP F 114 31.27 -0.85 28.46
C TRP F 114 32.37 -0.01 29.12
N ASP F 115 32.14 0.42 30.41
CA ASP F 115 33.16 1.14 31.19
C ASP F 115 34.22 0.10 31.55
N ILE F 116 33.78 -1.09 32.07
CA ILE F 116 34.62 -2.24 32.40
C ILE F 116 35.50 -2.61 31.22
N LYS F 117 34.88 -2.90 30.06
CA LYS F 117 35.57 -3.31 28.82
C LYS F 117 36.59 -2.31 28.38
N GLY F 118 36.23 -1.02 28.43
CA GLY F 118 37.12 0.09 28.12
C GLY F 118 38.35 0.08 28.98
N LYS F 119 38.15 -0.09 30.30
CA LYS F 119 39.22 -0.21 31.29
C LYS F 119 40.07 -1.47 30.99
N LEU F 120 39.44 -2.66 31.06
CA LEU F 120 39.93 -4.01 30.78
C LEU F 120 40.86 -4.08 29.54
N LEU F 121 40.41 -3.53 28.39
CA LEU F 121 41.19 -3.54 27.14
C LEU F 121 41.99 -2.25 26.92
N ASN F 122 42.07 -1.39 27.96
CA ASN F 122 42.84 -0.14 28.02
C ASN F 122 42.58 0.81 26.83
N LEU F 123 41.33 0.94 26.43
CA LEU F 123 40.91 1.82 25.33
C LEU F 123 39.63 2.62 25.68
N PRO F 124 39.40 3.85 25.15
CA PRO F 124 38.12 4.52 25.41
C PRO F 124 36.96 3.73 24.77
N VAL F 125 35.70 4.02 25.16
CA VAL F 125 34.52 3.33 24.63
C VAL F 125 34.32 3.60 23.11
N SER F 126 34.51 4.86 22.67
CA SER F 126 34.36 5.24 21.27
C SER F 126 35.24 4.37 20.33
N VAL F 127 36.52 4.19 20.68
CA VAL F 127 37.45 3.37 19.92
C VAL F 127 37.01 1.88 19.95
N LEU F 128 36.42 1.47 21.08
CA LEU F 128 35.95 0.11 21.27
C LEU F 128 34.58 -0.16 20.62
N LEU F 129 33.87 0.91 20.18
CA LEU F 129 32.58 0.83 19.47
C LEU F 129 32.86 0.69 17.95
N GLY F 130 34.11 0.95 17.56
CA GLY F 130 34.56 0.89 16.17
C GLY F 130 35.55 1.95 15.76
N GLY F 131 35.57 3.10 16.45
CA GLY F 131 36.51 4.17 16.13
C GLY F 131 35.99 5.57 16.32
N VAL F 132 36.88 6.50 16.75
CA VAL F 132 36.53 7.93 16.94
C VAL F 132 36.40 8.57 15.57
N LYS F 133 35.17 8.90 15.18
CA LYS F 133 34.89 9.51 13.87
C LYS F 133 34.91 11.03 14.01
N ASN F 134 34.54 11.53 15.20
CA ASN F 134 34.46 12.95 15.57
C ASN F 134 35.18 13.16 16.91
N PRO F 135 36.45 13.64 16.90
CA PRO F 135 37.18 13.85 18.16
C PRO F 135 36.68 15.05 18.97
N ILE F 136 35.97 15.96 18.30
CA ILE F 136 35.39 17.16 18.88
C ILE F 136 33.89 17.13 18.56
N ILE F 137 33.05 17.48 19.55
CA ILE F 137 31.58 17.60 19.47
C ILE F 137 31.21 19.00 19.95
N GLU F 138 30.12 19.57 19.43
CA GLU F 138 29.63 20.86 19.90
C GLU F 138 28.21 20.69 20.50
N PRO F 139 28.08 20.46 21.84
CA PRO F 139 26.75 20.18 22.40
C PRO F 139 25.86 21.40 22.53
N TYR F 140 24.54 21.18 22.70
CA TYR F 140 23.55 22.25 22.91
C TYR F 140 23.18 22.33 24.38
N ALA F 141 22.90 23.56 24.86
CA ALA F 141 22.52 23.85 26.24
C ALA F 141 21.01 23.76 26.41
N THR F 142 20.52 22.90 27.33
CA THR F 142 19.07 22.77 27.61
C THR F 142 18.70 23.65 28.81
N GLY F 143 17.67 24.49 28.65
CA GLY F 143 17.20 25.45 29.66
C GLY F 143 15.71 25.70 29.72
N LEU F 144 15.00 24.84 30.49
CA LEU F 144 13.55 24.86 30.76
C LEU F 144 13.13 25.93 31.79
N TYR F 145 11.83 26.34 31.76
CA TYR F 145 11.25 27.31 32.69
C TYR F 145 10.76 26.63 33.98
N LEU F 152 10.28 36.82 36.60
CA LEU F 152 9.58 35.90 35.69
C LEU F 152 9.70 36.32 34.21
N GLU F 153 9.79 35.32 33.28
CA GLU F 153 9.89 35.45 31.81
C GLU F 153 11.20 36.07 31.31
N GLU F 154 11.60 37.25 31.83
CA GLU F 154 12.84 37.95 31.46
C GLU F 154 14.09 37.20 31.95
N LEU F 155 13.89 36.25 32.90
CA LEU F 155 14.94 35.41 33.48
C LEU F 155 15.42 34.39 32.45
N LEU F 156 14.52 33.93 31.56
CA LEU F 156 14.81 32.97 30.47
C LEU F 156 15.80 33.57 29.46
N VAL F 157 15.63 34.87 29.14
CA VAL F 157 16.47 35.66 28.23
C VAL F 157 17.90 35.72 28.78
N GLU F 158 18.06 35.91 30.10
CA GLU F 158 19.34 35.97 30.81
C GLU F 158 20.07 34.63 30.78
N GLU F 159 19.33 33.51 31.03
CA GLU F 159 19.84 32.13 30.99
C GLU F 159 20.40 31.81 29.60
N ALA F 160 19.70 32.29 28.55
CA ALA F 160 20.08 32.12 27.15
C ALA F 160 21.35 32.92 26.84
N LEU F 161 21.39 34.20 27.24
CA LEU F 161 22.53 35.09 27.04
C LEU F 161 23.78 34.57 27.73
N LEU F 162 23.61 33.86 28.86
CA LEU F 162 24.67 33.20 29.63
C LEU F 162 25.29 32.11 28.77
N TYR F 163 24.44 31.27 28.13
CA TYR F 163 24.87 30.18 27.26
C TYR F 163 25.66 30.68 26.03
N LYS F 164 25.20 31.77 25.37
CA LYS F 164 25.88 32.38 24.23
C LYS F 164 27.27 32.87 24.66
N SER F 165 27.36 33.49 25.86
CA SER F 165 28.59 33.99 26.50
C SER F 165 29.50 32.83 26.85
N GLN F 166 28.89 31.69 27.26
CA GLN F 166 29.58 30.44 27.61
C GLN F 166 30.07 29.68 26.36
N GLY F 167 30.02 30.36 25.21
CA GLY F 167 30.51 29.86 23.94
C GLY F 167 29.58 29.01 23.11
N PHE F 168 28.53 28.38 23.74
CA PHE F 168 27.56 27.47 23.10
C PHE F 168 27.09 27.94 21.74
N LYS F 169 27.02 27.00 20.79
CA LYS F 169 26.66 27.27 19.40
C LYS F 169 25.16 27.04 19.15
N ALA F 170 24.49 26.36 20.10
CA ALA F 170 23.07 26.03 20.04
C ALA F 170 22.45 25.92 21.43
N THR F 171 21.14 26.19 21.54
CA THR F 171 20.41 26.07 22.80
C THR F 171 18.99 25.49 22.59
N LYS F 172 18.58 24.55 23.48
CA LYS F 172 17.25 23.92 23.44
C LYS F 172 16.33 24.44 24.54
N MET F 173 15.23 25.07 24.14
CA MET F 173 14.24 25.65 25.04
C MET F 173 12.98 24.77 25.18
N LYS F 174 12.38 24.80 26.39
CA LYS F 174 11.17 24.03 26.66
C LYS F 174 9.93 24.86 26.39
N VAL F 175 9.00 24.26 25.63
CA VAL F 175 7.72 24.85 25.24
C VAL F 175 6.57 23.95 25.74
N GLY F 176 5.37 24.52 25.84
CA GLY F 176 4.17 23.82 26.32
C GLY F 176 3.33 24.68 27.23
N LEU F 177 3.70 25.97 27.36
CA LEU F 177 3.07 26.99 28.18
C LEU F 177 1.87 27.66 27.45
N GLY F 178 1.58 27.19 26.23
CA GLY F 178 0.51 27.70 25.37
C GLY F 178 1.07 28.25 24.08
N ILE F 179 0.39 27.97 22.93
CA ILE F 179 0.84 28.41 21.60
C ILE F 179 1.21 29.91 21.59
N GLU F 180 0.32 30.79 22.06
CA GLU F 180 0.60 32.23 22.07
C GLU F 180 1.65 32.66 23.11
N GLN F 181 1.78 31.90 24.22
CA GLN F 181 2.76 32.17 25.29
C GLN F 181 4.18 31.81 24.82
N ASP F 182 4.30 30.66 24.13
CA ASP F 182 5.56 30.14 23.58
C ASP F 182 6.07 31.07 22.51
N LEU F 183 5.23 31.40 21.49
CA LEU F 183 5.58 32.31 20.39
C LEU F 183 6.07 33.68 20.88
N LYS F 184 5.61 34.11 22.07
CA LYS F 184 6.03 35.36 22.72
C LYS F 184 7.45 35.18 23.29
N TYR F 185 7.72 34.01 23.89
CA TYR F 185 9.02 33.68 24.49
C TYR F 185 10.09 33.31 23.45
N ILE F 186 9.72 32.54 22.40
CA ILE F 186 10.61 32.13 21.30
C ILE F 186 11.11 33.39 20.59
N ALA F 187 10.22 34.39 20.43
CA ALA F 187 10.55 35.69 19.82
C ALA F 187 11.59 36.43 20.66
N ALA F 188 11.44 36.40 22.01
CA ALA F 188 12.32 37.05 22.97
C ALA F 188 13.72 36.47 23.00
N ILE F 189 13.82 35.11 23.05
CA ILE F 189 15.10 34.40 23.10
C ILE F 189 15.87 34.58 21.78
N ARG F 190 15.18 34.50 20.62
CA ARG F 190 15.78 34.70 19.30
C ARG F 190 16.35 36.12 19.17
N LYS F 191 15.65 37.13 19.75
CA LYS F 191 16.06 38.53 19.77
C LYS F 191 17.39 38.69 20.56
N ALA F 192 17.52 37.96 21.67
CA ALA F 192 18.69 38.00 22.54
C ALA F 192 19.90 37.30 21.94
N ILE F 193 19.73 36.04 21.49
CA ILE F 193 20.81 35.19 20.94
C ILE F 193 21.27 35.65 19.53
N GLY F 194 20.41 36.41 18.84
CA GLY F 194 20.69 36.87 17.49
C GLY F 194 20.46 35.78 16.45
N PRO F 195 20.92 35.94 15.20
CA PRO F 195 20.65 34.90 14.19
C PRO F 195 21.67 33.77 14.06
N ASP F 196 22.91 34.01 14.53
CA ASP F 196 24.01 33.07 14.41
C ASP F 196 23.94 31.85 15.32
N MET F 197 23.31 31.97 16.50
CA MET F 197 23.20 30.83 17.42
C MET F 197 21.95 29.99 17.10
N ARG F 198 22.12 28.66 17.07
CA ARG F 198 21.01 27.74 16.79
C ARG F 198 20.03 27.64 17.96
N LEU F 199 18.73 27.44 17.66
CA LEU F 199 17.70 27.34 18.68
C LEU F 199 16.69 26.24 18.36
N MET F 200 16.42 25.34 19.33
CA MET F 200 15.48 24.21 19.18
C MET F 200 14.37 24.30 20.24
N ILE F 201 13.16 23.81 19.89
CA ILE F 201 11.99 23.81 20.79
C ILE F 201 11.59 22.36 21.21
N ASP F 202 11.26 22.17 22.51
CA ASP F 202 10.87 20.87 23.06
C ASP F 202 9.53 20.96 23.78
N SER F 203 8.50 20.29 23.23
CA SER F 203 7.13 20.28 23.76
C SER F 203 6.97 19.38 24.96
N ASN F 204 7.58 18.17 24.92
CA ASN F 204 7.48 17.08 25.91
C ASN F 204 6.08 16.50 25.78
N HIS F 205 5.67 16.17 24.51
CA HIS F 205 4.35 15.63 24.09
C HIS F 205 3.15 16.36 24.74
N ALA F 206 3.37 17.65 25.13
CA ALA F 206 2.39 18.55 25.77
C ALA F 206 1.42 19.15 24.77
N TYR F 207 1.55 18.79 23.48
CA TYR F 207 0.66 19.27 22.44
C TYR F 207 0.11 18.14 21.58
N CYS F 208 -0.93 18.44 20.82
CA CYS F 208 -1.60 17.55 19.89
C CYS F 208 -1.31 18.05 18.48
N TYR F 209 -1.55 17.24 17.43
CA TYR F 209 -1.27 17.59 16.04
C TYR F 209 -1.71 19.01 15.65
N LYS F 210 -2.96 19.40 15.97
CA LYS F 210 -3.52 20.73 15.66
C LYS F 210 -2.75 21.85 16.40
N GLU F 211 -2.36 21.58 17.65
CA GLU F 211 -1.63 22.52 18.50
C GLU F 211 -0.17 22.63 18.08
N ALA F 212 0.40 21.52 17.57
CA ALA F 212 1.79 21.41 17.14
C ALA F 212 2.06 22.18 15.86
N ILE F 213 1.22 22.01 14.79
CA ILE F 213 1.40 22.76 13.53
C ILE F 213 1.11 24.24 13.73
N GLU F 214 0.19 24.58 14.64
CA GLU F 214 -0.13 25.98 14.95
C GLU F 214 1.16 26.66 15.44
N LEU F 215 1.89 26.01 16.37
CA LEU F 215 3.16 26.49 16.91
C LEU F 215 4.26 26.42 15.85
N ALA F 216 4.39 25.27 15.16
CA ALA F 216 5.39 25.06 14.12
C ALA F 216 5.31 26.16 13.06
N ARG F 217 4.14 26.33 12.38
CA ARG F 217 3.90 27.34 11.35
C ARG F 217 4.20 28.77 11.81
N LYS F 218 3.87 29.09 13.06
CA LYS F 218 4.08 30.42 13.63
C LYS F 218 5.54 30.66 14.06
N ALA F 219 6.22 29.61 14.58
CA ALA F 219 7.61 29.69 15.04
C ALA F 219 8.68 29.53 13.94
N GLU F 220 8.26 29.17 12.72
CA GLU F 220 9.14 28.98 11.56
C GLU F 220 10.06 30.19 11.30
N LYS F 221 9.48 31.41 11.38
CA LYS F 221 10.15 32.70 11.17
C LYS F 221 11.35 32.96 12.11
N PHE F 222 11.43 32.20 13.23
CA PHE F 222 12.50 32.35 14.21
C PHE F 222 13.66 31.36 14.00
N ASP F 223 13.76 30.74 12.80
CA ASP F 223 14.78 29.75 12.41
C ASP F 223 14.97 28.67 13.49
N ILE F 224 14.02 27.73 13.57
CA ILE F 224 14.11 26.66 14.57
C ILE F 224 14.82 25.47 13.96
N SER F 225 15.92 25.05 14.61
CA SER F 225 16.75 23.93 14.16
C SER F 225 16.00 22.59 14.19
N TRP F 226 15.07 22.39 15.15
CA TRP F 226 14.19 21.22 15.20
C TRP F 226 13.13 21.34 16.29
N PHE F 227 12.10 20.50 16.20
CA PHE F 227 11.02 20.41 17.17
C PHE F 227 11.06 18.99 17.79
N GLU F 228 11.44 18.96 19.08
CA GLU F 228 11.59 17.76 19.91
C GLU F 228 10.27 17.36 20.56
N GLU F 229 9.96 16.04 20.48
CA GLU F 229 8.75 15.39 21.00
C GLU F 229 7.47 16.28 20.80
N PRO F 230 7.12 16.67 19.55
CA PRO F 230 5.97 17.57 19.36
C PRO F 230 4.59 17.04 19.77
N VAL F 231 4.34 15.74 19.55
CA VAL F 231 3.08 15.07 19.89
C VAL F 231 3.39 13.81 20.70
N SER F 232 2.34 13.04 21.07
CA SER F 232 2.47 11.79 21.81
C SER F 232 3.41 10.79 21.09
N PRO F 233 4.38 10.13 21.79
CA PRO F 233 5.22 9.11 21.09
C PRO F 233 4.42 7.96 20.47
N GLU F 234 3.12 7.94 20.76
CA GLU F 234 2.12 6.99 20.31
C GLU F 234 1.43 7.44 19.01
N ASP F 235 1.44 8.78 18.76
CA ASP F 235 0.86 9.46 17.58
C ASP F 235 1.85 9.47 16.41
N TYR F 236 2.16 8.29 15.84
CA TYR F 236 3.08 8.18 14.71
C TYR F 236 2.58 8.92 13.48
N ASP F 237 1.26 8.77 13.15
CA ASP F 237 0.62 9.45 12.02
C ASP F 237 0.65 10.96 12.21
N GLY F 238 0.66 11.42 13.46
CA GLY F 238 0.73 12.83 13.80
C GLY F 238 2.09 13.41 13.49
N TYR F 239 3.15 12.66 13.84
CA TYR F 239 4.53 13.02 13.58
C TYR F 239 4.73 13.18 12.08
N LYS F 240 4.39 12.14 11.28
CA LYS F 240 4.49 12.10 9.81
C LYS F 240 3.80 13.29 9.16
N ARG F 241 2.55 13.60 9.57
CA ARG F 241 1.74 14.71 9.06
C ARG F 241 2.44 16.06 9.37
N LEU F 242 2.91 16.22 10.62
CA LEU F 242 3.57 17.43 11.08
C LEU F 242 4.83 17.72 10.25
N ARG F 243 5.59 16.66 9.95
CA ARG F 243 6.79 16.69 9.13
C ARG F 243 6.44 17.21 7.72
N GLN F 244 5.27 16.78 7.19
CA GLN F 244 4.76 17.13 5.87
C GLN F 244 4.28 18.57 5.81
N ASN F 245 3.75 19.11 6.94
CA ASN F 245 3.16 20.44 7.02
C ASN F 245 4.07 21.54 7.61
N THR F 246 5.29 21.19 8.10
CA THR F 246 6.22 22.21 8.59
C THR F 246 7.65 22.05 8.03
N THR F 247 8.39 23.17 7.98
CA THR F 247 9.77 23.20 7.49
C THR F 247 10.75 22.80 8.59
N ILE F 248 10.39 23.06 9.86
CA ILE F 248 11.18 22.74 11.06
C ILE F 248 11.34 21.20 11.20
N PRO F 249 12.59 20.69 11.23
CA PRO F 249 12.80 19.23 11.38
C PRO F 249 12.20 18.67 12.66
N ILE F 250 11.64 17.46 12.56
CA ILE F 250 10.92 16.78 13.65
C ILE F 250 11.81 15.75 14.33
N SER F 251 11.98 15.93 15.65
CA SER F 251 12.75 15.08 16.55
C SER F 251 11.82 14.22 17.40
N GLY F 252 12.29 13.04 17.78
CA GLY F 252 11.50 12.13 18.60
C GLY F 252 12.15 10.78 18.81
N GLY F 253 11.71 10.08 19.83
CA GLY F 253 12.25 8.77 20.14
C GLY F 253 12.74 8.64 21.56
N GLU F 254 12.64 9.74 22.36
CA GLU F 254 13.01 9.74 23.78
C GLU F 254 12.40 8.44 24.36
N CYS F 255 11.06 8.27 24.12
CA CYS F 255 10.17 7.19 24.57
C CYS F 255 10.23 5.92 23.70
N GLU F 256 11.19 5.86 22.77
CA GLU F 256 11.36 4.70 21.91
C GLU F 256 12.43 3.78 22.46
N TYR F 257 12.10 2.48 22.57
CA TYR F 257 12.93 1.42 23.18
C TYR F 257 13.26 0.29 22.20
N LEU F 258 14.52 -0.15 22.22
CA LEU F 258 15.07 -1.25 21.42
C LEU F 258 15.12 -0.99 19.91
N LYS F 259 15.84 -1.87 19.20
CA LYS F 259 15.97 -1.83 17.74
C LYS F 259 14.56 -1.98 17.08
N TYR F 260 13.69 -2.81 17.70
CA TYR F 260 12.36 -3.12 17.22
C TYR F 260 11.43 -1.92 17.30
N GLY F 261 11.57 -1.12 18.32
CA GLY F 261 10.79 0.09 18.49
C GLY F 261 11.16 1.14 17.48
N PHE F 262 12.47 1.40 17.32
CA PHE F 262 12.96 2.39 16.34
C PHE F 262 12.76 1.95 14.91
N LYS F 263 12.73 0.63 14.62
CA LYS F 263 12.42 0.13 13.27
C LYS F 263 10.99 0.55 12.95
N ARG F 264 10.05 0.28 13.92
CA ARG F 264 8.63 0.58 13.83
C ARG F 264 8.40 2.07 13.58
N LEU F 265 9.20 2.93 14.23
CA LEU F 265 9.14 4.38 14.11
C LEU F 265 9.62 4.85 12.72
N PHE F 266 10.80 4.36 12.26
CA PHE F 266 11.41 4.68 10.96
C PHE F 266 10.58 4.16 9.78
N ASP F 267 9.85 3.04 9.96
CA ASP F 267 8.98 2.47 8.93
C ASP F 267 7.79 3.41 8.69
N LYS F 268 7.62 4.38 9.57
CA LYS F 268 6.50 5.28 9.49
C LYS F 268 6.91 6.68 9.05
N ASP F 269 8.18 6.86 8.70
CA ASP F 269 8.78 8.12 8.27
C ASP F 269 8.43 9.31 9.22
N CYS F 270 8.44 9.05 10.56
CA CYS F 270 8.08 10.01 11.62
C CYS F 270 9.05 11.17 11.84
N VAL F 271 10.32 10.83 12.04
CA VAL F 271 11.32 11.81 12.43
C VAL F 271 12.42 12.07 11.41
N ASP F 272 13.01 13.27 11.52
CA ASP F 272 14.16 13.74 10.78
C ASP F 272 15.39 13.35 11.60
N ILE F 273 15.27 13.41 12.95
CA ILE F 273 16.30 13.09 13.95
C ILE F 273 15.74 12.11 14.97
N ALA F 274 16.41 10.97 15.18
CA ALA F 274 16.01 9.96 16.17
C ALA F 274 16.79 10.25 17.46
N GLN F 275 16.09 10.32 18.61
CA GLN F 275 16.74 10.66 19.87
C GLN F 275 16.67 9.55 20.92
N PRO F 276 17.37 8.39 20.74
CA PRO F 276 17.33 7.37 21.81
C PRO F 276 18.18 7.77 23.00
N ASP F 277 17.73 7.47 24.22
CA ASP F 277 18.53 7.74 25.42
C ASP F 277 19.27 6.44 25.72
N ILE F 278 20.62 6.51 25.77
CA ILE F 278 21.47 5.33 25.98
C ILE F 278 21.04 4.55 27.25
N CYS F 279 20.80 5.30 28.35
CA CYS F 279 20.36 4.90 29.69
C CYS F 279 18.94 4.30 29.73
N ALA F 280 18.19 4.38 28.63
CA ALA F 280 16.81 3.91 28.57
C ALA F 280 16.54 2.85 27.47
N ALA F 281 16.96 3.14 26.18
CA ALA F 281 16.70 2.35 24.97
C ALA F 281 17.27 0.90 24.93
N GLY F 282 18.36 0.65 25.68
CA GLY F 282 19.05 -0.64 25.73
C GLY F 282 20.56 -0.56 25.88
N GLY F 283 21.03 0.61 26.35
CA GLY F 283 22.45 0.86 26.61
C GLY F 283 23.25 1.20 25.38
N LEU F 284 24.59 1.08 25.49
CA LEU F 284 25.47 1.38 24.36
C LEU F 284 25.35 0.35 23.26
N THR F 285 25.19 -0.94 23.64
CA THR F 285 25.01 -2.06 22.72
C THR F 285 23.81 -1.83 21.86
N GLU F 286 22.63 -1.50 22.44
CA GLU F 286 21.45 -1.29 21.62
C GLU F 286 21.42 0.03 20.90
N VAL F 287 21.79 1.17 21.53
CA VAL F 287 21.84 2.45 20.80
C VAL F 287 22.77 2.33 19.59
N LYS F 288 23.84 1.49 19.66
CA LYS F 288 24.71 1.23 18.50
C LYS F 288 23.92 0.47 17.43
N LYS F 289 23.08 -0.51 17.83
CA LYS F 289 22.27 -1.25 16.87
C LYS F 289 21.21 -0.34 16.24
N ILE F 290 20.62 0.54 17.06
CA ILE F 290 19.67 1.59 16.62
C ILE F 290 20.42 2.56 15.64
N ALA F 291 21.74 2.81 15.89
CA ALA F 291 22.55 3.66 15.03
C ALA F 291 22.74 3.07 13.62
N THR F 292 22.89 1.72 13.52
CA THR F 292 22.99 0.93 12.28
C THR F 292 21.71 1.07 11.47
N LEU F 293 20.56 0.94 12.19
CA LEU F 293 19.20 1.06 11.66
C LEU F 293 18.98 2.47 11.15
N ALA F 294 19.30 3.51 11.98
CA ALA F 294 19.17 4.93 11.62
C ALA F 294 19.87 5.15 10.32
N GLN F 295 21.08 4.63 10.22
CA GLN F 295 21.94 4.71 9.04
C GLN F 295 21.27 4.12 7.79
N THR F 296 20.77 2.88 7.90
CA THR F 296 20.10 2.16 6.83
C THR F 296 18.89 2.96 6.36
N TYR F 297 18.10 3.50 7.30
CA TYR F 297 16.93 4.33 7.02
C TYR F 297 17.29 5.77 6.69
N ASN F 298 18.59 6.10 6.68
CA ASN F 298 19.09 7.43 6.34
C ASN F 298 18.42 8.56 7.18
N VAL F 299 18.36 8.34 8.52
CA VAL F 299 17.82 9.23 9.56
C VAL F 299 18.94 9.56 10.51
N ASP F 300 19.07 10.86 10.86
CA ASP F 300 20.09 11.36 11.80
C ASP F 300 19.80 10.85 13.19
N LEU F 301 20.86 10.76 14.01
CA LEU F 301 20.81 10.34 15.40
C LEU F 301 21.52 11.35 16.29
N VAL F 302 20.78 11.91 17.24
CA VAL F 302 21.28 12.83 18.26
C VAL F 302 20.72 12.17 19.50
N PRO F 303 21.52 11.55 20.39
CA PRO F 303 20.91 10.85 21.53
C PRO F 303 20.30 11.80 22.57
N HIS F 304 19.42 11.26 23.40
CA HIS F 304 18.82 12.02 24.48
C HIS F 304 19.69 11.78 25.71
N THR F 305 20.11 12.84 26.46
CA THR F 305 20.90 12.64 27.69
C THR F 305 20.48 13.64 28.80
N TRP F 306 19.90 13.10 29.90
CA TRP F 306 19.40 13.86 31.03
C TRP F 306 19.63 13.14 32.37
N GLY F 307 20.91 13.00 32.73
CA GLY F 307 21.33 12.37 33.97
C GLY F 307 22.64 12.92 34.53
N THR F 308 23.49 12.03 35.04
CA THR F 308 24.79 12.38 35.62
C THR F 308 25.87 12.39 34.53
N TRP F 309 27.15 12.65 34.90
CA TRP F 309 28.24 12.63 33.90
C TRP F 309 28.53 11.23 33.40
N ILE F 310 27.99 10.16 34.06
CA ILE F 310 28.13 8.77 33.60
C ILE F 310 27.33 8.69 32.31
N ALA F 311 26.04 9.19 32.35
CA ALA F 311 25.09 9.28 31.24
C ALA F 311 25.66 10.08 30.10
N ILE F 312 26.20 11.27 30.40
CA ILE F 312 26.80 12.19 29.42
C ILE F 312 27.99 11.52 28.71
N SER F 313 28.87 10.85 29.48
CA SER F 313 30.02 10.11 28.95
C SER F 313 29.65 9.09 27.86
N ALA F 314 28.63 8.25 28.12
CA ALA F 314 28.13 7.24 27.17
C ALA F 314 27.73 7.91 25.83
N ALA F 315 27.10 9.12 25.90
CA ALA F 315 26.74 9.91 24.71
C ALA F 315 27.98 10.50 24.05
N VAL F 316 28.96 11.00 24.85
CA VAL F 316 30.22 11.53 24.30
C VAL F 316 30.85 10.46 23.42
N HIS F 317 30.96 9.23 23.95
CA HIS F 317 31.54 8.09 23.26
C HIS F 317 30.67 7.60 22.13
N LEU F 318 29.34 7.74 22.22
CA LEU F 318 28.50 7.30 21.11
C LEU F 318 28.56 8.26 19.91
N VAL F 319 28.36 9.60 20.13
CA VAL F 319 28.42 10.57 19.01
C VAL F 319 29.86 10.62 18.39
N ALA F 320 30.93 10.33 19.17
CA ALA F 320 32.27 10.25 18.61
C ALA F 320 32.30 9.15 17.55
N ASN F 321 31.75 7.92 17.88
CA ASN F 321 31.67 6.75 17.00
C ASN F 321 30.63 6.89 15.87
N LEU F 322 29.69 7.85 16.01
CA LEU F 322 28.63 8.13 15.02
C LEU F 322 29.27 8.79 13.79
N ASP F 323 28.68 8.58 12.58
CA ASP F 323 29.15 9.12 11.29
C ASP F 323 28.04 9.75 10.48
N LEU F 333 30.56 19.37 12.46
CA LEU F 333 30.66 18.98 13.87
C LEU F 333 29.33 18.47 14.46
N PRO F 334 29.32 17.26 15.11
CA PRO F 334 28.07 16.76 15.70
C PRO F 334 27.69 17.42 17.03
N THR F 335 26.40 17.26 17.45
CA THR F 335 25.87 17.78 18.72
C THR F 335 25.34 16.64 19.58
N MET F 336 25.12 16.94 20.87
CA MET F 336 24.57 16.01 21.84
C MET F 336 23.90 16.81 22.94
N GLU F 337 23.01 16.17 23.72
CA GLU F 337 22.30 16.86 24.79
C GLU F 337 23.18 17.09 26.02
N LEU F 338 23.41 18.39 26.34
CA LEU F 338 24.19 18.76 27.53
C LEU F 338 23.30 19.55 28.51
N ASP F 339 22.72 18.84 29.51
CA ASP F 339 21.84 19.41 30.52
C ASP F 339 22.57 20.50 31.31
N ARG F 340 22.10 21.75 31.21
CA ARG F 340 22.70 22.88 31.90
C ARG F 340 21.88 23.21 33.15
N THR F 341 20.85 22.41 33.39
CA THR F 341 19.98 22.60 34.54
C THR F 341 20.70 22.27 35.83
N GLU F 342 20.23 22.84 36.94
CA GLU F 342 20.87 22.59 38.23
C GLU F 342 20.79 21.10 38.51
N ASN F 343 21.88 20.55 39.03
CA ASN F 343 21.97 19.14 39.32
C ASN F 343 23.33 18.81 39.92
N ALA F 344 23.35 18.56 41.24
CA ALA F 344 24.52 18.20 42.02
C ALA F 344 24.74 16.66 42.02
N LEU F 345 23.85 15.92 41.34
CA LEU F 345 24.01 14.47 41.20
C LEU F 345 24.88 14.24 39.96
N ARG F 346 24.88 15.23 39.07
CA ARG F 346 25.66 15.27 37.87
C ARG F 346 26.99 15.90 38.24
N ASP F 347 26.98 17.17 38.69
CA ASP F 347 28.22 17.88 39.01
C ASP F 347 29.01 17.36 40.21
N GLU F 348 28.37 17.03 41.33
CA GLU F 348 29.07 16.62 42.56
C GLU F 348 29.31 15.12 42.71
N VAL F 349 28.27 14.30 42.54
CA VAL F 349 28.42 12.85 42.67
C VAL F 349 29.31 12.25 41.58
N THR F 350 29.22 12.75 40.34
CA THR F 350 29.99 12.17 39.23
C THR F 350 31.11 13.10 38.75
N LEU F 351 32.28 12.47 38.57
CA LEU F 351 33.57 13.03 38.17
C LEU F 351 33.90 12.66 36.72
N HIS F 352 33.95 13.69 35.86
CA HIS F 352 34.28 13.55 34.44
C HIS F 352 35.70 14.05 34.17
N LYS F 353 36.36 13.49 33.14
CA LYS F 353 37.70 13.88 32.71
C LYS F 353 37.59 14.84 31.51
N ILE F 354 36.45 14.75 30.77
CA ILE F 354 36.13 15.50 29.54
C ILE F 354 36.27 17.03 29.72
N LYS F 355 36.68 17.71 28.64
CA LYS F 355 36.97 19.14 28.62
C LYS F 355 36.02 19.92 27.71
N LEU F 356 35.45 21.02 28.23
CA LEU F 356 34.56 21.89 27.46
C LEU F 356 35.01 23.36 27.53
N GLU F 357 35.41 23.93 26.39
CA GLU F 357 35.80 25.34 26.32
C GLU F 357 35.38 25.95 24.98
N ASN F 358 34.55 27.00 25.08
CA ASN F 358 33.95 27.78 23.99
C ASN F 358 33.09 26.89 23.05
N GLY F 359 32.01 26.35 23.62
CA GLY F 359 31.04 25.51 22.94
C GLY F 359 31.49 24.15 22.46
N HIS F 360 32.81 23.90 22.43
CA HIS F 360 33.36 22.64 21.95
C HIS F 360 33.78 21.73 23.07
N LEU F 361 33.31 20.48 22.99
CA LEU F 361 33.59 19.38 23.90
C LEU F 361 34.61 18.47 23.20
N GLU F 362 35.53 17.88 23.96
CA GLU F 362 36.57 17.01 23.41
C GLU F 362 36.48 15.61 23.98
N VAL F 363 36.30 14.64 23.08
CA VAL F 363 36.19 13.21 23.41
C VAL F 363 37.46 12.76 24.18
N PRO F 364 37.31 12.08 25.35
CA PRO F 364 38.50 11.64 26.09
C PRO F 364 39.13 10.36 25.52
N CYS F 365 40.44 10.16 25.80
CA CYS F 365 41.24 9.02 25.34
C CYS F 365 41.47 7.98 26.45
N THR F 366 41.01 8.31 27.68
CA THR F 366 41.11 7.50 28.90
C THR F 366 40.36 6.16 28.77
N PRO F 367 40.84 5.04 29.39
CA PRO F 367 40.12 3.75 29.24
C PRO F 367 38.72 3.75 29.85
N GLY F 368 37.75 3.31 29.07
CA GLY F 368 36.36 3.28 29.46
C GLY F 368 35.69 4.60 29.17
N LEU F 369 34.58 4.88 29.89
CA LEU F 369 33.81 6.12 29.72
C LEU F 369 34.60 7.37 30.13
N GLY F 370 35.53 7.16 31.07
CA GLY F 370 36.35 8.23 31.60
C GLY F 370 35.65 8.97 32.73
N VAL F 371 34.94 8.19 33.57
CA VAL F 371 34.17 8.68 34.71
C VAL F 371 34.33 7.87 35.96
N ASP F 372 34.16 8.61 37.08
CA ASP F 372 34.16 8.11 38.44
C ASP F 372 33.08 8.78 39.29
N VAL F 373 32.79 8.19 40.46
CA VAL F 373 31.81 8.69 41.41
C VAL F 373 32.54 8.96 42.73
N ASP F 374 32.43 10.21 43.26
CA ASP F 374 32.96 10.64 44.57
C ASP F 374 32.08 9.92 45.60
N MET F 375 32.63 8.87 46.23
CA MET F 375 31.87 8.01 47.14
C MET F 375 31.39 8.68 48.45
N ASP F 376 31.96 9.86 48.77
CA ASP F 376 31.55 10.67 49.93
C ASP F 376 30.31 11.47 49.55
N LYS F 377 30.33 12.09 48.35
CA LYS F 377 29.19 12.84 47.84
C LYS F 377 28.06 11.90 47.43
N LEU F 378 28.39 10.61 47.12
CA LEU F 378 27.45 9.53 46.81
C LEU F 378 26.68 9.25 48.10
N GLU F 379 27.40 8.93 49.22
CA GLU F 379 26.77 8.65 50.52
C GLU F 379 25.93 9.81 51.03
N HIS F 380 26.41 11.06 50.82
CA HIS F 380 25.72 12.27 51.24
C HIS F 380 24.39 12.46 50.53
N TYR F 381 24.35 12.17 49.21
CA TYR F 381 23.17 12.31 48.34
C TYR F 381 22.35 11.03 48.13
N LEU F 382 22.67 9.90 48.78
CA LEU F 382 21.85 8.69 48.62
C LEU F 382 20.39 8.89 49.12
N ASP F 383 19.56 7.86 49.00
CA ASP F 383 18.17 7.92 49.44
C ASP F 383 17.86 6.89 50.52
N LYS F 384 16.90 7.20 51.41
CA LYS F 384 16.51 6.37 52.56
C LYS F 384 15.55 5.20 52.25
N SER G 9 -34.40 -2.94 39.14
CA SER G 9 -35.75 -3.08 38.55
C SER G 9 -35.74 -3.35 37.04
N LYS G 10 -36.85 -3.95 36.54
CA LYS G 10 -37.05 -4.31 35.13
C LYS G 10 -37.82 -3.22 34.38
N ILE G 11 -37.70 -3.21 33.04
CA ILE G 11 -38.39 -2.23 32.18
C ILE G 11 -39.87 -2.60 32.15
N LYS G 12 -40.76 -1.65 32.52
CA LYS G 12 -42.20 -1.90 32.44
C LYS G 12 -42.81 -1.20 31.20
N LYS G 13 -42.40 0.07 30.91
CA LYS G 13 -42.93 0.78 29.75
C LYS G 13 -41.96 1.77 29.07
N ILE G 14 -41.70 1.55 27.76
CA ILE G 14 -40.91 2.46 26.90
C ILE G 14 -41.98 3.35 26.20
N GLU G 15 -41.83 4.68 26.30
CA GLU G 15 -42.81 5.61 25.70
C GLU G 15 -42.20 6.67 24.77
N PRO G 16 -42.23 6.43 23.45
CA PRO G 16 -41.71 7.45 22.51
C PRO G 16 -42.71 8.58 22.23
N TYR G 17 -42.22 9.82 22.19
CA TYR G 17 -43.06 11.00 21.94
C TYR G 17 -42.43 11.86 20.89
N VAL G 18 -43.21 12.17 19.83
CA VAL G 18 -42.80 13.04 18.73
C VAL G 18 -43.31 14.41 19.07
N ILE G 19 -42.41 15.34 19.23
CA ILE G 19 -42.79 16.68 19.64
C ILE G 19 -42.44 17.67 18.53
N SER G 20 -43.27 18.71 18.34
CA SER G 20 -43.05 19.69 17.26
C SER G 20 -43.55 21.10 17.57
N HIS G 21 -43.00 22.09 16.83
CA HIS G 21 -43.36 23.50 16.88
C HIS G 21 -42.88 24.30 15.68
N LYS G 22 -43.76 25.08 15.08
CA LYS G 22 -43.37 25.95 13.96
C LYS G 22 -43.06 27.33 14.51
N LEU G 23 -41.97 27.97 14.05
CA LEU G 23 -41.57 29.30 14.55
C LEU G 23 -41.63 30.39 13.47
N ASP G 24 -40.70 30.35 12.49
CA ASP G 24 -40.54 31.24 11.32
C ASP G 24 -39.33 30.87 10.44
N ASP G 35 -39.49 26.85 9.43
CA ASP G 35 -40.64 25.94 9.45
C ASP G 35 -40.82 25.25 10.84
N THR G 36 -41.16 23.93 10.84
CA THR G 36 -41.37 23.11 12.03
C THR G 36 -40.07 22.40 12.51
N ARG G 37 -39.98 22.00 13.79
CA ARG G 37 -38.85 21.19 14.31
C ARG G 37 -39.42 19.93 14.96
N LYS G 38 -39.51 18.85 14.20
CA LYS G 38 -40.09 17.60 14.66
C LYS G 38 -39.00 16.75 15.32
N ILE G 39 -39.04 16.59 16.65
CA ILE G 39 -38.02 15.80 17.34
C ILE G 39 -38.69 14.62 18.08
N CYS G 40 -38.01 13.47 18.19
CA CYS G 40 -38.57 12.34 18.92
C CYS G 40 -37.76 12.18 20.24
N ILE G 41 -38.46 11.86 21.35
CA ILE G 41 -37.94 11.71 22.71
C ILE G 41 -38.51 10.39 23.31
N VAL G 42 -37.79 9.72 24.23
CA VAL G 42 -38.28 8.50 24.91
C VAL G 42 -38.23 8.64 26.43
N LYS G 43 -39.14 7.90 27.10
CA LYS G 43 -39.19 7.76 28.54
C LYS G 43 -39.31 6.24 28.82
N ILE G 44 -38.23 5.67 29.38
CA ILE G 44 -38.24 4.27 29.78
C ILE G 44 -38.51 4.33 31.25
N THR G 45 -39.54 3.60 31.69
CA THR G 45 -40.07 3.53 33.04
C THR G 45 -39.99 2.06 33.53
N LEU G 46 -39.39 1.89 34.73
CA LEU G 46 -39.18 0.61 35.41
C LEU G 46 -40.38 0.20 36.31
N ASP G 47 -40.50 -1.11 36.66
CA ASP G 47 -41.55 -1.64 37.54
C ASP G 47 -41.76 -0.76 38.80
N ASP G 48 -40.65 -0.24 39.37
CA ASP G 48 -40.59 0.62 40.57
C ASP G 48 -40.82 2.14 40.27
N GLY G 49 -41.20 2.43 39.03
CA GLY G 49 -41.48 3.79 38.60
C GLY G 49 -40.27 4.66 38.41
N THR G 50 -39.05 4.07 38.30
CA THR G 50 -37.81 4.83 38.00
C THR G 50 -37.85 5.05 36.51
N TYR G 51 -37.87 6.32 36.10
CA TYR G 51 -37.88 6.66 34.68
C TYR G 51 -36.52 7.20 34.26
N GLY G 52 -36.33 7.24 32.94
CA GLY G 52 -35.14 7.71 32.26
C GLY G 52 -35.54 8.38 30.96
N TRP G 53 -35.02 9.58 30.70
CA TRP G 53 -35.30 10.33 29.47
C TRP G 53 -34.18 10.19 28.40
N GLY G 54 -34.60 9.91 27.17
CA GLY G 54 -33.71 9.73 26.03
C GLY G 54 -34.15 10.53 24.82
N GLU G 55 -33.28 10.58 23.81
CA GLU G 55 -33.52 11.31 22.57
C GLU G 55 -32.80 10.62 21.40
N GLY G 56 -33.48 10.64 20.25
CA GLY G 56 -32.98 10.14 18.96
C GLY G 56 -32.82 11.29 18.00
N TYR G 57 -31.77 11.27 17.14
CA TYR G 57 -31.54 12.35 16.17
C TYR G 57 -31.85 11.90 14.76
N GLY G 58 -32.67 12.69 14.08
CA GLY G 58 -33.10 12.47 12.71
C GLY G 58 -34.59 12.73 12.48
N PRO G 59 -35.23 11.96 11.56
CA PRO G 59 -36.66 12.17 11.31
C PRO G 59 -37.55 11.54 12.40
N ALA G 60 -38.05 12.42 13.28
CA ALA G 60 -38.86 12.10 14.45
C ALA G 60 -39.77 10.86 14.31
N ALA G 61 -40.80 10.94 13.45
CA ALA G 61 -41.79 9.88 13.24
C ALA G 61 -41.22 8.52 12.79
N VAL G 62 -40.03 8.53 12.15
CA VAL G 62 -39.33 7.34 11.67
C VAL G 62 -38.58 6.72 12.83
N ILE G 63 -38.02 7.59 13.71
CA ILE G 63 -37.29 7.14 14.90
C ILE G 63 -38.30 6.54 15.91
N LYS G 64 -39.48 7.17 16.00
CA LYS G 64 -40.57 6.79 16.89
C LYS G 64 -41.06 5.38 16.59
N SER G 65 -41.05 5.00 15.31
CA SER G 65 -41.47 3.66 14.91
C SER G 65 -40.38 2.66 15.20
N GLY G 66 -39.12 3.15 15.15
CA GLY G 66 -37.92 2.38 15.44
C GLY G 66 -37.96 1.88 16.86
N ILE G 67 -38.20 2.83 17.82
CA ILE G 67 -38.34 2.52 19.24
C ILE G 67 -39.41 1.44 19.43
N ASP G 68 -40.58 1.62 18.77
CA ASP G 68 -41.70 0.67 18.78
C ASP G 68 -41.27 -0.72 18.32
N PHE G 69 -40.28 -0.78 17.39
CA PHE G 69 -39.76 -2.04 16.85
C PHE G 69 -39.03 -2.83 17.93
N PHE G 70 -38.16 -2.15 18.72
CA PHE G 70 -37.38 -2.78 19.78
C PHE G 70 -38.12 -2.96 21.09
N THR G 71 -39.21 -2.17 21.28
CA THR G 71 -39.96 -2.18 22.54
C THR G 71 -40.39 -3.61 22.92
N PRO G 72 -40.95 -4.48 22.03
CA PRO G 72 -41.27 -5.85 22.47
C PRO G 72 -40.14 -6.65 23.14
N PHE G 73 -38.90 -6.55 22.62
CA PHE G 73 -37.74 -7.30 23.16
C PHE G 73 -36.95 -6.57 24.27
N LEU G 74 -37.51 -5.49 24.84
CA LEU G 74 -36.83 -4.74 25.90
C LEU G 74 -37.60 -4.75 27.22
N LEU G 75 -38.92 -4.94 27.15
CA LEU G 75 -39.83 -5.00 28.29
C LEU G 75 -39.55 -6.27 29.13
N GLY G 76 -39.55 -6.08 30.46
CA GLY G 76 -39.31 -7.12 31.45
C GLY G 76 -37.85 -7.52 31.59
N LYS G 77 -36.95 -6.69 31.05
CA LYS G 77 -35.50 -6.88 31.10
C LYS G 77 -34.91 -5.78 31.97
N GLU G 78 -33.77 -6.07 32.59
CA GLU G 78 -33.02 -5.25 33.54
C GLU G 78 -32.30 -4.07 32.87
N ALA G 79 -32.47 -2.86 33.40
CA ALA G 79 -31.89 -1.62 32.87
C ALA G 79 -30.40 -1.32 33.24
N ILE G 80 -29.85 -1.89 34.35
CA ILE G 80 -28.43 -1.65 34.76
C ILE G 80 -27.46 -2.27 33.76
N GLY G 81 -27.72 -3.51 33.33
CA GLY G 81 -26.92 -4.20 32.31
C GLY G 81 -27.29 -3.71 30.93
N HIS G 82 -27.18 -2.37 30.72
CA HIS G 82 -27.55 -1.62 29.50
C HIS G 82 -26.92 -2.18 28.23
N GLU G 83 -25.68 -2.73 28.34
CA GLU G 83 -24.96 -3.33 27.22
C GLU G 83 -25.61 -4.61 26.76
N VAL G 84 -26.29 -5.34 27.67
CA VAL G 84 -27.00 -6.57 27.32
C VAL G 84 -28.22 -6.20 26.43
N LEU G 85 -28.83 -5.03 26.70
CA LEU G 85 -29.97 -4.51 25.93
C LEU G 85 -29.50 -3.98 24.58
N TRP G 86 -28.35 -3.24 24.57
CA TRP G 86 -27.74 -2.66 23.36
C TRP G 86 -27.42 -3.77 22.41
N GLN G 87 -26.81 -4.85 22.90
CA GLN G 87 -26.48 -6.01 22.08
C GLN G 87 -27.72 -6.76 21.58
N GLU G 88 -28.84 -6.74 22.34
CA GLU G 88 -30.09 -7.40 21.91
C GLU G 88 -30.64 -6.61 20.72
N MET G 89 -30.76 -5.26 20.88
CA MET G 89 -31.22 -4.32 19.85
C MET G 89 -30.36 -4.42 18.62
N TYR G 90 -29.02 -4.55 18.78
CA TYR G 90 -28.09 -4.69 17.68
C TYR G 90 -28.34 -6.01 16.97
N ARG G 91 -28.28 -7.17 17.67
CA ARG G 91 -28.56 -8.50 17.09
C ARG G 91 -29.86 -8.51 16.29
N ARG G 92 -30.90 -7.78 16.76
CA ARG G 92 -32.20 -7.65 16.10
C ARG G 92 -32.17 -6.81 14.81
N SER G 93 -31.56 -5.63 14.86
CA SER G 93 -31.54 -4.72 13.71
C SER G 93 -30.25 -4.59 12.90
N MET G 94 -29.27 -5.48 13.09
CA MET G 94 -28.02 -5.36 12.36
C MET G 94 -28.18 -5.47 10.83
N ASP G 95 -28.99 -6.42 10.38
CA ASP G 95 -29.21 -6.62 8.94
C ASP G 95 -29.92 -5.43 8.27
N TYR G 96 -30.91 -4.89 8.97
CA TYR G 96 -31.74 -3.76 8.50
C TYR G 96 -31.31 -2.37 9.05
N ALA G 97 -30.09 -2.25 9.62
CA ALA G 97 -29.67 -0.97 10.18
C ALA G 97 -28.30 -0.53 9.67
N ARG G 98 -27.21 -0.66 10.50
CA ARG G 98 -25.83 -0.25 10.19
C ARG G 98 -25.65 1.26 10.29
N SER G 99 -26.60 2.03 9.74
CA SER G 99 -26.61 3.48 9.79
C SER G 99 -28.06 3.99 9.94
N GLY G 100 -28.18 5.31 10.01
CA GLY G 100 -29.43 6.05 10.06
C GLY G 100 -30.40 5.85 11.20
N VAL G 101 -31.69 5.74 10.81
CA VAL G 101 -32.92 5.65 11.60
C VAL G 101 -32.86 4.61 12.76
N LEU G 102 -32.67 3.28 12.49
CA LEU G 102 -32.65 2.31 13.60
C LEU G 102 -31.51 2.56 14.62
N GLN G 103 -30.42 3.25 14.19
CA GLN G 103 -29.31 3.62 15.08
C GLN G 103 -29.75 4.73 16.03
N ALA G 104 -30.59 5.67 15.55
CA ALA G 104 -31.12 6.76 16.37
C ALA G 104 -32.21 6.22 17.33
N ALA G 105 -32.81 5.06 16.95
CA ALA G 105 -33.79 4.32 17.76
C ALA G 105 -33.04 3.66 18.92
N ILE G 106 -31.89 3.00 18.63
CA ILE G 106 -31.00 2.37 19.61
C ILE G 106 -30.35 3.45 20.50
N SER G 107 -29.95 4.61 19.92
CA SER G 107 -29.35 5.74 20.65
C SER G 107 -30.29 6.30 21.71
N ALA G 108 -31.56 6.59 21.31
CA ALA G 108 -32.63 7.12 22.14
C ALA G 108 -32.86 6.26 23.39
N ILE G 109 -33.04 4.91 23.20
CA ILE G 109 -33.20 3.93 24.28
C ILE G 109 -31.94 3.96 25.17
N ASP G 110 -30.73 3.93 24.57
CA ASP G 110 -29.45 3.95 25.31
C ASP G 110 -29.36 5.14 26.28
N VAL G 111 -29.51 6.40 25.80
CA VAL G 111 -29.43 7.63 26.61
C VAL G 111 -30.39 7.56 27.82
N ALA G 112 -31.62 7.05 27.62
CA ALA G 112 -32.58 6.86 28.70
C ALA G 112 -32.12 5.77 29.71
N LEU G 113 -31.45 4.68 29.25
CA LEU G 113 -30.94 3.62 30.14
C LEU G 113 -29.72 4.11 30.98
N TRP G 114 -29.10 5.21 30.53
CA TRP G 114 -27.96 5.85 31.17
C TRP G 114 -28.50 6.87 32.20
N ASP G 115 -29.73 7.42 31.95
CA ASP G 115 -30.40 8.33 32.91
C ASP G 115 -30.90 7.47 34.04
N ILE G 116 -31.54 6.31 33.72
CA ILE G 116 -32.00 5.29 34.67
C ILE G 116 -30.85 4.85 35.56
N LYS G 117 -29.75 4.35 34.98
CA LYS G 117 -28.56 3.87 35.71
C LYS G 117 -27.99 4.90 36.63
N GLY G 118 -27.89 6.14 36.13
CA GLY G 118 -27.42 7.28 36.90
C GLY G 118 -28.25 7.47 38.13
N LYS G 119 -29.58 7.52 37.95
CA LYS G 119 -30.57 7.63 39.02
C LYS G 119 -30.42 6.42 40.00
N LEU G 120 -30.64 5.18 39.47
CA LEU G 120 -30.56 3.87 40.11
C LEU G 120 -29.33 3.74 41.05
N LEU G 121 -28.11 4.07 40.57
CA LEU G 121 -26.86 3.99 41.33
C LEU G 121 -26.47 5.32 42.00
N ASN G 122 -27.38 6.29 41.98
CA ASN G 122 -27.28 7.62 42.59
C ASN G 122 -25.97 8.38 42.27
N LEU G 123 -25.58 8.35 40.99
CA LEU G 123 -24.39 9.03 40.50
C LEU G 123 -24.66 9.74 39.17
N PRO G 124 -23.98 10.87 38.82
CA PRO G 124 -24.15 11.43 37.45
C PRO G 124 -23.60 10.45 36.40
N VAL G 125 -23.98 10.65 35.12
CA VAL G 125 -23.57 9.78 34.01
C VAL G 125 -22.05 9.82 33.79
N SER G 126 -21.44 11.03 33.84
CA SER G 126 -20.01 11.19 33.64
C SER G 126 -19.18 10.30 34.58
N VAL G 127 -19.51 10.29 35.88
CA VAL G 127 -18.85 9.47 36.92
C VAL G 127 -19.10 7.98 36.62
N LEU G 128 -20.28 7.66 36.07
CA LEU G 128 -20.65 6.31 35.72
C LEU G 128 -20.05 5.83 34.38
N LEU G 129 -19.50 6.77 33.57
CA LEU G 129 -18.82 6.48 32.30
C LEU G 129 -17.32 6.16 32.60
N GLY G 130 -16.89 6.48 33.82
CA GLY G 130 -15.52 6.28 34.27
C GLY G 130 -14.95 7.36 35.14
N GLY G 131 -15.47 8.59 35.05
CA GLY G 131 -15.00 9.71 35.86
C GLY G 131 -15.03 11.07 35.21
N VAL G 132 -15.33 12.14 36.00
CA VAL G 132 -15.35 13.54 35.52
C VAL G 132 -13.93 13.99 35.32
N LYS G 133 -13.51 14.16 34.06
CA LYS G 133 -12.16 14.58 33.72
C LYS G 133 -12.10 16.09 33.59
N ASN G 134 -13.24 16.69 33.16
CA ASN G 134 -13.43 18.13 32.95
C ASN G 134 -14.71 18.58 33.65
N PRO G 135 -14.61 19.19 34.86
CA PRO G 135 -15.82 19.63 35.57
C PRO G 135 -16.49 20.87 34.95
N ILE G 136 -15.73 21.61 34.15
CA ILE G 136 -16.15 22.81 33.45
C ILE G 136 -15.84 22.59 31.98
N ILE G 137 -16.79 22.97 31.10
CA ILE G 137 -16.73 22.91 29.63
C ILE G 137 -17.04 24.31 29.12
N GLU G 138 -16.45 24.71 27.98
CA GLU G 138 -16.77 25.99 27.36
C GLU G 138 -17.41 25.75 25.97
N PRO G 139 -18.77 25.67 25.87
CA PRO G 139 -19.38 25.33 24.58
C PRO G 139 -19.37 26.47 23.58
N TYR G 140 -19.65 26.14 22.31
CA TYR G 140 -19.72 27.13 21.24
C TYR G 140 -21.17 27.40 20.86
N ALA G 141 -21.43 28.64 20.43
CA ALA G 141 -22.76 29.09 20.01
C ALA G 141 -22.96 28.88 18.52
N THR G 142 -24.01 28.12 18.12
CA THR G 142 -24.34 27.90 16.72
C THR G 142 -25.34 29.00 16.27
N GLY G 143 -25.12 29.57 15.08
CA GLY G 143 -25.95 30.63 14.51
C GLY G 143 -26.02 30.69 12.98
N LEU G 144 -26.98 29.92 12.39
CA LEU G 144 -27.28 29.81 10.95
C LEU G 144 -28.18 30.94 10.41
N TYR G 145 -28.12 31.19 9.09
CA TYR G 145 -28.92 32.21 8.40
C TYR G 145 -30.29 31.63 7.95
N LEU G 152 -31.70 41.70 6.52
CA LEU G 152 -30.89 40.64 5.92
C LEU G 152 -29.37 40.94 6.00
N GLU G 153 -28.53 39.88 6.19
CA GLU G 153 -27.05 39.89 6.28
C GLU G 153 -26.49 40.59 7.52
N GLU G 154 -26.88 41.85 7.79
CA GLU G 154 -26.42 42.63 8.96
C GLU G 154 -26.98 42.07 10.28
N LEU G 155 -28.03 41.22 10.17
CA LEU G 155 -28.67 40.55 11.30
C LEU G 155 -27.74 39.49 11.89
N LEU G 156 -26.92 38.83 11.03
CA LEU G 156 -25.93 37.81 11.41
C LEU G 156 -24.86 38.39 12.33
N VAL G 157 -24.39 39.62 12.03
CA VAL G 157 -23.39 40.38 12.78
C VAL G 157 -23.89 40.65 14.20
N GLU G 158 -25.18 41.01 14.33
CA GLU G 158 -25.85 41.28 15.60
C GLU G 158 -25.97 40.03 16.48
N GLU G 159 -26.35 38.88 15.86
CA GLU G 159 -26.48 37.57 16.51
C GLU G 159 -25.12 37.13 17.09
N ALA G 160 -24.02 37.40 16.35
CA ALA G 160 -22.65 37.10 16.74
C ALA G 160 -22.22 37.99 17.90
N LEU G 161 -22.48 39.32 17.80
CA LEU G 161 -22.13 40.28 18.84
C LEU G 161 -22.84 39.97 20.15
N LEU G 162 -24.06 39.41 20.07
CA LEU G 162 -24.89 38.97 21.20
C LEU G 162 -24.16 37.85 21.94
N TYR G 163 -23.65 36.85 21.18
CA TYR G 163 -22.92 35.70 21.72
C TYR G 163 -21.64 36.12 22.45
N LYS G 164 -20.86 37.06 21.85
CA LYS G 164 -19.63 37.64 22.40
C LYS G 164 -19.93 38.31 23.75
N SER G 165 -21.05 39.05 23.81
CA SER G 165 -21.58 39.77 24.97
C SER G 165 -22.07 38.79 26.04
N GLN G 166 -22.53 37.60 25.61
CA GLN G 166 -23.00 36.51 26.46
C GLN G 166 -21.84 35.63 26.97
N GLY G 167 -20.62 36.17 26.91
CA GLY G 167 -19.42 35.51 27.39
C GLY G 167 -18.82 34.38 26.55
N PHE G 168 -19.57 33.85 25.51
CA PHE G 168 -19.09 32.76 24.63
C PHE G 168 -17.68 33.00 24.12
N LYS G 169 -16.85 31.95 24.15
CA LYS G 169 -15.44 31.98 23.74
C LYS G 169 -15.25 31.56 22.28
N ALA G 170 -16.29 30.93 21.70
CA ALA G 170 -16.31 30.44 20.33
C ALA G 170 -17.71 30.45 19.73
N THR G 171 -17.81 30.60 18.39
CA THR G 171 -19.10 30.58 17.68
C THR G 171 -18.98 29.85 16.33
N LYS G 172 -19.98 29.00 16.01
CA LYS G 172 -20.04 28.25 14.75
C LYS G 172 -21.09 28.80 13.79
N MET G 173 -20.62 29.28 12.63
CA MET G 173 -21.46 29.86 11.60
C MET G 173 -21.73 28.92 10.43
N LYS G 174 -22.93 29.04 9.81
CA LYS G 174 -23.30 28.21 8.69
C LYS G 174 -22.94 28.87 7.37
N VAL G 175 -22.27 28.09 6.50
CA VAL G 175 -21.82 28.49 5.17
C VAL G 175 -22.44 27.55 4.11
N GLY G 176 -22.49 28.01 2.87
CA GLY G 176 -23.08 27.27 1.75
C GLY G 176 -23.89 28.14 0.83
N LEU G 177 -23.83 29.47 1.07
CA LEU G 177 -24.52 30.53 0.32
C LEU G 177 -23.73 30.98 -0.92
N GLY G 178 -22.58 30.34 -1.17
CA GLY G 178 -21.69 30.63 -2.28
C GLY G 178 -20.33 31.05 -1.78
N ILE G 179 -19.26 30.55 -2.42
CA ILE G 179 -17.86 30.85 -2.05
C ILE G 179 -17.62 32.35 -1.83
N GLU G 180 -18.03 33.21 -2.78
CA GLU G 180 -17.82 34.65 -2.64
C GLU G 180 -18.78 35.33 -1.65
N GLN G 181 -19.98 34.75 -1.46
CA GLN G 181 -21.01 35.24 -0.51
C GLN G 181 -20.57 34.97 0.94
N ASP G 182 -20.03 33.74 1.19
CA ASP G 182 -19.55 33.28 2.48
C ASP G 182 -18.34 34.10 2.90
N LEU G 183 -17.29 34.20 2.04
CA LEU G 183 -16.08 34.98 2.29
C LEU G 183 -16.39 36.45 2.63
N LYS G 184 -17.50 36.97 2.11
CA LYS G 184 -18.03 38.32 2.37
C LYS G 184 -18.58 38.39 3.80
N TYR G 185 -19.32 37.33 4.23
CA TYR G 185 -19.94 37.23 5.55
C TYR G 185 -18.96 36.85 6.66
N ILE G 186 -18.03 35.89 6.39
CA ILE G 186 -16.98 35.42 7.31
C ILE G 186 -16.12 36.63 7.68
N ALA G 187 -15.85 37.53 6.71
CA ALA G 187 -15.08 38.75 6.91
C ALA G 187 -15.81 39.69 7.86
N ALA G 188 -17.16 39.80 7.72
CA ALA G 188 -18.03 40.66 8.52
C ALA G 188 -18.13 40.22 9.98
N ILE G 189 -18.33 38.90 10.21
CA ILE G 189 -18.46 38.33 11.54
C ILE G 189 -17.11 38.43 12.29
N ARG G 190 -15.97 38.13 11.62
CA ARG G 190 -14.63 38.23 12.20
C ARG G 190 -14.32 39.68 12.61
N LYS G 191 -14.79 40.67 11.81
CA LYS G 191 -14.63 42.09 12.09
C LYS G 191 -15.37 42.49 13.38
N ALA G 192 -16.57 41.92 13.58
CA ALA G 192 -17.41 42.17 14.74
C ALA G 192 -16.88 41.53 16.03
N ILE G 193 -16.58 40.22 15.99
CA ILE G 193 -16.12 39.42 17.14
C ILE G 193 -14.65 39.74 17.53
N GLY G 194 -13.89 40.31 16.61
CA GLY G 194 -12.48 40.64 16.83
C GLY G 194 -11.59 39.43 16.71
N PRO G 195 -10.32 39.48 17.17
CA PRO G 195 -9.44 38.32 17.01
C PRO G 195 -9.44 37.29 18.14
N ASP G 196 -9.88 37.70 19.34
CA ASP G 196 -9.86 36.88 20.55
C ASP G 196 -10.91 35.76 20.57
N MET G 197 -12.07 35.93 19.92
CA MET G 197 -13.10 34.90 19.93
C MET G 197 -12.89 33.92 18.78
N ARG G 198 -12.99 32.60 19.07
CA ARG G 198 -12.84 31.53 18.07
C ARG G 198 -14.05 31.49 17.15
N LEU G 199 -13.83 31.14 15.87
CA LEU G 199 -14.89 31.07 14.86
C LEU G 199 -14.71 29.84 13.97
N MET G 200 -15.79 29.05 13.79
CA MET G 200 -15.80 27.83 12.95
C MET G 200 -16.86 27.93 11.85
N ILE G 201 -16.59 27.30 10.69
CA ILE G 201 -17.50 27.30 9.53
C ILE G 201 -18.09 25.89 9.26
N ASP G 202 -19.40 25.83 8.94
CA ASP G 202 -20.13 24.59 8.70
C ASP G 202 -20.85 24.64 7.34
N SER G 203 -20.39 23.81 6.39
CA SER G 203 -20.93 23.73 5.04
C SER G 203 -22.25 22.98 4.96
N ASN G 204 -22.34 21.83 5.69
CA ASN G 204 -23.47 20.89 5.68
C ASN G 204 -23.43 20.15 4.34
N HIS G 205 -22.22 19.63 3.96
CA HIS G 205 -21.88 18.91 2.72
C HIS G 205 -22.46 19.60 1.45
N ALA G 206 -22.68 20.95 1.54
CA ALA G 206 -23.21 21.82 0.48
C ALA G 206 -22.12 22.19 -0.53
N TYR G 207 -20.89 21.68 -0.33
CA TYR G 207 -19.76 21.93 -1.20
C TYR G 207 -19.05 20.69 -1.65
N CYS G 208 -18.37 20.77 -2.81
CA CYS G 208 -17.58 19.70 -3.41
C CYS G 208 -16.10 20.05 -3.17
N TYR G 209 -15.18 19.07 -3.35
CA TYR G 209 -13.74 19.27 -3.09
C TYR G 209 -13.17 20.59 -3.65
N LYS G 210 -13.47 20.91 -4.93
CA LYS G 210 -13.00 22.12 -5.60
C LYS G 210 -13.58 23.40 -4.96
N GLU G 211 -14.85 23.33 -4.54
CA GLU G 211 -15.57 24.43 -3.90
C GLU G 211 -15.13 24.63 -2.45
N ALA G 212 -14.74 23.51 -1.79
CA ALA G 212 -14.31 23.47 -0.39
C ALA G 212 -12.92 24.10 -0.20
N ILE G 213 -11.90 23.72 -1.02
CA ILE G 213 -10.55 24.31 -0.90
C ILE G 213 -10.56 25.77 -1.34
N GLU G 214 -11.44 26.15 -2.29
CA GLU G 214 -11.56 27.53 -2.75
C GLU G 214 -11.93 28.39 -1.53
N LEU G 215 -12.93 27.95 -0.74
CA LEU G 215 -13.39 28.62 0.48
C LEU G 215 -12.32 28.51 1.56
N ALA G 216 -11.80 27.30 1.81
CA ALA G 216 -10.78 27.05 2.84
C ALA G 216 -9.59 27.98 2.65
N ARG G 217 -8.91 27.92 1.48
CA ARG G 217 -7.75 28.76 1.13
C ARG G 217 -7.99 30.26 1.25
N LYS G 218 -9.21 30.72 0.95
CA LYS G 218 -9.59 32.15 1.02
C LYS G 218 -9.98 32.58 2.44
N ALA G 219 -10.63 31.69 3.22
CA ALA G 219 -11.09 31.96 4.59
C ALA G 219 -10.03 31.78 5.67
N GLU G 220 -8.85 31.22 5.32
CA GLU G 220 -7.75 30.99 6.26
C GLU G 220 -7.44 32.26 7.04
N LYS G 221 -7.21 33.40 6.31
CA LYS G 221 -6.88 34.74 6.84
C LYS G 221 -7.77 35.23 7.99
N PHE G 222 -8.96 34.62 8.13
CA PHE G 222 -9.91 34.98 9.18
C PHE G 222 -9.81 34.07 10.43
N ASP G 223 -8.68 33.33 10.58
CA ASP G 223 -8.41 32.41 11.70
C ASP G 223 -9.60 31.49 12.00
N ILE G 224 -9.82 30.48 11.15
CA ILE G 224 -10.92 29.56 11.36
C ILE G 224 -10.45 28.37 12.19
N SER G 225 -11.14 28.14 13.33
CA SER G 225 -10.83 27.06 14.26
C SER G 225 -11.04 25.68 13.65
N TRP G 226 -12.08 25.52 12.80
CA TRP G 226 -12.31 24.27 12.06
C TRP G 226 -13.40 24.41 10.98
N PHE G 227 -13.37 23.49 9.98
CA PHE G 227 -14.33 23.40 8.90
C PHE G 227 -15.14 22.09 9.08
N GLU G 228 -16.42 22.26 9.46
CA GLU G 228 -17.37 21.18 9.71
C GLU G 228 -18.09 20.74 8.45
N GLU G 229 -18.19 19.40 8.28
CA GLU G 229 -18.80 18.70 7.14
C GLU G 229 -18.52 19.42 5.77
N PRO G 230 -17.22 19.61 5.38
CA PRO G 230 -16.92 20.37 4.15
C PRO G 230 -17.43 19.76 2.83
N VAL G 231 -17.37 18.41 2.70
CA VAL G 231 -17.82 17.68 1.51
C VAL G 231 -18.78 16.56 1.93
N SER G 232 -19.26 15.77 0.96
CA SER G 232 -20.15 14.63 1.19
C SER G 232 -19.55 13.65 2.23
N PRO G 233 -20.32 13.17 3.24
CA PRO G 233 -19.76 12.17 4.19
C PRO G 233 -19.26 10.87 3.52
N GLU G 234 -19.57 10.75 2.23
CA GLU G 234 -19.24 9.66 1.34
C GLU G 234 -17.88 9.89 0.62
N ASP G 235 -17.47 11.17 0.51
CA ASP G 235 -16.23 11.65 -0.12
C ASP G 235 -15.04 11.62 0.86
N TYR G 236 -14.62 10.41 1.28
CA TYR G 236 -13.50 10.24 2.22
C TYR G 236 -12.19 10.77 1.64
N ASP G 237 -11.90 10.46 0.35
CA ASP G 237 -10.71 10.93 -0.35
C ASP G 237 -10.71 12.45 -0.47
N GLY G 238 -11.89 13.06 -0.50
CA GLY G 238 -12.06 14.50 -0.57
C GLY G 238 -11.66 15.16 0.73
N TYR G 239 -12.04 14.52 1.87
CA TYR G 239 -11.76 14.95 3.24
C TYR G 239 -10.24 14.95 3.48
N LYS G 240 -9.58 13.83 3.12
CA LYS G 240 -8.14 13.63 3.24
C LYS G 240 -7.36 14.68 2.43
N ARG G 241 -7.74 14.90 1.15
CA ARG G 241 -7.11 15.87 0.25
C ARG G 241 -7.24 17.30 0.80
N LEU G 242 -8.46 17.67 1.25
CA LEU G 242 -8.76 18.98 1.79
C LEU G 242 -7.89 19.29 3.01
N ARG G 243 -7.72 18.28 3.88
CA ARG G 243 -6.89 18.33 5.08
C ARG G 243 -5.43 18.63 4.68
N GLN G 244 -4.96 18.02 3.55
CA GLN G 244 -3.61 18.15 3.02
C GLN G 244 -3.37 19.50 2.38
N ASN G 245 -4.44 20.12 1.81
CA ASN G 245 -4.34 21.39 1.07
C ASN G 245 -4.77 22.66 1.86
N THR G 246 -5.27 22.50 3.10
CA THR G 246 -5.62 23.66 3.93
C THR G 246 -5.06 23.57 5.37
N THR G 247 -4.87 24.74 6.01
CA THR G 247 -4.36 24.84 7.37
C THR G 247 -5.50 24.67 8.38
N ILE G 248 -6.74 25.05 7.98
CA ILE G 248 -7.96 24.96 8.79
C ILE G 248 -8.29 23.47 9.13
N PRO G 249 -8.37 23.11 10.42
CA PRO G 249 -8.69 21.72 10.79
C PRO G 249 -10.05 21.25 10.25
N ILE G 250 -10.11 19.98 9.81
CA ILE G 250 -11.29 19.38 9.17
C ILE G 250 -12.09 18.54 10.16
N SER G 251 -13.37 18.90 10.32
CA SER G 251 -14.36 18.24 11.17
C SER G 251 -15.32 17.42 10.33
N GLY G 252 -15.84 16.34 10.91
CA GLY G 252 -16.78 15.47 10.22
C GLY G 252 -17.15 14.23 11.00
N GLY G 253 -18.27 13.64 10.62
CA GLY G 253 -18.74 12.42 11.27
C GLY G 253 -20.16 12.54 11.78
N GLU G 254 -20.80 13.72 11.58
CA GLU G 254 -22.21 13.94 11.96
C GLU G 254 -22.97 12.70 11.48
N CYS G 255 -22.82 12.40 10.17
CA CYS G 255 -23.44 11.33 9.38
C CYS G 255 -22.75 9.96 9.53
N GLU G 256 -21.83 9.81 10.48
CA GLU G 256 -21.15 8.54 10.74
C GLU G 256 -21.79 7.80 11.92
N TYR G 257 -22.03 6.50 11.73
CA TYR G 257 -22.73 5.64 12.70
C TYR G 257 -21.90 4.40 13.08
N LEU G 258 -21.90 4.08 14.38
CA LEU G 258 -21.23 2.95 15.02
C LEU G 258 -19.70 3.03 15.06
N LYS G 259 -19.09 2.14 15.86
CA LYS G 259 -17.65 2.01 16.00
C LYS G 259 -17.03 1.63 14.62
N TYR G 260 -17.77 0.80 13.84
CA TYR G 260 -17.33 0.32 12.54
C TYR G 260 -17.27 1.42 11.51
N GLY G 261 -18.20 2.37 11.61
CA GLY G 261 -18.27 3.53 10.76
C GLY G 261 -17.14 4.49 11.06
N PHE G 262 -16.85 4.72 12.34
CA PHE G 262 -15.78 5.64 12.71
C PHE G 262 -14.41 5.03 12.51
N LYS G 263 -14.28 3.70 12.59
CA LYS G 263 -13.02 3.02 12.31
C LYS G 263 -12.65 3.29 10.85
N ARG G 264 -13.67 3.16 9.97
CA ARG G 264 -13.59 3.36 8.51
C ARG G 264 -13.20 4.83 8.18
N LEU G 265 -13.72 5.81 8.95
CA LEU G 265 -13.41 7.22 8.78
C LEU G 265 -11.95 7.52 9.20
N PHE G 266 -11.52 6.97 10.35
CA PHE G 266 -10.17 7.17 10.91
C PHE G 266 -9.09 6.45 10.12
N ASP G 267 -9.41 5.30 9.49
CA ASP G 267 -8.47 4.51 8.68
C ASP G 267 -8.05 5.28 7.45
N LYS G 268 -8.85 6.26 7.05
CA LYS G 268 -8.60 7.04 5.86
C LYS G 268 -8.04 8.45 6.19
N ASP G 269 -7.64 8.70 7.46
CA ASP G 269 -7.05 9.97 7.92
C ASP G 269 -7.84 11.23 7.45
N CYS G 270 -9.20 11.15 7.48
CA CYS G 270 -10.15 12.17 7.02
C CYS G 270 -10.21 13.44 7.87
N VAL G 271 -10.44 13.27 9.17
CA VAL G 271 -10.70 14.37 10.07
C VAL G 271 -9.63 14.60 11.13
N ASP G 272 -9.58 15.86 11.62
CA ASP G 272 -8.77 16.35 12.71
C ASP G 272 -9.62 16.19 13.97
N ILE G 273 -10.96 16.41 13.84
CA ILE G 273 -11.99 16.32 14.90
C ILE G 273 -13.13 15.42 14.43
N ALA G 274 -13.46 14.38 15.22
CA ALA G 274 -14.59 13.48 14.91
C ALA G 274 -15.82 13.99 15.66
N GLN G 275 -16.96 14.15 14.95
CA GLN G 275 -18.16 14.72 15.57
C GLN G 275 -19.34 13.74 15.59
N PRO G 276 -19.31 12.63 16.39
CA PRO G 276 -20.49 11.76 16.44
C PRO G 276 -21.62 12.38 17.25
N ASP G 277 -22.87 12.17 16.83
CA ASP G 277 -24.02 12.66 17.61
C ASP G 277 -24.46 11.48 18.49
N ILE G 278 -24.48 11.68 19.81
CA ILE G 278 -24.82 10.64 20.78
C ILE G 278 -26.17 9.99 20.44
N CYS G 279 -27.14 10.85 20.12
CA CYS G 279 -28.53 10.53 19.77
C CYS G 279 -28.71 9.87 18.38
N ALA G 280 -27.61 9.72 17.62
CA ALA G 280 -27.65 9.12 16.29
C ALA G 280 -26.70 7.92 16.11
N ALA G 281 -25.39 8.07 16.54
CA ALA G 281 -24.30 7.11 16.35
C ALA G 281 -24.40 5.74 17.11
N GLY G 282 -25.24 5.68 18.15
CA GLY G 282 -25.41 4.47 18.97
C GLY G 282 -25.51 4.72 20.47
N GLY G 283 -25.86 5.95 20.82
CA GLY G 283 -26.05 6.36 22.21
C GLY G 283 -24.78 6.68 22.94
N LEU G 284 -24.85 6.69 24.30
CA LEU G 284 -23.68 6.95 25.14
C LEU G 284 -22.73 5.78 25.12
N THR G 285 -23.27 4.53 25.12
CA THR G 285 -22.49 3.29 25.04
C THR G 285 -21.63 3.29 23.81
N GLU G 286 -22.18 3.58 22.60
CA GLU G 286 -21.35 3.55 21.41
C GLU G 286 -20.48 4.76 21.25
N VAL G 287 -20.96 6.00 21.53
CA VAL G 287 -20.08 7.17 21.44
C VAL G 287 -18.87 6.99 22.38
N LYS G 288 -19.05 6.27 23.52
CA LYS G 288 -17.91 5.95 24.42
C LYS G 288 -16.96 4.99 23.70
N LYS G 289 -17.48 3.99 22.96
CA LYS G 289 -16.63 3.05 22.25
C LYS G 289 -15.91 3.77 21.10
N ILE G 290 -16.62 4.70 20.42
CA ILE G 290 -16.07 5.59 19.39
C ILE G 290 -14.96 6.48 20.05
N ALA G 291 -15.16 6.89 21.32
CA ALA G 291 -14.19 7.69 22.05
C ALA G 291 -12.87 6.95 22.31
N THR G 292 -12.93 5.62 22.59
CA THR G 292 -11.78 4.69 22.79
C THR G 292 -10.99 4.59 21.48
N LEU G 293 -11.73 4.44 20.34
CA LEU G 293 -11.20 4.34 19.00
C LEU G 293 -10.53 5.65 18.63
N ALA G 294 -11.24 6.81 18.79
CA ALA G 294 -10.72 8.14 18.50
C ALA G 294 -9.40 8.31 19.19
N GLN G 295 -9.32 7.89 20.46
CA GLN G 295 -8.13 7.92 21.32
C GLN G 295 -6.97 7.10 20.74
N THR G 296 -7.23 5.84 20.38
CA THR G 296 -6.26 4.92 19.79
C THR G 296 -5.69 5.54 18.50
N TYR G 297 -6.57 6.14 17.66
CA TYR G 297 -6.20 6.81 16.40
C TYR G 297 -5.69 8.23 16.64
N ASN G 298 -5.65 8.68 17.90
CA ASN G 298 -5.15 10.01 18.28
C ASN G 298 -5.83 11.15 17.47
N VAL G 299 -7.19 11.12 17.45
CA VAL G 299 -8.08 12.08 16.79
C VAL G 299 -8.98 12.62 17.88
N ASP G 300 -9.19 13.96 17.89
CA ASP G 300 -10.04 14.67 18.86
C ASP G 300 -11.47 14.32 18.60
N LEU G 301 -12.30 14.42 19.66
CA LEU G 301 -13.73 14.19 19.64
C LEU G 301 -14.49 15.36 20.25
N VAL G 302 -15.35 15.97 19.47
CA VAL G 302 -16.25 17.05 19.90
C VAL G 302 -17.56 16.51 19.39
N PRO G 303 -18.52 16.09 20.24
CA PRO G 303 -19.75 15.50 19.70
C PRO G 303 -20.66 16.50 19.01
N HIS G 304 -21.56 15.99 18.16
CA HIS G 304 -22.55 16.82 17.48
C HIS G 304 -23.78 16.82 18.38
N THR G 305 -24.35 18.01 18.66
CA THR G 305 -25.56 18.16 19.49
C THR G 305 -26.54 19.18 18.88
N TRP G 306 -27.75 18.70 18.50
CA TRP G 306 -28.79 19.55 17.90
C TRP G 306 -30.19 19.04 18.23
N GLY G 307 -30.54 19.07 19.51
CA GLY G 307 -31.85 18.67 19.99
C GLY G 307 -32.30 19.40 21.23
N THR G 308 -32.91 18.65 22.19
CA THR G 308 -33.36 19.21 23.46
C THR G 308 -32.27 19.08 24.52
N TRP G 309 -32.56 19.41 25.79
CA TRP G 309 -31.55 19.25 26.85
C TRP G 309 -31.30 17.79 27.19
N ILE G 310 -32.17 16.83 26.74
CA ILE G 310 -31.90 15.40 26.94
C ILE G 310 -30.61 15.07 26.19
N ALA G 311 -30.52 15.56 24.91
CA ALA G 311 -29.38 15.46 23.99
C ALA G 311 -28.19 16.24 24.52
N ILE G 312 -28.39 17.53 24.93
CA ILE G 312 -27.30 18.37 25.45
C ILE G 312 -26.69 17.74 26.70
N SER G 313 -27.52 17.25 27.62
CA SER G 313 -27.08 16.56 28.84
C SER G 313 -26.13 15.40 28.58
N ALA G 314 -26.50 14.49 27.65
CA ALA G 314 -25.69 13.34 27.25
C ALA G 314 -24.29 13.80 26.80
N ALA G 315 -24.21 14.94 26.05
CA ALA G 315 -22.93 15.51 25.61
C ALA G 315 -22.19 16.12 26.76
N VAL G 316 -22.90 16.82 27.69
CA VAL G 316 -22.27 17.41 28.89
C VAL G 316 -21.52 16.30 29.62
N HIS G 317 -22.21 15.18 29.87
CA HIS G 317 -21.67 14.03 30.56
C HIS G 317 -20.62 13.29 29.74
N LEU G 318 -20.71 13.32 28.41
CA LEU G 318 -19.68 12.65 27.62
C LEU G 318 -18.38 13.46 27.58
N VAL G 319 -18.42 14.79 27.24
CA VAL G 319 -17.19 15.60 27.18
C VAL G 319 -16.55 15.71 28.60
N ALA G 320 -17.37 15.61 29.68
CA ALA G 320 -16.86 15.60 31.04
C ALA G 320 -15.92 14.38 31.21
N ASN G 321 -16.36 13.16 30.76
CA ASN G 321 -15.61 11.91 30.79
C ASN G 321 -14.50 11.81 29.74
N LEU G 322 -14.53 12.66 28.72
CA LEU G 322 -13.53 12.71 27.64
C LEU G 322 -12.23 13.29 28.19
N ASP G 323 -11.06 12.88 27.63
CA ASP G 323 -9.71 13.32 28.04
C ASP G 323 -8.84 13.75 26.86
N LEU G 333 -9.55 23.77 28.36
CA LEU G 333 -10.98 23.52 28.56
C LEU G 333 -11.67 22.94 27.30
N PRO G 334 -12.46 21.83 27.41
CA PRO G 334 -13.12 21.27 26.22
C PRO G 334 -14.35 22.05 25.77
N THR G 335 -14.83 21.81 24.51
CA THR G 335 -16.04 22.43 23.94
C THR G 335 -17.04 21.38 23.53
N MET G 336 -18.30 21.81 23.30
CA MET G 336 -19.41 20.99 22.83
C MET G 336 -20.42 21.86 22.07
N GLU G 337 -21.30 21.22 21.28
CA GLU G 337 -22.27 21.97 20.50
C GLU G 337 -23.47 22.44 21.33
N LEU G 338 -23.56 23.78 21.48
CA LEU G 338 -24.67 24.39 22.18
C LEU G 338 -25.53 25.19 21.19
N ASP G 339 -26.62 24.56 20.69
CA ASP G 339 -27.57 25.17 19.75
C ASP G 339 -28.17 26.42 20.39
N ARG G 340 -27.86 27.61 19.83
CA ARG G 340 -28.34 28.88 20.38
C ARG G 340 -29.42 29.56 19.49
N THR G 341 -30.09 28.75 18.64
CA THR G 341 -31.18 29.18 17.74
C THR G 341 -32.51 29.17 18.50
N GLU G 342 -33.61 29.52 17.81
CA GLU G 342 -34.97 29.53 18.36
C GLU G 342 -35.49 28.07 18.41
N ASN G 343 -35.69 27.53 19.63
CA ASN G 343 -36.18 26.18 19.82
C ASN G 343 -36.83 26.08 21.18
N ALA G 344 -38.16 25.86 21.18
CA ALA G 344 -38.97 25.76 22.39
C ALA G 344 -39.14 24.32 22.85
N LEU G 345 -38.80 23.34 22.00
CA LEU G 345 -38.90 21.94 22.41
C LEU G 345 -37.73 21.66 23.38
N ARG G 346 -36.61 22.35 23.15
CA ARG G 346 -35.43 22.31 23.98
C ARG G 346 -35.65 23.19 25.20
N ASP G 347 -36.02 24.46 25.01
CA ASP G 347 -36.16 25.35 26.15
C ASP G 347 -37.43 25.19 26.99
N GLU G 348 -38.53 24.63 26.45
CA GLU G 348 -39.78 24.50 27.22
C GLU G 348 -40.14 23.06 27.62
N VAL G 349 -40.10 22.13 26.67
CA VAL G 349 -40.43 20.73 26.94
C VAL G 349 -39.41 20.06 27.88
N THR G 350 -38.10 20.41 27.74
CA THR G 350 -37.07 19.82 28.58
C THR G 350 -36.50 20.79 29.62
N LEU G 351 -36.38 20.25 30.85
CA LEU G 351 -35.90 20.90 32.05
C LEU G 351 -34.49 20.40 32.41
N HIS G 352 -33.53 21.33 32.41
CA HIS G 352 -32.14 21.04 32.75
C HIS G 352 -31.77 21.65 34.11
N LYS G 353 -30.75 21.06 34.76
CA LYS G 353 -30.24 21.53 36.05
C LYS G 353 -28.91 22.29 35.86
N ILE G 354 -28.21 22.03 34.74
CA ILE G 354 -26.91 22.58 34.35
C ILE G 354 -26.87 24.14 34.37
N LYS G 355 -25.71 24.71 34.73
CA LYS G 355 -25.50 26.14 34.89
C LYS G 355 -24.50 26.70 33.88
N LEU G 356 -24.89 27.80 33.19
CA LEU G 356 -24.07 28.46 32.19
C LEU G 356 -23.92 29.97 32.46
N GLU G 357 -22.71 30.42 32.84
CA GLU G 357 -22.43 31.82 33.15
C GLU G 357 -21.07 32.23 32.60
N ASN G 358 -21.07 33.21 31.70
CA ASN G 358 -19.91 33.78 30.99
C ASN G 358 -19.08 32.72 30.22
N GLY G 359 -19.71 32.19 29.18
CA GLY G 359 -19.14 31.21 28.25
C GLY G 359 -18.86 29.83 28.81
N HIS G 360 -18.85 29.68 30.16
CA HIS G 360 -18.55 28.40 30.83
C HIS G 360 -19.77 27.70 31.32
N LEU G 361 -19.80 26.40 31.10
CA LEU G 361 -20.84 25.48 31.54
C LEU G 361 -20.24 24.67 32.69
N GLU G 362 -21.07 24.17 33.58
CA GLU G 362 -20.63 23.38 34.72
C GLU G 362 -21.36 22.04 34.75
N VAL G 363 -20.61 20.94 34.67
CA VAL G 363 -21.12 19.57 34.71
C VAL G 363 -21.94 19.35 36.00
N PRO G 364 -23.19 18.84 35.90
CA PRO G 364 -23.97 18.59 37.12
C PRO G 364 -23.55 17.30 37.86
N CYS G 365 -23.85 17.27 39.18
CA CYS G 365 -23.53 16.19 40.12
C CYS G 365 -24.74 15.32 40.45
N THR G 366 -25.93 15.74 39.95
CA THR G 366 -27.24 15.11 40.12
C THR G 366 -27.28 13.69 39.50
N PRO G 367 -28.02 12.71 40.10
CA PRO G 367 -28.03 11.34 39.52
C PRO G 367 -28.65 11.28 38.13
N GLY G 368 -27.95 10.64 37.21
CA GLY G 368 -28.35 10.53 35.82
C GLY G 368 -27.89 11.73 35.01
N LEU G 369 -28.59 11.99 33.89
CA LEU G 369 -28.27 13.12 33.00
C LEU G 369 -28.53 14.47 33.66
N GLY G 370 -29.48 14.48 34.59
CA GLY G 370 -29.88 15.68 35.31
C GLY G 370 -30.92 16.46 34.56
N VAL G 371 -31.85 15.72 33.93
CA VAL G 371 -32.94 16.27 33.11
C VAL G 371 -34.29 15.64 33.37
N ASP G 372 -35.31 16.49 33.14
CA ASP G 372 -36.73 16.15 33.20
C ASP G 372 -37.50 16.78 32.05
N VAL G 373 -38.74 16.29 31.83
CA VAL G 373 -39.66 16.77 30.80
C VAL G 373 -40.94 17.31 31.48
N ASP G 374 -41.28 18.60 31.22
CA ASP G 374 -42.52 19.22 31.69
C ASP G 374 -43.65 18.54 30.87
N MET G 375 -44.39 17.63 31.51
CA MET G 375 -45.42 16.83 30.84
C MET G 375 -46.63 17.61 30.30
N ASP G 376 -46.80 18.88 30.73
CA ASP G 376 -47.85 19.77 30.27
C ASP G 376 -47.39 20.40 28.97
N LYS G 377 -46.12 20.82 28.89
CA LYS G 377 -45.56 21.41 27.68
C LYS G 377 -45.38 20.32 26.64
N LEU G 378 -45.12 19.06 27.09
CA LEU G 378 -44.98 17.84 26.28
C LEU G 378 -46.32 17.61 25.57
N GLU G 379 -47.44 17.56 26.32
CA GLU G 379 -48.78 17.41 25.73
C GLU G 379 -49.13 18.54 24.76
N HIS G 380 -48.73 19.79 25.12
CA HIS G 380 -48.96 20.98 24.31
C HIS G 380 -48.29 20.90 22.93
N TYR G 381 -46.98 20.53 22.89
CA TYR G 381 -46.20 20.36 21.64
C TYR G 381 -46.16 18.86 21.34
N LEU G 382 -46.96 18.38 20.42
CA LEU G 382 -46.96 16.97 20.07
C LEU G 382 -47.43 16.81 18.61
N ASP G 383 -47.81 15.59 18.19
CA ASP G 383 -48.25 15.35 16.81
C ASP G 383 -49.42 14.38 16.73
N LYS G 384 -50.43 14.73 15.88
CA LYS G 384 -51.61 13.90 15.66
C LYS G 384 -51.29 12.57 14.95
N SER H 9 33.10 -9.79 -39.18
CA SER H 9 34.43 -10.18 -38.69
C SER H 9 34.41 -10.37 -37.17
N LYS H 10 35.02 -11.48 -36.71
CA LYS H 10 35.14 -11.87 -35.31
C LYS H 10 36.15 -10.93 -34.55
N ILE H 11 36.11 -10.93 -33.19
CA ILE H 11 36.99 -10.13 -32.33
C ILE H 11 38.36 -10.78 -32.29
N LYS H 12 39.44 -10.03 -32.63
CA LYS H 12 40.77 -10.61 -32.56
C LYS H 12 41.53 -10.09 -31.31
N LYS H 13 41.42 -8.77 -31.00
CA LYS H 13 42.10 -8.24 -29.83
C LYS H 13 41.39 -7.07 -29.12
N ILE H 14 41.08 -7.25 -27.82
CA ILE H 14 40.53 -6.21 -26.93
C ILE H 14 41.75 -5.59 -26.21
N GLU H 15 41.91 -4.26 -26.28
CA GLU H 15 43.07 -3.59 -25.66
C GLU H 15 42.69 -2.43 -24.70
N PRO H 16 42.61 -2.69 -23.38
CA PRO H 16 42.33 -1.59 -22.45
C PRO H 16 43.58 -0.77 -22.13
N TYR H 17 43.43 0.56 -22.05
CA TYR H 17 44.53 1.49 -21.76
C TYR H 17 44.08 2.45 -20.68
N VAL H 18 44.92 2.59 -19.64
CA VAL H 18 44.69 3.54 -18.53
C VAL H 18 45.48 4.81 -18.87
N ILE H 19 44.79 5.92 -19.06
CA ILE H 19 45.44 7.17 -19.42
C ILE H 19 45.33 8.16 -18.26
N SER H 20 46.45 8.79 -17.89
CA SER H 20 46.54 9.71 -16.75
C SER H 20 47.17 11.09 -17.06
N HIS H 21 46.83 12.13 -16.26
CA HIS H 21 47.38 13.49 -16.36
C HIS H 21 47.17 14.35 -15.10
N LYS H 22 48.25 14.88 -14.50
CA LYS H 22 48.12 15.79 -13.35
C LYS H 22 48.12 17.25 -13.82
N LEU H 23 47.17 18.09 -13.36
CA LEU H 23 47.09 19.49 -13.81
C LEU H 23 47.30 20.51 -12.68
N ASP H 24 46.30 20.65 -11.77
CA ASP H 24 46.27 21.54 -10.58
C ASP H 24 44.95 21.40 -9.79
N ASP H 35 44.57 17.41 -8.74
CA ASP H 35 45.43 16.22 -8.80
C ASP H 35 45.45 15.58 -10.24
N THR H 36 45.47 14.23 -10.30
CA THR H 36 45.48 13.41 -11.53
C THR H 36 44.06 13.07 -12.05
N ARG H 37 43.95 12.65 -13.31
CA ARG H 37 42.64 12.26 -13.84
C ARG H 37 42.66 10.89 -14.53
N LYS H 38 42.96 9.82 -13.78
CA LYS H 38 43.07 8.45 -14.27
C LYS H 38 41.77 7.89 -14.91
N ILE H 39 41.72 7.79 -16.27
CA ILE H 39 40.56 7.25 -17.02
C ILE H 39 41.00 5.97 -17.81
N CYS H 40 40.09 4.99 -17.99
CA CYS H 40 40.38 3.77 -18.76
C CYS H 40 39.59 3.80 -20.06
N ILE H 41 40.24 3.36 -21.17
CA ILE H 41 39.70 3.36 -22.52
C ILE H 41 39.99 2.03 -23.25
N VAL H 42 39.06 1.47 -24.05
CA VAL H 42 39.27 0.21 -24.79
C VAL H 42 39.28 0.38 -26.30
N LYS H 43 40.00 -0.53 -26.98
CA LYS H 43 40.03 -0.64 -28.42
C LYS H 43 39.80 -2.12 -28.76
N ILE H 44 38.63 -2.42 -29.32
CA ILE H 44 38.33 -3.78 -29.75
C ILE H 44 38.60 -3.74 -31.23
N THR H 45 39.52 -4.59 -31.69
CA THR H 45 39.90 -4.67 -33.09
C THR H 45 39.54 -6.08 -33.59
N LEU H 46 38.98 -6.09 -34.80
CA LEU H 46 38.62 -7.29 -35.53
C LEU H 46 39.90 -7.80 -36.18
N ASP H 47 39.88 -9.03 -36.70
CA ASP H 47 41.07 -9.59 -37.33
C ASP H 47 41.55 -8.78 -38.54
N ASP H 48 40.62 -8.31 -39.36
CA ASP H 48 40.97 -7.53 -40.54
C ASP H 48 41.66 -6.21 -40.18
N GLY H 49 41.14 -5.56 -39.14
CA GLY H 49 41.67 -4.30 -38.65
C GLY H 49 40.62 -3.30 -38.20
N THR H 50 39.31 -3.59 -38.48
CA THR H 50 38.18 -2.74 -38.04
C THR H 50 38.18 -2.70 -36.51
N TYR H 51 38.50 -1.53 -36.00
CA TYR H 51 38.55 -1.26 -34.58
C TYR H 51 37.33 -0.45 -34.16
N GLY H 52 37.14 -0.39 -32.85
CA GLY H 52 36.08 0.32 -32.16
C GLY H 52 36.61 0.84 -30.84
N TRP H 53 36.36 2.12 -30.55
CA TRP H 53 36.80 2.76 -29.30
C TRP H 53 35.68 2.86 -28.23
N GLY H 54 36.06 2.53 -27.02
CA GLY H 54 35.17 2.51 -25.87
C GLY H 54 35.71 3.24 -24.67
N GLU H 55 34.89 3.29 -23.64
CA GLU H 55 35.25 3.95 -22.39
C GLU H 55 34.39 3.40 -21.25
N GLY H 56 35.04 3.26 -20.08
CA GLY H 56 34.42 2.85 -18.83
C GLY H 56 34.50 3.98 -17.85
N TYR H 57 33.47 4.16 -17.00
CA TYR H 57 33.46 5.22 -15.98
C TYR H 57 33.66 4.69 -14.59
N GLY H 58 34.66 5.25 -13.91
CA GLY H 58 35.02 4.93 -12.53
C GLY H 58 36.52 4.88 -12.30
N PRO H 59 36.99 4.00 -11.39
CA PRO H 59 38.43 3.91 -11.15
C PRO H 59 39.16 3.13 -12.25
N ALA H 60 39.84 3.90 -13.13
CA ALA H 60 40.57 3.42 -14.29
C ALA H 60 41.18 2.01 -14.17
N ALA H 61 42.21 1.83 -13.31
CA ALA H 61 42.93 0.58 -13.13
C ALA H 61 42.08 -0.63 -12.70
N VAL H 62 40.92 -0.36 -12.07
CA VAL H 62 39.97 -1.37 -11.60
C VAL H 62 39.11 -1.79 -12.77
N ILE H 63 38.77 -0.82 -13.63
CA ILE H 63 37.97 -1.07 -14.83
C ILE H 63 38.79 -1.86 -15.85
N LYS H 64 40.09 -1.51 -15.95
CA LYS H 64 41.06 -2.08 -16.85
C LYS H 64 41.23 -3.59 -16.58
N SER H 65 41.15 -3.99 -15.31
CA SER H 65 41.25 -5.39 -14.93
C SER H 65 39.96 -6.12 -15.23
N GLY H 66 38.85 -5.36 -15.16
CA GLY H 66 37.51 -5.85 -15.46
C GLY H 66 37.43 -6.31 -16.90
N ILE H 67 37.88 -5.43 -17.83
CA ILE H 67 37.95 -5.72 -19.27
C ILE H 67 38.76 -6.98 -19.49
N ASP H 68 39.95 -7.08 -18.85
CA ASP H 68 40.83 -8.24 -18.90
C ASP H 68 40.09 -9.52 -18.46
N PHE H 69 39.14 -9.41 -17.51
CA PHE H 69 38.35 -10.53 -17.00
C PHE H 69 37.48 -11.11 -18.09
N PHE H 70 36.78 -10.25 -18.86
CA PHE H 70 35.87 -10.67 -19.94
C PHE H 70 36.57 -10.99 -21.24
N THR H 71 37.79 -10.45 -21.43
CA THR H 71 38.52 -10.60 -22.69
C THR H 71 38.62 -12.08 -23.10
N PRO H 72 38.97 -13.07 -22.24
CA PRO H 72 38.99 -14.47 -22.71
C PRO H 72 37.70 -14.99 -23.38
N PHE H 73 36.50 -14.60 -22.86
CA PHE H 73 35.21 -15.06 -23.40
C PHE H 73 34.59 -14.18 -24.49
N LEU H 74 35.36 -13.26 -25.08
CA LEU H 74 34.84 -12.41 -26.17
C LEU H 74 35.62 -12.60 -27.47
N LEU H 75 36.89 -12.99 -27.36
CA LEU H 75 37.79 -13.23 -28.49
C LEU H 75 37.24 -14.38 -29.37
N GLY H 76 37.31 -14.19 -30.69
CA GLY H 76 36.84 -15.15 -31.70
C GLY H 76 35.33 -15.20 -31.88
N LYS H 77 34.60 -14.22 -31.32
CA LYS H 77 33.15 -14.08 -31.39
C LYS H 77 32.84 -12.84 -32.23
N GLU H 78 31.67 -12.85 -32.88
CA GLU H 78 31.15 -11.85 -33.80
C GLU H 78 30.65 -10.59 -33.09
N ALA H 79 31.11 -9.43 -33.58
CA ALA H 79 30.81 -8.10 -33.01
C ALA H 79 29.42 -7.47 -33.35
N ILE H 80 28.75 -7.90 -34.48
CA ILE H 80 27.43 -7.36 -34.88
C ILE H 80 26.32 -7.76 -33.89
N GLY H 81 26.31 -9.02 -33.49
CA GLY H 81 25.37 -9.52 -32.48
C GLY H 81 25.85 -9.16 -31.09
N HIS H 82 26.03 -7.83 -30.85
CA HIS H 82 26.56 -7.21 -29.63
C HIS H 82 25.81 -7.64 -28.37
N GLU H 83 24.48 -7.90 -28.48
CA GLU H 83 23.65 -8.34 -27.37
C GLU H 83 24.01 -9.75 -26.93
N VAL H 84 24.50 -10.59 -27.86
CA VAL H 84 24.93 -11.96 -27.54
C VAL H 84 26.19 -11.88 -26.63
N LEU H 85 27.04 -10.88 -26.89
CA LEU H 85 28.27 -10.63 -26.12
C LEU H 85 27.92 -10.03 -24.75
N TRP H 86 26.97 -9.05 -24.72
CA TRP H 86 26.51 -8.39 -23.50
C TRP H 86 25.93 -9.41 -22.56
N GLN H 87 25.11 -10.32 -23.07
CA GLN H 87 24.53 -11.39 -22.29
C GLN H 87 25.56 -12.42 -21.81
N GLU H 88 26.65 -12.63 -22.57
CA GLU H 88 27.72 -13.54 -22.14
C GLU H 88 28.43 -12.92 -20.94
N MET H 89 28.85 -11.63 -21.06
CA MET H 89 29.50 -10.84 -20.02
C MET H 89 28.63 -10.77 -18.77
N TYR H 90 27.30 -10.60 -18.95
CA TYR H 90 26.34 -10.56 -17.85
C TYR H 90 26.30 -11.91 -17.17
N ARG H 91 26.00 -13.02 -17.91
CA ARG H 91 25.98 -14.38 -17.35
C ARG H 91 27.25 -14.72 -16.56
N ARG H 92 28.41 -14.21 -17.01
CA ARG H 92 29.71 -14.40 -16.34
C ARG H 92 29.86 -13.58 -15.07
N SER H 93 29.52 -12.29 -15.11
CA SER H 93 29.74 -11.41 -13.96
C SER H 93 28.59 -11.27 -12.99
N MET H 94 27.34 -11.52 -13.42
CA MET H 94 26.10 -11.37 -12.65
C MET H 94 26.28 -11.53 -11.14
N ASP H 95 26.73 -12.73 -10.71
CA ASP H 95 26.98 -13.17 -9.34
C ASP H 95 27.96 -12.26 -8.53
N TYR H 96 28.90 -11.59 -9.23
CA TYR H 96 29.95 -10.73 -8.68
C TYR H 96 29.90 -9.28 -9.20
N ALA H 97 28.76 -8.84 -9.77
CA ALA H 97 28.66 -7.47 -10.29
C ALA H 97 27.44 -6.73 -9.77
N ARG H 98 26.37 -6.59 -10.59
CA ARG H 98 25.11 -5.88 -10.26
C ARG H 98 25.28 -4.35 -10.33
N SER H 99 26.36 -3.84 -9.77
CA SER H 99 26.71 -2.43 -9.79
C SER H 99 28.24 -2.26 -9.92
N GLY H 100 28.66 -0.99 -9.95
CA GLY H 100 30.04 -0.55 -9.99
C GLY H 100 30.94 -0.94 -11.13
N VAL H 101 32.17 -1.35 -10.75
CA VAL H 101 33.35 -1.69 -11.55
C VAL H 101 33.07 -2.67 -12.72
N LEU H 102 32.60 -3.93 -12.49
CA LEU H 102 32.37 -4.84 -13.62
C LEU H 102 31.32 -4.32 -14.63
N GLN H 103 30.40 -3.42 -14.18
CA GLN H 103 29.43 -2.79 -15.06
C GLN H 103 30.10 -1.78 -16.00
N ALA H 104 31.07 -1.00 -15.50
CA ALA H 104 31.81 -0.03 -16.31
C ALA H 104 32.72 -0.77 -17.32
N ALA H 105 33.15 -2.03 -16.96
CA ALA H 105 33.93 -2.95 -17.77
C ALA H 105 33.06 -3.45 -18.92
N ILE H 106 31.80 -3.85 -18.63
CA ILE H 106 30.81 -4.27 -19.63
C ILE H 106 30.42 -3.07 -20.51
N SER H 107 30.27 -1.85 -19.91
CA SER H 107 29.91 -0.63 -20.65
C SER H 107 30.95 -0.29 -21.71
N ALA H 108 32.26 -0.35 -21.30
CA ALA H 108 33.44 -0.04 -22.09
C ALA H 108 33.47 -0.89 -23.36
N ILE H 109 33.37 -2.22 -23.20
CA ILE H 109 33.30 -3.18 -24.31
C ILE H 109 32.08 -2.86 -25.18
N ASP H 110 30.88 -2.64 -24.57
CA ASP H 110 29.65 -2.31 -25.30
C ASP H 110 29.83 -1.10 -26.25
N VAL H 111 30.25 0.08 -25.72
CA VAL H 111 30.45 1.32 -26.50
C VAL H 111 31.39 1.06 -27.71
N ALA H 112 32.47 0.30 -27.52
CA ALA H 112 33.37 -0.07 -28.61
C ALA H 112 32.69 -1.02 -29.64
N LEU H 113 31.78 -1.95 -29.22
CA LEU H 113 31.05 -2.84 -30.15
C LEU H 113 29.99 -2.07 -30.97
N TRP H 114 29.61 -0.88 -30.48
CA TRP H 114 28.66 0.01 -31.12
C TRP H 114 29.40 0.91 -32.10
N ASP H 115 30.72 1.19 -31.83
CA ASP H 115 31.58 1.95 -32.77
C ASP H 115 31.90 1.02 -33.93
N ILE H 116 32.26 -0.26 -33.63
CA ILE H 116 32.50 -1.33 -34.61
C ILE H 116 31.28 -1.49 -35.51
N LYS H 117 30.08 -1.74 -34.94
CA LYS H 117 28.82 -1.95 -35.68
C LYS H 117 28.49 -0.79 -36.57
N GLY H 118 28.66 0.43 -36.05
CA GLY H 118 28.47 1.67 -36.78
C GLY H 118 29.35 1.70 -38.00
N LYS H 119 30.65 1.44 -37.81
CA LYS H 119 31.64 1.35 -38.89
C LYS H 119 31.25 0.23 -39.89
N LEU H 120 31.19 -1.04 -39.41
CA LEU H 120 30.81 -2.29 -40.07
C LEU H 120 29.59 -2.12 -41.02
N LEU H 121 28.48 -1.53 -40.53
CA LEU H 121 27.25 -1.31 -41.29
C LEU H 121 27.18 0.08 -41.94
N ASN H 122 28.29 0.83 -41.89
CA ASN H 122 28.49 2.17 -42.45
C ASN H 122 27.37 3.18 -42.12
N LEU H 123 26.97 3.21 -40.85
CA LEU H 123 25.95 4.13 -40.34
C LEU H 123 26.35 4.73 -39.00
N PRO H 124 25.92 5.99 -38.66
CA PRO H 124 26.17 6.51 -37.29
C PRO H 124 25.38 5.72 -36.21
N VAL H 125 25.88 5.67 -34.95
CA VAL H 125 25.27 4.90 -33.84
C VAL H 125 23.78 5.28 -33.61
N SER H 126 23.41 6.57 -33.68
CA SER H 126 22.03 7.00 -33.45
C SER H 126 21.05 6.41 -34.47
N VAL H 127 21.46 6.34 -35.72
CA VAL H 127 20.64 5.73 -36.77
C VAL H 127 20.51 4.21 -36.51
N LEU H 128 21.59 3.62 -35.97
CA LEU H 128 21.64 2.21 -35.65
C LEU H 128 20.95 1.85 -34.32
N LEU H 129 20.62 2.87 -33.49
CA LEU H 129 19.89 2.71 -32.22
C LEU H 129 18.38 2.75 -32.52
N GLY H 130 18.02 3.20 -33.73
CA GLY H 130 16.64 3.33 -34.17
C GLY H 130 16.32 4.55 -35.02
N GLY H 131 17.14 5.60 -34.90
CA GLY H 131 16.94 6.82 -35.70
C GLY H 131 17.27 8.12 -35.01
N VAL H 132 17.81 9.11 -35.76
CA VAL H 132 18.13 10.45 -35.24
C VAL H 132 16.83 11.22 -35.04
N LYS H 133 16.46 11.42 -33.76
CA LYS H 133 15.23 12.12 -33.40
C LYS H 133 15.52 13.60 -33.23
N ASN H 134 16.77 13.92 -32.79
CA ASN H 134 17.28 15.26 -32.53
C ASN H 134 18.63 15.45 -33.23
N PRO H 135 18.66 16.10 -34.41
CA PRO H 135 19.96 16.26 -35.12
C PRO H 135 20.88 17.32 -34.51
N ILE H 136 20.30 18.24 -33.75
CA ILE H 136 21.00 19.33 -33.13
C ILE H 136 20.61 19.27 -31.67
N ILE H 137 21.62 19.27 -30.81
CA ILE H 137 21.47 19.22 -29.36
C ILE H 137 22.11 20.48 -28.75
N GLU H 138 21.73 20.83 -27.51
CA GLU H 138 22.29 22.00 -26.82
C GLU H 138 22.85 21.59 -25.43
N PRO H 139 24.14 21.18 -25.34
CA PRO H 139 24.65 20.69 -24.05
C PRO H 139 24.90 21.78 -23.03
N TYR H 140 25.10 21.37 -21.77
CA TYR H 140 25.39 22.29 -20.66
C TYR H 140 26.86 22.23 -20.27
N ALA H 141 27.39 23.36 -19.81
CA ALA H 141 28.79 23.48 -19.38
C ALA H 141 28.91 23.20 -17.87
N THR H 142 29.71 22.17 -17.48
CA THR H 142 29.92 21.82 -16.06
C THR H 142 31.25 22.46 -15.57
N GLY H 143 31.17 23.21 -14.46
CA GLY H 143 32.30 23.95 -13.87
C GLY H 143 32.32 24.03 -12.36
N LEU H 144 33.10 23.09 -11.76
CA LEU H 144 33.34 22.87 -10.31
C LEU H 144 34.51 23.65 -9.71
N TYR H 145 34.42 23.98 -8.40
CA TYR H 145 35.47 24.70 -7.68
C TYR H 145 36.63 23.78 -7.24
N LEU H 152 40.22 33.50 -5.72
CA LEU H 152 39.21 32.61 -5.16
C LEU H 152 37.80 33.24 -5.18
N GLU H 153 36.73 32.40 -5.38
CA GLU H 153 35.29 32.75 -5.43
C GLU H 153 34.87 33.59 -6.65
N GLU H 154 35.53 34.75 -6.89
CA GLU H 154 35.25 35.65 -8.02
C GLU H 154 35.65 35.03 -9.37
N LEU H 155 36.48 33.97 -9.30
CA LEU H 155 36.96 33.22 -10.45
C LEU H 155 35.85 32.39 -11.06
N LEU H 156 34.89 31.91 -10.21
CA LEU H 156 33.71 31.13 -10.61
C LEU H 156 32.79 31.94 -11.52
N VAL H 157 32.60 33.24 -11.18
CA VAL H 157 31.79 34.23 -11.93
C VAL H 157 32.35 34.40 -13.34
N GLU H 158 33.70 34.48 -13.46
CA GLU H 158 34.43 34.62 -14.72
C GLU H 158 34.29 33.40 -15.61
N GLU H 159 34.41 32.18 -15.03
CA GLU H 159 34.26 30.87 -15.70
C GLU H 159 32.85 30.75 -16.30
N ALA H 160 31.83 31.23 -15.55
CA ALA H 160 30.43 31.24 -15.96
C ALA H 160 30.22 32.22 -17.11
N LEU H 161 30.75 33.47 -16.99
CA LEU H 161 30.65 34.50 -18.02
C LEU H 161 31.30 34.07 -19.34
N LEU H 162 32.38 33.25 -19.24
CA LEU H 162 33.10 32.65 -20.36
C LEU H 162 32.15 31.73 -21.13
N TYR H 163 31.42 30.86 -20.38
CA TYR H 163 30.46 29.91 -20.96
C TYR H 163 29.33 30.61 -21.70
N LYS H 164 28.75 31.71 -21.12
CA LYS H 164 27.68 32.49 -21.76
C LYS H 164 28.21 33.06 -23.08
N SER H 165 29.44 33.63 -23.03
CA SER H 165 30.14 34.20 -24.18
C SER H 165 30.36 33.16 -25.28
N GLN H 166 30.50 31.87 -24.92
CA GLN H 166 30.68 30.76 -25.85
C GLN H 166 29.35 30.12 -26.31
N GLY H 167 28.28 30.92 -26.29
CA GLY H 167 26.95 30.54 -26.76
C GLY H 167 26.11 29.59 -25.92
N PHE H 168 26.70 28.98 -24.84
CA PHE H 168 26.01 28.03 -23.94
C PHE H 168 24.72 28.57 -23.40
N LYS H 169 23.69 27.71 -23.43
CA LYS H 169 22.31 27.99 -23.04
C LYS H 169 22.04 27.60 -21.60
N ALA H 170 22.91 26.75 -21.04
CA ALA H 170 22.80 26.26 -19.66
C ALA H 170 24.16 25.94 -19.07
N THR H 171 24.28 26.04 -17.73
CA THR H 171 25.52 25.73 -17.02
C THR H 171 25.24 25.03 -15.69
N LYS H 172 26.02 23.97 -15.38
CA LYS H 172 25.91 23.20 -14.13
C LYS H 172 27.06 23.50 -13.16
N MET H 173 26.69 24.04 -11.99
CA MET H 173 27.64 24.39 -10.95
C MET H 173 27.68 23.38 -9.80
N LYS H 174 28.88 23.22 -9.18
CA LYS H 174 29.06 22.31 -8.07
C LYS H 174 28.86 23.00 -6.73
N VAL H 175 28.02 22.39 -5.89
CA VAL H 175 27.66 22.85 -4.55
C VAL H 175 28.04 21.76 -3.51
N GLY H 176 28.14 22.15 -2.25
CA GLY H 176 28.53 21.27 -1.14
C GLY H 176 29.48 21.95 -0.17
N LEU H 177 29.78 23.25 -0.41
CA LEU H 177 30.69 24.10 0.38
C LEU H 177 30.00 24.68 1.63
N GLY H 178 28.74 24.32 1.85
CA GLY H 178 27.93 24.80 2.96
C GLY H 178 26.71 25.54 2.47
N ILE H 179 25.53 25.31 3.10
CA ILE H 179 24.27 25.93 2.69
C ILE H 179 24.40 27.45 2.52
N GLU H 180 24.94 28.17 3.51
CA GLU H 180 25.10 29.62 3.40
C GLU H 180 26.19 30.05 2.41
N GLN H 181 27.22 29.20 2.21
CA GLN H 181 28.33 29.47 1.28
C GLN H 181 27.86 29.33 -0.18
N ASP H 182 27.06 28.28 -0.45
CA ASP H 182 26.49 27.97 -1.75
C ASP H 182 25.51 29.05 -2.17
N LEU H 183 24.52 29.38 -1.30
CA LEU H 183 23.51 30.42 -1.55
C LEU H 183 24.15 31.77 -1.87
N LYS H 184 25.37 32.00 -1.33
CA LYS H 184 26.19 33.20 -1.57
C LYS H 184 26.76 33.17 -3.00
N TYR H 185 27.23 31.98 -3.45
CA TYR H 185 27.82 31.77 -4.78
C TYR H 185 26.78 31.61 -5.90
N ILE H 186 25.64 30.92 -5.63
CA ILE H 186 24.52 30.73 -6.55
C ILE H 186 23.94 32.10 -6.90
N ALA H 187 23.88 33.01 -5.90
CA ALA H 187 23.41 34.38 -6.07
C ALA H 187 24.32 35.16 -7.01
N ALA H 188 25.65 34.96 -6.87
CA ALA H 188 26.70 35.62 -7.66
C ALA H 188 26.68 35.20 -9.13
N ILE H 189 26.58 33.88 -9.39
CA ILE H 189 26.57 33.31 -10.74
C ILE H 189 25.28 33.72 -11.48
N ARG H 190 24.12 33.69 -10.80
CA ARG H 190 22.82 34.08 -11.36
C ARG H 190 22.83 35.57 -11.74
N LYS H 191 23.51 36.40 -10.94
CA LYS H 191 23.67 37.84 -11.19
C LYS H 191 24.49 38.09 -12.47
N ALA H 192 25.52 37.26 -12.70
CA ALA H 192 26.39 37.35 -13.86
C ALA H 192 25.72 36.86 -15.16
N ILE H 193 25.13 35.65 -15.12
CA ILE H 193 24.49 34.98 -16.25
C ILE H 193 23.08 35.53 -16.60
N GLY H 194 22.53 36.39 -15.74
CA GLY H 194 21.21 36.97 -15.95
C GLY H 194 20.10 35.95 -15.86
N PRO H 195 18.85 36.25 -16.28
CA PRO H 195 17.77 35.28 -16.12
C PRO H 195 17.53 34.30 -17.26
N ASP H 196 18.02 34.62 -18.47
CA ASP H 196 17.79 33.84 -19.67
C ASP H 196 18.56 32.53 -19.74
N MET H 197 19.79 32.50 -19.18
CA MET H 197 20.61 31.29 -19.20
C MET H 197 20.22 30.36 -18.05
N ARG H 198 20.00 29.08 -18.38
CA ARG H 198 19.60 28.06 -17.38
C ARG H 198 20.78 27.67 -16.48
N LEU H 199 20.50 27.43 -15.19
CA LEU H 199 21.51 27.11 -14.20
C LEU H 199 21.06 25.93 -13.32
N MET H 200 21.94 24.93 -13.16
CA MET H 200 21.68 23.72 -12.35
C MET H 200 22.71 23.56 -11.24
N ILE H 201 22.31 22.99 -10.09
CA ILE H 201 23.20 22.76 -8.94
C ILE H 201 23.46 21.24 -8.71
N ASP H 202 24.72 20.89 -8.40
CA ASP H 202 25.15 19.51 -8.17
C ASP H 202 25.85 19.37 -6.81
N SER H 203 25.22 18.64 -5.87
CA SER H 203 25.73 18.42 -4.52
C SER H 203 26.85 17.39 -4.47
N ASN H 204 26.69 16.27 -5.22
CA ASN H 204 27.58 15.10 -5.24
C ASN H 204 27.37 14.36 -3.93
N HIS H 205 26.06 14.11 -3.56
CA HIS H 205 25.56 13.45 -2.34
C HIS H 205 26.28 13.95 -1.06
N ALA H 206 26.80 15.21 -1.10
CA ALA H 206 27.51 15.90 -0.03
C ALA H 206 26.55 16.49 0.99
N TYR H 207 25.25 16.28 0.78
CA TYR H 207 24.21 16.80 1.66
C TYR H 207 23.17 15.76 2.05
N CYS H 208 22.57 15.95 3.24
CA CYS H 208 21.55 15.10 3.83
C CYS H 208 20.20 15.77 3.58
N TYR H 209 19.08 15.03 3.73
CA TYR H 209 17.73 15.55 3.50
C TYR H 209 17.47 16.94 4.10
N LYS H 210 17.82 17.16 5.39
CA LYS H 210 17.63 18.44 6.08
C LYS H 210 18.48 19.57 5.45
N GLU H 211 19.71 19.22 5.02
CA GLU H 211 20.65 20.15 4.41
C GLU H 211 20.26 20.45 2.97
N ALA H 212 19.65 19.47 2.28
CA ALA H 212 19.20 19.56 0.90
C ALA H 212 18.00 20.48 0.73
N ILE H 213 16.92 20.31 1.54
CA ILE H 213 15.76 21.21 1.45
C ILE H 213 16.09 22.61 1.91
N GLU H 214 17.03 22.76 2.86
CA GLU H 214 17.46 24.08 3.33
C GLU H 214 18.02 24.85 2.14
N LEU H 215 18.88 24.19 1.32
CA LEU H 215 19.48 24.76 0.13
C LEU H 215 18.43 24.93 -0.96
N ALA H 216 17.63 23.88 -1.23
CA ALA H 216 16.58 23.90 -2.24
C ALA H 216 15.64 25.07 -2.03
N ARG H 217 14.98 25.17 -0.85
CA ARG H 217 14.05 26.26 -0.49
C ARG H 217 14.65 27.66 -0.61
N LYS H 218 15.93 27.80 -0.26
CA LYS H 218 16.63 29.08 -0.31
C LYS H 218 17.08 29.44 -1.72
N ALA H 219 17.50 28.44 -2.52
CA ALA H 219 17.98 28.64 -3.89
C ALA H 219 16.89 28.72 -4.96
N GLU H 220 15.61 28.45 -4.59
CA GLU H 220 14.45 28.50 -5.48
C GLU H 220 14.33 29.82 -6.23
N LYS H 221 14.53 30.96 -5.51
CA LYS H 221 14.49 32.34 -6.03
C LYS H 221 15.47 32.62 -7.19
N PHE H 222 16.49 31.77 -7.36
CA PHE H 222 17.50 31.92 -8.41
C PHE H 222 17.20 31.07 -9.67
N ASP H 223 15.93 30.61 -9.82
CA ASP H 223 15.44 29.78 -10.94
C ASP H 223 16.40 28.64 -11.27
N ILE H 224 16.39 27.58 -10.44
CA ILE H 224 17.29 26.45 -10.68
C ILE H 224 16.59 25.41 -11.54
N SER H 225 17.21 25.07 -12.69
CA SER H 225 16.67 24.12 -13.64
C SER H 225 16.56 22.71 -13.07
N TRP H 226 17.53 22.30 -12.22
CA TRP H 226 17.47 21.01 -11.51
C TRP H 226 18.54 20.89 -10.43
N PHE H 227 18.30 19.99 -9.46
CA PHE H 227 19.23 19.66 -8.38
C PHE H 227 19.72 18.20 -8.59
N GLU H 228 21.01 18.08 -8.96
CA GLU H 228 21.70 16.84 -9.25
C GLU H 228 22.30 16.23 -8.00
N GLU H 229 22.09 14.89 -7.85
CA GLU H 229 22.53 14.05 -6.74
C GLU H 229 22.40 14.78 -5.36
N PRO H 230 21.19 15.26 -4.95
CA PRO H 230 21.06 16.03 -3.71
C PRO H 230 21.41 15.30 -2.40
N VAL H 231 21.06 14.00 -2.31
CA VAL H 231 21.34 13.16 -1.15
C VAL H 231 22.02 11.87 -1.60
N SER H 232 22.31 10.96 -0.65
CA SER H 232 22.92 9.65 -0.92
C SER H 232 22.11 8.85 -1.97
N PRO H 233 22.74 8.24 -3.00
CA PRO H 233 21.98 7.42 -3.98
C PRO H 233 21.22 6.25 -3.32
N GLU H 234 21.51 6.03 -2.03
CA GLU H 234 20.93 4.99 -1.15
C GLU H 234 19.65 5.52 -0.45
N ASP H 235 19.55 6.87 -0.30
CA ASP H 235 18.45 7.60 0.35
C ASP H 235 17.28 7.85 -0.61
N TYR H 236 16.60 6.78 -1.05
CA TYR H 236 15.47 6.90 -1.97
C TYR H 236 14.31 7.71 -1.37
N ASP H 237 13.97 7.43 -0.10
CA ASP H 237 12.92 8.15 0.61
C ASP H 237 13.25 9.63 0.77
N GLY H 238 14.55 9.96 0.81
CA GLY H 238 15.04 11.33 0.91
C GLY H 238 14.80 12.09 -0.37
N TYR H 239 15.07 11.44 -1.52
CA TYR H 239 14.88 11.98 -2.85
C TYR H 239 13.38 12.33 -3.02
N LYS H 240 12.49 11.33 -2.80
CA LYS H 240 11.04 11.44 -2.91
C LYS H 240 10.49 12.61 -2.08
N ARG H 241 10.92 12.72 -0.79
CA ARG H 241 10.52 13.78 0.15
C ARG H 241 10.96 15.16 -0.38
N LEU H 242 12.21 15.25 -0.84
CA LEU H 242 12.81 16.48 -1.36
C LEU H 242 12.02 16.98 -2.55
N ARG H 243 11.62 16.07 -3.45
CA ARG H 243 10.81 16.33 -4.63
C ARG H 243 9.45 16.93 -4.22
N GLN H 244 8.88 16.41 -3.11
CA GLN H 244 7.58 16.83 -2.55
C GLN H 244 7.66 18.19 -1.88
N ASN H 245 8.84 18.55 -1.30
CA ASN H 245 9.04 19.79 -0.54
C ASN H 245 9.75 20.93 -1.31
N THR H 246 10.19 20.69 -2.57
CA THR H 246 10.80 21.76 -3.38
C THR H 246 10.23 21.82 -4.81
N THR H 247 10.30 23.02 -5.42
CA THR H 247 9.83 23.26 -6.79
C THR H 247 10.90 22.86 -7.81
N ILE H 248 12.20 22.93 -7.41
CA ILE H 248 13.37 22.60 -8.23
C ILE H 248 13.35 21.10 -8.59
N PRO H 249 13.36 20.74 -9.91
CA PRO H 249 13.35 19.32 -10.31
C PRO H 249 14.57 18.55 -9.78
N ILE H 250 14.35 17.29 -9.37
CA ILE H 250 15.36 16.45 -8.74
C ILE H 250 15.97 15.47 -9.75
N SER H 251 17.29 15.53 -9.89
CA SER H 251 18.10 14.69 -10.76
C SER H 251 18.86 13.65 -9.94
N GLY H 252 19.12 12.50 -10.55
CA GLY H 252 19.87 11.44 -9.89
C GLY H 252 19.94 10.16 -10.70
N GLY H 253 20.90 9.33 -10.33
CA GLY H 253 21.07 8.05 -11.01
C GLY H 253 22.48 7.86 -11.52
N GLU H 254 23.38 8.86 -11.30
CA GLU H 254 24.80 8.77 -11.67
C GLU H 254 25.27 7.39 -11.23
N CYS H 255 25.04 7.10 -9.91
CA CYS H 255 25.41 5.89 -9.16
C CYS H 255 24.43 4.71 -9.36
N GLU H 256 23.49 4.82 -10.32
CA GLU H 256 22.54 3.73 -10.61
C GLU H 256 23.00 2.90 -11.81
N TYR H 257 22.93 1.58 -11.67
CA TYR H 257 23.43 0.60 -12.65
C TYR H 257 22.36 -0.39 -13.05
N LEU H 258 22.32 -0.72 -14.35
CA LEU H 258 21.40 -1.66 -15.01
C LEU H 258 19.92 -1.22 -15.03
N LYS H 259 19.13 -1.93 -15.85
CA LYS H 259 17.68 -1.74 -15.99
C LYS H 259 17.00 -1.97 -14.62
N TYR H 260 17.53 -2.95 -13.85
CA TYR H 260 17.01 -3.35 -12.55
C TYR H 260 17.18 -2.25 -11.51
N GLY H 261 18.29 -1.55 -11.60
CA GLY H 261 18.60 -0.42 -10.74
C GLY H 261 17.72 0.78 -11.03
N PHE H 262 17.49 1.09 -12.31
CA PHE H 262 16.63 2.24 -12.64
C PHE H 262 15.15 1.93 -12.46
N LYS H 263 14.77 0.64 -12.56
CA LYS H 263 13.39 0.27 -12.29
C LYS H 263 13.10 0.57 -10.82
N ARG H 264 14.05 0.19 -9.94
CA ARG H 264 14.00 0.40 -8.51
C ARG H 264 13.87 1.89 -8.20
N LEU H 265 14.70 2.73 -8.82
CA LEU H 265 14.69 4.18 -8.64
C LEU H 265 13.35 4.80 -9.04
N PHE H 266 12.81 4.40 -10.22
CA PHE H 266 11.55 4.90 -10.76
C PHE H 266 10.33 4.42 -9.99
N ASP H 267 10.39 3.21 -9.39
CA ASP H 267 9.28 2.63 -8.60
C ASP H 267 9.01 3.44 -7.36
N LYS H 268 10.02 4.18 -6.89
CA LYS H 268 9.93 4.98 -5.69
C LYS H 268 9.74 6.49 -6.01
N ASP H 269 9.40 6.85 -7.26
CA ASP H 269 9.13 8.22 -7.70
C ASP H 269 10.17 9.26 -7.20
N CYS H 270 11.48 8.87 -7.23
CA CYS H 270 12.64 9.65 -6.73
C CYS H 270 12.99 10.89 -7.55
N VAL H 271 13.16 10.69 -8.86
CA VAL H 271 13.67 11.73 -9.75
C VAL H 271 12.69 12.21 -10.80
N ASP H 272 12.92 13.46 -11.25
CA ASP H 272 12.24 14.15 -12.33
C ASP H 272 13.05 13.84 -13.61
N ILE H 273 14.40 13.75 -13.47
CA ILE H 273 15.38 13.44 -14.53
C ILE H 273 16.28 12.30 -14.09
N ALA H 274 16.39 11.24 -14.90
CA ALA H 274 17.28 10.10 -14.62
C ALA H 274 18.58 10.34 -15.36
N GLN H 275 19.73 10.21 -14.65
CA GLN H 275 21.03 10.48 -15.26
C GLN H 275 21.95 9.26 -15.31
N PRO H 276 21.67 8.22 -16.13
CA PRO H 276 22.62 7.10 -16.20
C PRO H 276 23.87 7.47 -17.00
N ASP H 277 25.05 6.98 -16.58
CA ASP H 277 26.27 7.23 -17.36
C ASP H 277 26.46 6.01 -18.26
N ILE H 278 26.50 6.23 -19.60
CA ILE H 278 26.60 5.16 -20.60
C ILE H 278 27.77 4.24 -20.30
N CYS H 279 28.91 4.85 -19.96
CA CYS H 279 30.18 4.23 -19.63
C CYS H 279 30.21 3.53 -18.26
N ALA H 280 29.14 3.70 -17.47
CA ALA H 280 29.03 3.11 -16.13
C ALA H 280 27.89 2.08 -15.97
N ALA H 281 26.62 2.45 -16.40
CA ALA H 281 25.34 1.75 -16.24
C ALA H 281 25.12 0.41 -17.04
N GLY H 282 25.93 0.18 -18.09
CA GLY H 282 25.82 -1.00 -18.94
C GLY H 282 25.97 -0.76 -20.43
N GLY H 283 26.57 0.39 -20.77
CA GLY H 283 26.86 0.81 -22.14
C GLY H 283 25.67 1.35 -22.88
N LEU H 284 25.78 1.39 -24.22
CA LEU H 284 24.70 1.91 -25.06
C LEU H 284 23.52 0.99 -25.07
N THR H 285 23.76 -0.35 -25.07
CA THR H 285 22.73 -1.39 -25.03
C THR H 285 21.87 -1.22 -23.78
N GLU H 286 22.47 -1.08 -22.57
CA GLU H 286 21.66 -0.94 -21.37
C GLU H 286 21.08 0.43 -21.20
N VAL H 287 21.83 1.54 -21.44
CA VAL H 287 21.22 2.87 -21.34
C VAL H 287 20.02 2.98 -22.28
N LYS H 288 20.03 2.25 -23.44
CA LYS H 288 18.85 2.22 -24.34
C LYS H 288 17.70 1.50 -23.63
N LYS H 289 17.98 0.39 -22.92
CA LYS H 289 16.95 -0.34 -22.20
C LYS H 289 16.40 0.50 -21.06
N ILE H 290 17.30 1.24 -20.37
CA ILE H 290 16.96 2.20 -19.31
C ILE H 290 16.09 3.33 -19.94
N ALA H 291 16.37 3.70 -21.21
CA ALA H 291 15.61 4.73 -21.92
C ALA H 291 14.15 4.31 -22.19
N THR H 292 13.92 3.02 -22.48
CA THR H 292 12.60 2.38 -22.69
C THR H 292 11.80 2.44 -21.38
N LEU H 293 12.49 2.10 -20.26
CA LEU H 293 11.95 2.10 -18.92
C LEU H 293 11.58 3.51 -18.53
N ALA H 294 12.53 4.47 -18.67
CA ALA H 294 12.33 5.89 -18.33
C ALA H 294 11.07 6.37 -19.02
N GLN H 295 10.89 6.00 -20.30
CA GLN H 295 9.75 6.33 -21.14
C GLN H 295 8.43 5.79 -20.58
N THR H 296 8.39 4.50 -20.26
CA THR H 296 7.25 3.81 -19.68
C THR H 296 6.85 4.49 -18.36
N TYR H 297 7.83 4.85 -17.52
CA TYR H 297 7.62 5.54 -16.25
C TYR H 297 7.41 7.03 -16.42
N ASN H 298 7.47 7.54 -17.67
CA ASN H 298 7.26 8.95 -18.01
C ASN H 298 8.21 9.89 -17.19
N VAL H 299 9.52 9.55 -17.17
CA VAL H 299 10.61 10.27 -16.51
C VAL H 299 11.61 10.63 -17.60
N ASP H 300 12.11 11.90 -17.57
CA ASP H 300 13.11 12.42 -18.52
C ASP H 300 14.44 11.74 -18.29
N LEU H 301 15.26 11.68 -19.34
CA LEU H 301 16.60 11.10 -19.33
C LEU H 301 17.60 12.06 -19.93
N VAL H 302 18.58 12.44 -19.14
CA VAL H 302 19.71 13.29 -19.54
C VAL H 302 20.86 12.43 -19.05
N PRO H 303 21.69 11.83 -19.91
CA PRO H 303 22.76 10.97 -19.39
C PRO H 303 23.88 11.72 -18.67
N HIS H 304 24.62 11.01 -17.83
CA HIS H 304 25.76 11.58 -17.13
C HIS H 304 26.96 11.32 -18.02
N THR H 305 27.80 12.36 -18.28
CA THR H 305 29.03 12.24 -19.10
C THR H 305 30.21 13.00 -18.47
N TRP H 306 31.28 12.27 -18.10
CA TRP H 306 32.47 12.84 -17.49
C TRP H 306 33.74 12.04 -17.81
N GLY H 307 34.08 12.02 -19.09
CA GLY H 307 35.28 11.35 -19.58
C GLY H 307 35.90 12.02 -20.79
N THR H 308 36.32 11.20 -21.79
CA THR H 308 36.90 11.70 -23.04
C THR H 308 35.81 11.83 -24.07
N TRP H 309 36.20 12.12 -25.31
CA TRP H 309 35.22 12.24 -26.39
C TRP H 309 34.58 10.92 -26.74
N ILE H 310 35.22 9.73 -26.41
CA ILE H 310 34.61 8.41 -26.66
C ILE H 310 33.28 8.36 -25.91
N ALA H 311 33.29 8.82 -24.62
CA ALA H 311 32.17 8.94 -23.70
C ALA H 311 31.18 9.97 -24.19
N ILE H 312 31.66 11.18 -24.61
CA ILE H 312 30.76 12.23 -25.12
C ILE H 312 30.03 11.74 -26.37
N SER H 313 30.75 11.15 -27.29
CA SER H 313 30.17 10.60 -28.52
C SER H 313 29.00 9.66 -28.28
N ALA H 314 29.16 8.67 -27.35
CA ALA H 314 28.11 7.72 -26.99
C ALA H 314 26.83 8.45 -26.52
N ALA H 315 27.00 9.57 -25.74
CA ALA H 315 25.89 10.40 -25.29
C ALA H 315 25.32 11.20 -26.43
N VAL H 316 26.17 11.74 -27.34
CA VAL H 316 25.69 12.49 -28.52
C VAL H 316 24.73 11.58 -29.28
N HIS H 317 25.15 10.35 -29.56
CA HIS H 317 24.36 9.35 -30.28
C HIS H 317 23.17 8.85 -29.48
N LEU H 318 23.25 8.83 -28.14
CA LEU H 318 22.08 8.40 -27.37
C LEU H 318 21.01 9.47 -27.30
N VAL H 319 21.35 10.75 -26.94
CA VAL H 319 20.34 11.82 -26.86
C VAL H 319 19.75 12.11 -28.28
N ALA H 320 20.52 11.84 -29.35
CA ALA H 320 20.03 11.99 -30.71
C ALA H 320 18.84 11.02 -30.90
N ASN H 321 18.99 9.73 -30.48
CA ASN H 321 17.98 8.67 -30.55
C ASN H 321 16.87 8.78 -29.48
N LEU H 322 17.09 9.59 -28.44
CA LEU H 322 16.12 9.84 -27.37
C LEU H 322 14.98 10.68 -27.91
N ASP H 323 13.75 10.53 -27.35
CA ASP H 323 12.53 11.27 -27.74
C ASP H 323 11.76 11.84 -26.54
N LEU H 333 14.63 21.49 -28.02
CA LEU H 333 15.97 20.91 -28.13
C LEU H 333 16.45 20.22 -26.84
N PRO H 334 17.05 18.99 -26.93
CA PRO H 334 17.57 18.31 -25.72
C PRO H 334 19.00 18.67 -25.31
N THR H 335 19.39 18.37 -24.03
CA THR H 335 20.73 18.64 -23.46
C THR H 335 21.47 17.36 -23.08
N MET H 336 22.79 17.50 -22.80
CA MET H 336 23.68 16.42 -22.35
C MET H 336 24.86 17.02 -21.58
N GLU H 337 25.55 16.17 -20.79
CA GLU H 337 26.69 16.62 -19.98
C GLU H 337 27.97 16.89 -20.82
N LEU H 338 28.37 18.18 -20.92
CA LEU H 338 29.59 18.53 -21.64
C LEU H 338 30.62 19.11 -20.65
N ASP H 339 31.54 18.25 -20.15
CA ASP H 339 32.60 18.63 -19.21
C ASP H 339 33.49 19.71 -19.82
N ARG H 340 33.51 20.92 -19.21
CA ARG H 340 34.31 22.04 -19.75
C ARG H 340 35.54 22.37 -18.89
N THR H 341 35.85 21.48 -17.91
CA THR H 341 37.01 21.62 -17.01
C THR H 341 38.32 21.35 -17.76
N GLU H 342 39.47 21.45 -17.07
CA GLU H 342 40.77 21.17 -17.68
C GLU H 342 40.97 19.65 -17.81
N ASN H 343 41.01 19.14 -19.07
CA ASN H 343 41.17 17.71 -19.35
C ASN H 343 41.84 17.44 -20.70
N ALA H 344 43.12 17.02 -20.66
CA ALA H 344 43.88 16.71 -21.86
C ALA H 344 43.68 15.25 -22.27
N LEU H 345 43.06 14.44 -21.43
CA LEU H 345 42.78 13.07 -21.86
C LEU H 345 41.61 13.11 -22.86
N ARG H 346 40.66 14.02 -22.57
CA ARG H 346 39.54 14.30 -23.44
C ARG H 346 40.01 15.12 -24.64
N ASP H 347 40.70 16.25 -24.38
CA ASP H 347 41.11 17.12 -25.47
C ASP H 347 42.25 16.60 -26.34
N GLU H 348 43.27 15.93 -25.78
CA GLU H 348 44.41 15.51 -26.59
C GLU H 348 44.39 14.06 -27.05
N VAL H 349 44.06 13.12 -26.17
CA VAL H 349 44.07 11.70 -26.51
C VAL H 349 42.94 11.32 -27.49
N THR H 350 41.75 11.95 -27.34
CA THR H 350 40.61 11.62 -28.19
C THR H 350 40.27 12.71 -29.20
N LEU H 351 40.02 12.24 -30.43
CA LEU H 351 39.69 13.01 -31.62
C LEU H 351 38.22 12.84 -31.98
N HIS H 352 37.46 13.94 -31.90
CA HIS H 352 36.04 13.99 -32.21
C HIS H 352 35.81 14.70 -33.57
N LYS H 353 34.69 14.37 -34.22
CA LYS H 353 34.30 14.97 -35.50
C LYS H 353 33.18 15.98 -35.25
N ILE H 354 32.51 15.82 -34.09
CA ILE H 354 31.40 16.60 -33.52
C ILE H 354 31.69 18.13 -33.55
N LYS H 355 30.66 18.91 -33.93
CA LYS H 355 30.75 20.36 -34.12
C LYS H 355 29.94 21.13 -33.09
N LEU H 356 30.53 22.16 -32.45
CA LEU H 356 29.81 23.01 -31.49
C LEU H 356 29.93 24.49 -31.84
N GLU H 357 28.85 25.09 -32.35
CA GLU H 357 28.80 26.49 -32.74
C GLU H 357 27.60 27.11 -32.06
N ASN H 358 27.84 28.14 -31.23
CA ASN H 358 26.85 28.84 -30.39
C ASN H 358 26.11 27.82 -29.46
N GLY H 359 26.92 26.89 -28.94
CA GLY H 359 26.51 25.81 -28.05
C GLY H 359 25.61 24.77 -28.71
N HIS H 360 25.48 24.79 -30.04
CA HIS H 360 24.62 23.84 -30.73
C HIS H 360 25.42 22.74 -31.37
N LEU H 361 25.48 21.63 -30.64
CA LEU H 361 26.23 20.42 -30.95
C LEU H 361 25.49 19.50 -31.95
N GLU H 362 25.81 19.63 -33.25
CA GLU H 362 25.21 18.82 -34.30
C GLU H 362 25.76 17.40 -34.33
N VAL H 363 24.84 16.45 -34.23
CA VAL H 363 25.08 15.01 -34.25
C VAL H 363 25.82 14.63 -35.57
N PRO H 364 26.91 13.84 -35.49
CA PRO H 364 27.62 13.46 -36.73
C PRO H 364 26.93 12.34 -37.49
N CYS H 365 27.23 12.27 -38.82
CA CYS H 365 26.69 11.31 -39.80
C CYS H 365 27.68 10.19 -40.12
N THR H 366 28.92 10.33 -39.63
CA THR H 366 30.07 9.43 -39.79
C THR H 366 29.78 8.01 -39.22
N PRO H 367 30.30 6.91 -39.83
CA PRO H 367 30.00 5.56 -39.29
C PRO H 367 30.58 5.33 -37.90
N GLY H 368 29.75 4.83 -36.99
CA GLY H 368 30.10 4.57 -35.60
C GLY H 368 29.85 5.78 -34.72
N LEU H 369 30.67 5.93 -33.67
CA LEU H 369 30.59 7.07 -32.74
C LEU H 369 31.14 8.35 -33.38
N GLY H 370 32.07 8.19 -34.31
CA GLY H 370 32.71 9.31 -34.99
C GLY H 370 33.89 9.84 -34.22
N VAL H 371 34.65 8.89 -33.62
CA VAL H 371 35.82 9.16 -32.80
C VAL H 371 37.00 8.27 -33.08
N ASP H 372 38.19 8.85 -32.82
CA ASP H 372 39.48 8.22 -32.90
C ASP H 372 40.38 8.64 -31.73
N VAL H 373 41.48 7.88 -31.53
CA VAL H 373 42.47 8.13 -30.49
C VAL H 373 43.84 8.39 -31.14
N ASP H 374 44.46 9.56 -30.86
CA ASP H 374 45.79 9.92 -31.33
C ASP H 374 46.75 9.01 -30.53
N MET H 375 47.29 7.97 -31.18
CA MET H 375 48.11 6.96 -30.51
C MET H 375 49.47 7.47 -29.95
N ASP H 376 49.89 8.68 -30.39
CA ASP H 376 51.10 9.32 -29.90
C ASP H 376 50.79 10.03 -28.58
N LYS H 377 49.62 10.68 -28.49
CA LYS H 377 49.22 11.37 -27.27
C LYS H 377 48.65 10.40 -26.24
N LEU H 378 48.27 9.17 -26.70
CA LEU H 378 47.81 8.00 -25.88
C LEU H 378 49.06 7.49 -25.19
N GLU H 379 50.18 7.29 -25.93
CA GLU H 379 51.45 6.84 -25.35
C GLU H 379 52.05 7.85 -24.39
N HIS H 380 52.00 9.17 -24.72
CA HIS H 380 52.52 10.20 -23.83
C HIS H 380 51.76 10.24 -22.49
N TYR H 381 50.42 10.04 -22.56
CA TYR H 381 49.52 10.04 -21.40
C TYR H 381 49.21 8.67 -20.80
N LEU H 382 49.81 7.57 -21.23
CA LEU H 382 49.56 6.30 -20.53
C LEU H 382 50.12 6.34 -19.07
N ASP H 383 49.71 5.36 -18.25
CA ASP H 383 50.13 5.19 -16.86
C ASP H 383 51.16 4.02 -16.80
N LYS H 384 52.01 3.96 -15.75
CA LYS H 384 53.02 2.91 -15.59
C LYS H 384 52.50 1.64 -14.87
MG MG I . -5.14 -17.32 -26.97
MG MG J . 0.57 -18.15 27.45
MG MG K . 12.66 16.39 25.03
MG MG L . -23.34 20.51 11.46
MG MG M . 27.03 15.05 -10.92
#